data_7JZZ
#
_entry.id   7JZZ
#
_cell.length_a   1.00
_cell.length_b   1.00
_cell.length_c   1.00
_cell.angle_alpha   90.00
_cell.angle_beta   90.00
_cell.angle_gamma   90.00
#
_symmetry.space_group_name_H-M   'P 1'
#
loop_
_entity.id
_entity.type
_entity.pdbx_description
1 polymer 'CRISPR-associated protein Csy1'
2 polymer 'Type I-F CRISPR-associated protein Csy2'
3 polymer 'Type I-F CRISPR-associated endoribonuclease Cas6/Csy4'
4 polymer 'CRISPR type I-F/YPEST-associated protein Csy3'
5 polymer AcrF14
6 polymer 'RNA (61-MER)'
#
loop_
_entity_poly.entity_id
_entity_poly.type
_entity_poly.pdbx_seq_one_letter_code
_entity_poly.pdbx_strand_id
1 'polypeptide(L)'
;MTSPLPTPTWQELRQFIESFIQERLQGKLDKLQPDEDDKRQTLLATHRREAWLADAARRVGQLQLVTHTLKPIHPDARGS
NLHSLPQAPGQPGLAGSHELGDRLVSDVVGNAAALDVFKFLSLQYQGKNLLNWLTEDSAEALQALSDNAEQAREWRQAFI
GITTVKGAPASHSLAKQLYFPLPGSGYHLLAPLFPTSLVHHVHALLREARFGDAAKAAREARSRQESWPHGFSEYPNLAI
QKFGGTKPQNISQLNNERRGENWLLPSLPPNWQRQNVNAPMRHSSVFEHDFGRTPEVSRLTRTLQRFLAKTVHNNLAIRQ
RRAQLVAQICDEALQYAARLRELEPGWSATPGCQLHDAEQLWLDPLRAQTDETFLQRRLRGDWPAEVGNRFANWLNRAVS
SDSQILGSPEAAQWSQELSKELTMFKEILEDERD
;
A
2 'polypeptide(L)'
;MSVTDPEALLLLPRLSIQNANAISSPLTWGFPSPGAFTGFVHALQRRVGISLDIELDGVGIVCHRFEAQISQPAGKRTKV
FNLTRNPLNRDGSTAAIVEEGRAHLEVSLLLGVHGDGLDDHPAQEIARQVQEQAGAMRLAGGSILPWCNERFPAPNAELL
MLGGSDEQRRKNQRRLTRRLLPGFALVSREALLQQHLETLRTTLPEATTLDALLDLCRINFEPPATSSEEEASPPDAAWQ
VRDKPGWLVPIPAGYNALSPLYLPGEVRNARDRETPLRFVENLFGLGEWLSPHRVAALSDLLWYHHAEPDKGLYRWSTPR
FVEHAIA
;
B
3 'polypeptide(L)'
;FTMDHYLDIRLRPDPEFPPAQLMSVLFGKLHQALVAQGGDRIGVSFPDLDESRSRLGERLRIHASADDLRALLARPWLEG
LRDHLQFGEPAVVPHPTPYRQVSRVQAKSNPERLRRRLMRRHDLSEEEARKRIPDTVARALDLPFVTLRSQSTGQHFRLF
IRHGPLQVTAEEGGFTCYGLSKGGFVPWF
;
C
4 'polypeptide(L)'
;MSKPILSTASVLAFERKLDPSDALMSAGAWAQRDASQEWPAVTVREKSVRGTISNRLKTKDRDPAKLDASIQSPNLQTVD
VANLPSDADTLKVRFTLRVLGGAGTPSACNDAAYRDKLLQTVATYVNDQGFAELARRYAHNLANARFLWRNRVGAEAVEV
RINHIRQGEVARAWRFDALAIGLRDFKADAELDALAELIASGLSGSGHVLLEVVAFARIGDGQEVFPSQELILDKGDKKG
QKSKTLYSVRDAAAIHSQKIGNALRTIDTWYPDEDGLGPIAVEPYGSVTSQGKAYRQPKQKLDFYTLLDNWVLRDEAPAV
EQQHYVIANLIRGGVFGEAEEK
;
D,E,F,G,H,I
5 'polypeptide(L)'
;MKKIEMIEISQNRQNLTAFLHISEIKAINAKLADGVDVDKKSFDEICSIVLEQYQAKQISNKQASEIFETLAKANKSFKI
EKFRCSHGYNEIYKYSPDHEAYLFYCKGGQGQLNKLIAENGRFM
;
J,K
6 'polyribonucleotide' CUAAGAAAUUCACGGCGGGCUUGAUGUCCGCGUCUACCUGAUUCACUGCCGUAUAGGCAGC M
#
loop_
_chem_comp.id
_chem_comp.type
_chem_comp.name
_chem_comp.formula
A RNA linking ADENOSINE-5'-MONOPHOSPHATE 'C10 H14 N5 O7 P'
C RNA linking CYTIDINE-5'-MONOPHOSPHATE 'C9 H14 N3 O8 P'
G RNA linking GUANOSINE-5'-MONOPHOSPHATE 'C10 H14 N5 O8 P'
U RNA linking URIDINE-5'-MONOPHOSPHATE 'C9 H13 N2 O9 P'
#
# COMPACT_ATOMS: atom_id res chain seq x y z
N PRO A 8 13.48 6.41 73.71
CA PRO A 8 14.66 7.24 74.01
C PRO A 8 15.42 6.73 75.23
N THR A 9 15.04 5.55 75.70
CA THR A 9 15.76 4.90 76.79
C THR A 9 16.71 3.86 76.22
N TRP A 10 17.93 3.81 76.77
CA TRP A 10 18.96 2.88 76.27
C TRP A 10 18.58 1.44 76.51
N GLN A 11 17.73 1.16 77.51
CA GLN A 11 17.37 -0.22 77.81
C GLN A 11 16.48 -0.81 76.73
N GLU A 12 15.56 0.00 76.19
CA GLU A 12 14.69 -0.48 75.12
C GLU A 12 15.49 -0.72 73.85
N LEU A 13 16.48 0.14 73.60
CA LEU A 13 17.37 -0.03 72.46
C LEU A 13 18.23 -1.30 72.64
N ARG A 14 18.67 -1.55 73.87
CA ARG A 14 19.47 -2.72 74.18
C ARG A 14 18.69 -4.01 74.00
N GLN A 15 17.45 -4.05 74.52
CA GLN A 15 16.66 -5.27 74.36
C GLN A 15 16.22 -5.43 72.90
N PHE A 16 16.10 -4.33 72.17
CA PHE A 16 15.78 -4.41 70.74
C PHE A 16 16.94 -5.01 69.94
N ILE A 17 18.17 -4.57 70.20
CA ILE A 17 19.29 -5.08 69.42
C ILE A 17 19.62 -6.51 69.85
N GLU A 18 19.37 -6.85 71.13
CA GLU A 18 19.55 -8.23 71.54
C GLU A 18 18.47 -9.13 70.95
N SER A 19 17.27 -8.59 70.75
CA SER A 19 16.22 -9.32 70.04
C SER A 19 16.61 -9.57 68.60
N PHE A 20 17.23 -8.58 67.96
CA PHE A 20 17.70 -8.74 66.58
C PHE A 20 18.80 -9.79 66.50
N ILE A 21 19.71 -9.79 67.47
CA ILE A 21 20.81 -10.77 67.50
C ILE A 21 20.28 -12.18 67.72
N GLN A 22 19.35 -12.35 68.66
CA GLN A 22 18.80 -13.69 68.90
C GLN A 22 17.88 -14.14 67.78
N GLU A 23 17.24 -13.20 67.07
CA GLU A 23 16.49 -13.55 65.87
C GLU A 23 17.41 -14.07 64.78
N ARG A 24 18.58 -13.42 64.62
CA ARG A 24 19.57 -13.93 63.68
C ARG A 24 20.08 -15.31 64.10
N LEU A 25 20.27 -15.51 65.40
CA LEU A 25 20.76 -16.81 65.89
C LEU A 25 19.75 -17.92 65.65
N GLN A 26 18.48 -17.68 65.95
CA GLN A 26 17.47 -18.71 65.72
C GLN A 26 17.24 -18.94 64.24
N GLY A 27 17.47 -17.91 63.41
CA GLY A 27 17.42 -18.10 61.97
C GLY A 27 18.54 -19.01 61.47
N LYS A 28 19.77 -18.80 61.96
CA LYS A 28 20.88 -19.66 61.54
C LYS A 28 20.71 -21.08 62.04
N LEU A 29 20.22 -21.26 63.28
CA LEU A 29 20.03 -22.61 63.79
C LEU A 29 18.84 -23.29 63.14
N ASP A 30 17.86 -22.51 62.65
CA ASP A 30 16.74 -23.10 61.95
C ASP A 30 17.13 -23.51 60.53
N LYS A 31 17.98 -22.73 59.88
CA LYS A 31 18.46 -23.08 58.54
C LYS A 31 19.79 -23.82 58.59
N LEU A 32 20.15 -24.32 59.76
CA LEU A 32 21.38 -25.09 59.95
C LEU A 32 21.22 -26.57 59.71
N GLN A 33 20.04 -27.14 60.06
CA GLN A 33 19.70 -28.57 59.99
C GLN A 33 20.74 -29.41 60.71
N PRO A 34 21.14 -29.02 61.92
CA PRO A 34 22.22 -29.74 62.61
C PRO A 34 21.71 -30.80 63.56
N ASP A 35 22.44 -31.91 63.63
CA ASP A 35 22.15 -33.00 64.54
C ASP A 35 23.35 -33.45 65.35
N GLU A 36 24.57 -33.09 64.95
CA GLU A 36 25.78 -33.46 65.69
C GLU A 36 26.76 -32.31 65.54
N ASP A 37 28.03 -32.59 65.88
CA ASP A 37 29.23 -31.77 65.69
C ASP A 37 29.30 -30.53 66.59
N ASP A 38 28.24 -30.24 67.36
CA ASP A 38 28.21 -29.20 68.40
C ASP A 38 28.51 -27.81 67.84
N LYS A 39 27.93 -27.51 66.68
CA LYS A 39 28.02 -26.17 66.11
C LYS A 39 27.11 -25.18 66.85
N ARG A 40 26.17 -25.66 67.66
CA ARG A 40 25.33 -24.80 68.47
C ARG A 40 26.14 -24.07 69.55
N GLN A 41 27.21 -24.69 70.04
CA GLN A 41 28.07 -24.03 71.02
C GLN A 41 28.79 -22.83 70.41
N THR A 42 29.37 -23.02 69.22
CA THR A 42 30.05 -21.92 68.54
C THR A 42 29.05 -20.86 68.09
N LEU A 43 27.84 -21.29 67.69
CA LEU A 43 26.81 -20.35 67.28
C LEU A 43 26.28 -19.52 68.46
N LEU A 44 26.21 -20.11 69.65
CA LEU A 44 25.79 -19.37 70.83
C LEU A 44 26.94 -18.58 71.47
N ALA A 45 28.19 -18.91 71.16
CA ALA A 45 29.30 -18.12 71.66
C ALA A 45 29.61 -16.92 70.76
N THR A 46 29.40 -17.06 69.46
CA THR A 46 29.75 -16.01 68.50
C THR A 46 28.54 -15.17 68.10
N HIS A 47 27.43 -15.83 67.76
CA HIS A 47 26.27 -15.13 67.21
C HIS A 47 25.18 -14.84 68.24
N ARG A 48 25.53 -14.74 69.51
CA ARG A 48 24.52 -14.41 70.51
C ARG A 48 24.91 -13.27 71.44
N ARG A 49 26.17 -13.21 71.84
CA ARG A 49 26.61 -12.30 72.91
C ARG A 49 26.94 -10.93 72.34
N GLU A 50 27.65 -10.12 73.13
CA GLU A 50 28.16 -8.83 72.68
C GLU A 50 29.38 -8.97 71.77
N ALA A 51 29.88 -10.18 71.56
CA ALA A 51 30.89 -10.44 70.53
C ALA A 51 30.36 -10.23 69.13
N TRP A 52 29.04 -10.39 68.95
CA TRP A 52 28.38 -10.11 67.67
C TRP A 52 28.57 -8.66 67.25
N LEU A 53 28.42 -7.72 68.19
CA LEU A 53 28.69 -6.32 67.92
C LEU A 53 30.16 -6.09 67.56
N ALA A 54 31.07 -6.84 68.18
CA ALA A 54 32.49 -6.67 67.89
C ALA A 54 32.84 -7.13 66.48
N ASP A 55 32.32 -8.30 66.06
CA ASP A 55 32.63 -8.76 64.71
C ASP A 55 31.86 -7.95 63.67
N ALA A 56 30.71 -7.38 64.04
CA ALA A 56 30.02 -6.49 63.12
C ALA A 56 30.78 -5.18 62.93
N ALA A 57 31.35 -4.64 64.02
CA ALA A 57 32.17 -3.44 63.92
C ALA A 57 33.48 -3.73 63.18
N ARG A 58 33.93 -4.99 63.20
CA ARG A 58 35.01 -5.39 62.32
C ARG A 58 34.54 -5.44 60.86
N ARG A 59 33.31 -5.93 60.64
CA ARG A 59 32.82 -6.17 59.29
C ARG A 59 32.27 -4.93 58.60
N VAL A 60 32.23 -3.78 59.29
CA VAL A 60 31.83 -2.53 58.65
C VAL A 60 32.69 -2.19 57.44
N GLY A 61 34.01 -2.34 57.55
CA GLY A 61 34.93 -1.75 56.58
C GLY A 61 34.86 -2.40 55.21
N GLN A 62 34.21 -3.56 55.10
CA GLN A 62 33.97 -4.15 53.80
C GLN A 62 32.78 -3.50 53.10
N LEU A 63 31.81 -3.01 53.86
CA LEU A 63 30.61 -2.40 53.31
C LEU A 63 30.77 -0.90 53.15
N GLN A 64 29.87 -0.30 52.38
CA GLN A 64 29.83 1.15 52.21
C GLN A 64 28.46 1.61 51.75
N LEU A 65 27.91 2.62 52.40
CA LEU A 65 26.70 3.27 51.90
C LEU A 65 27.07 4.23 50.77
N VAL A 66 26.47 4.04 49.60
CA VAL A 66 26.81 4.82 48.42
C VAL A 66 25.55 5.28 47.74
N THR A 67 25.68 6.31 46.90
CA THR A 67 24.66 6.69 45.97
C THR A 67 25.10 6.58 44.52
N HIS A 68 26.41 6.55 44.28
CA HIS A 68 26.97 6.50 42.94
C HIS A 68 28.14 5.52 42.94
N THR A 69 27.94 4.35 42.35
CA THR A 69 28.96 3.31 42.39
C THR A 69 29.60 3.13 41.02
N LEU A 70 30.62 2.27 40.97
CA LEU A 70 31.40 2.12 39.76
C LEU A 70 31.06 0.82 39.03
N LYS A 71 30.70 -0.21 39.78
CA LYS A 71 30.39 -1.57 39.32
C LYS A 71 29.40 -1.73 38.17
N PRO A 72 28.45 -0.83 37.90
CA PRO A 72 27.71 -0.94 36.63
C PRO A 72 28.58 -0.72 35.40
N ILE A 73 29.52 0.21 35.44
CA ILE A 73 30.63 0.19 34.48
C ILE A 73 31.47 -1.02 34.85
N HIS A 74 32.24 -1.54 33.87
CA HIS A 74 32.83 -2.89 33.78
C HIS A 74 33.28 -3.49 35.11
N PRO A 75 32.70 -4.60 35.54
CA PRO A 75 32.75 -4.98 36.97
C PRO A 75 34.13 -5.40 37.49
N ASP A 76 35.18 -5.39 36.69
CA ASP A 76 36.54 -5.52 37.22
C ASP A 76 37.15 -4.13 37.39
N ALA A 77 36.39 -3.25 38.05
CA ALA A 77 36.83 -1.87 38.25
C ALA A 77 36.85 -1.59 39.75
N ARG A 78 38.04 -1.68 40.35
CA ARG A 78 38.22 -1.35 41.75
C ARG A 78 38.58 0.13 41.88
N GLY A 79 37.56 0.96 41.79
CA GLY A 79 37.71 2.38 41.99
C GLY A 79 37.06 2.84 43.27
N SER A 80 36.71 4.12 43.31
CA SER A 80 36.07 4.70 44.48
C SER A 80 34.60 4.93 44.18
N ASN A 81 33.77 4.76 45.21
CA ASN A 81 32.34 4.99 45.12
C ASN A 81 31.97 6.10 46.09
N LEU A 82 30.91 6.84 45.75
CA LEU A 82 30.62 8.09 46.45
C LEU A 82 29.22 8.06 47.03
N HIS A 83 29.10 8.47 48.30
CA HIS A 83 27.82 8.89 48.85
C HIS A 83 27.76 10.41 48.88
N SER A 84 27.50 10.98 47.73
CA SER A 84 27.48 12.43 47.58
C SER A 84 26.22 12.85 46.88
N LEU A 85 25.53 13.82 47.46
CA LEU A 85 24.33 14.37 46.85
C LEU A 85 24.69 15.72 46.26
N PRO A 86 24.56 15.90 44.95
CA PRO A 86 25.02 17.13 44.33
C PRO A 86 24.11 18.30 44.66
N GLN A 87 24.66 19.50 44.54
CA GLN A 87 23.87 20.69 44.80
C GLN A 87 22.92 20.95 43.65
N ALA A 88 21.97 21.85 43.87
CA ALA A 88 20.98 22.12 42.84
C ALA A 88 21.59 22.96 41.73
N PRO A 89 21.31 22.64 40.47
CA PRO A 89 21.66 23.54 39.37
C PRO A 89 20.95 24.88 39.49
N GLY A 90 21.72 25.96 39.36
CA GLY A 90 21.13 27.27 39.29
C GLY A 90 20.39 27.49 37.99
N GLN A 91 20.83 26.83 36.93
CA GLN A 91 20.13 26.92 35.66
C GLN A 91 18.86 26.08 35.72
N PRO A 92 17.74 26.56 35.17
CA PRO A 92 16.49 25.83 35.28
C PRO A 92 16.38 24.73 34.25
N GLY A 93 15.38 23.86 34.44
CA GLY A 93 15.17 22.79 33.49
C GLY A 93 15.70 21.45 33.97
N LEU A 94 16.90 21.14 33.50
CA LEU A 94 17.61 19.89 33.77
C LEU A 94 17.73 19.57 35.25
N ALA A 95 17.65 18.27 35.58
CA ALA A 95 17.82 17.79 36.94
C ALA A 95 18.11 16.30 36.99
N GLY A 96 18.87 15.87 37.99
CA GLY A 96 19.03 14.47 38.31
C GLY A 96 19.72 14.19 39.63
N SER A 97 19.08 13.39 40.47
CA SER A 97 19.53 12.78 41.74
C SER A 97 19.75 13.79 42.86
N HIS A 98 19.63 15.09 42.61
CA HIS A 98 19.58 16.06 43.68
C HIS A 98 18.15 16.36 44.09
N GLU A 99 17.19 15.69 43.45
CA GLU A 99 15.80 15.85 43.83
C GLU A 99 15.45 14.98 45.03
N LEU A 100 16.28 13.98 45.30
CA LEU A 100 16.01 13.01 46.36
C LEU A 100 16.37 13.56 47.72
N GLY A 101 15.40 14.14 48.43
CA GLY A 101 15.68 14.70 49.74
C GLY A 101 15.45 13.73 50.87
N ASP A 102 14.25 13.16 50.93
CA ASP A 102 13.92 12.16 51.92
C ASP A 102 13.76 10.77 51.31
N ARG A 103 13.70 10.67 49.99
CA ARG A 103 13.46 9.44 49.28
C ARG A 103 14.75 8.79 48.79
N LEU A 104 15.87 9.08 49.43
CA LEU A 104 17.12 8.42 49.07
C LEU A 104 17.10 6.98 49.57
N VAL A 105 17.51 6.06 48.70
CA VAL A 105 17.42 4.65 49.05
C VAL A 105 18.75 4.12 49.58
N SER A 106 19.86 4.80 49.25
CA SER A 106 21.19 4.57 49.82
C SER A 106 21.68 3.13 49.59
N ASP A 107 22.01 2.86 48.32
CA ASP A 107 22.62 1.62 47.89
C ASP A 107 23.86 1.25 48.69
N VAL A 108 24.10 -0.06 48.82
CA VAL A 108 25.24 -0.58 49.58
C VAL A 108 26.10 -1.39 48.63
N VAL A 109 27.39 -1.16 48.65
CA VAL A 109 28.33 -2.00 47.96
C VAL A 109 29.19 -2.73 48.98
N GLY A 110 29.97 -3.68 48.49
CA GLY A 110 30.88 -4.42 49.33
C GLY A 110 30.60 -5.90 49.25
N ASN A 111 31.06 -6.62 50.26
CA ASN A 111 30.93 -8.07 50.29
C ASN A 111 29.48 -8.46 50.59
N ALA A 112 29.05 -9.58 50.02
CA ALA A 112 27.73 -10.12 50.31
C ALA A 112 27.69 -10.93 51.59
N ALA A 113 28.83 -11.17 52.22
CA ALA A 113 28.84 -11.92 53.47
C ALA A 113 28.49 -11.04 54.67
N ALA A 114 28.76 -9.74 54.59
CA ALA A 114 28.64 -8.85 55.73
C ALA A 114 27.42 -7.95 55.68
N LEU A 115 26.30 -8.46 55.16
CA LEU A 115 25.06 -7.68 55.12
C LEU A 115 24.40 -7.52 56.48
N ASP A 116 24.84 -8.28 57.48
CA ASP A 116 24.26 -8.16 58.81
C ASP A 116 24.55 -6.80 59.43
N VAL A 117 25.68 -6.19 59.07
CA VAL A 117 25.98 -4.83 59.54
C VAL A 117 24.98 -3.83 58.98
N PHE A 118 24.60 -4.00 57.70
CA PHE A 118 23.67 -3.06 57.09
C PHE A 118 22.25 -3.28 57.61
N LYS A 119 21.80 -4.54 57.72
CA LYS A 119 20.46 -4.77 58.24
C LYS A 119 20.38 -4.47 59.73
N PHE A 120 21.52 -4.48 60.41
CA PHE A 120 21.58 -4.02 61.79
C PHE A 120 21.46 -2.50 61.86
N LEU A 121 22.19 -1.79 60.99
CA LEU A 121 22.27 -0.34 61.12
C LEU A 121 21.04 0.34 60.52
N SER A 122 20.29 -0.38 59.69
CA SER A 122 19.21 0.27 58.95
C SER A 122 17.90 0.37 59.74
N LEU A 123 17.91 0.09 61.04
CA LEU A 123 16.65 -0.08 61.78
C LEU A 123 16.06 1.26 62.21
N GLN A 124 14.73 1.28 62.33
CA GLN A 124 14.02 2.51 62.69
C GLN A 124 13.48 2.45 64.10
N TYR A 125 14.29 1.97 65.05
CA TYR A 125 13.93 1.53 66.41
C TYR A 125 13.09 2.57 67.15
N GLN A 126 13.54 3.82 67.31
CA GLN A 126 12.75 4.76 68.09
C GLN A 126 11.80 5.55 67.20
N GLY A 127 12.32 6.38 66.31
CA GLY A 127 11.54 6.83 65.18
C GLY A 127 12.40 7.10 63.96
N LYS A 128 13.72 6.95 64.13
CA LYS A 128 14.67 7.35 63.11
C LYS A 128 15.70 6.25 62.94
N ASN A 129 16.63 6.50 62.02
CA ASN A 129 17.61 5.50 61.64
C ASN A 129 18.68 5.38 62.73
N LEU A 130 19.25 4.17 62.85
CA LEU A 130 20.23 3.94 63.91
C LEU A 130 21.54 4.66 63.62
N LEU A 131 21.90 4.76 62.35
CA LEU A 131 23.06 5.55 61.96
C LEU A 131 22.77 7.02 62.20
N ASN A 132 21.51 7.44 62.04
CA ASN A 132 21.14 8.83 62.26
C ASN A 132 21.12 9.16 63.74
N TRP A 133 20.85 8.17 64.59
CA TRP A 133 20.94 8.39 66.02
C TRP A 133 22.37 8.27 66.51
N LEU A 134 23.22 7.53 65.79
CA LEU A 134 24.58 7.32 66.25
C LEU A 134 25.50 8.44 65.79
N THR A 135 25.18 9.09 64.66
CA THR A 135 25.99 10.21 64.20
C THR A 135 25.79 11.43 65.07
N GLU A 136 24.56 11.69 65.51
CA GLU A 136 24.27 12.78 66.43
C GLU A 136 24.65 12.36 67.84
N ASP A 137 25.54 13.13 68.46
CA ASP A 137 25.95 12.83 69.83
C ASP A 137 24.84 13.17 70.81
N SER A 138 24.39 12.16 71.56
CA SER A 138 23.25 12.32 72.44
C SER A 138 23.43 11.43 73.66
N ALA A 139 22.36 11.32 74.45
CA ALA A 139 22.42 10.58 75.70
C ALA A 139 22.13 9.09 75.50
N GLU A 140 21.04 8.76 74.80
CA GLU A 140 20.67 7.37 74.61
C GLU A 140 21.60 6.68 73.61
N ALA A 141 22.21 7.44 72.71
CA ALA A 141 23.29 6.93 71.90
C ALA A 141 24.54 6.76 72.74
N LEU A 142 25.50 5.97 72.23
CA LEU A 142 26.78 5.66 72.85
C LEU A 142 26.68 4.95 74.19
N GLN A 143 25.51 4.40 74.53
CA GLN A 143 25.31 3.78 75.83
C GLN A 143 24.65 2.42 75.75
N ALA A 144 23.80 2.20 74.74
CA ALA A 144 23.13 0.91 74.63
C ALA A 144 24.09 -0.17 74.18
N LEU A 145 24.96 0.13 73.22
CA LEU A 145 25.92 -0.89 72.73
C LEU A 145 27.22 -0.79 73.54
N SER A 146 27.13 -0.82 74.87
CA SER A 146 28.31 -0.67 75.71
C SER A 146 28.09 -1.08 77.15
N ASP A 147 29.21 -1.20 77.87
CA ASP A 147 29.24 -1.18 79.32
C ASP A 147 30.24 -0.15 79.84
N ASN A 148 31.27 0.15 79.05
CA ASN A 148 32.21 1.23 79.34
C ASN A 148 32.33 2.10 78.10
N ALA A 149 32.94 3.27 78.26
CA ALA A 149 32.78 4.35 77.28
C ALA A 149 33.64 4.14 76.04
N GLU A 150 34.84 3.55 76.20
CA GLU A 150 35.80 3.60 75.11
C GLU A 150 35.50 2.59 74.01
N GLN A 151 34.90 1.45 74.38
CA GLN A 151 34.41 0.55 73.34
C GLN A 151 33.21 1.14 72.61
N ALA A 152 32.39 1.94 73.31
CA ALA A 152 31.32 2.69 72.65
C ALA A 152 31.88 3.72 71.69
N ARG A 153 33.01 4.35 72.06
CA ARG A 153 33.68 5.29 71.17
C ARG A 153 34.17 4.61 69.89
N GLU A 154 34.87 3.48 70.04
CA GLU A 154 35.44 2.84 68.87
C GLU A 154 34.37 2.16 68.03
N TRP A 155 33.26 1.73 68.64
CA TRP A 155 32.17 1.15 67.87
C TRP A 155 31.34 2.23 67.19
N ARG A 156 31.27 3.44 67.78
CA ARG A 156 30.64 4.55 67.09
C ARG A 156 31.46 4.98 65.89
N GLN A 157 32.79 5.06 66.04
CA GLN A 157 33.62 5.43 64.90
C GLN A 157 33.73 4.29 63.89
N ALA A 158 33.39 3.07 64.32
CA ALA A 158 33.23 1.99 63.36
C ALA A 158 31.94 2.15 62.57
N PHE A 159 30.83 2.45 63.26
CA PHE A 159 29.53 2.39 62.61
C PHE A 159 29.22 3.64 61.79
N ILE A 160 29.91 4.75 62.07
CA ILE A 160 29.76 5.92 61.21
C ILE A 160 30.39 5.70 59.84
N GLY A 161 31.58 5.09 59.79
CA GLY A 161 32.42 5.06 58.60
C GLY A 161 31.89 4.27 57.42
N ILE A 162 30.65 3.78 57.47
CA ILE A 162 30.05 3.10 56.33
C ILE A 162 29.60 4.10 55.29
N THR A 163 29.52 5.38 55.66
CA THR A 163 29.14 6.41 54.71
C THR A 163 30.34 7.22 54.21
N THR A 164 31.55 6.85 54.60
CA THR A 164 32.75 7.58 54.23
C THR A 164 33.55 6.76 53.22
N VAL A 165 34.20 7.45 52.27
CA VAL A 165 34.95 6.75 51.25
C VAL A 165 36.22 6.17 51.83
N LYS A 166 36.75 5.14 51.19
CA LYS A 166 37.87 4.37 51.70
C LYS A 166 39.02 4.41 50.70
N GLY A 167 40.15 4.94 51.13
CA GLY A 167 41.30 5.08 50.27
C GLY A 167 41.32 6.43 49.58
N ALA A 168 42.41 6.66 48.86
CA ALA A 168 42.52 7.84 48.02
C ALA A 168 41.48 7.76 46.90
N PRO A 169 40.98 8.90 46.41
CA PRO A 169 39.99 8.87 45.34
C PRO A 169 40.60 8.32 44.06
N ALA A 170 39.89 7.39 43.42
CA ALA A 170 40.44 6.66 42.28
C ALA A 170 39.30 6.12 41.44
N SER A 171 39.51 6.13 40.13
CA SER A 171 38.63 5.48 39.17
C SER A 171 39.48 4.62 38.27
N HIS A 172 39.00 3.41 37.97
CA HIS A 172 39.81 2.43 37.26
C HIS A 172 40.00 2.80 35.79
N SER A 173 40.92 2.08 35.15
CA SER A 173 41.08 2.19 33.70
C SER A 173 39.85 1.71 32.96
N LEU A 174 39.09 0.79 33.55
CA LEU A 174 37.85 0.34 32.95
C LEU A 174 36.73 1.35 33.17
N ALA A 175 36.94 2.30 34.08
CA ALA A 175 35.94 3.32 34.33
C ALA A 175 36.01 4.41 33.28
N LYS A 176 34.91 5.11 33.09
CA LYS A 176 34.83 6.14 32.06
C LYS A 176 35.37 7.46 32.61
N GLN A 177 36.20 8.13 31.82
CA GLN A 177 36.76 9.44 32.16
C GLN A 177 36.75 10.29 30.90
N LEU A 178 36.04 11.41 30.93
CA LEU A 178 35.76 12.18 29.71
C LEU A 178 36.15 13.64 29.90
N TYR A 179 36.98 14.15 29.00
CA TYR A 179 37.39 15.55 29.03
C TYR A 179 36.21 16.48 28.80
N PHE A 180 36.33 17.72 29.24
CA PHE A 180 35.33 18.74 29.01
C PHE A 180 36.05 20.04 28.68
N PRO A 181 35.74 20.69 27.56
CA PRO A 181 36.42 21.95 27.24
C PRO A 181 35.90 23.09 28.11
N LEU A 182 36.78 23.67 28.91
CA LEU A 182 36.44 24.82 29.72
C LEU A 182 36.31 26.05 28.83
N PRO A 183 35.58 27.11 29.29
CA PRO A 183 35.40 28.30 28.46
C PRO A 183 36.68 29.03 28.09
N GLY A 184 37.56 29.24 29.04
CA GLY A 184 38.84 29.85 28.71
C GLY A 184 39.75 28.89 27.97
N SER A 185 40.25 27.89 28.67
CA SER A 185 41.12 26.86 28.12
C SER A 185 41.18 25.73 29.13
N GLY A 186 41.85 24.65 28.76
CA GLY A 186 42.06 23.53 29.66
C GLY A 186 40.82 22.69 29.83
N TYR A 187 40.99 21.59 30.55
CA TYR A 187 39.95 20.58 30.61
C TYR A 187 39.75 20.11 32.05
N HIS A 188 38.60 19.51 32.29
CA HIS A 188 38.29 18.82 33.53
C HIS A 188 37.96 17.38 33.18
N LEU A 189 38.45 16.44 33.99
CA LEU A 189 38.55 15.08 33.48
C LEU A 189 37.28 14.27 33.65
N LEU A 190 36.41 14.67 34.59
CA LEU A 190 34.99 14.29 34.71
C LEU A 190 34.74 12.78 34.62
N ALA A 191 35.09 12.06 35.67
CA ALA A 191 34.74 10.65 35.70
C ALA A 191 33.31 10.46 36.19
N PRO A 192 32.36 10.09 35.35
CA PRO A 192 31.00 9.93 35.86
C PRO A 192 30.83 8.59 36.54
N LEU A 193 29.82 8.52 37.40
CA LEU A 193 29.50 7.30 38.12
C LEU A 193 28.03 6.96 37.89
N PHE A 194 27.69 5.71 38.11
CA PHE A 194 26.33 5.26 37.88
C PHE A 194 25.48 5.64 39.08
N PRO A 195 24.45 6.45 38.90
CA PRO A 195 23.61 6.78 40.05
C PRO A 195 22.68 5.64 40.40
N THR A 196 23.00 4.87 41.44
CA THR A 196 22.12 3.77 41.79
C THR A 196 20.87 4.23 42.52
N SER A 197 20.96 5.34 43.26
CA SER A 197 19.79 5.83 43.96
C SER A 197 18.79 6.44 43.00
N LEU A 198 19.26 7.21 42.02
CA LEU A 198 18.35 7.82 41.05
C LEU A 198 17.73 6.76 40.17
N VAL A 199 18.53 5.77 39.74
CA VAL A 199 18.00 4.66 38.96
C VAL A 199 17.01 3.86 39.77
N HIS A 200 17.25 3.70 41.07
CA HIS A 200 16.32 2.97 41.91
C HIS A 200 15.00 3.73 42.08
N HIS A 201 15.08 5.05 42.18
CA HIS A 201 13.86 5.83 42.30
C HIS A 201 13.04 5.84 41.01
N VAL A 202 13.70 5.99 39.86
CA VAL A 202 12.99 5.91 38.59
C VAL A 202 12.48 4.50 38.33
N HIS A 203 13.20 3.49 38.80
CA HIS A 203 12.75 2.10 38.66
C HIS A 203 11.53 1.85 39.52
N ALA A 204 11.50 2.41 40.73
CA ALA A 204 10.33 2.32 41.57
C ALA A 204 9.15 3.05 40.97
N LEU A 205 9.38 4.24 40.40
CA LEU A 205 8.32 5.01 39.76
C LEU A 205 7.74 4.27 38.57
N LEU A 206 8.59 3.66 37.76
CA LEU A 206 8.13 2.92 36.60
C LEU A 206 7.44 1.62 37.01
N ARG A 207 7.86 1.03 38.14
CA ARG A 207 7.19 -0.17 38.62
C ARG A 207 5.80 0.14 39.14
N GLU A 208 5.61 1.25 39.84
CA GLU A 208 4.25 1.61 40.24
C GLU A 208 3.45 2.16 39.07
N ALA A 209 4.11 2.62 38.02
CA ALA A 209 3.39 3.08 36.84
C ALA A 209 2.93 1.95 35.94
N ARG A 210 3.64 0.84 35.90
CA ARG A 210 3.26 -0.27 35.03
C ARG A 210 2.56 -1.40 35.77
N PHE A 211 3.08 -1.79 36.94
CA PHE A 211 2.52 -2.90 37.69
C PHE A 211 1.81 -2.46 38.96
N GLY A 212 1.73 -1.15 39.22
CA GLY A 212 1.02 -0.67 40.38
C GLY A 212 -0.48 -0.85 40.25
N ASP A 213 -1.11 -1.15 41.38
CA ASP A 213 -2.53 -1.50 41.38
C ASP A 213 -3.40 -0.28 41.09
N ALA A 214 -2.96 0.91 41.50
CA ALA A 214 -3.65 2.13 41.12
C ALA A 214 -3.59 2.38 39.62
N ALA A 215 -2.51 1.93 38.97
CA ALA A 215 -2.43 1.97 37.52
C ALA A 215 -3.21 0.82 36.87
N LYS A 216 -3.19 -0.36 37.49
CA LYS A 216 -3.91 -1.50 36.96
C LYS A 216 -5.42 -1.28 36.98
N ALA A 217 -5.91 -0.58 38.01
CA ALA A 217 -7.34 -0.31 38.10
C ALA A 217 -7.81 0.64 37.02
N ALA A 218 -7.04 1.70 36.75
CA ALA A 218 -7.41 2.60 35.67
C ALA A 218 -7.21 1.94 34.30
N ARG A 219 -6.25 1.01 34.21
CA ARG A 219 -6.06 0.25 32.99
C ARG A 219 -7.25 -0.67 32.72
N GLU A 220 -7.83 -1.24 33.77
CA GLU A 220 -9.04 -2.04 33.60
C GLU A 220 -10.27 -1.18 33.36
N ALA A 221 -10.34 0.00 33.98
CA ALA A 221 -11.47 0.89 33.79
C ALA A 221 -11.47 1.51 32.40
N ARG A 222 -10.31 1.61 31.75
CA ARG A 222 -10.27 1.99 30.35
C ARG A 222 -10.93 0.93 29.48
N SER A 223 -10.75 -0.34 29.84
CA SER A 223 -11.38 -1.42 29.08
C SER A 223 -12.87 -1.50 29.38
N ARG A 224 -13.26 -1.15 30.60
CA ARG A 224 -14.69 -1.09 30.93
C ARG A 224 -15.34 0.16 30.33
N GLN A 225 -14.53 1.11 29.86
CA GLN A 225 -14.92 2.41 29.34
C GLN A 225 -15.69 3.25 30.36
N GLU A 226 -15.50 2.99 31.64
CA GLU A 226 -16.07 3.82 32.69
C GLU A 226 -15.07 4.90 33.09
N SER A 227 -15.54 5.84 33.91
CA SER A 227 -14.72 6.96 34.34
C SER A 227 -14.07 6.62 35.68
N TRP A 228 -12.76 6.57 35.68
CA TRP A 228 -11.95 6.43 36.88
C TRP A 228 -11.57 7.81 37.39
N PRO A 229 -11.28 7.97 38.70
CA PRO A 229 -10.81 9.27 39.20
C PRO A 229 -9.49 9.75 38.60
N HIS A 230 -8.46 8.91 38.59
CA HIS A 230 -7.19 9.31 37.99
C HIS A 230 -6.93 8.53 36.71
N GLY A 231 -5.76 8.75 36.13
CA GLY A 231 -5.38 8.08 34.91
C GLY A 231 -4.23 7.12 35.09
N PHE A 232 -3.53 6.82 34.01
CA PHE A 232 -2.43 5.86 34.06
C PHE A 232 -1.56 6.08 32.82
N SER A 233 -0.36 5.53 32.87
CA SER A 233 0.62 5.69 31.80
C SER A 233 1.09 4.33 31.32
N GLU A 234 1.90 4.34 30.27
CA GLU A 234 2.30 3.10 29.61
C GLU A 234 3.79 2.90 29.45
N TYR A 235 4.58 3.96 29.16
CA TYR A 235 6.02 3.94 28.93
C TYR A 235 6.43 2.94 27.86
N PRO A 236 6.20 3.22 26.58
CA PRO A 236 6.59 2.28 25.53
C PRO A 236 8.10 2.35 25.27
N ASN A 237 8.58 1.32 24.56
CA ASN A 237 9.95 1.24 24.03
C ASN A 237 11.01 1.33 25.10
N LEU A 238 10.75 0.72 26.26
CA LEU A 238 11.79 0.62 27.26
C LEU A 238 12.81 -0.42 26.83
N ALA A 239 14.06 -0.18 27.21
CA ALA A 239 15.11 -1.17 26.99
C ALA A 239 15.60 -1.64 28.34
N ILE A 240 15.83 -2.94 28.45
CA ILE A 240 16.32 -3.52 29.69
C ILE A 240 17.83 -3.73 29.54
N GLN A 241 18.58 -3.24 30.51
CA GLN A 241 20.03 -3.42 30.52
C GLN A 241 20.40 -4.08 31.84
N LYS A 242 21.03 -5.25 31.76
CA LYS A 242 21.41 -5.99 32.95
C LYS A 242 22.89 -5.76 33.24
N PHE A 243 23.23 -5.69 34.53
CA PHE A 243 24.58 -5.37 34.92
C PHE A 243 25.37 -6.58 35.38
N GLY A 244 24.91 -7.27 36.42
CA GLY A 244 25.50 -8.55 36.75
C GLY A 244 25.03 -9.59 35.75
N GLY A 245 25.96 -10.40 35.27
CA GLY A 245 25.63 -11.33 34.21
C GLY A 245 24.72 -12.45 34.66
N THR A 246 25.24 -13.34 35.48
CA THR A 246 24.43 -14.35 36.14
C THR A 246 24.44 -14.21 37.65
N LYS A 247 25.33 -13.37 38.18
CA LYS A 247 25.43 -13.09 39.61
C LYS A 247 25.26 -11.58 39.79
N PRO A 248 24.02 -11.07 39.77
CA PRO A 248 23.82 -9.63 39.90
C PRO A 248 24.03 -9.11 41.31
N GLN A 249 24.20 -9.99 42.29
CA GLN A 249 24.41 -9.58 43.67
C GLN A 249 25.79 -8.99 43.87
N ASN A 250 26.75 -9.34 43.02
CA ASN A 250 28.13 -8.89 43.16
C ASN A 250 28.32 -7.45 42.75
N ILE A 251 27.29 -6.79 42.25
CA ILE A 251 27.42 -5.40 41.82
C ILE A 251 27.04 -4.45 42.95
N SER A 252 25.85 -4.62 43.50
CA SER A 252 25.32 -3.68 44.48
C SER A 252 24.27 -4.37 45.32
N GLN A 253 23.79 -3.66 46.34
CA GLN A 253 22.66 -4.14 47.12
C GLN A 253 21.36 -3.93 46.37
N LEU A 254 21.15 -2.73 45.83
CA LEU A 254 19.92 -2.43 45.11
C LEU A 254 19.84 -3.12 43.77
N ASN A 255 20.94 -3.73 43.30
CA ASN A 255 20.89 -4.58 42.11
C ASN A 255 20.32 -5.96 42.40
N ASN A 256 19.85 -6.22 43.63
CA ASN A 256 19.09 -7.42 43.91
C ASN A 256 17.60 -7.18 43.91
N GLU A 257 17.17 -5.95 44.27
CA GLU A 257 15.77 -5.58 44.11
C GLU A 257 15.38 -5.55 42.65
N ARG A 258 16.06 -4.73 41.86
CA ARG A 258 16.00 -4.86 40.41
C ARG A 258 17.13 -5.77 39.99
N ARG A 259 16.80 -6.99 39.58
CA ARG A 259 17.81 -7.99 39.24
C ARG A 259 18.41 -7.60 37.89
N GLY A 260 19.46 -6.80 37.93
CA GLY A 260 19.91 -6.12 36.73
C GLY A 260 18.92 -5.03 36.41
N GLU A 261 18.43 -5.03 35.18
CA GLU A 261 17.20 -4.35 34.76
C GLU A 261 17.26 -2.83 34.99
N ASN A 262 18.11 -2.19 34.20
CA ASN A 262 18.29 -0.74 34.31
C ASN A 262 17.05 0.02 33.88
N TRP A 263 16.25 -0.55 32.96
CA TRP A 263 14.97 0.00 32.48
C TRP A 263 15.15 1.38 31.85
N LEU A 264 15.86 1.40 30.73
CA LEU A 264 16.22 2.64 30.06
C LEU A 264 15.02 3.23 29.35
N LEU A 265 14.88 4.55 29.42
CA LEU A 265 13.82 5.24 28.72
C LEU A 265 14.22 5.47 27.28
N PRO A 266 13.28 5.45 26.36
CA PRO A 266 13.63 5.68 24.95
C PRO A 266 13.91 7.13 24.65
N SER A 267 15.07 7.40 24.06
CA SER A 267 15.37 8.70 23.48
C SER A 267 15.66 8.48 22.00
N LEU A 268 14.61 8.44 21.20
CA LEU A 268 14.77 8.03 19.82
C LEU A 268 14.33 9.13 18.86
N PRO A 269 15.04 9.30 17.75
CA PRO A 269 14.53 10.19 16.70
C PRO A 269 13.29 9.61 16.09
N PRO A 270 12.43 10.45 15.47
CA PRO A 270 11.15 9.93 14.98
C PRO A 270 11.29 9.02 13.78
N ASN A 271 12.38 9.08 13.05
CA ASN A 271 12.67 8.11 12.01
C ASN A 271 13.51 6.96 12.55
N TRP A 272 13.09 6.37 13.66
CA TRP A 272 13.76 5.19 14.17
C TRP A 272 13.06 3.91 13.75
N GLN A 273 11.89 4.01 13.15
CA GLN A 273 11.28 2.91 12.43
C GLN A 273 11.47 3.17 10.94
N ARG A 274 12.27 2.34 10.28
CA ARG A 274 12.63 2.58 8.90
C ARG A 274 11.43 2.30 7.99
N GLN A 275 10.95 3.33 7.32
CA GLN A 275 9.84 3.24 6.39
C GLN A 275 10.41 3.28 4.98
N ASN A 276 10.03 2.30 4.17
CA ASN A 276 10.61 2.19 2.83
C ASN A 276 9.76 2.97 1.83
N VAL A 277 10.23 3.00 0.59
CA VAL A 277 9.70 3.89 -0.43
C VAL A 277 8.76 3.10 -1.34
N ASN A 278 7.79 3.80 -1.93
CA ASN A 278 6.79 3.20 -2.79
C ASN A 278 6.26 4.27 -3.76
N ALA A 279 6.65 4.17 -5.02
CA ALA A 279 6.19 5.13 -6.01
C ALA A 279 4.96 4.59 -6.74
N PRO A 280 4.06 5.47 -7.16
CA PRO A 280 2.91 5.03 -7.97
C PRO A 280 3.35 4.60 -9.37
N MET A 281 2.82 3.46 -9.82
CA MET A 281 3.12 2.91 -11.14
C MET A 281 1.91 2.89 -12.05
N ARG A 282 0.85 2.20 -11.63
CA ARG A 282 -0.33 1.97 -12.45
C ARG A 282 -1.35 3.09 -12.24
N HIS A 283 -2.57 2.85 -12.72
CA HIS A 283 -3.64 3.79 -12.48
C HIS A 283 -4.16 3.69 -11.05
N SER A 284 -4.36 2.46 -10.56
CA SER A 284 -4.78 2.27 -9.17
C SER A 284 -3.65 2.61 -8.20
N SER A 285 -2.39 2.42 -8.63
CA SER A 285 -1.26 2.86 -7.83
C SER A 285 -1.17 4.39 -7.81
N VAL A 286 -1.57 5.06 -8.88
CA VAL A 286 -1.61 6.52 -8.87
C VAL A 286 -2.78 7.02 -8.03
N PHE A 287 -3.84 6.21 -7.94
CA PHE A 287 -4.97 6.56 -7.07
C PHE A 287 -4.61 6.38 -5.60
N GLU A 288 -3.88 5.31 -5.28
CA GLU A 288 -3.65 4.97 -3.88
C GLU A 288 -2.37 5.59 -3.34
N HIS A 289 -1.45 6.02 -4.22
CA HIS A 289 -0.15 6.51 -3.82
C HIS A 289 0.05 7.99 -4.11
N ASP A 290 -1.02 8.70 -4.48
CA ASP A 290 -0.93 10.15 -4.57
C ASP A 290 -0.78 10.77 -3.19
N PHE A 291 -1.67 10.41 -2.28
CA PHE A 291 -1.54 10.84 -0.90
C PHE A 291 -0.44 10.06 -0.18
N GLY A 292 -0.42 8.73 -0.37
CA GLY A 292 0.61 7.83 0.14
C GLY A 292 0.91 7.96 1.63
N ARG A 293 -0.07 7.69 2.47
CA ARG A 293 -0.08 8.22 3.83
C ARG A 293 0.33 7.15 4.84
N THR A 294 1.25 7.53 5.72
CA THR A 294 1.87 6.66 6.72
C THR A 294 0.94 6.57 7.93
N PRO A 295 1.17 5.62 8.85
CA PRO A 295 0.39 5.60 10.11
C PRO A 295 0.53 6.85 10.98
N GLU A 296 1.64 7.58 10.88
CA GLU A 296 1.83 8.76 11.72
C GLU A 296 0.85 9.87 11.37
N VAL A 297 0.59 10.07 10.07
CA VAL A 297 -0.33 11.13 9.69
C VAL A 297 -1.77 10.74 9.97
N SER A 298 -2.09 9.44 10.02
CA SER A 298 -3.43 9.03 10.39
C SER A 298 -3.65 9.20 11.89
N ARG A 299 -2.62 8.86 12.68
CA ARG A 299 -2.63 9.16 14.10
C ARG A 299 -2.73 10.67 14.35
N LEU A 300 -2.14 11.47 13.48
CA LEU A 300 -2.13 12.90 13.71
C LEU A 300 -3.45 13.54 13.32
N THR A 301 -4.06 13.09 12.22
CA THR A 301 -5.35 13.61 11.78
C THR A 301 -6.52 13.05 12.58
N ARG A 302 -6.32 11.93 13.27
CA ARG A 302 -7.29 11.47 14.26
C ARG A 302 -7.43 12.50 15.39
N THR A 303 -6.34 13.20 15.71
CA THR A 303 -6.43 14.28 16.68
C THR A 303 -7.00 15.54 16.07
N LEU A 304 -6.87 15.72 14.76
CA LEU A 304 -7.58 16.83 14.11
C LEU A 304 -9.08 16.62 14.14
N GLN A 305 -9.53 15.37 13.99
CA GLN A 305 -10.96 15.10 14.11
C GLN A 305 -11.45 15.24 15.55
N ARG A 306 -10.56 15.13 16.53
CA ARG A 306 -10.92 15.27 17.93
C ARG A 306 -10.82 16.71 18.43
N PHE A 307 -10.85 17.68 17.52
CA PHE A 307 -10.87 19.10 17.90
C PHE A 307 -12.08 19.80 17.33
N LEU A 308 -13.25 19.17 17.46
CA LEU A 308 -14.50 19.73 16.96
C LEU A 308 -15.13 20.72 17.93
N ALA A 309 -15.29 20.33 19.19
CA ALA A 309 -15.86 21.21 20.20
C ALA A 309 -14.81 22.19 20.70
N LYS A 310 -15.28 23.38 21.12
CA LYS A 310 -14.37 24.42 21.60
C LYS A 310 -15.11 25.42 22.47
N THR A 311 -14.56 25.69 23.65
CA THR A 311 -14.88 26.87 24.43
C THR A 311 -13.72 27.84 24.31
N VAL A 312 -14.04 29.14 24.28
CA VAL A 312 -13.15 30.16 23.70
C VAL A 312 -11.85 30.30 24.50
N HIS A 313 -11.94 30.28 25.83
CA HIS A 313 -10.76 30.33 26.67
C HIS A 313 -9.88 29.10 26.50
N ASN A 314 -10.50 27.94 26.27
CA ASN A 314 -9.74 26.78 25.82
C ASN A 314 -9.45 26.82 24.33
N ASN A 315 -10.30 27.47 23.53
CA ASN A 315 -10.12 27.47 22.08
C ASN A 315 -8.93 28.31 21.64
N LEU A 316 -8.44 29.21 22.48
CA LEU A 316 -7.16 29.88 22.17
C LEU A 316 -6.02 28.88 22.13
N ALA A 317 -5.87 28.07 23.19
CA ALA A 317 -4.84 27.04 23.20
C ALA A 317 -5.15 25.93 22.21
N ILE A 318 -6.42 25.66 21.94
CA ILE A 318 -6.80 24.64 20.97
C ILE A 318 -6.44 25.10 19.55
N ARG A 319 -6.60 26.39 19.25
CA ARG A 319 -6.20 26.90 17.94
C ARG A 319 -4.69 26.97 17.82
N GLN A 320 -3.98 27.23 18.93
CA GLN A 320 -2.52 27.12 18.91
C GLN A 320 -2.08 25.69 18.63
N ARG A 321 -2.75 24.72 19.27
CA ARG A 321 -2.46 23.31 19.05
C ARG A 321 -2.76 22.91 17.60
N ARG A 322 -3.85 23.44 17.04
CA ARG A 322 -4.18 23.16 15.65
C ARG A 322 -3.19 23.81 14.70
N ALA A 323 -2.66 24.98 15.08
CA ALA A 323 -1.64 25.63 14.26
C ALA A 323 -0.36 24.80 14.20
N GLN A 324 0.13 24.36 15.36
CA GLN A 324 1.35 23.54 15.38
C GLN A 324 1.08 22.16 14.80
N LEU A 325 -0.17 21.69 14.88
CA LEU A 325 -0.52 20.39 14.32
C LEU A 325 -0.53 20.43 12.80
N VAL A 326 -1.08 21.49 12.20
CA VAL A 326 -1.08 21.59 10.75
C VAL A 326 0.33 21.92 10.26
N ALA A 327 1.13 22.59 11.10
CA ALA A 327 2.55 22.72 10.81
C ALA A 327 3.23 21.35 10.78
N GLN A 328 2.84 20.45 11.68
CA GLN A 328 3.42 19.10 11.68
C GLN A 328 3.00 18.29 10.47
N ILE A 329 1.73 18.43 10.04
CA ILE A 329 1.28 17.64 8.89
C ILE A 329 1.92 18.17 7.61
N CYS A 330 2.17 19.49 7.53
CA CYS A 330 2.97 20.05 6.45
C CYS A 330 4.41 19.54 6.51
N ASP A 331 4.95 19.44 7.73
CA ASP A 331 6.32 18.96 7.93
C ASP A 331 6.51 17.56 7.42
N GLU A 332 5.61 16.64 7.76
CA GLU A 332 5.78 15.27 7.32
C GLU A 332 5.33 15.05 5.89
N ALA A 333 4.48 15.93 5.35
CA ALA A 333 4.24 15.89 3.90
C ALA A 333 5.50 16.26 3.13
N LEU A 334 6.18 17.33 3.55
CA LEU A 334 7.44 17.72 2.91
C LEU A 334 8.52 16.69 3.18
N GLN A 335 8.46 16.03 4.33
CA GLN A 335 9.39 14.96 4.67
C GLN A 335 9.21 13.74 3.77
N TYR A 336 7.96 13.32 3.56
CA TYR A 336 7.65 12.20 2.67
C TYR A 336 8.06 12.51 1.24
N ALA A 337 7.78 13.74 0.78
CA ALA A 337 8.18 14.16 -0.55
C ALA A 337 9.70 14.18 -0.69
N ALA A 338 10.41 14.59 0.36
CA ALA A 338 11.87 14.70 0.26
C ALA A 338 12.52 13.33 0.25
N ARG A 339 12.02 12.42 1.08
CA ARG A 339 12.64 11.11 1.15
C ARG A 339 12.31 10.29 -0.10
N LEU A 340 11.13 10.49 -0.69
CA LEU A 340 10.90 9.87 -2.00
C LEU A 340 11.78 10.48 -3.08
N ARG A 341 11.91 11.82 -3.09
CA ARG A 341 12.60 12.52 -4.17
C ARG A 341 14.10 12.29 -4.14
N GLU A 342 14.66 11.98 -2.98
CA GLU A 342 16.08 11.64 -2.95
C GLU A 342 16.34 10.14 -2.92
N LEU A 343 15.38 9.32 -2.47
CA LEU A 343 15.69 7.92 -2.22
C LEU A 343 15.71 7.08 -3.48
N GLU A 344 14.62 7.08 -4.24
CA GLU A 344 14.45 6.16 -5.35
C GLU A 344 14.33 6.92 -6.67
N PRO A 345 14.69 6.29 -7.78
CA PRO A 345 14.36 6.86 -9.09
C PRO A 345 13.02 6.34 -9.60
N GLY A 346 12.24 5.76 -8.69
CA GLY A 346 10.98 5.11 -8.97
C GLY A 346 9.88 6.00 -9.47
N TRP A 347 9.99 7.32 -9.27
CA TRP A 347 9.00 8.22 -9.85
C TRP A 347 9.09 8.29 -11.37
N SER A 348 10.26 8.00 -11.92
CA SER A 348 10.46 7.87 -13.36
C SER A 348 10.96 6.49 -13.70
N ALA A 349 10.37 5.47 -13.05
CA ALA A 349 10.78 4.09 -13.28
C ALA A 349 10.15 3.51 -14.54
N THR A 350 8.83 3.64 -14.69
CA THR A 350 8.14 3.13 -15.85
C THR A 350 6.99 4.09 -16.18
N PRO A 351 6.75 4.34 -17.46
CA PRO A 351 5.72 5.30 -17.84
C PRO A 351 4.35 4.65 -18.01
N GLY A 352 3.41 5.47 -18.43
CA GLY A 352 2.06 5.04 -18.67
C GLY A 352 1.22 6.24 -19.04
N CYS A 353 0.01 6.28 -18.49
CA CYS A 353 -0.90 7.41 -18.66
C CYS A 353 -1.33 8.01 -17.33
N GLN A 354 -1.18 7.27 -16.24
CA GLN A 354 -1.71 7.66 -14.94
C GLN A 354 -0.59 7.65 -13.91
N LEU A 355 -0.09 8.84 -13.57
CA LEU A 355 0.83 8.99 -12.45
C LEU A 355 0.53 10.23 -11.62
N HIS A 356 -0.55 10.95 -11.94
CA HIS A 356 -0.88 12.28 -11.42
C HIS A 356 0.32 13.23 -11.57
N ASP A 357 0.74 13.36 -12.82
CA ASP A 357 2.02 13.98 -13.18
C ASP A 357 2.05 15.49 -12.97
N ALA A 358 0.95 16.11 -12.57
CA ALA A 358 0.92 17.55 -12.30
C ALA A 358 1.63 17.91 -11.00
N GLU A 359 1.96 16.91 -10.16
CA GLU A 359 2.68 17.11 -8.91
C GLU A 359 4.07 17.70 -9.17
N GLN A 360 4.93 16.93 -9.84
CA GLN A 360 6.27 17.33 -10.26
C GLN A 360 7.16 17.74 -9.09
N LEU A 361 6.86 17.24 -7.89
CA LEU A 361 7.70 17.41 -6.72
C LEU A 361 8.32 16.12 -6.24
N TRP A 362 7.67 14.98 -6.49
CA TRP A 362 8.20 13.68 -6.14
C TRP A 362 9.16 13.14 -7.18
N LEU A 363 9.44 13.90 -8.23
CA LEU A 363 10.34 13.48 -9.29
C LEU A 363 11.28 14.62 -9.66
N ASP A 364 11.86 15.25 -8.63
CA ASP A 364 12.66 16.45 -8.88
C ASP A 364 13.96 16.13 -9.62
N PRO A 365 14.77 15.18 -9.18
CA PRO A 365 15.93 14.76 -9.99
C PRO A 365 15.58 13.76 -11.07
N LEU A 366 14.34 13.28 -11.11
CA LEU A 366 13.93 12.32 -12.12
C LEU A 366 13.52 12.99 -13.43
N ARG A 367 13.43 14.31 -13.45
CA ARG A 367 13.05 15.05 -14.64
C ARG A 367 14.13 16.01 -15.14
N ALA A 368 15.08 16.40 -14.29
CA ALA A 368 16.13 17.33 -14.67
C ALA A 368 17.48 16.68 -14.86
N GLN A 369 17.84 15.70 -14.02
CA GLN A 369 19.11 15.02 -14.15
C GLN A 369 19.14 14.03 -15.32
N THR A 370 17.98 13.70 -15.89
CA THR A 370 17.91 12.80 -17.03
C THR A 370 17.54 13.53 -18.32
N ASP A 371 16.41 14.23 -18.34
CA ASP A 371 16.04 15.05 -19.48
C ASP A 371 16.59 16.46 -19.28
N GLU A 372 17.44 16.88 -20.20
CA GLU A 372 18.15 18.15 -20.08
C GLU A 372 17.28 19.36 -20.37
N THR A 373 16.58 19.36 -21.51
CA THR A 373 15.68 20.45 -21.87
C THR A 373 14.23 20.02 -22.01
N PHE A 374 13.96 18.71 -21.98
CA PHE A 374 12.61 18.21 -22.21
C PHE A 374 11.68 18.45 -21.02
N LEU A 375 12.11 18.07 -19.82
CA LEU A 375 11.30 18.25 -18.62
C LEU A 375 11.88 19.27 -17.65
N GLN A 376 13.18 19.55 -17.71
CA GLN A 376 13.78 20.51 -16.80
C GLN A 376 13.38 21.94 -17.13
N ARG A 377 13.35 22.29 -18.41
CA ARG A 377 12.82 23.59 -18.82
C ARG A 377 11.29 23.62 -18.76
N ARG A 378 10.64 22.46 -18.72
CA ARG A 378 9.21 22.36 -18.53
C ARG A 378 8.83 22.38 -17.06
N LEU A 379 9.81 22.41 -16.16
CA LEU A 379 9.57 22.48 -14.73
C LEU A 379 10.17 23.71 -14.07
N ARG A 380 11.26 24.26 -14.61
CA ARG A 380 11.88 25.44 -14.02
C ARG A 380 11.16 26.73 -14.38
N GLY A 381 10.55 26.81 -15.55
CA GLY A 381 9.80 27.99 -15.94
C GLY A 381 8.35 27.89 -15.50
N ASP A 382 7.80 26.67 -15.51
CA ASP A 382 6.44 26.46 -15.06
C ASP A 382 6.33 26.61 -13.55
N TRP A 383 7.36 26.14 -12.83
CA TRP A 383 7.48 26.07 -11.37
C TRP A 383 6.28 25.35 -10.78
N PRO A 384 6.16 24.03 -10.96
CA PRO A 384 4.98 23.33 -10.45
C PRO A 384 5.01 23.21 -8.94
N ALA A 385 4.21 24.07 -8.30
CA ALA A 385 4.06 24.08 -6.85
C ALA A 385 2.60 23.97 -6.44
N GLU A 386 1.73 23.57 -7.36
CA GLU A 386 0.29 23.60 -7.17
C GLU A 386 -0.23 22.53 -6.21
N VAL A 387 0.64 21.77 -5.56
CA VAL A 387 0.21 20.65 -4.73
C VAL A 387 -0.45 21.14 -3.45
N GLY A 388 -0.28 22.43 -3.11
CA GLY A 388 -0.84 22.95 -1.88
C GLY A 388 -2.36 22.99 -1.85
N ASN A 389 -3.00 23.30 -2.97
CA ASN A 389 -4.46 23.36 -2.95
C ASN A 389 -5.08 21.97 -2.99
N ARG A 390 -4.42 21.02 -3.66
CA ARG A 390 -4.90 19.63 -3.61
C ARG A 390 -4.67 19.03 -2.23
N PHE A 391 -3.57 19.41 -1.59
CA PHE A 391 -3.32 18.98 -0.22
C PHE A 391 -4.30 19.63 0.75
N ALA A 392 -4.72 20.86 0.46
CA ALA A 392 -5.74 21.51 1.28
C ALA A 392 -7.10 20.85 1.08
N ASN A 393 -7.38 20.41 -0.15
CA ASN A 393 -8.60 19.64 -0.40
C ASN A 393 -8.58 18.30 0.31
N TRP A 394 -7.39 17.68 0.41
CA TRP A 394 -7.28 16.43 1.15
C TRP A 394 -7.38 16.67 2.65
N LEU A 395 -6.84 17.81 3.10
CA LEU A 395 -6.82 18.17 4.55
C LEU A 395 -8.19 18.69 4.98
N ASN A 396 -9.05 19.08 4.03
CA ASN A 396 -10.38 19.57 4.36
C ASN A 396 -11.29 18.45 4.87
N ARG A 397 -10.91 17.20 4.58
CA ARG A 397 -11.64 16.06 5.10
C ARG A 397 -11.47 15.90 6.60
N ALA A 398 -10.39 16.47 7.16
CA ALA A 398 -9.99 16.19 8.54
C ALA A 398 -11.01 16.75 9.53
N VAL A 399 -11.57 17.92 9.24
CA VAL A 399 -12.68 18.43 10.02
C VAL A 399 -13.95 17.72 9.62
N SER A 400 -14.90 17.63 10.55
CA SER A 400 -16.18 17.00 10.26
C SER A 400 -17.04 17.91 9.38
N SER A 401 -17.80 17.29 8.49
CA SER A 401 -18.68 18.01 7.59
C SER A 401 -20.03 18.24 8.26
N ASP A 402 -19.99 19.05 9.31
CA ASP A 402 -21.16 19.40 10.08
C ASP A 402 -21.63 20.78 9.65
N SER A 403 -22.95 20.96 9.58
CA SER A 403 -23.52 22.23 9.14
C SER A 403 -23.31 23.31 10.20
N GLN A 404 -23.37 22.93 11.48
CA GLN A 404 -23.11 23.89 12.55
C GLN A 404 -21.63 24.25 12.62
N ILE A 405 -20.75 23.31 12.23
CA ILE A 405 -19.32 23.60 12.23
C ILE A 405 -18.96 24.57 11.11
N LEU A 406 -19.69 24.50 9.99
CA LEU A 406 -19.43 25.42 8.88
C LEU A 406 -20.14 26.75 9.11
N GLY A 407 -21.28 26.72 9.81
CA GLY A 407 -22.00 27.96 10.06
C GLY A 407 -21.33 28.81 11.12
N SER A 408 -20.61 28.19 12.05
CA SER A 408 -19.94 28.90 13.12
C SER A 408 -18.64 29.52 12.60
N PRO A 409 -17.97 30.34 13.43
CA PRO A 409 -16.70 30.94 13.00
C PRO A 409 -15.50 30.01 13.15
N GLU A 410 -15.69 28.79 13.67
CA GLU A 410 -14.60 27.85 13.77
C GLU A 410 -14.10 27.41 12.42
N ALA A 411 -15.01 27.32 11.42
CA ALA A 411 -14.59 27.03 10.06
C ALA A 411 -13.77 28.19 9.48
N ALA A 412 -14.09 29.42 9.89
CA ALA A 412 -13.33 30.57 9.44
C ALA A 412 -11.92 30.57 10.02
N GLN A 413 -11.80 30.25 11.32
CA GLN A 413 -10.48 30.16 11.95
C GLN A 413 -9.67 29.01 11.36
N TRP A 414 -10.35 27.88 11.11
CA TRP A 414 -9.76 26.72 10.46
C TRP A 414 -9.22 27.06 9.08
N SER A 415 -9.99 27.82 8.31
CA SER A 415 -9.58 28.16 6.96
C SER A 415 -8.43 29.17 6.95
N GLN A 416 -8.42 30.11 7.90
CA GLN A 416 -7.33 31.10 7.88
C GLN A 416 -6.01 30.48 8.35
N GLU A 417 -6.06 29.56 9.33
CA GLU A 417 -4.81 28.93 9.75
C GLU A 417 -4.33 27.93 8.71
N LEU A 418 -5.29 27.25 8.05
CA LEU A 418 -4.95 26.33 6.97
C LEU A 418 -4.36 27.08 5.80
N SER A 419 -4.86 28.29 5.53
CA SER A 419 -4.34 29.10 4.44
C SER A 419 -2.94 29.59 4.75
N LYS A 420 -2.68 29.93 6.01
CA LYS A 420 -1.33 30.33 6.40
C LYS A 420 -0.34 29.18 6.26
N GLU A 421 -0.77 27.98 6.64
CA GLU A 421 0.17 26.86 6.59
C GLU A 421 0.35 26.34 5.16
N LEU A 422 -0.68 26.43 4.32
CA LEU A 422 -0.48 26.09 2.92
C LEU A 422 0.33 27.18 2.22
N THR A 423 0.28 28.41 2.73
CA THR A 423 1.15 29.46 2.21
C THR A 423 2.60 29.17 2.52
N MET A 424 2.87 28.65 3.72
CA MET A 424 4.25 28.26 4.05
C MET A 424 4.68 27.04 3.25
N PHE A 425 3.76 26.09 3.03
CA PHE A 425 4.03 24.95 2.15
C PHE A 425 4.31 25.41 0.72
N LYS A 426 3.59 26.42 0.26
CA LYS A 426 3.84 27.03 -1.04
C LYS A 426 5.21 27.68 -1.08
N GLU A 427 5.58 28.40 -0.02
CA GLU A 427 6.84 29.13 -0.01
C GLU A 427 8.04 28.20 0.07
N ILE A 428 7.87 27.02 0.66
CA ILE A 428 8.97 26.06 0.68
C ILE A 428 8.94 25.20 -0.59
N LEU A 429 7.77 25.04 -1.19
CA LEU A 429 7.68 24.15 -2.35
C LEU A 429 8.12 24.87 -3.63
N GLU A 430 8.06 26.20 -3.63
CA GLU A 430 8.39 26.92 -4.86
C GLU A 430 9.88 26.89 -5.15
N ASP A 431 10.71 26.88 -4.12
CA ASP A 431 12.15 27.05 -4.30
C ASP A 431 12.82 25.68 -4.47
N GLU A 432 12.44 24.99 -5.54
CA GLU A 432 13.03 23.69 -5.84
C GLU A 432 14.00 23.74 -7.01
N ARG A 433 14.19 24.90 -7.64
CA ARG A 433 15.11 25.00 -8.77
C ARG A 433 16.49 25.50 -8.37
N ASP A 434 16.66 25.97 -7.14
CA ASP A 434 17.97 26.42 -6.66
C ASP A 434 18.89 25.25 -6.37
N VAL B 3 27.36 30.93 23.44
CA VAL B 3 28.57 31.73 23.32
C VAL B 3 28.51 32.64 22.09
N THR B 4 29.67 32.91 21.48
CA THR B 4 29.73 33.78 20.30
C THR B 4 29.01 33.17 19.11
N ASP B 5 28.58 34.02 18.19
CA ASP B 5 27.80 33.58 17.05
C ASP B 5 28.73 33.11 15.93
N PRO B 6 28.30 32.14 15.11
CA PRO B 6 29.18 31.63 14.07
C PRO B 6 29.32 32.58 12.90
N GLU B 7 30.55 32.70 12.40
CA GLU B 7 30.80 33.50 11.21
C GLU B 7 30.41 32.75 9.94
N ALA B 8 30.49 31.43 9.98
CA ALA B 8 30.04 30.58 8.89
C ALA B 8 29.40 29.33 9.49
N LEU B 9 28.79 28.53 8.61
CA LEU B 9 28.04 27.35 9.04
C LEU B 9 28.40 26.20 8.12
N LEU B 10 29.39 25.42 8.51
CA LEU B 10 29.84 24.28 7.71
C LEU B 10 28.83 23.16 7.86
N LEU B 11 28.61 22.41 6.78
CA LEU B 11 27.75 21.24 6.81
C LEU B 11 28.58 20.02 6.46
N LEU B 12 28.91 19.23 7.47
CA LEU B 12 29.32 17.87 7.19
C LEU B 12 28.12 17.11 6.66
N PRO B 13 28.27 16.33 5.60
CA PRO B 13 27.13 15.70 4.96
C PRO B 13 26.59 14.51 5.73
N ARG B 14 25.77 13.70 5.10
CA ARG B 14 25.28 12.48 5.72
C ARG B 14 26.42 11.54 6.08
N LEU B 15 26.68 11.42 7.38
CA LEU B 15 27.79 10.62 7.91
C LEU B 15 27.23 9.34 8.46
N SER B 16 27.75 8.21 8.00
CA SER B 16 27.30 6.92 8.48
C SER B 16 28.19 6.49 9.65
N ILE B 17 27.57 6.17 10.78
CA ILE B 17 28.25 5.72 11.98
C ILE B 17 27.74 4.32 12.27
N GLN B 18 28.65 3.35 12.36
CA GLN B 18 28.11 2.00 12.34
C GLN B 18 27.77 1.47 13.72
N ASN B 19 28.59 1.65 14.76
CA ASN B 19 28.20 1.15 16.07
C ASN B 19 28.36 2.26 17.09
N ALA B 20 27.39 3.17 17.12
CA ALA B 20 27.42 4.25 18.07
C ALA B 20 26.89 3.75 19.41
N ASN B 21 27.16 4.50 20.47
CA ASN B 21 26.70 4.11 21.79
C ASN B 21 25.21 4.41 21.90
N ALA B 22 24.39 3.36 21.87
CA ALA B 22 22.96 3.57 22.02
C ALA B 22 22.58 3.83 23.46
N ILE B 23 23.47 3.50 24.41
CA ILE B 23 23.29 3.83 25.82
C ILE B 23 23.73 5.28 25.99
N SER B 24 22.81 6.23 25.95
CA SER B 24 23.18 7.61 26.14
C SER B 24 23.53 7.89 27.59
N SER B 25 22.81 7.28 28.50
CA SER B 25 22.82 7.70 29.89
C SER B 25 22.31 6.55 30.75
N PRO B 26 22.46 6.59 32.06
CA PRO B 26 21.84 5.57 32.91
C PRO B 26 20.33 5.54 32.90
N LEU B 27 19.67 6.58 32.41
CA LEU B 27 18.22 6.61 32.35
C LEU B 27 17.67 6.57 30.94
N THR B 28 18.45 6.94 29.92
CA THR B 28 17.98 6.98 28.56
C THR B 28 18.80 6.05 27.67
N TRP B 29 18.13 5.42 26.71
CA TRP B 29 18.78 4.72 25.61
C TRP B 29 18.26 5.32 24.31
N GLY B 30 18.97 5.02 23.23
CA GLY B 30 18.49 5.42 21.94
C GLY B 30 19.51 6.17 21.12
N PHE B 31 19.21 7.40 20.80
CA PHE B 31 20.18 8.25 20.15
C PHE B 31 21.29 8.58 21.14
N PRO B 32 22.54 8.67 20.69
CA PRO B 32 23.63 8.99 21.61
C PRO B 32 23.49 10.40 22.15
N SER B 33 24.23 10.65 23.22
CA SER B 33 24.14 11.92 23.93
C SER B 33 24.67 13.03 23.04
N PRO B 34 24.12 14.24 23.15
CA PRO B 34 24.65 15.38 22.38
C PRO B 34 26.05 15.75 22.78
N GLY B 35 26.47 15.41 24.00
CA GLY B 35 27.85 15.56 24.42
C GLY B 35 28.85 14.83 23.57
N ALA B 36 28.44 13.71 22.97
CA ALA B 36 29.30 13.03 21.99
C ALA B 36 29.55 13.91 20.79
N PHE B 37 28.53 14.60 20.31
CA PHE B 37 28.70 15.43 19.13
C PHE B 37 29.47 16.71 19.44
N THR B 38 29.24 17.30 20.60
CA THR B 38 30.01 18.49 20.97
C THR B 38 31.46 18.13 21.26
N GLY B 39 31.71 16.98 21.87
CA GLY B 39 33.07 16.54 22.06
C GLY B 39 33.74 16.14 20.76
N PHE B 40 32.96 15.65 19.80
CA PHE B 40 33.50 15.34 18.48
C PHE B 40 33.92 16.60 17.75
N VAL B 41 33.09 17.64 17.83
CA VAL B 41 33.43 18.91 17.20
C VAL B 41 34.63 19.55 17.88
N HIS B 42 34.74 19.40 19.20
CA HIS B 42 35.94 19.90 19.86
C HIS B 42 37.18 19.07 19.53
N ALA B 43 37.01 17.78 19.25
CA ALA B 43 38.14 16.99 18.80
C ALA B 43 38.56 17.37 17.38
N LEU B 44 37.58 17.71 16.54
CA LEU B 44 37.88 18.25 15.22
C LEU B 44 38.63 19.56 15.32
N GLN B 45 38.22 20.43 16.24
CA GLN B 45 38.93 21.68 16.45
C GLN B 45 40.34 21.44 16.95
N ARG B 46 40.49 20.51 17.89
CA ARG B 46 41.78 20.11 18.43
C ARG B 46 42.70 19.51 17.39
N ARG B 47 42.16 18.93 16.32
CA ARG B 47 43.01 18.25 15.35
C ARG B 47 43.23 18.99 14.05
N VAL B 48 42.30 19.83 13.59
CA VAL B 48 42.58 20.64 12.39
C VAL B 48 42.31 22.13 12.60
N GLY B 49 41.51 22.47 13.60
CA GLY B 49 41.16 23.87 13.80
C GLY B 49 42.34 24.72 14.24
N ILE B 50 43.32 24.11 14.89
CA ILE B 50 44.55 24.83 15.24
C ILE B 50 45.47 24.99 14.04
N SER B 51 45.23 24.27 12.95
CA SER B 51 46.05 24.37 11.75
C SER B 51 45.42 25.24 10.69
N LEU B 52 44.09 25.25 10.59
CA LEU B 52 43.42 26.13 9.65
C LEU B 52 43.05 27.47 10.26
N ASP B 53 43.45 27.72 11.51
CA ASP B 53 43.25 28.99 12.22
C ASP B 53 41.78 29.37 12.32
N ILE B 54 40.93 28.36 12.47
CA ILE B 54 39.50 28.54 12.63
C ILE B 54 39.10 27.95 13.97
N GLU B 55 37.89 28.29 14.40
CA GLU B 55 37.36 27.78 15.67
C GLU B 55 36.03 27.10 15.36
N LEU B 56 36.08 25.79 15.13
CA LEU B 56 34.88 24.99 14.95
C LEU B 56 34.18 24.88 16.30
N ASP B 57 32.95 25.36 16.38
CA ASP B 57 32.29 25.43 17.67
C ASP B 57 30.78 25.33 17.47
N GLY B 58 30.14 24.46 18.26
CA GLY B 58 28.72 24.21 18.09
C GLY B 58 28.47 23.13 17.09
N VAL B 59 27.34 22.44 17.19
CA VAL B 59 27.04 21.33 16.29
C VAL B 59 25.54 21.18 16.15
N GLY B 60 25.07 21.05 14.91
CA GLY B 60 23.66 20.78 14.67
C GLY B 60 23.46 19.34 14.26
N ILE B 61 22.61 18.64 14.99
CA ILE B 61 22.42 17.20 14.82
C ILE B 61 21.16 16.97 14.01
N VAL B 62 21.25 16.19 12.93
CA VAL B 62 20.14 16.03 12.01
C VAL B 62 19.59 14.60 11.95
N CYS B 63 20.45 13.58 11.88
CA CYS B 63 20.05 12.16 11.99
C CYS B 63 19.05 11.75 10.90
N HIS B 64 19.57 11.62 9.68
CA HIS B 64 18.75 11.20 8.55
C HIS B 64 18.11 9.84 8.78
N ARG B 65 18.84 8.91 9.39
CA ARG B 65 18.25 7.62 9.74
C ARG B 65 18.97 7.04 10.94
N PHE B 66 18.30 6.13 11.63
CA PHE B 66 18.77 5.59 12.89
C PHE B 66 18.27 4.16 12.97
N GLU B 67 19.09 3.27 13.51
CA GLU B 67 18.70 1.89 13.71
C GLU B 67 19.44 1.31 14.89
N ALA B 68 18.77 1.17 16.02
CA ALA B 68 19.39 0.56 17.18
C ALA B 68 19.45 -0.94 16.98
N GLN B 69 20.57 -1.53 17.33
CA GLN B 69 20.72 -2.98 17.29
C GLN B 69 20.06 -3.55 18.54
N ILE B 70 18.74 -3.63 18.46
CA ILE B 70 17.92 -4.09 19.55
C ILE B 70 17.13 -5.30 19.08
N SER B 71 16.42 -5.91 20.01
CA SER B 71 15.52 -7.00 19.66
C SER B 71 14.45 -7.08 20.74
N GLN B 72 13.20 -7.06 20.33
CA GLN B 72 12.12 -7.20 21.28
C GLN B 72 11.93 -8.68 21.58
N PRO B 73 12.05 -9.11 22.84
CA PRO B 73 11.90 -10.53 23.14
C PRO B 73 10.45 -10.97 23.02
N ALA B 74 10.25 -12.28 22.96
CA ALA B 74 8.91 -12.82 22.79
C ALA B 74 8.10 -12.68 24.07
N GLY B 75 6.96 -12.03 23.96
CA GLY B 75 6.07 -11.88 25.09
C GLY B 75 6.33 -10.68 25.98
N LYS B 76 7.25 -9.81 25.60
CA LYS B 76 7.58 -8.63 26.38
C LYS B 76 7.33 -7.38 25.56
N ARG B 77 6.97 -6.30 26.24
CA ARG B 77 6.81 -5.02 25.57
C ARG B 77 8.14 -4.29 25.45
N THR B 78 9.08 -4.63 26.31
CA THR B 78 10.37 -3.96 26.35
C THR B 78 11.31 -4.52 25.28
N LYS B 79 12.53 -3.99 25.25
CA LYS B 79 13.56 -4.38 24.31
C LYS B 79 14.84 -4.75 25.04
N VAL B 80 15.70 -5.49 24.37
CA VAL B 80 17.04 -5.79 24.87
C VAL B 80 18.03 -5.46 23.77
N PHE B 81 19.31 -5.56 24.08
CA PHE B 81 20.36 -5.14 23.17
C PHE B 81 21.11 -6.33 22.61
N ASN B 82 21.37 -6.28 21.31
CA ASN B 82 22.21 -7.29 20.68
C ASN B 82 23.66 -7.00 21.05
N LEU B 83 24.32 -7.98 21.63
CA LEU B 83 25.65 -7.80 22.17
C LEU B 83 26.69 -8.32 21.19
N THR B 84 27.95 -8.18 21.58
CA THR B 84 29.07 -8.77 20.87
C THR B 84 29.64 -9.89 21.73
N ARG B 85 30.40 -10.76 21.11
CA ARG B 85 31.05 -11.85 21.81
C ARG B 85 32.49 -11.47 22.05
N ASN B 86 32.79 -11.05 23.27
CA ASN B 86 34.13 -10.69 23.68
C ASN B 86 34.98 -11.96 23.75
N PRO B 87 36.31 -11.84 23.69
CA PRO B 87 37.15 -13.03 23.79
C PRO B 87 37.11 -13.67 25.16
N LEU B 88 37.68 -14.86 25.23
CA LEU B 88 37.73 -15.60 26.48
C LEU B 88 38.83 -15.07 27.37
N ASN B 89 38.88 -15.53 28.62
CA ASN B 89 39.94 -15.16 29.53
C ASN B 89 41.13 -16.09 29.28
N ARG B 90 42.11 -16.05 30.18
CA ARG B 90 43.33 -16.82 29.97
C ARG B 90 43.11 -18.30 30.28
N ASP B 91 42.00 -18.64 30.91
CA ASP B 91 41.71 -20.04 31.18
C ASP B 91 40.72 -20.65 30.19
N GLY B 92 40.13 -19.83 29.33
CA GLY B 92 39.13 -20.32 28.40
C GLY B 92 37.70 -20.12 28.85
N SER B 93 37.48 -19.51 30.00
CA SER B 93 36.13 -19.27 30.47
C SER B 93 35.54 -18.06 29.76
N THR B 94 34.21 -18.08 29.60
CA THR B 94 33.52 -16.93 29.04
C THR B 94 33.56 -15.77 30.02
N ALA B 95 33.98 -14.60 29.53
CA ALA B 95 34.08 -13.43 30.38
C ALA B 95 32.70 -12.93 30.77
N ALA B 96 32.65 -12.12 31.82
CA ALA B 96 31.39 -11.55 32.28
C ALA B 96 30.91 -10.52 31.27
N ILE B 97 29.69 -10.72 30.78
CA ILE B 97 29.16 -9.90 29.70
C ILE B 97 28.78 -8.53 30.23
N VAL B 98 29.33 -7.49 29.64
CA VAL B 98 28.97 -6.11 29.95
C VAL B 98 28.15 -5.59 28.79
N GLU B 99 26.91 -5.25 29.04
CA GLU B 99 25.98 -4.88 27.97
C GLU B 99 26.30 -3.50 27.43
N GLU B 100 26.69 -3.44 26.17
CA GLU B 100 26.87 -2.20 25.46
C GLU B 100 25.84 -2.12 24.35
N GLY B 101 25.18 -0.97 24.23
CA GLY B 101 24.25 -0.74 23.14
C GLY B 101 25.01 -0.33 21.90
N ARG B 102 24.54 -0.77 20.76
CA ARG B 102 25.12 -0.37 19.49
C ARG B 102 24.00 0.09 18.58
N ALA B 103 24.29 1.07 17.73
CA ALA B 103 23.27 1.61 16.85
C ALA B 103 23.94 2.11 15.58
N HIS B 104 23.21 2.05 14.48
CA HIS B 104 23.68 2.52 13.20
C HIS B 104 23.00 3.84 12.90
N LEU B 105 23.79 4.89 12.77
CA LEU B 105 23.28 6.24 12.60
C LEU B 105 23.63 6.73 11.21
N GLU B 106 22.85 7.69 10.73
CA GLU B 106 23.23 8.47 9.55
C GLU B 106 22.86 9.91 9.89
N VAL B 107 23.83 10.65 10.44
CA VAL B 107 23.62 12.02 10.86
C VAL B 107 24.39 12.94 9.94
N SER B 108 24.06 14.22 9.98
CA SER B 108 24.84 15.27 9.35
C SER B 108 25.03 16.38 10.37
N LEU B 109 26.22 16.93 10.43
CA LEU B 109 26.58 17.86 11.48
C LEU B 109 26.70 19.27 10.93
N LEU B 110 25.80 20.13 11.36
CA LEU B 110 25.92 21.57 11.13
C LEU B 110 26.80 22.14 12.21
N LEU B 111 28.09 22.27 11.94
CA LEU B 111 29.01 22.79 12.92
C LEU B 111 29.35 24.24 12.57
N GLY B 112 29.28 25.11 13.57
CA GLY B 112 29.60 26.51 13.33
C GLY B 112 31.09 26.74 13.36
N VAL B 113 31.57 27.56 12.44
CA VAL B 113 33.00 27.87 12.33
C VAL B 113 33.13 29.39 12.29
N HIS B 114 34.07 29.91 13.08
CA HIS B 114 34.46 31.32 13.02
C HIS B 114 35.95 31.44 13.24
N GLY B 115 36.56 32.40 12.58
CA GLY B 115 37.97 32.68 12.81
C GLY B 115 38.55 33.45 11.65
N ASP B 116 39.87 33.65 11.72
CA ASP B 116 40.60 34.36 10.69
C ASP B 116 41.03 33.44 9.56
N GLY B 117 40.73 32.14 9.66
CA GLY B 117 41.13 31.23 8.62
C GLY B 117 40.17 31.20 7.44
N LEU B 118 39.00 31.83 7.62
CA LEU B 118 38.01 31.88 6.55
C LEU B 118 38.51 32.73 5.39
N ASP B 119 39.29 33.77 5.69
CA ASP B 119 39.76 34.68 4.65
C ASP B 119 41.06 34.18 4.04
N ASP B 120 41.78 33.31 4.74
CA ASP B 120 43.07 32.87 4.25
C ASP B 120 42.93 31.76 3.21
N HIS B 121 41.97 30.88 3.39
CA HIS B 121 41.78 29.71 2.54
C HIS B 121 40.42 29.77 1.85
N PRO B 122 40.26 29.07 0.72
CA PRO B 122 38.93 28.93 0.14
C PRO B 122 38.02 28.11 1.04
N ALA B 123 36.71 28.34 0.89
CA ALA B 123 35.73 27.65 1.72
C ALA B 123 35.71 26.16 1.44
N GLN B 124 35.78 25.78 0.17
CA GLN B 124 35.81 24.37 -0.19
C GLN B 124 37.08 23.68 0.29
N GLU B 125 38.16 24.45 0.43
CA GLU B 125 39.41 23.88 0.89
C GLU B 125 39.32 23.45 2.35
N ILE B 126 38.81 24.34 3.21
CA ILE B 126 38.71 23.98 4.63
C ILE B 126 37.58 22.97 4.84
N ALA B 127 36.58 23.00 3.96
CA ALA B 127 35.51 22.02 4.04
C ALA B 127 36.03 20.62 3.71
N ARG B 128 36.85 20.51 2.67
CA ARG B 128 37.46 19.25 2.32
C ARG B 128 38.48 18.81 3.37
N GLN B 129 39.15 19.78 4.01
CA GLN B 129 40.11 19.43 5.06
C GLN B 129 39.41 18.81 6.26
N VAL B 130 38.33 19.43 6.75
CA VAL B 130 37.67 18.85 7.91
C VAL B 130 36.90 17.59 7.53
N GLN B 131 36.52 17.43 6.26
CA GLN B 131 35.90 16.16 5.89
C GLN B 131 36.92 15.03 5.82
N GLU B 132 38.10 15.30 5.27
CA GLU B 132 39.14 14.29 5.27
C GLU B 132 39.67 13.99 6.66
N GLN B 133 39.55 14.93 7.60
CA GLN B 133 39.88 14.60 8.97
C GLN B 133 38.79 13.79 9.64
N ALA B 134 37.51 14.14 9.44
CA ALA B 134 36.42 13.42 10.07
C ALA B 134 36.23 12.03 9.49
N GLY B 135 36.78 11.76 8.30
CA GLY B 135 36.76 10.41 7.79
C GLY B 135 37.57 9.40 8.61
N ALA B 136 38.54 9.86 9.39
CA ALA B 136 39.36 8.98 10.21
C ALA B 136 39.06 9.09 11.69
N MET B 137 37.81 9.41 12.02
CA MET B 137 37.43 9.63 13.42
C MET B 137 36.27 8.74 13.81
N ARG B 138 35.72 8.98 15.00
CA ARG B 138 34.58 8.22 15.48
C ARG B 138 33.69 9.16 16.28
N LEU B 139 32.39 8.90 16.25
CA LEU B 139 31.42 9.89 16.67
C LEU B 139 30.72 9.57 17.98
N ALA B 140 30.38 8.32 18.26
CA ALA B 140 29.87 8.02 19.58
C ALA B 140 30.40 6.68 20.04
N GLY B 141 31.67 6.42 19.78
CA GLY B 141 32.18 5.09 19.88
C GLY B 141 32.02 4.28 18.62
N GLY B 142 31.47 4.85 17.58
CA GLY B 142 31.22 4.14 16.33
C GLY B 142 32.05 4.73 15.20
N SER B 143 32.53 3.84 14.34
CA SER B 143 33.38 4.24 13.25
C SER B 143 32.57 5.03 12.22
N ILE B 144 33.21 6.00 11.60
CA ILE B 144 32.56 6.83 10.59
C ILE B 144 32.77 6.14 9.25
N LEU B 145 31.68 5.69 8.63
CA LEU B 145 31.79 5.03 7.35
C LEU B 145 31.95 6.06 6.24
N PRO B 146 32.94 5.91 5.38
CA PRO B 146 33.42 7.03 4.56
C PRO B 146 32.87 7.13 3.15
N TRP B 147 31.81 6.39 2.79
CA TRP B 147 31.12 6.50 1.50
C TRP B 147 32.04 6.20 0.33
N CYS B 148 32.41 4.93 0.21
CA CYS B 148 33.24 4.50 -0.90
C CYS B 148 32.42 3.71 -1.92
N ASN B 149 32.56 4.10 -3.19
CA ASN B 149 32.09 3.37 -4.37
C ASN B 149 30.56 3.24 -4.39
N GLU B 150 29.88 4.26 -3.90
CA GLU B 150 28.46 4.43 -4.14
C GLU B 150 28.28 5.26 -5.40
N ARG B 151 27.10 5.84 -5.57
CA ARG B 151 26.78 6.59 -6.78
C ARG B 151 27.61 7.87 -6.87
N PHE B 152 27.60 8.69 -5.81
CA PHE B 152 28.36 9.93 -5.80
C PHE B 152 28.59 10.31 -4.35
N PRO B 153 29.78 10.82 -4.01
CA PRO B 153 30.03 11.22 -2.63
C PRO B 153 29.29 12.50 -2.28
N ALA B 154 28.72 12.56 -1.10
CA ALA B 154 28.04 13.78 -0.70
C ALA B 154 29.08 14.81 -0.25
N PRO B 155 29.26 15.91 -0.98
CA PRO B 155 30.36 16.83 -0.65
C PRO B 155 29.96 17.81 0.44
N ASN B 156 30.79 18.80 0.70
CA ASN B 156 30.45 19.80 1.70
C ASN B 156 29.95 21.08 1.05
N ALA B 157 29.39 21.95 1.89
CA ALA B 157 29.10 23.32 1.52
C ALA B 157 29.22 24.18 2.77
N GLU B 158 30.28 24.95 2.86
CA GLU B 158 30.43 25.90 3.95
C GLU B 158 29.66 27.16 3.57
N LEU B 159 28.46 27.28 4.12
CA LEU B 159 27.65 28.48 3.94
C LEU B 159 28.22 29.60 4.80
N LEU B 160 28.50 30.72 4.17
CA LEU B 160 28.90 31.90 4.94
C LEU B 160 27.69 32.51 5.61
N MET B 161 27.76 32.66 6.94
CA MET B 161 26.60 33.14 7.69
C MET B 161 26.38 34.63 7.46
N LEU B 162 27.42 35.36 7.08
CA LEU B 162 27.23 36.76 6.72
C LEU B 162 26.66 36.86 5.32
N GLY B 163 25.43 37.35 5.23
CA GLY B 163 24.75 37.47 3.96
C GLY B 163 24.74 38.91 3.48
N GLY B 164 24.72 39.07 2.16
CA GLY B 164 24.63 40.39 1.57
C GLY B 164 23.28 41.03 1.81
N SER B 165 22.25 40.22 2.01
CA SER B 165 20.93 40.71 2.34
C SER B 165 20.30 39.78 3.37
N ASP B 166 19.10 40.13 3.79
CA ASP B 166 18.27 39.16 4.50
C ASP B 166 17.71 38.13 3.53
N GLU B 167 17.48 38.54 2.28
CA GLU B 167 16.92 37.63 1.29
C GLU B 167 17.96 36.61 0.83
N GLN B 168 19.22 37.05 0.65
CA GLN B 168 20.28 36.12 0.29
C GLN B 168 20.58 35.15 1.42
N ARG B 169 20.52 35.64 2.66
CA ARG B 169 20.68 34.80 3.84
C ARG B 169 19.58 33.75 3.93
N ARG B 170 18.32 34.16 3.74
CA ARG B 170 17.24 33.20 3.76
C ARG B 170 17.29 32.26 2.55
N LYS B 171 17.83 32.73 1.43
CA LYS B 171 17.86 31.92 0.23
C LYS B 171 18.87 30.78 0.34
N ASN B 172 20.11 31.10 0.74
CA ASN B 172 21.07 30.00 0.87
C ASN B 172 20.81 29.18 2.15
N GLN B 173 20.14 29.77 3.14
CA GLN B 173 19.70 28.98 4.28
C GLN B 173 18.64 27.97 3.88
N ARG B 174 17.72 28.37 3.00
CA ARG B 174 16.73 27.45 2.47
C ARG B 174 17.38 26.40 1.57
N ARG B 175 18.44 26.79 0.85
CA ARG B 175 19.20 25.84 0.05
C ARG B 175 19.86 24.78 0.92
N LEU B 176 20.39 25.17 2.07
CA LEU B 176 21.02 24.23 2.99
C LEU B 176 19.97 23.36 3.67
N THR B 177 18.83 23.96 4.04
CA THR B 177 17.78 23.23 4.73
C THR B 177 17.12 22.22 3.80
N ARG B 178 17.11 22.49 2.50
CA ARG B 178 16.69 21.47 1.55
C ARG B 178 17.68 20.33 1.48
N ARG B 179 18.95 20.61 1.78
CA ARG B 179 19.95 19.56 1.70
C ARG B 179 19.90 18.64 2.90
N LEU B 180 19.69 19.18 4.10
CA LEU B 180 19.63 18.35 5.29
C LEU B 180 18.19 18.08 5.71
N LEU B 181 17.31 18.01 4.73
CA LEU B 181 15.88 17.89 4.93
C LEU B 181 15.35 16.50 5.33
N PRO B 182 15.87 15.34 4.81
CA PRO B 182 15.29 14.06 5.27
C PRO B 182 15.52 13.66 6.73
N GLY B 183 16.20 14.48 7.51
CA GLY B 183 16.48 14.20 8.89
C GLY B 183 15.52 14.87 9.84
N PHE B 184 15.97 15.03 11.09
CA PHE B 184 15.13 15.54 12.17
C PHE B 184 16.04 16.22 13.16
N ALA B 185 16.00 17.55 13.24
CA ALA B 185 16.98 18.26 14.05
C ALA B 185 16.68 18.10 15.54
N LEU B 186 17.73 17.95 16.35
CA LEU B 186 17.61 17.76 17.79
C LEU B 186 18.06 19.01 18.51
N VAL B 187 17.17 19.58 19.32
CA VAL B 187 17.43 20.82 20.03
C VAL B 187 17.12 20.61 21.51
N SER B 188 17.70 21.46 22.35
CA SER B 188 17.50 21.38 23.79
C SER B 188 16.35 22.29 24.20
N ARG B 189 15.34 21.70 24.82
CA ARG B 189 14.14 22.42 25.24
C ARG B 189 14.04 22.30 26.75
N GLU B 190 14.74 23.19 27.46
CA GLU B 190 14.71 23.15 28.91
C GLU B 190 13.73 24.15 29.51
N ALA B 191 13.39 25.20 28.76
CA ALA B 191 12.39 26.15 29.25
C ALA B 191 11.01 25.52 29.28
N LEU B 192 10.71 24.65 28.31
CA LEU B 192 9.44 23.95 28.32
C LEU B 192 9.39 22.96 29.48
N LEU B 193 10.52 22.32 29.81
CA LEU B 193 10.58 21.44 30.96
C LEU B 193 10.38 22.22 32.25
N GLN B 194 10.96 23.42 32.32
CA GLN B 194 10.81 24.24 33.53
C GLN B 194 9.37 24.72 33.71
N GLN B 195 8.73 25.17 32.63
CA GLN B 195 7.35 25.62 32.79
C GLN B 195 6.40 24.45 32.99
N HIS B 196 6.74 23.26 32.48
CA HIS B 196 5.95 22.08 32.79
C HIS B 196 6.10 21.69 34.25
N LEU B 197 7.30 21.89 34.81
CA LEU B 197 7.49 21.77 36.25
C LEU B 197 6.61 22.72 37.02
N GLU B 198 6.49 23.97 36.55
CA GLU B 198 5.67 24.94 37.26
C GLU B 198 4.18 24.57 37.22
N THR B 199 3.69 24.13 36.05
CA THR B 199 2.29 23.74 35.97
C THR B 199 2.01 22.46 36.76
N LEU B 200 2.96 21.52 36.77
CA LEU B 200 2.76 20.29 37.51
C LEU B 200 2.87 20.55 39.01
N ARG B 201 3.67 21.55 39.40
CA ARG B 201 3.75 21.91 40.81
C ARG B 201 2.49 22.64 41.25
N THR B 202 1.88 23.39 40.33
CA THR B 202 0.56 23.95 40.57
C THR B 202 -0.48 22.84 40.75
N THR B 203 -0.35 21.76 39.97
CA THR B 203 -1.27 20.63 40.10
C THR B 203 -1.13 19.94 41.45
N LEU B 204 0.05 19.40 41.74
CA LEU B 204 0.34 18.89 43.07
C LEU B 204 1.73 19.42 43.47
N PRO B 205 1.90 19.88 44.70
CA PRO B 205 3.16 20.55 45.05
C PRO B 205 4.27 19.53 45.29
N GLU B 206 5.43 20.08 45.71
CA GLU B 206 6.72 19.38 45.93
C GLU B 206 7.05 18.36 44.83
N ALA B 207 6.74 18.72 43.59
CA ALA B 207 7.01 17.84 42.45
C ALA B 207 8.41 18.15 41.94
N THR B 208 9.16 17.10 41.68
CA THR B 208 10.47 17.24 41.07
C THR B 208 10.32 17.37 39.56
N THR B 209 11.31 17.99 38.91
CA THR B 209 11.31 18.02 37.46
C THR B 209 11.85 16.73 36.87
N LEU B 210 12.37 15.84 37.71
CA LEU B 210 12.49 14.46 37.30
C LEU B 210 11.12 13.88 36.99
N ASP B 211 10.13 14.16 37.85
CA ASP B 211 8.77 13.69 37.61
C ASP B 211 8.12 14.43 36.47
N ALA B 212 8.49 15.70 36.26
CA ALA B 212 7.95 16.43 35.11
C ALA B 212 8.53 15.91 33.81
N LEU B 213 9.81 15.54 33.83
CA LEU B 213 10.45 14.88 32.69
C LEU B 213 9.77 13.55 32.40
N LEU B 214 9.54 12.75 33.44
CA LEU B 214 8.89 11.46 33.28
C LEU B 214 7.46 11.60 32.78
N ASP B 215 6.77 12.66 33.20
CA ASP B 215 5.43 12.92 32.71
C ASP B 215 5.45 13.35 31.26
N LEU B 216 6.50 14.05 30.85
CA LEU B 216 6.58 14.48 29.46
C LEU B 216 7.00 13.32 28.56
N CYS B 217 7.60 12.28 29.14
CA CYS B 217 7.96 11.12 28.33
C CYS B 217 6.78 10.19 28.11
N ARG B 218 6.08 9.83 29.18
CA ARG B 218 5.10 8.75 29.12
C ARG B 218 3.86 9.17 28.35
N ILE B 219 3.17 8.18 27.77
CA ILE B 219 1.86 8.40 27.20
C ILE B 219 0.80 8.16 28.26
N ASN B 220 0.51 9.19 29.04
CA ASN B 220 -0.46 9.08 30.12
C ASN B 220 -1.88 9.24 29.59
N PHE B 221 -2.81 8.48 30.18
CA PHE B 221 -4.19 8.48 29.75
C PHE B 221 -5.03 9.32 30.70
N GLU B 222 -6.06 9.97 30.16
CA GLU B 222 -6.95 10.80 30.97
C GLU B 222 -8.36 10.23 30.95
N PRO B 223 -9.08 10.32 32.07
CA PRO B 223 -10.49 9.94 32.07
C PRO B 223 -11.32 10.96 31.31
N PRO B 224 -12.54 10.60 30.89
CA PRO B 224 -13.38 11.58 30.21
C PRO B 224 -13.93 12.65 31.17
N TRP B 239 -12.00 7.93 27.28
CA TRP B 239 -10.58 8.08 27.60
C TRP B 239 -9.82 8.74 26.47
N GLN B 240 -8.88 9.60 26.82
CA GLN B 240 -8.11 10.36 25.84
C GLN B 240 -6.65 10.44 26.29
N VAL B 241 -5.73 10.20 25.36
CA VAL B 241 -4.31 10.36 25.65
C VAL B 241 -3.97 11.83 25.79
N ARG B 242 -2.94 12.13 26.57
CA ARG B 242 -2.49 13.51 26.65
C ARG B 242 -1.69 13.85 25.40
N ASP B 243 -2.04 14.96 24.77
CA ASP B 243 -1.30 15.43 23.62
C ASP B 243 0.07 15.95 24.06
N LYS B 244 1.05 15.77 23.19
CA LYS B 244 2.38 16.27 23.45
C LYS B 244 2.82 17.19 22.32
N PRO B 245 3.34 18.35 22.63
CA PRO B 245 3.86 19.23 21.58
C PRO B 245 5.19 18.73 21.03
N GLY B 246 5.16 18.15 19.83
CA GLY B 246 6.37 17.68 19.18
C GLY B 246 6.88 16.37 19.75
N TRP B 247 8.05 15.97 19.26
CA TRP B 247 8.69 14.73 19.66
C TRP B 247 9.61 15.00 20.85
N LEU B 248 9.02 14.95 22.03
CA LEU B 248 9.75 15.25 23.25
C LEU B 248 10.45 14.02 23.79
N VAL B 249 11.76 14.13 23.99
CA VAL B 249 12.58 13.01 24.45
C VAL B 249 13.39 13.43 25.67
N PRO B 250 13.83 12.51 26.52
CA PRO B 250 14.82 12.86 27.55
C PRO B 250 16.24 12.72 27.03
N ILE B 251 17.05 13.72 27.32
CA ILE B 251 18.45 13.67 26.89
C ILE B 251 19.33 13.87 28.12
N PRO B 252 20.54 13.40 28.12
CA PRO B 252 21.49 13.77 29.18
C PRO B 252 22.11 15.12 28.91
N ALA B 253 21.72 16.11 29.69
CA ALA B 253 22.19 17.48 29.48
C ALA B 253 23.39 17.80 30.37
N GLY B 254 24.42 16.99 30.24
CA GLY B 254 25.68 17.29 30.90
C GLY B 254 25.84 16.61 32.25
N TYR B 255 26.82 17.10 33.00
CA TYR B 255 27.22 16.48 34.25
C TYR B 255 27.18 17.48 35.40
N ASN B 256 26.97 16.96 36.60
CA ASN B 256 26.94 17.75 37.82
C ASN B 256 27.99 17.20 38.78
N ALA B 257 28.57 18.09 39.58
CA ALA B 257 29.67 17.72 40.45
C ALA B 257 29.22 16.83 41.59
N LEU B 258 29.95 15.75 41.82
CA LEU B 258 29.80 14.97 43.05
C LEU B 258 30.97 15.15 43.99
N SER B 259 32.09 15.63 43.48
CA SER B 259 33.34 15.70 44.22
C SER B 259 33.92 17.10 44.10
N PRO B 260 34.74 17.51 45.05
CA PRO B 260 35.60 18.67 44.83
C PRO B 260 36.58 18.39 43.69
N LEU B 261 36.93 19.45 42.98
CA LEU B 261 37.85 19.33 41.86
C LEU B 261 39.24 18.98 42.37
N TYR B 262 39.71 17.80 42.01
CA TYR B 262 41.01 17.33 42.46
C TYR B 262 42.13 17.93 41.63
N LEU B 263 43.33 17.85 42.16
CA LEU B 263 44.50 18.32 41.45
C LEU B 263 44.85 17.34 40.34
N PRO B 264 45.62 17.78 39.32
CA PRO B 264 46.03 16.85 38.25
C PRO B 264 46.78 15.61 38.71
N GLY B 265 47.85 15.78 39.46
CA GLY B 265 48.58 14.61 39.94
C GLY B 265 48.15 14.18 41.32
N GLU B 266 46.85 14.08 41.56
CA GLU B 266 46.35 13.73 42.89
C GLU B 266 45.47 12.50 42.90
N VAL B 267 44.58 12.38 41.96
CA VAL B 267 43.67 11.25 41.88
C VAL B 267 44.41 10.07 41.28
N ARG B 268 44.13 8.88 41.79
CA ARG B 268 44.79 7.68 41.35
C ARG B 268 44.08 7.13 40.11
N ASN B 269 44.89 6.74 39.11
CA ASN B 269 44.44 6.13 37.84
C ASN B 269 43.55 7.07 37.03
N ALA B 270 44.02 8.29 36.82
CA ALA B 270 43.30 9.19 35.92
C ALA B 270 43.66 8.86 34.48
N ARG B 271 43.10 9.64 33.54
CA ARG B 271 43.53 9.49 32.15
C ARG B 271 44.91 10.11 31.94
N ASP B 272 45.15 11.26 32.56
CA ASP B 272 46.44 11.92 32.48
C ASP B 272 46.67 12.64 33.78
N ARG B 273 47.92 13.03 34.01
CA ARG B 273 48.29 13.70 35.25
C ARG B 273 48.58 15.17 35.03
N GLU B 274 48.03 15.75 33.96
CA GLU B 274 48.09 17.18 33.74
C GLU B 274 46.71 17.80 33.61
N THR B 275 45.66 17.11 34.04
CA THR B 275 44.30 17.59 33.94
C THR B 275 43.58 17.36 35.26
N PRO B 276 42.89 18.36 35.80
CA PRO B 276 42.18 18.17 37.06
C PRO B 276 40.96 17.27 36.86
N LEU B 277 40.73 16.39 37.82
CA LEU B 277 39.63 15.44 37.75
C LEU B 277 38.56 15.79 38.78
N ARG B 278 37.33 15.38 38.50
CA ARG B 278 36.23 15.59 39.41
C ARG B 278 35.18 14.53 39.13
N PHE B 279 34.80 13.76 40.14
CA PHE B 279 33.79 12.73 39.95
C PHE B 279 32.43 13.37 39.75
N VAL B 280 31.74 13.01 38.67
CA VAL B 280 30.51 13.70 38.33
C VAL B 280 29.35 12.74 38.14
N GLU B 281 28.22 13.27 37.72
CA GLU B 281 26.99 12.53 37.61
C GLU B 281 26.11 13.24 36.61
N ASN B 282 25.38 12.47 35.81
CA ASN B 282 24.60 12.97 34.68
C ASN B 282 23.48 13.91 35.13
N LEU B 283 23.08 14.75 34.20
CA LEU B 283 21.97 15.69 34.40
C LEU B 283 21.02 15.49 33.24
N PHE B 284 19.79 15.11 33.53
CA PHE B 284 18.86 14.71 32.48
C PHE B 284 17.92 15.86 32.16
N GLY B 285 18.17 16.52 31.04
CA GLY B 285 17.29 17.58 30.60
C GLY B 285 16.20 17.05 29.70
N LEU B 286 15.81 17.84 28.69
CA LEU B 286 14.80 17.41 27.74
C LEU B 286 15.19 17.96 26.37
N GLY B 287 14.90 17.17 25.34
CA GLY B 287 15.14 17.56 23.97
C GLY B 287 13.91 17.34 23.11
N GLU B 288 13.95 17.90 21.91
CA GLU B 288 12.78 17.88 21.04
C GLU B 288 13.26 17.65 19.61
N TRP B 289 12.77 16.57 19.00
CA TRP B 289 13.11 16.24 17.63
C TRP B 289 12.13 16.93 16.72
N LEU B 290 12.60 17.92 15.98
CA LEU B 290 11.74 18.68 15.08
C LEU B 290 12.36 18.70 13.70
N SER B 291 11.54 18.98 12.71
CA SER B 291 12.02 19.09 11.35
C SER B 291 12.85 20.37 11.22
N PRO B 292 13.92 20.36 10.43
CA PRO B 292 14.88 21.46 10.50
C PRO B 292 14.41 22.76 9.87
N HIS B 293 13.31 22.76 9.12
CA HIS B 293 12.84 24.00 8.54
C HIS B 293 11.84 24.72 9.45
N ARG B 294 11.62 24.21 10.66
CA ARG B 294 10.72 24.90 11.58
C ARG B 294 11.41 26.10 12.22
N VAL B 295 12.73 26.08 12.32
CA VAL B 295 13.41 27.02 13.21
C VAL B 295 13.59 28.37 12.53
N ALA B 296 13.61 28.38 11.20
CA ALA B 296 13.84 29.52 10.32
C ALA B 296 15.15 30.25 10.58
N ALA B 297 16.09 29.66 11.31
CA ALA B 297 17.40 30.25 11.57
C ALA B 297 18.35 29.10 11.92
N LEU B 298 19.19 28.71 10.96
CA LEU B 298 20.14 27.63 11.19
C LEU B 298 21.39 28.10 11.92
N SER B 299 21.53 29.41 12.14
CA SER B 299 22.54 29.91 13.06
C SER B 299 22.28 29.43 14.47
N ASP B 300 21.01 29.17 14.80
CA ASP B 300 20.61 28.51 16.03
C ASP B 300 20.84 27.02 15.88
N LEU B 301 20.11 26.24 16.68
CA LEU B 301 20.12 24.75 16.64
C LEU B 301 21.55 24.19 16.66
N LEU B 302 22.47 24.84 17.40
CA LEU B 302 23.83 24.35 17.56
C LEU B 302 24.10 24.10 19.03
N TRP B 303 24.76 22.98 19.31
CA TRP B 303 24.96 22.53 20.68
C TRP B 303 26.32 22.99 21.17
N TYR B 304 26.35 23.79 22.22
CA TYR B 304 27.58 24.37 22.72
C TYR B 304 27.95 23.80 24.08
N HIS B 305 29.05 24.30 24.62
CA HIS B 305 29.62 23.82 25.87
C HIS B 305 29.54 24.91 26.93
N HIS B 306 28.89 24.61 28.04
CA HIS B 306 28.76 25.54 29.15
C HIS B 306 29.23 24.86 30.43
N ALA B 307 30.40 25.26 30.92
CA ALA B 307 31.00 24.54 32.03
C ALA B 307 30.61 25.14 33.38
N GLU B 308 30.99 26.39 33.62
CA GLU B 308 30.97 27.02 34.93
C GLU B 308 31.66 26.13 35.96
N PRO B 309 32.98 26.01 35.92
CA PRO B 309 33.64 24.92 36.65
C PRO B 309 33.70 25.08 38.14
N ASP B 310 33.47 26.29 38.67
CA ASP B 310 33.57 26.50 40.11
C ASP B 310 32.40 25.86 40.85
N LYS B 311 31.26 25.75 40.19
CA LYS B 311 30.05 25.19 40.77
C LYS B 311 29.89 23.72 40.45
N GLY B 312 30.47 23.26 39.34
CA GLY B 312 30.10 21.97 38.77
C GLY B 312 29.46 22.22 37.43
N LEU B 313 28.30 21.59 37.20
CA LEU B 313 27.33 22.03 36.19
C LEU B 313 27.89 22.03 34.77
N TYR B 314 28.77 21.08 34.48
CA TYR B 314 29.31 20.91 33.13
C TYR B 314 28.18 20.41 32.25
N ARG B 315 27.70 21.25 31.33
CA ARG B 315 26.50 20.92 30.61
C ARG B 315 26.57 21.44 29.18
N TRP B 316 25.70 20.89 28.35
CA TRP B 316 25.55 21.29 26.97
C TRP B 316 24.09 21.57 26.69
N SER B 317 23.85 22.49 25.77
CA SER B 317 22.49 22.87 25.40
C SER B 317 22.56 23.53 24.03
N THR B 318 21.41 23.91 23.50
CA THR B 318 21.33 24.76 22.32
C THR B 318 20.91 26.15 22.77
N PRO B 319 21.84 27.03 23.12
CA PRO B 319 21.45 28.40 23.44
C PRO B 319 21.13 29.13 22.15
N ARG B 320 20.49 30.30 22.32
CA ARG B 320 19.91 31.09 21.23
C ARG B 320 18.94 30.28 20.39
N PHE B 321 18.20 29.35 20.98
CA PHE B 321 17.23 28.60 20.21
C PHE B 321 15.95 29.41 20.01
N VAL B 322 15.26 29.74 21.11
CA VAL B 322 14.03 30.50 21.02
C VAL B 322 14.28 31.94 21.44
N MET C 3 27.66 47.92 -53.83
CA MET C 3 27.02 49.01 -54.54
C MET C 3 26.96 50.28 -53.69
N ASP C 4 26.56 51.38 -54.30
CA ASP C 4 26.58 52.67 -53.64
C ASP C 4 25.21 53.04 -53.06
N HIS C 5 24.15 52.37 -53.48
CA HIS C 5 22.82 52.65 -52.94
C HIS C 5 22.36 51.48 -52.09
N TYR C 6 21.61 51.79 -51.04
CA TYR C 6 21.08 50.76 -50.15
C TYR C 6 19.66 51.12 -49.77
N LEU C 7 18.88 50.08 -49.45
CA LEU C 7 17.53 50.20 -48.92
C LEU C 7 17.41 49.35 -47.68
N ASP C 8 16.95 49.96 -46.60
CA ASP C 8 16.79 49.26 -45.33
C ASP C 8 15.33 48.91 -45.12
N ILE C 9 15.07 47.63 -44.94
CA ILE C 9 13.73 47.09 -44.75
C ILE C 9 13.65 46.52 -43.34
N ARG C 10 12.84 47.15 -42.50
CA ARG C 10 12.69 46.74 -41.11
C ARG C 10 11.36 46.04 -40.91
N LEU C 11 11.36 44.97 -40.13
CA LEU C 11 10.14 44.28 -39.77
C LEU C 11 9.36 45.11 -38.76
N ARG C 12 8.08 45.33 -39.05
CA ARG C 12 7.28 45.85 -37.95
C ARG C 12 7.05 44.73 -36.94
N PRO C 13 6.97 45.04 -35.64
CA PRO C 13 6.61 44.00 -34.68
C PRO C 13 5.14 43.63 -34.82
N ASP C 14 4.89 42.33 -34.81
CA ASP C 14 3.54 41.83 -35.01
C ASP C 14 3.11 41.07 -33.76
N PRO C 15 1.82 41.13 -33.42
CA PRO C 15 1.34 40.29 -32.32
C PRO C 15 1.34 38.82 -32.67
N GLU C 16 1.12 38.50 -33.94
CA GLU C 16 0.80 37.15 -34.35
C GLU C 16 2.01 36.38 -34.85
N PHE C 17 3.12 37.05 -35.15
CA PHE C 17 4.22 36.43 -35.85
C PHE C 17 5.52 36.77 -35.14
N PRO C 18 6.46 35.83 -35.03
CA PRO C 18 7.78 36.18 -34.55
C PRO C 18 8.58 36.87 -35.64
N PRO C 19 9.68 37.54 -35.29
CA PRO C 19 10.46 38.20 -36.34
C PRO C 19 11.16 37.22 -37.28
N ALA C 20 11.44 36.01 -36.82
CA ALA C 20 12.15 35.05 -37.67
C ALA C 20 11.26 34.54 -38.79
N GLN C 21 9.98 34.36 -38.52
CA GLN C 21 9.03 33.92 -39.53
C GLN C 21 8.86 34.96 -40.62
N LEU C 22 8.65 36.23 -40.22
CA LEU C 22 8.52 37.29 -41.19
C LEU C 22 9.82 37.54 -41.93
N MET C 23 10.94 37.32 -41.25
CA MET C 23 12.26 37.43 -41.87
C MET C 23 12.42 36.40 -42.97
N SER C 24 11.98 35.16 -42.70
CA SER C 24 12.05 34.10 -43.70
C SER C 24 11.12 34.38 -44.88
N VAL C 25 9.92 34.89 -44.60
CA VAL C 25 8.98 35.15 -45.70
C VAL C 25 9.49 36.30 -46.57
N LEU C 26 10.06 37.34 -45.94
CA LEU C 26 10.64 38.45 -46.70
C LEU C 26 11.83 37.97 -47.54
N PHE C 27 12.65 37.09 -46.97
CA PHE C 27 13.79 36.56 -47.72
C PHE C 27 13.34 35.70 -48.88
N GLY C 28 12.26 34.94 -48.70
CA GLY C 28 11.75 34.12 -49.78
C GLY C 28 11.18 34.94 -50.92
N LYS C 29 10.36 35.95 -50.60
CA LYS C 29 9.83 36.82 -51.66
C LYS C 29 10.93 37.64 -52.31
N LEU C 30 12.00 37.94 -51.57
CA LEU C 30 13.16 38.61 -52.14
C LEU C 30 13.89 37.72 -53.13
N HIS C 31 14.02 36.44 -52.80
CA HIS C 31 14.64 35.48 -53.71
C HIS C 31 13.83 35.31 -54.97
N GLN C 32 12.50 35.24 -54.85
CA GLN C 32 11.65 35.18 -56.04
C GLN C 32 11.74 36.47 -56.86
N ALA C 33 11.91 37.61 -56.19
CA ALA C 33 12.10 38.87 -56.91
C ALA C 33 13.42 38.89 -57.66
N LEU C 34 14.46 38.27 -57.10
CA LEU C 34 15.75 38.27 -57.77
C LEU C 34 15.78 37.27 -58.93
N VAL C 35 15.02 36.18 -58.85
CA VAL C 35 14.85 35.32 -60.02
C VAL C 35 14.05 36.03 -61.10
N ALA C 36 13.04 36.80 -60.68
CA ALA C 36 12.21 37.52 -61.65
C ALA C 36 12.99 38.65 -62.31
N GLN C 37 13.94 39.24 -61.59
CA GLN C 37 14.78 40.29 -62.17
C GLN C 37 15.95 39.69 -62.94
N GLY C 38 16.57 38.66 -62.39
CA GLY C 38 17.79 38.15 -62.96
C GLY C 38 19.00 38.96 -62.49
N GLY C 39 20.15 38.64 -63.07
CA GLY C 39 21.37 39.37 -62.79
C GLY C 39 22.01 39.01 -61.47
N ASP C 40 23.29 39.41 -61.34
CA ASP C 40 24.13 39.11 -60.19
C ASP C 40 24.58 40.39 -59.49
N ARG C 41 23.81 41.45 -59.57
CA ARG C 41 24.26 42.77 -59.14
C ARG C 41 23.66 43.22 -57.82
N ILE C 42 22.86 42.37 -57.17
CA ILE C 42 22.05 42.78 -56.03
C ILE C 42 22.40 41.89 -54.84
N GLY C 43 22.84 42.50 -53.75
CA GLY C 43 23.22 41.75 -52.56
C GLY C 43 22.58 42.30 -51.30
N VAL C 44 22.54 41.51 -50.23
CA VAL C 44 21.81 41.88 -49.01
C VAL C 44 22.75 41.89 -47.81
N SER C 45 22.25 42.46 -46.71
CA SER C 45 22.98 42.46 -45.44
C SER C 45 21.99 42.64 -44.30
N PHE C 46 22.43 42.26 -43.10
CA PHE C 46 21.58 42.24 -41.91
C PHE C 46 22.22 43.10 -40.83
N PRO C 47 21.75 44.35 -40.67
CA PRO C 47 22.47 45.31 -39.83
C PRO C 47 22.43 45.03 -38.34
N ASP C 48 21.34 44.53 -37.79
CA ASP C 48 21.27 44.29 -36.35
C ASP C 48 21.59 42.85 -35.98
N LEU C 49 22.50 42.21 -36.71
CA LEU C 49 22.88 40.82 -36.45
C LEU C 49 23.51 40.68 -35.07
N ASP C 50 23.19 39.59 -34.40
CA ASP C 50 23.73 39.27 -33.08
C ASP C 50 24.46 37.94 -33.19
N GLU C 51 25.80 37.99 -33.20
CA GLU C 51 26.60 36.78 -33.32
C GLU C 51 26.54 35.95 -32.03
N SER C 52 26.23 36.59 -30.91
CA SER C 52 26.25 35.89 -29.62
C SER C 52 25.07 34.94 -29.49
N ARG C 53 23.87 35.38 -29.89
CA ARG C 53 22.67 34.58 -29.78
C ARG C 53 22.26 33.95 -31.11
N SER C 54 23.05 34.15 -32.17
CA SER C 54 22.77 33.75 -33.55
C SER C 54 21.40 34.26 -34.01
N ARG C 55 21.28 35.59 -34.03
CA ARG C 55 20.06 36.28 -34.42
C ARG C 55 20.33 37.22 -35.58
N LEU C 56 19.40 37.25 -36.55
CA LEU C 56 19.53 38.13 -37.69
C LEU C 56 18.97 39.53 -37.45
N GLY C 57 18.40 39.79 -36.28
CA GLY C 57 17.78 41.07 -36.06
C GLY C 57 16.47 41.19 -36.81
N GLU C 58 16.03 42.43 -36.99
CA GLU C 58 14.78 42.71 -37.68
C GLU C 58 14.96 43.65 -38.87
N ARG C 59 16.18 43.84 -39.34
CA ARG C 59 16.43 44.67 -40.51
C ARG C 59 17.05 43.83 -41.61
N LEU C 60 16.67 44.12 -42.86
CA LEU C 60 17.36 43.63 -44.03
C LEU C 60 17.79 44.83 -44.85
N ARG C 61 19.07 44.87 -45.20
CA ARG C 61 19.63 45.94 -46.01
C ARG C 61 20.04 45.38 -47.36
N ILE C 62 19.28 45.73 -48.39
CA ILE C 62 19.55 45.30 -49.76
C ILE C 62 20.43 46.33 -50.46
N HIS C 63 21.44 45.87 -51.19
CA HIS C 63 22.41 46.73 -51.85
C HIS C 63 22.33 46.54 -53.36
N ALA C 64 22.03 47.63 -54.08
CA ALA C 64 21.97 47.60 -55.54
C ALA C 64 22.13 49.01 -56.09
N SER C 65 21.89 49.18 -57.39
CA SER C 65 21.82 50.51 -57.98
C SER C 65 20.50 51.16 -57.62
N ALA C 66 20.38 52.45 -57.93
CA ALA C 66 19.19 53.19 -57.55
C ALA C 66 17.97 52.78 -58.36
N ASP C 67 18.15 52.53 -59.66
CA ASP C 67 17.02 52.13 -60.51
C ASP C 67 16.53 50.73 -60.16
N ASP C 68 17.44 49.85 -59.72
CA ASP C 68 17.06 48.51 -59.28
C ASP C 68 16.22 48.57 -58.01
N LEU C 69 16.62 49.43 -57.06
CA LEU C 69 15.86 49.59 -55.83
C LEU C 69 14.50 50.21 -56.09
N ARG C 70 14.43 51.20 -56.98
CA ARG C 70 13.13 51.82 -57.27
C ARG C 70 12.24 50.89 -58.10
N ALA C 71 12.84 49.98 -58.88
CA ALA C 71 12.03 48.95 -59.52
C ALA C 71 11.50 47.96 -58.49
N LEU C 72 12.33 47.61 -57.50
CA LEU C 72 11.92 46.63 -56.50
C LEU C 72 10.94 47.21 -55.49
N LEU C 73 10.84 48.54 -55.39
CA LEU C 73 9.80 49.10 -54.53
C LEU C 73 8.39 48.86 -55.06
N ALA C 74 8.21 48.86 -56.38
CA ALA C 74 6.87 48.86 -56.97
C ALA C 74 6.50 47.54 -57.62
N ARG C 75 7.15 46.46 -57.28
CA ARG C 75 6.87 45.17 -57.87
C ARG C 75 5.97 44.36 -56.94
N PRO C 76 5.27 43.34 -57.47
CA PRO C 76 4.38 42.55 -56.60
C PRO C 76 5.08 41.59 -55.65
N TRP C 77 6.40 41.65 -55.49
CA TRP C 77 7.05 40.80 -54.50
C TRP C 77 6.85 41.33 -53.09
N LEU C 78 6.40 42.57 -52.96
CA LEU C 78 6.07 43.14 -51.66
C LEU C 78 4.56 43.17 -51.40
N GLU C 79 3.76 42.69 -52.34
CA GLU C 79 2.31 42.65 -52.14
C GLU C 79 1.96 41.61 -51.09
N GLY C 80 1.21 42.02 -50.07
CA GLY C 80 0.93 41.19 -48.93
C GLY C 80 1.92 41.32 -47.80
N LEU C 81 3.09 41.91 -48.05
CA LEU C 81 4.09 42.14 -47.02
C LEU C 81 4.20 43.60 -46.61
N ARG C 82 3.41 44.47 -47.23
CA ARG C 82 3.59 45.91 -47.01
C ARG C 82 3.09 46.33 -45.64
N ASP C 83 2.16 45.57 -45.07
CA ASP C 83 1.65 45.91 -43.75
C ASP C 83 2.41 45.22 -42.62
N HIS C 84 3.41 44.40 -42.95
CA HIS C 84 4.29 43.84 -41.95
C HIS C 84 5.63 44.55 -41.90
N LEU C 85 5.88 45.44 -42.86
CA LEU C 85 7.19 46.06 -43.04
C LEU C 85 7.05 47.57 -43.08
N GLN C 86 8.16 48.25 -42.88
CA GLN C 86 8.27 49.68 -43.13
C GLN C 86 9.56 49.95 -43.90
N PHE C 87 9.46 50.81 -44.91
CA PHE C 87 10.57 51.10 -45.80
C PHE C 87 11.22 52.41 -45.44
N GLY C 88 12.54 52.48 -45.65
CA GLY C 88 13.23 53.74 -45.77
C GLY C 88 13.24 54.21 -47.21
N GLU C 89 14.24 55.03 -47.52
CA GLU C 89 14.36 55.40 -48.92
C GLU C 89 15.59 54.71 -49.51
N PRO C 90 15.62 54.46 -50.82
CA PRO C 90 16.88 54.07 -51.44
C PRO C 90 17.87 55.23 -51.38
N ALA C 91 18.90 55.07 -50.55
CA ALA C 91 19.80 56.17 -50.25
C ALA C 91 21.24 55.71 -50.47
N VAL C 92 22.12 56.71 -50.55
CA VAL C 92 23.54 56.45 -50.76
C VAL C 92 24.19 55.99 -49.47
N VAL C 93 24.98 54.92 -49.55
CA VAL C 93 25.82 54.41 -48.47
C VAL C 93 26.74 55.49 -47.93
N PRO C 94 26.77 55.68 -46.61
CA PRO C 94 27.76 56.60 -46.01
C PRO C 94 29.17 56.05 -46.14
N HIS C 95 30.14 56.94 -45.97
CA HIS C 95 31.52 56.61 -46.28
C HIS C 95 32.42 57.28 -45.25
N PRO C 96 33.45 56.59 -44.73
CA PRO C 96 33.88 55.22 -45.04
C PRO C 96 33.20 54.14 -44.21
N THR C 97 33.15 52.92 -44.77
CA THR C 97 32.58 51.74 -44.14
C THR C 97 33.46 50.53 -44.43
N PRO C 98 33.60 49.61 -43.47
CA PRO C 98 34.22 48.33 -43.77
C PRO C 98 33.32 47.48 -44.66
N TYR C 99 33.92 46.44 -45.24
CA TYR C 99 33.21 45.58 -46.16
C TYR C 99 33.34 44.13 -45.70
N ARG C 100 32.30 43.34 -45.95
CA ARG C 100 32.28 41.95 -45.55
C ARG C 100 31.41 41.17 -46.52
N GLN C 101 31.60 39.85 -46.54
CA GLN C 101 30.91 38.99 -47.48
C GLN C 101 29.72 38.34 -46.78
N VAL C 102 28.67 38.05 -47.55
CA VAL C 102 27.45 37.43 -47.05
C VAL C 102 27.20 36.14 -47.82
N SER C 103 27.75 35.05 -47.34
CA SER C 103 27.74 33.80 -48.09
C SER C 103 27.00 32.72 -47.32
N ARG C 104 26.27 31.90 -48.06
CA ARG C 104 25.55 30.78 -47.48
C ARG C 104 26.52 29.67 -47.12
N VAL C 105 26.35 29.13 -45.92
CA VAL C 105 27.21 28.05 -45.41
C VAL C 105 26.38 26.79 -45.28
N GLN C 106 26.61 25.85 -46.19
CA GLN C 106 25.95 24.55 -46.14
C GLN C 106 26.81 23.58 -45.35
N ALA C 107 26.22 22.45 -44.96
CA ALA C 107 26.91 21.50 -44.10
C ALA C 107 26.47 20.07 -44.41
N LYS C 108 27.26 19.12 -43.92
CA LYS C 108 26.95 17.71 -44.07
C LYS C 108 26.15 17.22 -42.88
N SER C 109 24.99 17.84 -42.64
CA SER C 109 24.18 17.55 -41.47
C SER C 109 23.39 16.26 -41.58
N ASN C 110 23.35 15.64 -42.76
CA ASN C 110 22.68 14.35 -42.94
C ASN C 110 23.70 13.34 -43.42
N PRO C 111 24.23 12.50 -42.53
CA PRO C 111 25.16 11.46 -42.98
C PRO C 111 24.50 10.41 -43.85
N GLU C 112 23.20 10.18 -43.68
CA GLU C 112 22.50 9.19 -44.49
C GLU C 112 22.36 9.66 -45.94
N ARG C 113 22.23 10.96 -46.16
CA ARG C 113 22.17 11.49 -47.52
C ARG C 113 23.50 11.29 -48.24
N LEU C 114 24.61 11.48 -47.52
CA LEU C 114 25.93 11.22 -48.09
C LEU C 114 26.16 9.74 -48.30
N ARG C 115 25.54 8.91 -47.45
CA ARG C 115 25.59 7.46 -47.66
C ARG C 115 24.87 7.09 -48.95
N ARG C 116 23.71 7.70 -49.20
CA ARG C 116 22.99 7.45 -50.44
C ARG C 116 23.74 7.97 -51.66
N ARG C 117 24.47 9.08 -51.48
CA ARG C 117 25.31 9.59 -52.56
C ARG C 117 26.46 8.63 -52.87
N LEU C 118 27.04 8.03 -51.83
CA LEU C 118 28.12 7.06 -52.04
C LEU C 118 27.58 5.78 -52.67
N MET C 119 26.35 5.41 -52.35
CA MET C 119 25.68 4.30 -53.04
C MET C 119 25.46 4.62 -54.51
N ARG C 120 25.12 5.87 -54.81
CA ARG C 120 24.84 6.22 -56.20
C ARG C 120 26.11 6.36 -57.02
N ARG C 121 27.23 6.71 -56.38
CA ARG C 121 28.46 6.98 -57.11
C ARG C 121 29.47 5.84 -57.07
N HIS C 122 29.34 4.89 -56.14
CA HIS C 122 30.34 3.83 -56.04
C HIS C 122 29.73 2.44 -55.98
N ASP C 123 28.41 2.33 -56.10
CA ASP C 123 27.65 1.06 -56.11
C ASP C 123 27.89 0.22 -54.86
N LEU C 124 28.11 0.88 -53.73
CA LEU C 124 28.37 0.20 -52.48
C LEU C 124 27.06 -0.22 -51.81
N SER C 125 27.19 -0.84 -50.64
CA SER C 125 26.03 -1.28 -49.87
C SER C 125 25.72 -0.31 -48.75
N GLU C 126 24.74 -0.67 -47.93
CA GLU C 126 24.39 0.14 -46.76
C GLU C 126 25.48 0.03 -45.70
N GLU C 127 25.98 -1.18 -45.46
CA GLU C 127 26.98 -1.37 -44.41
C GLU C 127 28.32 -0.80 -44.84
N GLU C 128 28.63 -0.85 -46.14
CA GLU C 128 29.86 -0.25 -46.64
C GLU C 128 29.82 1.27 -46.52
N ALA C 129 28.65 1.87 -46.77
CA ALA C 129 28.50 3.31 -46.65
C ALA C 129 28.49 3.74 -45.20
N ARG C 130 27.91 2.92 -44.33
CA ARG C 130 27.84 3.25 -42.91
C ARG C 130 29.19 3.07 -42.23
N LYS C 131 30.02 2.14 -42.72
CA LYS C 131 31.37 2.04 -42.19
C LYS C 131 32.27 3.12 -42.78
N ARG C 132 32.08 3.44 -44.06
CA ARG C 132 32.82 4.51 -44.70
C ARG C 132 32.41 5.89 -44.21
N ILE C 133 31.11 6.10 -43.95
CA ILE C 133 30.62 7.34 -43.36
C ILE C 133 30.00 7.03 -42.01
N PRO C 134 30.68 7.33 -40.90
CA PRO C 134 30.08 7.16 -39.58
C PRO C 134 29.13 8.32 -39.26
N ASP C 135 28.59 8.29 -38.04
CA ASP C 135 27.62 9.30 -37.64
C ASP C 135 28.28 10.57 -37.13
N THR C 136 29.60 10.56 -36.92
CA THR C 136 30.27 11.70 -36.30
C THR C 136 30.63 12.79 -37.30
N VAL C 137 30.31 12.65 -38.58
CA VAL C 137 30.67 13.67 -39.56
C VAL C 137 29.66 14.81 -39.61
N ALA C 138 28.54 14.67 -38.90
CA ALA C 138 27.49 15.69 -38.95
C ALA C 138 27.95 16.97 -38.26
N ARG C 139 27.71 18.10 -38.91
CA ARG C 139 28.17 19.40 -38.42
C ARG C 139 26.97 20.30 -38.11
N ALA C 140 26.84 20.66 -36.85
CA ALA C 140 25.81 21.57 -36.38
C ALA C 140 26.40 22.97 -36.33
N LEU C 141 25.63 23.96 -36.81
CA LEU C 141 26.16 25.29 -37.05
C LEU C 141 25.67 26.26 -36.00
N ASP C 142 26.56 27.11 -35.51
CA ASP C 142 26.18 28.23 -34.65
C ASP C 142 25.99 29.48 -35.50
N LEU C 143 25.08 29.38 -36.45
CA LEU C 143 24.79 30.47 -37.37
C LEU C 143 23.31 30.77 -37.33
N PRO C 144 22.94 32.03 -37.45
CA PRO C 144 21.54 32.37 -37.69
C PRO C 144 21.12 31.94 -39.10
N PHE C 145 19.81 31.76 -39.27
CA PHE C 145 19.32 31.10 -40.47
C PHE C 145 17.90 31.56 -40.77
N VAL C 146 17.52 31.40 -42.03
CA VAL C 146 16.13 31.57 -42.48
C VAL C 146 15.65 30.27 -43.07
N THR C 147 14.35 30.00 -42.93
CA THR C 147 13.77 28.72 -43.33
C THR C 147 12.90 28.92 -44.57
N LEU C 148 13.36 28.42 -45.70
CA LEU C 148 12.61 28.60 -46.94
C LEU C 148 12.05 27.28 -47.43
N ARG C 149 11.02 27.40 -48.26
CA ARG C 149 10.41 26.28 -48.96
C ARG C 149 10.69 26.44 -50.44
N SER C 150 11.17 25.38 -51.07
CA SER C 150 11.46 25.46 -52.49
C SER C 150 10.19 25.33 -53.31
N GLN C 151 10.24 25.86 -54.53
CA GLN C 151 9.13 25.72 -55.45
C GLN C 151 9.39 24.65 -56.50
N SER C 152 10.67 24.40 -56.81
CA SER C 152 11.01 23.30 -57.70
C SER C 152 10.81 21.96 -56.99
N THR C 153 11.54 21.72 -55.91
CA THR C 153 11.31 20.55 -55.10
C THR C 153 10.41 20.90 -53.91
N GLY C 154 9.88 19.87 -53.27
CA GLY C 154 8.98 20.04 -52.15
C GLY C 154 9.60 19.93 -50.79
N GLN C 155 10.79 20.51 -50.59
CA GLN C 155 11.42 20.44 -49.29
C GLN C 155 11.55 21.82 -48.65
N HIS C 156 11.57 21.81 -47.32
CA HIS C 156 11.84 23.01 -46.53
C HIS C 156 13.26 22.91 -45.97
N PHE C 157 14.05 23.96 -46.17
CA PHE C 157 15.43 23.91 -45.75
C PHE C 157 15.83 25.17 -45.00
N ARG C 158 16.67 24.99 -43.99
CA ARG C 158 17.27 26.09 -43.26
C ARG C 158 18.48 26.58 -44.04
N LEU C 159 18.44 27.84 -44.46
CA LEU C 159 19.55 28.47 -45.16
C LEU C 159 20.36 29.24 -44.13
N PHE C 160 21.50 28.69 -43.75
CA PHE C 160 22.34 29.30 -42.75
C PHE C 160 23.19 30.40 -43.40
N ILE C 161 23.36 31.49 -42.67
CA ILE C 161 24.07 32.65 -43.17
C ILE C 161 25.23 32.98 -42.24
N ARG C 162 26.38 33.31 -42.82
CA ARG C 162 27.53 33.82 -42.09
C ARG C 162 28.01 35.10 -42.76
N HIS C 163 28.06 36.17 -42.00
CA HIS C 163 28.65 37.42 -42.44
C HIS C 163 30.15 37.35 -42.23
N GLY C 164 30.91 37.55 -43.31
CA GLY C 164 32.33 37.34 -43.29
C GLY C 164 33.06 38.40 -42.51
N PRO C 165 34.39 38.26 -42.46
CA PRO C 165 35.21 39.22 -41.70
C PRO C 165 35.24 40.58 -42.37
N LEU C 166 35.41 41.61 -41.55
CA LEU C 166 35.43 42.98 -42.06
C LEU C 166 36.70 43.23 -42.85
N GLN C 167 36.54 43.72 -44.08
CA GLN C 167 37.65 44.14 -44.92
C GLN C 167 37.51 45.62 -45.22
N VAL C 168 38.65 46.28 -45.41
CA VAL C 168 38.64 47.73 -45.55
C VAL C 168 38.20 48.15 -46.94
N THR C 169 38.20 47.23 -47.89
CA THR C 169 37.83 47.53 -49.26
C THR C 169 37.06 46.37 -49.88
N ALA C 170 36.37 46.66 -50.97
CA ALA C 170 35.56 45.67 -51.64
C ALA C 170 36.22 45.23 -52.94
N GLU C 171 35.93 44.00 -53.34
CA GLU C 171 36.42 43.42 -54.57
C GLU C 171 35.25 43.08 -55.48
N GLU C 172 35.57 42.87 -56.76
CA GLU C 172 34.53 42.55 -57.73
C GLU C 172 34.05 41.12 -57.55
N GLY C 173 32.75 40.94 -57.65
CA GLY C 173 32.13 39.63 -57.51
C GLY C 173 30.64 39.73 -57.67
N GLY C 174 30.07 38.65 -58.17
CA GLY C 174 28.64 38.62 -58.38
C GLY C 174 27.89 38.07 -57.19
N PHE C 175 26.56 38.12 -57.26
CA PHE C 175 25.72 37.59 -56.21
C PHE C 175 24.79 36.55 -56.80
N THR C 176 24.29 35.65 -55.96
CA THR C 176 23.29 34.71 -56.43
C THR C 176 21.92 35.37 -56.46
N CYS C 177 20.89 34.59 -56.77
CA CYS C 177 19.54 35.13 -56.75
CA CYS C 177 19.51 35.02 -56.76
C CYS C 177 18.91 35.05 -55.36
N TYR C 178 19.71 34.87 -54.32
CA TYR C 178 19.30 35.02 -52.94
C TYR C 178 19.87 36.28 -52.32
N GLY C 179 20.56 37.11 -53.10
CA GLY C 179 21.21 38.28 -52.57
C GLY C 179 22.48 37.98 -51.81
N LEU C 180 23.08 36.82 -52.03
CA LEU C 180 24.17 36.37 -51.19
C LEU C 180 25.47 36.35 -51.99
N SER C 181 26.58 36.42 -51.27
CA SER C 181 27.88 36.64 -51.90
C SER C 181 28.35 35.39 -52.63
N LYS C 182 28.51 35.52 -53.95
CA LYS C 182 29.30 34.59 -54.75
C LYS C 182 30.55 35.34 -55.20
N GLY C 183 31.15 36.06 -54.27
CA GLY C 183 32.32 36.87 -54.54
C GLY C 183 32.14 38.31 -54.16
N GLY C 184 30.92 38.83 -54.33
CA GLY C 184 30.68 40.24 -54.10
C GLY C 184 30.70 40.60 -52.63
N PHE C 185 30.90 41.89 -52.37
CA PHE C 185 30.97 42.42 -51.02
C PHE C 185 30.02 43.59 -50.86
N VAL C 186 29.45 43.71 -49.67
CA VAL C 186 28.52 44.79 -49.37
C VAL C 186 29.11 45.69 -48.30
N PRO C 187 28.81 46.99 -48.32
CA PRO C 187 29.30 47.87 -47.26
C PRO C 187 28.55 47.64 -45.96
N TRP C 188 29.31 47.45 -44.88
CA TRP C 188 28.76 47.09 -43.58
C TRP C 188 28.69 48.34 -42.71
N PHE C 189 27.47 48.75 -42.37
CA PHE C 189 27.26 49.93 -41.54
C PHE C 189 25.93 49.85 -40.81
N ILE D 5 -22.93 49.33 -0.63
CA ILE D 5 -21.50 49.07 -0.70
C ILE D 5 -21.16 48.60 -2.11
N LEU D 6 -21.94 47.63 -2.60
CA LEU D 6 -21.90 47.13 -3.98
C LEU D 6 -20.52 46.57 -4.34
N SER D 7 -20.19 45.46 -3.70
CA SER D 7 -19.01 44.71 -4.11
C SER D 7 -19.28 43.99 -5.42
N THR D 8 -18.21 43.56 -6.07
CA THR D 8 -18.34 42.87 -7.35
C THR D 8 -18.88 41.46 -7.14
N ALA D 9 -19.46 40.89 -8.19
CA ALA D 9 -20.09 39.58 -8.09
C ALA D 9 -19.03 38.50 -7.93
N SER D 10 -19.38 37.45 -7.19
CA SER D 10 -18.41 36.39 -6.93
C SER D 10 -18.27 35.47 -8.14
N VAL D 11 -19.33 35.34 -8.94
CA VAL D 11 -19.23 34.70 -10.25
C VAL D 11 -19.81 35.64 -11.30
N LEU D 12 -19.12 35.69 -12.44
CA LEU D 12 -19.69 36.26 -13.64
C LEU D 12 -19.23 35.39 -14.79
N ALA D 13 -20.16 34.93 -15.59
CA ALA D 13 -19.83 34.23 -16.82
C ALA D 13 -20.54 34.98 -17.93
N PHE D 14 -19.77 35.50 -18.87
CA PHE D 14 -20.33 36.14 -20.03
C PHE D 14 -20.22 35.16 -21.18
N GLU D 15 -21.32 34.95 -21.90
CA GLU D 15 -21.27 34.07 -23.04
C GLU D 15 -20.62 34.77 -24.21
N ARG D 16 -19.97 33.99 -25.04
CA ARG D 16 -19.22 34.49 -26.18
C ARG D 16 -20.19 35.02 -27.22
N LYS D 17 -20.15 36.33 -27.45
CA LYS D 17 -20.75 36.88 -28.65
C LYS D 17 -19.72 36.77 -29.77
N LEU D 18 -20.17 36.99 -31.01
CA LEU D 18 -19.38 36.74 -32.22
C LEU D 18 -18.88 35.29 -32.26
N ASP D 19 -19.82 34.36 -32.39
CA ASP D 19 -19.50 32.95 -32.53
C ASP D 19 -19.02 32.64 -33.94
N PRO D 20 -17.79 32.21 -34.13
CA PRO D 20 -17.37 31.70 -35.43
C PRO D 20 -17.47 30.18 -35.48
N SER D 21 -17.24 29.64 -36.66
CA SER D 21 -17.16 28.21 -36.86
C SER D 21 -15.72 27.83 -37.11
N ASP D 22 -15.47 26.53 -37.26
CA ASP D 22 -14.15 26.11 -37.71
C ASP D 22 -14.01 26.44 -39.18
N ALA D 23 -12.88 27.02 -39.55
CA ALA D 23 -12.71 27.58 -40.88
C ALA D 23 -12.26 26.49 -41.84
N LEU D 24 -13.18 26.01 -42.67
CA LEU D 24 -12.86 24.96 -43.62
C LEU D 24 -12.05 25.52 -44.78
N MET D 25 -10.86 24.97 -45.01
CA MET D 25 -10.02 25.41 -46.11
C MET D 25 -10.08 24.39 -47.25
N SER D 26 -10.49 24.87 -48.41
CA SER D 26 -10.48 24.10 -49.65
C SER D 26 -9.49 24.73 -50.60
N ALA D 27 -9.44 24.22 -51.83
CA ALA D 27 -8.43 24.68 -52.78
C ALA D 27 -9.02 24.74 -54.18
N GLY D 28 -8.42 25.60 -55.00
CA GLY D 28 -8.86 25.70 -56.37
C GLY D 28 -7.93 26.61 -57.14
N ALA D 29 -8.40 27.05 -58.29
CA ALA D 29 -7.65 27.97 -59.12
C ALA D 29 -8.29 29.35 -59.08
N TRP D 30 -7.46 30.38 -59.18
CA TRP D 30 -7.96 31.74 -59.28
C TRP D 30 -8.66 31.95 -60.62
N ALA D 31 -9.43 33.04 -60.68
CA ALA D 31 -10.31 33.48 -61.78
C ALA D 31 -11.46 32.51 -62.03
N GLN D 32 -11.68 31.53 -61.16
CA GLN D 32 -12.93 30.79 -61.11
C GLN D 32 -13.39 30.68 -59.67
N ARG D 33 -13.21 31.77 -58.92
CA ARG D 33 -13.71 31.83 -57.56
C ARG D 33 -15.22 31.92 -57.51
N ASP D 34 -15.86 32.37 -58.58
CA ASP D 34 -17.31 32.46 -58.59
C ASP D 34 -17.98 31.11 -58.74
N ALA D 35 -17.23 30.07 -59.09
CA ALA D 35 -17.74 28.71 -59.15
C ALA D 35 -17.12 27.82 -58.08
N SER D 36 -16.74 28.40 -56.95
CA SER D 36 -16.00 27.66 -55.93
C SER D 36 -16.93 27.02 -54.91
N GLN D 37 -17.93 26.27 -55.37
CA GLN D 37 -18.76 25.51 -54.46
C GLN D 37 -18.45 24.04 -54.45
N GLU D 38 -17.80 23.52 -55.46
CA GLU D 38 -17.39 22.12 -55.51
C GLU D 38 -15.88 21.99 -55.52
N TRP D 39 -15.21 22.89 -54.83
CA TRP D 39 -13.76 22.85 -54.78
C TRP D 39 -13.29 21.72 -53.86
N PRO D 40 -12.24 21.01 -54.23
CA PRO D 40 -11.75 19.92 -53.36
C PRO D 40 -11.09 20.48 -52.13
N ALA D 41 -11.31 19.81 -51.00
CA ALA D 41 -10.80 20.30 -49.74
C ALA D 41 -9.32 19.97 -49.59
N VAL D 42 -8.62 20.83 -48.88
CA VAL D 42 -7.21 20.60 -48.58
C VAL D 42 -7.11 19.51 -47.54
N THR D 43 -6.49 18.39 -47.90
CA THR D 43 -6.40 17.23 -47.03
C THR D 43 -5.08 17.23 -46.28
N VAL D 44 -5.13 16.79 -45.03
CA VAL D 44 -3.94 16.67 -44.20
C VAL D 44 -3.29 15.33 -44.50
N ARG D 45 -2.11 15.36 -45.11
CA ARG D 45 -1.38 14.16 -45.48
C ARG D 45 -0.15 14.03 -44.59
N GLU D 46 0.26 12.80 -44.33
CA GLU D 46 1.41 12.56 -43.47
C GLU D 46 2.66 12.29 -44.31
N LYS D 47 3.81 12.77 -43.83
CA LYS D 47 5.05 12.58 -44.54
C LYS D 47 6.19 12.42 -43.54
N SER D 48 7.29 11.82 -44.02
CA SER D 48 8.40 11.43 -43.16
C SER D 48 9.54 12.44 -43.25
N VAL D 49 10.02 12.89 -42.09
CA VAL D 49 11.14 13.81 -42.04
C VAL D 49 12.29 13.20 -41.24
N GLN D 77 11.27 10.66 -37.46
CA GLN D 77 10.01 11.31 -37.13
C GLN D 77 9.08 11.39 -38.33
N THR D 78 7.80 11.66 -38.06
CA THR D 78 6.84 11.95 -39.10
C THR D 78 6.00 13.14 -38.67
N VAL D 79 5.59 13.96 -39.62
CA VAL D 79 4.84 15.17 -39.35
C VAL D 79 3.59 15.18 -40.22
N ASP D 80 2.66 16.07 -39.89
CA ASP D 80 1.51 16.32 -40.75
C ASP D 80 1.72 17.62 -41.51
N VAL D 81 1.64 17.55 -42.82
CA VAL D 81 1.78 18.72 -43.67
C VAL D 81 0.46 18.93 -44.40
N ALA D 82 0.24 20.14 -44.88
CA ALA D 82 -0.95 20.49 -45.64
C ALA D 82 -0.54 21.38 -46.80
N ASN D 83 -0.70 20.87 -48.02
CA ASN D 83 -0.36 21.61 -49.22
C ASN D 83 -1.60 21.73 -50.09
N LEU D 84 -1.56 22.68 -51.01
CA LEU D 84 -2.54 22.74 -52.05
C LEU D 84 -2.27 21.63 -53.06
N PRO D 85 -3.24 21.31 -53.92
CA PRO D 85 -2.93 20.53 -55.11
C PRO D 85 -1.94 21.25 -56.02
N SER D 86 -1.26 20.46 -56.84
CA SER D 86 -0.20 20.99 -57.69
C SER D 86 -0.72 21.77 -58.89
N ASP D 87 -2.03 21.77 -59.11
CA ASP D 87 -2.65 22.56 -60.17
C ASP D 87 -3.59 23.60 -59.58
N ALA D 88 -3.37 23.98 -58.33
CA ALA D 88 -4.26 24.88 -57.62
C ALA D 88 -3.43 25.95 -56.95
N ASP D 89 -3.82 27.22 -57.14
CA ASP D 89 -3.06 28.34 -56.60
C ASP D 89 -3.93 29.26 -55.75
N THR D 90 -5.01 28.74 -55.18
CA THR D 90 -5.94 29.56 -54.42
C THR D 90 -6.43 28.77 -53.23
N LEU D 91 -6.35 29.36 -52.05
CA LEU D 91 -6.86 28.76 -50.84
C LEU D 91 -8.16 29.43 -50.43
N LYS D 92 -9.26 28.67 -50.46
CA LYS D 92 -10.56 29.19 -50.02
C LYS D 92 -10.81 28.74 -48.59
N VAL D 93 -10.73 29.67 -47.66
CA VAL D 93 -11.05 29.43 -46.26
C VAL D 93 -12.47 29.95 -46.04
N ARG D 94 -13.34 29.09 -45.54
CA ARG D 94 -14.76 29.40 -45.41
C ARG D 94 -15.23 29.07 -44.01
N PHE D 95 -15.98 30.01 -43.41
CA PHE D 95 -16.55 29.82 -42.09
C PHE D 95 -17.77 30.70 -41.98
N THR D 96 -18.60 30.42 -40.98
CA THR D 96 -19.74 31.27 -40.69
C THR D 96 -19.57 31.92 -39.34
N LEU D 97 -20.04 33.15 -39.24
CA LEU D 97 -19.88 33.95 -38.03
C LEU D 97 -21.25 34.43 -37.61
N ARG D 98 -21.61 34.14 -36.37
CA ARG D 98 -22.91 34.48 -35.85
C ARG D 98 -22.75 35.56 -34.79
N VAL D 99 -23.34 36.72 -35.05
CA VAL D 99 -23.30 37.86 -34.14
C VAL D 99 -24.57 37.84 -33.31
N LEU D 100 -24.41 37.77 -31.99
CA LEU D 100 -25.54 37.44 -31.12
C LEU D 100 -26.25 38.66 -30.55
N GLY D 101 -25.53 39.48 -29.82
CA GLY D 101 -26.22 40.61 -29.23
C GLY D 101 -26.70 40.30 -27.83
N GLY D 102 -26.84 41.35 -27.03
CA GLY D 102 -27.07 41.17 -25.61
C GLY D 102 -25.73 41.01 -24.92
N ALA D 103 -24.85 41.98 -25.14
CA ALA D 103 -23.45 41.82 -24.77
C ALA D 103 -23.20 41.99 -23.29
N GLY D 104 -23.83 42.97 -22.67
CA GLY D 104 -23.57 43.21 -21.25
C GLY D 104 -24.23 42.25 -20.30
N THR D 105 -25.18 41.47 -20.77
CA THR D 105 -25.93 40.59 -19.88
C THR D 105 -25.12 39.35 -19.57
N PRO D 106 -24.79 39.09 -18.31
CA PRO D 106 -24.04 37.89 -17.99
C PRO D 106 -24.92 36.65 -18.02
N SER D 107 -24.27 35.51 -18.22
CA SER D 107 -24.99 34.24 -18.20
C SER D 107 -25.10 33.66 -16.81
N ALA D 108 -24.31 34.12 -15.87
CA ALA D 108 -24.37 33.68 -14.48
C ALA D 108 -23.86 34.79 -13.61
N CYS D 109 -24.60 35.12 -12.55
CA CYS D 109 -24.18 36.22 -11.68
C CYS D 109 -24.86 36.05 -10.33
N ASN D 110 -24.07 36.12 -9.26
CA ASN D 110 -24.59 35.98 -7.91
C ASN D 110 -25.34 37.22 -7.43
N ASP D 111 -24.66 38.36 -7.38
CA ASP D 111 -25.21 39.57 -6.80
C ASP D 111 -26.23 40.16 -7.77
N ALA D 112 -27.47 40.33 -7.31
CA ALA D 112 -28.49 40.91 -8.16
C ALA D 112 -28.26 42.40 -8.38
N ALA D 113 -27.81 43.12 -7.34
CA ALA D 113 -27.57 44.55 -7.48
C ALA D 113 -26.38 44.84 -8.37
N TYR D 114 -25.36 43.97 -8.33
CA TYR D 114 -24.24 44.13 -9.25
C TYR D 114 -24.66 43.89 -10.67
N ARG D 115 -25.52 42.90 -10.89
CA ARG D 115 -26.02 42.64 -12.24
C ARG D 115 -26.85 43.79 -12.76
N ASP D 116 -27.65 44.40 -11.90
CA ASP D 116 -28.43 45.57 -12.29
C ASP D 116 -27.55 46.76 -12.58
N LYS D 117 -26.50 46.97 -11.77
CA LYS D 117 -25.59 48.07 -12.00
C LYS D 117 -24.79 47.89 -13.29
N LEU D 118 -24.35 46.66 -13.57
CA LEU D 118 -23.57 46.42 -14.78
C LEU D 118 -24.44 46.52 -16.03
N LEU D 119 -25.69 46.05 -15.93
CA LEU D 119 -26.62 46.20 -17.04
C LEU D 119 -26.95 47.67 -17.30
N GLN D 120 -27.10 48.45 -16.23
CA GLN D 120 -27.33 49.88 -16.39
C GLN D 120 -26.10 50.58 -16.97
N THR D 121 -24.90 50.12 -16.59
CA THR D 121 -23.67 50.69 -17.10
C THR D 121 -23.52 50.45 -18.60
N VAL D 122 -23.73 49.21 -19.03
CA VAL D 122 -23.66 48.88 -20.44
C VAL D 122 -24.79 49.55 -21.20
N ALA D 123 -25.94 49.75 -20.55
CA ALA D 123 -27.05 50.46 -21.18
C ALA D 123 -26.72 51.93 -21.41
N THR D 124 -26.05 52.58 -20.46
CA THR D 124 -25.61 53.95 -20.70
C THR D 124 -24.50 54.02 -21.73
N TYR D 125 -23.68 52.97 -21.82
CA TYR D 125 -22.69 52.90 -22.90
C TYR D 125 -23.37 52.89 -24.26
N VAL D 126 -24.29 51.95 -24.47
CA VAL D 126 -24.99 51.82 -25.74
C VAL D 126 -25.87 53.05 -26.01
N ASN D 127 -26.35 53.72 -24.96
CA ASN D 127 -27.15 54.93 -25.16
C ASN D 127 -26.29 56.09 -25.65
N ASP D 128 -25.09 56.25 -25.07
CA ASP D 128 -24.19 57.29 -25.56
C ASP D 128 -23.66 56.95 -26.95
N GLN D 129 -23.22 55.73 -27.14
CA GLN D 129 -22.65 55.30 -28.41
C GLN D 129 -22.98 53.84 -28.64
N GLY D 130 -23.57 53.53 -29.78
CA GLY D 130 -23.88 52.15 -30.07
C GLY D 130 -22.64 51.34 -30.35
N PHE D 131 -22.85 50.09 -30.72
CA PHE D 131 -21.72 49.24 -31.10
C PHE D 131 -21.25 49.65 -32.50
N ALA D 132 -20.61 50.81 -32.56
CA ALA D 132 -20.30 51.45 -33.83
C ALA D 132 -18.81 51.45 -34.12
N GLU D 133 -17.99 51.82 -33.15
CA GLU D 133 -16.55 51.69 -33.33
C GLU D 133 -16.13 50.23 -33.23
N LEU D 134 -16.76 49.49 -32.32
CA LEU D 134 -16.45 48.09 -32.15
C LEU D 134 -16.81 47.29 -33.39
N ALA D 135 -17.99 47.53 -33.95
CA ALA D 135 -18.37 46.80 -35.14
C ALA D 135 -17.61 47.29 -36.37
N ARG D 136 -17.14 48.54 -36.36
CA ARG D 136 -16.28 48.99 -37.44
C ARG D 136 -14.95 48.25 -37.42
N ARG D 137 -14.40 48.03 -36.23
CA ARG D 137 -13.16 47.29 -36.14
C ARG D 137 -13.35 45.80 -36.38
N TYR D 138 -14.48 45.22 -35.95
CA TYR D 138 -14.77 43.82 -36.25
C TYR D 138 -15.00 43.62 -37.74
N ALA D 139 -15.70 44.55 -38.39
CA ALA D 139 -15.90 44.48 -39.82
C ALA D 139 -14.59 44.68 -40.58
N HIS D 140 -13.66 45.43 -40.00
CA HIS D 140 -12.34 45.55 -40.61
C HIS D 140 -11.58 44.24 -40.51
N ASN D 141 -11.61 43.60 -39.34
CA ASN D 141 -10.93 42.32 -39.18
C ASN D 141 -11.58 41.20 -39.97
N LEU D 142 -12.85 41.37 -40.37
CA LEU D 142 -13.42 40.47 -41.35
C LEU D 142 -13.01 40.86 -42.76
N ALA D 143 -12.83 42.16 -43.01
CA ALA D 143 -12.55 42.64 -44.35
C ALA D 143 -11.14 42.28 -44.79
N ASN D 144 -10.14 42.75 -44.07
CA ASN D 144 -8.81 42.19 -44.25
C ASN D 144 -8.85 40.77 -43.72
N ALA D 145 -8.25 39.84 -44.46
CA ALA D 145 -8.36 38.43 -44.10
C ALA D 145 -7.36 38.11 -43.01
N ARG D 146 -7.58 38.68 -41.83
CA ARG D 146 -6.67 38.40 -40.74
C ARG D 146 -6.91 37.01 -40.16
N PHE D 147 -8.10 36.45 -40.37
CA PHE D 147 -8.37 35.07 -39.96
C PHE D 147 -7.59 34.08 -40.80
N LEU D 148 -7.16 34.46 -42.00
CA LEU D 148 -6.10 33.76 -42.70
C LEU D 148 -4.83 34.12 -41.97
N TRP D 149 -4.33 33.24 -41.11
CA TRP D 149 -3.25 33.68 -40.22
C TRP D 149 -1.91 33.70 -40.92
N ARG D 150 -1.37 32.53 -41.22
CA ARG D 150 -0.10 32.44 -41.91
C ARG D 150 -0.28 32.31 -43.40
N ASN D 151 -1.51 32.12 -43.85
CA ASN D 151 -1.85 32.04 -45.26
C ASN D 151 -2.04 33.41 -45.90
N ARG D 152 -1.63 34.47 -45.21
CA ARG D 152 -1.82 35.82 -45.69
C ARG D 152 -0.52 36.59 -45.85
N VAL D 153 0.53 36.22 -45.11
CA VAL D 153 1.76 36.98 -45.12
C VAL D 153 2.55 36.81 -46.41
N GLY D 154 2.26 35.77 -47.18
CA GLY D 154 2.97 35.56 -48.42
C GLY D 154 2.04 35.44 -49.61
N ALA D 155 0.83 35.96 -49.45
CA ALA D 155 -0.17 35.83 -50.50
C ALA D 155 0.02 36.90 -51.56
N GLU D 156 -0.47 36.61 -52.77
CA GLU D 156 -0.30 37.56 -53.85
C GLU D 156 -1.49 38.50 -53.96
N ALA D 157 -2.70 37.97 -53.81
CA ALA D 157 -3.92 38.78 -53.88
C ALA D 157 -4.99 38.06 -53.09
N VAL D 158 -5.60 38.75 -52.14
CA VAL D 158 -6.58 38.16 -51.24
C VAL D 158 -7.91 38.84 -51.45
N GLU D 159 -8.96 38.04 -51.64
CA GLU D 159 -10.31 38.57 -51.80
C GLU D 159 -11.23 37.90 -50.79
N VAL D 160 -11.94 38.71 -50.03
CA VAL D 160 -12.88 38.24 -49.02
C VAL D 160 -14.30 38.57 -49.47
N ARG D 161 -15.15 37.55 -49.51
CA ARG D 161 -16.56 37.74 -49.79
C ARG D 161 -17.35 37.39 -48.54
N ILE D 162 -18.22 38.30 -48.11
CA ILE D 162 -18.99 38.16 -46.89
C ILE D 162 -20.45 38.26 -47.25
N ASN D 163 -21.19 37.18 -47.04
CA ASN D 163 -22.61 37.11 -47.39
C ASN D 163 -23.42 37.13 -46.11
N HIS D 164 -24.33 38.09 -45.99
CA HIS D 164 -25.30 38.07 -44.91
C HIS D 164 -26.42 37.10 -45.27
N ILE D 165 -26.57 36.05 -44.48
CA ILE D 165 -27.52 34.99 -44.79
C ILE D 165 -28.75 35.20 -43.93
N ARG D 166 -29.84 35.59 -44.56
CA ARG D 166 -31.13 35.72 -43.90
C ARG D 166 -32.10 34.83 -44.65
N GLN D 167 -32.76 33.92 -43.91
CA GLN D 167 -33.68 32.90 -44.41
C GLN D 167 -33.01 31.91 -45.35
N GLY D 168 -31.69 31.85 -45.38
CA GLY D 168 -31.00 30.78 -46.06
C GLY D 168 -30.34 31.12 -47.37
N GLU D 169 -30.81 32.12 -48.11
CA GLU D 169 -30.29 32.32 -49.45
C GLU D 169 -29.15 33.34 -49.50
N VAL D 170 -29.42 34.63 -49.29
CA VAL D 170 -28.46 35.73 -49.14
C VAL D 170 -29.31 36.92 -48.75
N ALA D 171 -28.72 37.93 -48.14
CA ALA D 171 -29.48 39.16 -47.94
C ALA D 171 -28.71 40.33 -48.51
N ARG D 172 -27.39 40.26 -48.44
CA ARG D 172 -26.52 41.35 -48.86
C ARG D 172 -25.13 40.78 -49.05
N ALA D 173 -24.53 41.01 -50.21
CA ALA D 173 -23.24 40.43 -50.55
C ALA D 173 -22.16 41.51 -50.45
N TRP D 174 -21.03 41.15 -49.85
CA TRP D 174 -19.86 42.01 -49.80
C TRP D 174 -18.70 41.37 -50.52
N ARG D 175 -17.75 42.20 -50.92
CA ARG D 175 -16.55 41.72 -51.59
C ARG D 175 -15.44 42.74 -51.36
N PHE D 176 -14.34 42.30 -50.77
CA PHE D 176 -13.26 43.21 -50.42
C PHE D 176 -11.95 42.73 -50.99
N ASP D 177 -11.08 43.68 -51.29
CA ASP D 177 -9.66 43.41 -51.54
C ASP D 177 -9.01 43.48 -50.17
N ALA D 178 -8.68 42.32 -49.61
CA ALA D 178 -8.16 42.28 -48.25
C ALA D 178 -6.71 42.74 -48.16
N LEU D 179 -6.02 42.89 -49.29
CA LEU D 179 -4.69 43.45 -49.26
C LEU D 179 -4.70 44.97 -49.38
N ALA D 180 -5.76 45.55 -49.94
CA ALA D 180 -5.90 47.00 -49.92
C ALA D 180 -6.25 47.49 -48.52
N ILE D 181 -7.02 46.71 -47.77
CA ILE D 181 -7.39 47.06 -46.40
C ILE D 181 -6.29 46.52 -45.50
N GLY D 182 -5.57 47.42 -44.85
CA GLY D 182 -4.41 47.02 -44.10
C GLY D 182 -4.76 46.37 -42.78
N LEU D 183 -3.77 45.74 -42.17
CA LEU D 183 -3.96 45.15 -40.86
C LEU D 183 -3.80 46.20 -39.76
N ARG D 184 -3.15 47.32 -40.08
CA ARG D 184 -2.81 48.29 -39.04
C ARG D 184 -3.81 49.43 -38.98
N ASP D 185 -4.30 49.88 -40.13
CA ASP D 185 -5.10 51.09 -40.22
C ASP D 185 -6.56 50.73 -40.41
N PHE D 186 -7.42 51.33 -39.59
CA PHE D 186 -8.86 51.19 -39.75
C PHE D 186 -9.37 52.37 -40.56
N LYS D 187 -9.38 52.23 -41.88
CA LYS D 187 -9.75 53.31 -42.79
C LYS D 187 -11.22 53.22 -43.10
N ALA D 188 -11.86 54.38 -43.25
CA ALA D 188 -13.28 54.42 -43.56
C ALA D 188 -13.54 53.97 -44.99
N ASP D 189 -14.72 53.40 -45.22
CA ASP D 189 -15.11 52.89 -46.52
C ASP D 189 -16.62 52.87 -46.60
N ALA D 190 -17.13 52.88 -47.83
CA ALA D 190 -18.57 52.91 -48.08
C ALA D 190 -19.23 51.57 -47.83
N GLU D 191 -18.55 50.47 -48.18
CA GLU D 191 -19.10 49.14 -47.95
C GLU D 191 -18.81 48.67 -46.52
N LEU D 192 -17.66 49.07 -45.99
CA LEU D 192 -17.31 48.67 -44.63
C LEU D 192 -18.22 49.31 -43.61
N ASP D 193 -18.76 50.47 -43.96
CA ASP D 193 -19.74 51.19 -43.09
C ASP D 193 -21.01 50.34 -43.03
N ALA D 194 -21.37 49.72 -44.15
CA ALA D 194 -22.55 48.88 -44.24
C ALA D 194 -22.37 47.59 -43.45
N LEU D 195 -21.19 46.96 -43.58
CA LEU D 195 -20.91 45.77 -42.78
C LEU D 195 -20.83 46.08 -41.30
N ALA D 196 -20.31 47.26 -40.95
CA ALA D 196 -20.26 47.67 -39.57
C ALA D 196 -21.66 47.97 -39.03
N GLU D 197 -22.53 48.51 -39.87
CA GLU D 197 -23.92 48.71 -39.45
C GLU D 197 -24.63 47.39 -39.27
N LEU D 198 -24.28 46.38 -40.06
CA LEU D 198 -24.87 45.07 -39.89
C LEU D 198 -24.41 44.41 -38.60
N ILE D 199 -23.10 44.47 -38.31
CA ILE D 199 -22.60 43.91 -37.06
C ILE D 199 -23.08 44.74 -35.87
N ALA D 200 -23.35 46.03 -36.07
CA ALA D 200 -23.95 46.86 -35.04
C ALA D 200 -25.37 46.41 -34.74
N SER D 201 -26.15 46.15 -35.79
CA SER D 201 -27.53 45.69 -35.59
C SER D 201 -27.56 44.29 -35.01
N GLY D 202 -26.50 43.51 -35.23
CA GLY D 202 -26.40 42.22 -34.58
C GLY D 202 -26.08 42.36 -33.10
N LEU D 203 -25.06 43.16 -32.78
CA LEU D 203 -24.59 43.27 -31.40
C LEU D 203 -25.56 44.01 -30.52
N SER D 204 -26.40 44.86 -31.10
CA SER D 204 -27.39 45.58 -30.32
C SER D 204 -28.67 44.78 -30.13
N GLY D 205 -28.76 43.59 -30.69
CA GLY D 205 -29.92 42.75 -30.52
C GLY D 205 -31.10 43.11 -31.37
N SER D 206 -30.94 44.02 -32.33
CA SER D 206 -32.03 44.44 -33.17
C SER D 206 -32.15 43.62 -34.45
N GLY D 207 -31.55 42.43 -34.49
CA GLY D 207 -31.68 41.59 -35.66
C GLY D 207 -30.78 40.37 -35.61
N HIS D 208 -31.20 39.29 -36.23
CA HIS D 208 -30.36 38.10 -36.33
C HIS D 208 -29.35 38.29 -37.43
N VAL D 209 -28.07 38.13 -37.12
CA VAL D 209 -26.99 38.35 -38.07
C VAL D 209 -26.17 37.07 -38.17
N LEU D 210 -26.12 36.50 -39.37
CA LEU D 210 -25.27 35.35 -39.66
C LEU D 210 -24.52 35.65 -40.95
N LEU D 211 -23.19 35.65 -40.87
CA LEU D 211 -22.35 36.01 -42.00
C LEU D 211 -21.57 34.79 -42.46
N GLU D 212 -21.63 34.52 -43.76
CA GLU D 212 -20.82 33.47 -44.37
C GLU D 212 -19.60 34.13 -44.98
N VAL D 213 -18.44 33.86 -44.41
CA VAL D 213 -17.21 34.56 -44.76
C VAL D 213 -16.29 33.59 -45.49
N VAL D 214 -16.19 33.75 -46.81
CA VAL D 214 -15.20 33.02 -47.58
C VAL D 214 -14.03 33.96 -47.81
N ALA D 215 -12.86 33.41 -48.13
CA ALA D 215 -11.69 34.22 -48.38
C ALA D 215 -10.72 33.44 -49.24
N PHE D 216 -10.34 34.03 -50.37
CA PHE D 216 -9.45 33.38 -51.33
C PHE D 216 -8.06 34.00 -51.21
N ALA D 217 -7.04 33.17 -51.37
CA ALA D 217 -5.67 33.63 -51.18
C ALA D 217 -4.77 33.05 -52.27
N ARG D 218 -4.24 33.91 -53.12
CA ARG D 218 -3.27 33.50 -54.13
C ARG D 218 -1.96 33.21 -53.43
N ILE D 219 -1.73 31.94 -53.10
CA ILE D 219 -0.46 31.54 -52.50
C ILE D 219 0.50 31.04 -53.55
N GLY D 220 -0.01 30.32 -54.54
CA GLY D 220 0.82 29.75 -55.59
C GLY D 220 0.50 28.29 -55.82
N ASP D 221 1.03 27.70 -56.88
CA ASP D 221 0.73 26.32 -57.21
C ASP D 221 1.38 25.38 -56.20
N GLY D 222 0.55 24.65 -55.47
CA GLY D 222 1.03 23.64 -54.56
C GLY D 222 1.74 24.15 -53.34
N GLN D 223 1.61 25.44 -53.03
CA GLN D 223 2.28 26.00 -51.88
C GLN D 223 1.63 25.51 -50.59
N GLU D 224 2.38 25.60 -49.51
CA GLU D 224 1.97 25.05 -48.23
C GLU D 224 0.97 25.97 -47.56
N VAL D 225 -0.16 25.41 -47.13
CA VAL D 225 -1.12 26.15 -46.34
C VAL D 225 -0.88 25.81 -44.88
N PHE D 226 -1.47 26.59 -44.00
CA PHE D 226 -1.20 26.48 -42.56
C PHE D 226 -2.52 26.40 -41.81
N PRO D 227 -3.07 25.20 -41.66
CA PRO D 227 -4.21 25.02 -40.78
C PRO D 227 -3.76 25.02 -39.33
N SER D 228 -4.74 24.98 -38.44
CA SER D 228 -4.44 25.01 -37.02
C SER D 228 -3.83 23.68 -36.60
N GLN D 229 -3.14 23.70 -35.48
CA GLN D 229 -2.24 22.61 -35.14
C GLN D 229 -2.67 21.93 -33.85
N GLU D 230 -2.88 20.63 -33.93
CA GLU D 230 -3.43 19.86 -32.83
C GLU D 230 -2.32 19.31 -31.94
N LEU D 231 -2.73 18.47 -31.00
CA LEU D 231 -1.79 17.79 -30.14
C LEU D 231 -2.02 16.29 -30.19
N LYS D 242 5.63 10.94 -34.04
CA LYS D 242 4.58 11.88 -34.44
C LYS D 242 4.64 13.14 -33.60
N SER D 243 5.15 14.22 -34.21
CA SER D 243 5.34 15.46 -33.49
C SER D 243 4.24 16.48 -33.76
N LYS D 244 3.93 16.75 -35.02
CA LYS D 244 3.02 17.83 -35.39
C LYS D 244 1.78 17.23 -36.00
N THR D 245 0.63 17.52 -35.40
CA THR D 245 -0.65 17.08 -35.91
C THR D 245 -1.47 18.32 -36.27
N LEU D 246 -2.06 18.30 -37.46
CA LEU D 246 -2.84 19.42 -37.95
C LEU D 246 -4.32 19.16 -37.72
N TYR D 247 -5.08 20.24 -37.57
CA TYR D 247 -6.50 20.14 -37.31
C TYR D 247 -7.25 19.83 -38.59
N SER D 248 -8.12 18.84 -38.51
CA SER D 248 -8.99 18.49 -39.63
C SER D 248 -10.34 18.10 -39.07
N VAL D 249 -11.40 18.47 -39.78
CA VAL D 249 -12.74 18.13 -39.30
C VAL D 249 -13.17 16.76 -39.82
N ARG D 250 -13.31 16.60 -41.13
CA ARG D 250 -13.63 15.30 -41.69
C ARG D 250 -12.81 15.17 -42.98
N ASP D 251 -11.58 14.70 -42.83
CA ASP D 251 -10.60 14.55 -43.91
C ASP D 251 -10.45 15.86 -44.71
N ALA D 252 -10.39 16.97 -43.98
CA ALA D 252 -10.33 18.29 -44.59
C ALA D 252 -9.73 19.24 -43.56
N ALA D 253 -8.62 19.88 -43.91
CA ALA D 253 -7.89 20.71 -42.97
C ALA D 253 -8.73 21.92 -42.57
N ALA D 254 -8.45 22.46 -41.38
CA ALA D 254 -9.26 23.54 -40.87
C ALA D 254 -8.50 24.31 -39.83
N ILE D 255 -8.86 25.57 -39.67
CA ILE D 255 -8.40 26.40 -38.58
C ILE D 255 -9.43 26.28 -37.47
N HIS D 256 -8.96 26.30 -36.22
CA HIS D 256 -9.85 26.24 -35.07
C HIS D 256 -10.78 27.45 -35.06
N SER D 257 -11.93 27.29 -34.43
CA SER D 257 -12.86 28.40 -34.35
C SER D 257 -12.34 29.48 -33.41
N GLN D 258 -11.62 29.09 -32.36
CA GLN D 258 -11.09 30.09 -31.46
C GLN D 258 -9.94 30.87 -32.06
N LYS D 259 -9.26 30.31 -33.06
CA LYS D 259 -8.23 31.08 -33.76
C LYS D 259 -8.85 32.14 -34.66
N ILE D 260 -9.94 31.80 -35.33
CA ILE D 260 -10.68 32.78 -36.11
C ILE D 260 -11.26 33.85 -35.19
N GLY D 261 -11.73 33.45 -34.02
CA GLY D 261 -12.25 34.42 -33.08
C GLY D 261 -11.19 35.31 -32.49
N ASN D 262 -9.99 34.78 -32.29
CA ASN D 262 -8.90 35.61 -31.81
C ASN D 262 -8.38 36.55 -32.89
N ALA D 263 -8.50 36.14 -34.15
CA ALA D 263 -8.17 37.07 -35.23
C ALA D 263 -9.22 38.15 -35.36
N LEU D 264 -10.47 37.86 -35.03
CA LEU D 264 -11.49 38.90 -35.08
C LEU D 264 -11.37 39.88 -33.94
N ARG D 265 -10.78 39.46 -32.82
CA ARG D 265 -10.70 40.32 -31.66
C ARG D 265 -9.51 41.26 -31.68
N THR D 266 -8.65 41.20 -32.69
CA THR D 266 -7.49 42.10 -32.75
C THR D 266 -7.96 43.49 -33.16
N ILE D 267 -8.58 44.18 -32.20
CA ILE D 267 -9.08 45.52 -32.41
C ILE D 267 -8.51 46.51 -31.41
N ASP D 268 -7.80 46.03 -30.38
CA ASP D 268 -7.33 46.85 -29.28
C ASP D 268 -6.18 47.71 -29.77
N THR D 269 -6.46 48.99 -29.99
CA THR D 269 -5.44 49.96 -30.36
C THR D 269 -5.22 50.97 -29.24
N TRP D 270 -5.84 50.76 -28.08
CA TRP D 270 -5.89 51.76 -27.04
C TRP D 270 -5.02 51.41 -25.84
N TYR D 271 -4.20 50.39 -25.98
CA TYR D 271 -3.20 50.03 -25.00
C TYR D 271 -2.05 51.03 -25.06
N PRO D 272 -1.21 51.12 -24.00
CA PRO D 272 -0.05 52.03 -24.08
C PRO D 272 0.96 51.56 -25.11
N ASP D 273 1.01 52.27 -26.22
CA ASP D 273 1.64 51.79 -27.44
C ASP D 273 3.04 52.37 -27.57
N GLU D 274 4.03 51.58 -27.18
CA GLU D 274 5.39 51.80 -27.63
C GLU D 274 5.66 50.77 -28.72
N ASP D 275 6.87 50.83 -29.28
CA ASP D 275 7.42 49.85 -30.21
C ASP D 275 6.71 49.82 -31.57
N GLY D 276 5.63 50.57 -31.76
CA GLY D 276 4.97 50.59 -33.06
C GLY D 276 4.16 49.34 -33.36
N LEU D 277 3.78 48.59 -32.34
CA LEU D 277 2.94 47.43 -32.51
C LEU D 277 1.50 47.86 -32.83
N GLY D 278 0.85 47.09 -33.69
CA GLY D 278 -0.47 47.45 -34.17
C GLY D 278 -1.57 47.11 -33.20
N PRO D 279 -2.71 46.66 -33.73
CA PRO D 279 -3.79 46.22 -32.85
C PRO D 279 -3.49 44.85 -32.26
N ILE D 280 -3.89 44.65 -31.01
CA ILE D 280 -3.72 43.37 -30.36
C ILE D 280 -5.09 42.79 -30.07
N ALA D 281 -5.13 41.50 -29.74
CA ALA D 281 -6.37 40.83 -29.40
C ALA D 281 -6.86 41.26 -28.04
N VAL D 282 -8.16 41.51 -27.93
CA VAL D 282 -8.77 42.03 -26.71
C VAL D 282 -8.74 40.95 -25.65
N GLU D 283 -7.91 41.12 -24.65
CA GLU D 283 -7.80 40.22 -23.51
C GLU D 283 -7.72 41.04 -22.24
N PRO D 284 -8.19 40.49 -21.11
CA PRO D 284 -7.86 41.10 -19.82
C PRO D 284 -6.38 40.94 -19.55
N TYR D 285 -5.76 42.02 -19.09
CA TYR D 285 -4.30 42.20 -19.08
C TYR D 285 -3.73 41.91 -20.46
N GLY D 286 -4.11 42.76 -21.42
CA GLY D 286 -4.02 42.45 -22.83
C GLY D 286 -2.65 42.07 -23.33
N SER D 287 -2.47 40.79 -23.54
CA SER D 287 -1.16 40.17 -23.62
C SER D 287 -0.98 39.54 -24.98
N VAL D 288 0.25 39.53 -25.46
CA VAL D 288 0.62 38.80 -26.67
C VAL D 288 1.61 37.71 -26.27
N THR D 289 1.26 36.47 -26.58
CA THR D 289 2.12 35.37 -26.19
C THR D 289 3.31 35.20 -27.11
N SER D 290 3.22 35.71 -28.35
CA SER D 290 4.36 35.62 -29.25
C SER D 290 5.47 36.57 -28.82
N GLN D 291 5.11 37.80 -28.46
CA GLN D 291 6.11 38.73 -27.96
C GLN D 291 6.45 38.50 -26.50
N GLY D 292 5.65 37.71 -25.80
CA GLY D 292 5.93 37.39 -24.41
C GLY D 292 5.70 38.52 -23.45
N LYS D 293 5.07 39.60 -23.91
CA LYS D 293 4.86 40.79 -23.12
C LYS D 293 3.37 41.01 -22.90
N ALA D 294 3.02 41.46 -21.71
CA ALA D 294 1.64 41.73 -21.36
C ALA D 294 1.45 43.24 -21.28
N TYR D 295 0.77 43.81 -22.26
CA TYR D 295 0.36 45.19 -22.13
C TYR D 295 -0.90 45.26 -21.28
N ARG D 296 -1.29 46.48 -20.94
CA ARG D 296 -2.36 46.77 -19.97
C ARG D 296 -2.13 46.03 -18.66
N GLN D 297 -0.95 46.25 -18.09
CA GLN D 297 -0.59 45.63 -16.84
C GLN D 297 -1.47 46.15 -15.70
N PRO D 298 -1.69 45.35 -14.66
CA PRO D 298 -2.49 45.85 -13.53
C PRO D 298 -1.76 46.88 -12.68
N LYS D 299 -0.44 47.07 -12.88
CA LYS D 299 0.25 48.17 -12.22
C LYS D 299 -0.27 49.51 -12.71
N GLN D 300 -0.40 49.68 -14.02
CA GLN D 300 -1.18 50.77 -14.55
C GLN D 300 -2.66 50.45 -14.40
N LYS D 301 -3.49 51.47 -14.56
CA LYS D 301 -4.92 51.27 -14.47
C LYS D 301 -5.54 51.12 -15.85
N LEU D 302 -5.08 50.13 -16.63
CA LEU D 302 -5.62 49.96 -17.97
C LEU D 302 -5.96 48.52 -18.32
N ASP D 303 -5.93 47.59 -17.37
CA ASP D 303 -6.41 46.25 -17.64
C ASP D 303 -7.93 46.24 -17.67
N PHE D 304 -8.50 45.07 -17.94
CA PHE D 304 -9.96 44.98 -18.02
C PHE D 304 -10.60 45.07 -16.65
N TYR D 305 -9.97 44.46 -15.65
CA TYR D 305 -10.65 44.27 -14.37
C TYR D 305 -10.76 45.56 -13.57
N THR D 306 -9.68 46.33 -13.47
CA THR D 306 -9.76 47.59 -12.75
C THR D 306 -10.59 48.61 -13.49
N LEU D 307 -10.60 48.57 -14.82
CA LEU D 307 -11.47 49.46 -15.59
C LEU D 307 -12.93 49.13 -15.37
N LEU D 308 -13.27 47.83 -15.34
CA LEU D 308 -14.65 47.43 -15.11
C LEU D 308 -15.08 47.73 -13.68
N ASP D 309 -14.20 47.51 -12.71
CA ASP D 309 -14.55 47.83 -11.33
C ASP D 309 -14.67 49.32 -11.09
N ASN D 310 -13.86 50.15 -11.74
CA ASN D 310 -14.06 51.58 -11.63
C ASN D 310 -15.31 52.04 -12.34
N TRP D 311 -15.66 51.44 -13.47
CA TRP D 311 -16.83 51.86 -14.22
C TRP D 311 -18.13 51.43 -13.55
N VAL D 312 -18.14 50.25 -12.94
CA VAL D 312 -19.39 49.70 -12.43
C VAL D 312 -19.58 50.03 -10.95
N LEU D 313 -18.58 49.76 -10.12
CA LEU D 313 -18.75 49.94 -8.68
C LEU D 313 -18.76 51.41 -8.30
N ARG D 314 -17.65 52.11 -8.53
CA ARG D 314 -17.48 53.47 -8.04
C ARG D 314 -17.73 54.52 -9.10
N ASP D 315 -18.36 54.15 -10.22
CA ASP D 315 -18.88 55.06 -11.25
C ASP D 315 -17.79 55.90 -11.91
N GLU D 316 -16.56 55.41 -11.93
CA GLU D 316 -15.46 56.11 -12.58
C GLU D 316 -15.42 55.66 -14.03
N ALA D 317 -16.21 56.32 -14.86
CA ALA D 317 -16.27 55.95 -16.26
C ALA D 317 -15.00 56.39 -16.97
N PRO D 318 -14.24 55.47 -17.56
CA PRO D 318 -13.00 55.86 -18.23
C PRO D 318 -13.24 56.54 -19.56
N ALA D 319 -12.17 56.73 -20.32
CA ALA D 319 -12.26 57.35 -21.63
C ALA D 319 -13.06 56.48 -22.58
N VAL D 320 -13.43 57.07 -23.73
CA VAL D 320 -14.24 56.38 -24.72
C VAL D 320 -13.50 55.18 -25.31
N GLU D 321 -12.18 55.28 -25.42
CA GLU D 321 -11.40 54.18 -25.95
C GLU D 321 -11.28 53.04 -24.95
N GLN D 322 -11.07 53.38 -23.68
CA GLN D 322 -10.97 52.32 -22.69
C GLN D 322 -12.31 51.65 -22.44
N GLN D 323 -13.41 52.39 -22.54
CA GLN D 323 -14.68 51.73 -22.39
C GLN D 323 -15.06 50.94 -23.64
N HIS D 324 -14.57 51.33 -24.82
CA HIS D 324 -14.63 50.44 -25.97
C HIS D 324 -13.90 49.13 -25.71
N TYR D 325 -12.76 49.20 -25.02
CA TYR D 325 -12.02 47.99 -24.68
C TYR D 325 -12.77 47.12 -23.68
N VAL D 326 -13.44 47.73 -22.70
CA VAL D 326 -14.21 46.96 -21.72
C VAL D 326 -15.40 46.26 -22.39
N ILE D 327 -16.09 46.97 -23.28
CA ILE D 327 -17.22 46.34 -23.95
C ILE D 327 -16.74 45.29 -24.94
N ALA D 328 -15.55 45.45 -25.51
CA ALA D 328 -15.00 44.40 -26.36
C ALA D 328 -14.64 43.16 -25.56
N ASN D 329 -14.20 43.34 -24.31
CA ASN D 329 -14.02 42.18 -23.44
C ASN D 329 -15.34 41.50 -23.11
N LEU D 330 -16.40 42.28 -22.90
CA LEU D 330 -17.68 41.65 -22.59
C LEU D 330 -18.26 40.92 -23.79
N ILE D 331 -17.98 41.41 -25.00
CA ILE D 331 -18.33 40.68 -26.20
C ILE D 331 -17.48 39.42 -26.31
N ARG D 332 -16.23 39.48 -25.87
CA ARG D 332 -15.36 38.31 -25.89
C ARG D 332 -15.82 37.25 -24.91
N GLY D 333 -16.39 37.64 -23.77
CA GLY D 333 -16.90 36.69 -22.82
C GLY D 333 -15.82 36.09 -21.96
N GLY D 334 -16.22 35.44 -20.88
CA GLY D 334 -15.28 34.82 -19.99
C GLY D 334 -15.78 34.78 -18.56
N VAL D 335 -14.87 34.39 -17.68
CA VAL D 335 -15.17 34.23 -16.26
C VAL D 335 -14.55 35.35 -15.46
N PHE D 336 -15.32 36.38 -15.14
CA PHE D 336 -14.79 37.54 -14.46
C PHE D 336 -15.28 37.59 -13.03
N GLY D 337 -14.50 37.07 -12.11
CA GLY D 337 -14.93 37.03 -10.73
C GLY D 337 -13.92 36.28 -9.88
N GLU D 338 -14.03 36.48 -8.58
CA GLU D 338 -13.01 36.02 -7.64
C GLU D 338 -13.27 34.56 -7.25
N ALA D 339 -12.61 34.12 -6.18
CA ALA D 339 -12.82 32.78 -5.65
C ALA D 339 -13.64 32.86 -4.36
N ILE E 5 -52.59 13.78 16.19
CA ILE E 5 -51.55 14.80 16.17
C ILE E 5 -51.07 15.01 14.74
N LEU E 6 -50.78 13.90 14.06
CA LEU E 6 -50.42 13.87 12.63
C LEU E 6 -49.16 14.68 12.35
N SER E 7 -48.04 14.15 12.82
CA SER E 7 -46.75 14.68 12.42
C SER E 7 -46.40 14.26 11.00
N THR E 8 -45.34 14.85 10.46
CA THR E 8 -44.91 14.56 9.10
C THR E 8 -44.24 13.19 9.05
N ALA E 9 -44.36 12.52 7.91
CA ALA E 9 -43.75 11.21 7.74
C ALA E 9 -42.24 11.32 7.74
N SER E 10 -41.57 10.28 8.23
CA SER E 10 -40.12 10.35 8.33
C SER E 10 -39.47 10.14 6.98
N VAL E 11 -40.02 9.26 6.15
CA VAL E 11 -39.59 9.16 4.77
C VAL E 11 -40.76 9.55 3.87
N LEU E 12 -40.42 10.13 2.72
CA LEU E 12 -41.41 10.52 1.72
C LEU E 12 -40.66 10.58 0.40
N ALA E 13 -40.88 9.59 -0.44
CA ALA E 13 -40.21 9.56 -1.72
C ALA E 13 -41.29 9.59 -2.79
N PHE E 14 -41.21 10.58 -3.66
CA PHE E 14 -42.12 10.67 -4.78
C PHE E 14 -41.37 10.34 -6.05
N GLU E 15 -41.92 9.44 -6.85
CA GLU E 15 -41.30 9.11 -8.10
C GLU E 15 -41.53 10.23 -9.10
N ARG E 16 -40.62 10.34 -10.04
CA ARG E 16 -40.62 11.42 -11.02
C ARG E 16 -41.72 11.17 -12.03
N LYS E 17 -42.74 12.02 -12.01
CA LYS E 17 -43.62 12.13 -13.16
C LYS E 17 -42.93 13.00 -14.20
N LEU E 18 -43.42 12.94 -15.43
CA LEU E 18 -42.80 13.59 -16.59
C LEU E 18 -41.35 13.12 -16.77
N ASP E 19 -41.21 11.86 -17.16
CA ASP E 19 -39.92 11.28 -17.50
C ASP E 19 -39.48 11.66 -18.90
N PRO E 20 -38.44 12.46 -19.08
CA PRO E 20 -37.88 12.64 -20.41
C PRO E 20 -36.74 11.66 -20.65
N SER E 21 -36.29 11.62 -21.88
CA SER E 21 -35.15 10.80 -22.23
C SER E 21 -33.97 11.71 -22.54
N ASP E 22 -32.85 11.10 -22.90
CA ASP E 22 -31.69 11.88 -23.30
C ASP E 22 -31.93 12.48 -24.68
N ALA E 23 -31.76 13.78 -24.80
CA ALA E 23 -32.14 14.49 -26.01
C ALA E 23 -31.03 14.33 -27.03
N LEU E 24 -31.22 13.40 -27.96
CA LEU E 24 -30.24 13.15 -29.01
C LEU E 24 -30.26 14.30 -30.01
N MET E 25 -29.09 14.86 -30.30
CA MET E 25 -29.01 15.96 -31.24
C MET E 25 -28.32 15.50 -32.52
N SER E 26 -29.01 15.67 -33.64
CA SER E 26 -28.50 15.39 -34.97
C SER E 26 -28.61 16.65 -35.82
N ALA E 27 -28.18 16.57 -37.06
CA ALA E 27 -27.96 17.78 -37.84
C ALA E 27 -28.32 17.58 -39.30
N GLY E 28 -28.79 18.66 -39.90
CA GLY E 28 -29.17 18.63 -41.30
C GLY E 28 -29.49 20.02 -41.77
N ALA E 29 -30.15 20.10 -42.92
CA ALA E 29 -30.52 21.38 -43.50
C ALA E 29 -32.01 21.62 -43.33
N TRP E 30 -32.38 22.88 -43.08
CA TRP E 30 -33.76 23.30 -43.03
C TRP E 30 -34.43 23.14 -44.39
N ALA E 31 -35.76 23.18 -44.38
CA ALA E 31 -36.69 22.95 -45.49
C ALA E 31 -36.67 21.52 -45.99
N GLN E 32 -35.88 20.65 -45.41
CA GLN E 32 -36.03 19.21 -45.50
C GLN E 32 -36.00 18.62 -44.11
N ARG E 33 -36.73 19.26 -43.19
CA ARG E 33 -36.96 18.73 -41.86
C ARG E 33 -38.04 17.68 -41.85
N ASP E 34 -38.87 17.64 -42.88
CA ASP E 34 -39.90 16.62 -42.97
C ASP E 34 -39.32 15.28 -43.35
N ALA E 35 -38.11 15.27 -43.87
CA ALA E 35 -37.37 14.05 -44.16
C ALA E 35 -36.21 13.86 -43.18
N SER E 36 -36.39 14.29 -41.94
CA SER E 36 -35.30 14.29 -40.97
C SER E 36 -35.28 13.05 -40.10
N GLN E 37 -35.32 11.87 -40.71
CA GLN E 37 -35.19 10.64 -39.94
C GLN E 37 -33.89 9.90 -40.21
N GLU E 38 -33.15 10.31 -41.22
CA GLU E 38 -31.86 9.72 -41.54
C GLU E 38 -30.74 10.75 -41.42
N TRP E 39 -31.05 11.86 -40.74
CA TRP E 39 -30.07 12.91 -40.52
C TRP E 39 -28.92 12.40 -39.67
N PRO E 40 -27.69 12.73 -40.03
CA PRO E 40 -26.54 12.20 -39.28
C PRO E 40 -26.41 12.88 -37.94
N ALA E 41 -25.92 12.14 -36.96
CA ALA E 41 -25.86 12.66 -35.61
C ALA E 41 -24.70 13.63 -35.46
N VAL E 42 -24.87 14.58 -34.54
CA VAL E 42 -23.79 15.51 -34.22
C VAL E 42 -22.76 14.75 -33.40
N THR E 43 -21.57 14.63 -33.93
CA THR E 43 -20.52 13.87 -33.26
C THR E 43 -19.67 14.80 -32.42
N VAL E 44 -19.31 14.32 -31.23
CA VAL E 44 -18.46 15.05 -30.31
C VAL E 44 -17.02 14.71 -30.66
N ARG E 45 -16.25 15.72 -31.05
CA ARG E 45 -14.85 15.54 -31.40
C ARG E 45 -13.98 16.45 -30.54
N GLU E 46 -12.69 16.16 -30.52
CA GLU E 46 -11.75 16.87 -29.69
C GLU E 46 -11.00 17.91 -30.51
N LYS E 47 -10.57 18.96 -29.84
CA LYS E 47 -9.69 19.95 -30.44
C LYS E 47 -8.86 20.56 -29.33
N SER E 48 -7.69 21.07 -29.70
CA SER E 48 -6.79 21.68 -28.74
C SER E 48 -7.09 23.15 -28.61
N VAL E 49 -6.98 23.67 -27.40
CA VAL E 49 -7.11 25.10 -27.15
C VAL E 49 -5.90 25.57 -26.35
N ARG E 50 -5.47 26.80 -26.62
CA ARG E 50 -4.32 27.39 -25.98
C ARG E 50 -4.73 28.74 -25.42
N GLY E 51 -4.68 28.87 -24.10
CA GLY E 51 -5.22 30.04 -23.45
C GLY E 51 -4.14 30.87 -22.78
N THR E 52 -4.36 32.16 -22.78
CA THR E 52 -3.60 33.03 -21.91
C THR E 52 -4.28 33.10 -20.55
N ILE E 53 -3.54 33.55 -19.55
CA ILE E 53 -4.12 33.77 -18.24
C ILE E 53 -5.00 35.01 -18.30
N SER E 54 -6.26 34.85 -17.89
CA SER E 54 -7.20 35.96 -17.94
C SER E 54 -8.05 36.11 -16.69
N ASN E 55 -7.88 35.24 -15.69
CA ASN E 55 -8.66 35.38 -14.48
C ASN E 55 -8.11 36.51 -13.61
N ARG E 56 -8.85 36.85 -12.56
CA ARG E 56 -8.43 37.93 -11.68
C ARG E 56 -7.25 37.50 -10.82
N LEU E 57 -6.36 38.45 -10.56
CA LEU E 57 -5.22 38.21 -9.69
C LEU E 57 -5.47 38.84 -8.32
N LYS E 58 -4.97 38.18 -7.29
CA LYS E 58 -5.32 38.49 -5.90
C LYS E 58 -4.27 39.36 -5.21
N THR E 59 -3.69 40.32 -5.94
CA THR E 59 -2.71 41.31 -5.49
C THR E 59 -1.44 40.70 -4.91
N LYS E 60 -1.15 39.45 -5.25
CA LYS E 60 0.18 38.89 -5.08
C LYS E 60 0.80 38.50 -6.40
N ASP E 61 0.00 38.37 -7.45
CA ASP E 61 0.46 38.06 -8.78
C ASP E 61 0.46 39.27 -9.70
N ARG E 62 0.30 40.47 -9.14
CA ARG E 62 0.27 41.70 -9.93
C ARG E 62 1.66 42.28 -10.16
N ASP E 63 2.70 41.51 -9.89
CA ASP E 63 4.03 41.89 -10.34
C ASP E 63 4.09 41.76 -11.86
N PRO E 64 4.68 42.73 -12.55
CA PRO E 64 4.73 42.64 -14.02
C PRO E 64 5.64 41.53 -14.53
N ALA E 65 6.78 41.30 -13.86
CA ALA E 65 7.68 40.25 -14.30
C ALA E 65 7.07 38.87 -14.06
N LYS E 66 6.37 38.71 -12.95
CA LYS E 66 5.70 37.45 -12.65
C LYS E 66 4.56 37.18 -13.62
N LEU E 67 3.80 38.22 -13.97
CA LEU E 67 2.70 38.06 -14.93
C LEU E 67 3.23 37.79 -16.33
N ASP E 68 4.36 38.39 -16.70
CA ASP E 68 4.93 38.10 -18.01
C ASP E 68 5.52 36.71 -18.06
N ALA E 69 6.08 36.24 -16.96
CA ALA E 69 6.55 34.86 -16.91
C ALA E 69 5.40 33.88 -16.92
N SER E 70 4.23 34.29 -16.40
CA SER E 70 3.05 33.43 -16.50
C SER E 70 2.50 33.38 -17.91
N ILE E 71 2.40 34.52 -18.59
CA ILE E 71 1.90 34.51 -19.96
C ILE E 71 2.92 33.98 -20.96
N GLN E 72 4.17 33.80 -20.54
CA GLN E 72 5.13 33.09 -21.37
C GLN E 72 4.79 31.61 -21.48
N SER E 73 4.24 31.01 -20.42
CA SER E 73 3.84 29.60 -20.40
C SER E 73 2.33 29.50 -20.42
N PRO E 74 1.71 29.35 -21.59
CA PRO E 74 0.25 29.26 -21.64
C PRO E 74 -0.23 27.87 -21.30
N ASN E 75 -1.50 27.78 -20.92
CA ASN E 75 -2.07 26.49 -20.55
C ASN E 75 -2.66 25.80 -21.77
N LEU E 76 -2.40 24.50 -21.89
CA LEU E 76 -2.87 23.71 -22.99
C LEU E 76 -3.99 22.78 -22.53
N GLN E 77 -5.03 22.68 -23.34
CA GLN E 77 -6.09 21.72 -23.10
C GLN E 77 -6.51 21.10 -24.42
N THR E 78 -7.13 19.93 -24.31
CA THR E 78 -7.97 19.38 -25.35
C THR E 78 -9.39 19.48 -24.83
N VAL E 79 -10.29 20.01 -25.63
CA VAL E 79 -11.67 20.14 -25.23
C VAL E 79 -12.51 19.32 -26.19
N ASP E 80 -13.57 18.72 -25.67
CA ASP E 80 -14.58 18.12 -26.52
C ASP E 80 -15.43 19.23 -27.09
N VAL E 81 -15.71 19.19 -28.38
CA VAL E 81 -16.52 20.21 -29.03
C VAL E 81 -17.53 19.51 -29.92
N ALA E 82 -18.69 20.12 -30.08
CA ALA E 82 -19.75 19.59 -30.92
C ALA E 82 -20.20 20.70 -31.86
N ASN E 83 -19.96 20.51 -33.15
CA ASN E 83 -20.38 21.47 -34.14
C ASN E 83 -21.33 20.81 -35.10
N LEU E 84 -22.14 21.63 -35.77
CA LEU E 84 -22.83 21.15 -36.94
C LEU E 84 -21.82 20.90 -38.06
N PRO E 85 -22.19 20.11 -39.05
CA PRO E 85 -21.36 20.02 -40.25
C PRO E 85 -21.36 21.32 -41.02
N SER E 86 -20.39 21.45 -41.91
CA SER E 86 -20.26 22.67 -42.70
C SER E 86 -21.30 22.81 -43.78
N ASP E 87 -22.15 21.81 -43.98
CA ASP E 87 -23.20 21.87 -44.99
C ASP E 87 -24.57 21.70 -44.37
N ALA E 88 -24.68 21.95 -43.06
CA ALA E 88 -25.92 21.75 -42.34
C ALA E 88 -26.10 22.89 -41.36
N ASP E 89 -27.26 23.53 -41.39
CA ASP E 89 -27.51 24.72 -40.58
C ASP E 89 -28.57 24.49 -39.52
N THR E 90 -29.13 23.30 -39.44
CA THR E 90 -30.22 23.02 -38.52
C THR E 90 -29.79 21.97 -37.52
N LEU E 91 -30.10 22.23 -36.25
CA LEU E 91 -29.89 21.25 -35.20
C LEU E 91 -31.22 20.61 -34.84
N LYS E 92 -31.34 19.31 -35.05
CA LYS E 92 -32.51 18.56 -34.64
C LYS E 92 -32.23 17.95 -33.29
N VAL E 93 -33.03 18.28 -32.28
CA VAL E 93 -32.89 17.70 -30.94
C VAL E 93 -34.15 16.89 -30.67
N ARG E 94 -33.98 15.60 -30.41
CA ARG E 94 -35.11 14.68 -30.34
C ARG E 94 -35.05 13.88 -29.06
N PHE E 95 -36.16 13.85 -28.34
CA PHE E 95 -36.29 13.03 -27.14
C PHE E 95 -37.74 12.59 -27.03
N THR E 96 -37.99 11.65 -26.12
CA THR E 96 -39.35 11.29 -25.79
C THR E 96 -39.64 11.71 -24.35
N LEU E 97 -40.90 11.97 -24.09
CA LEU E 97 -41.34 12.37 -22.76
C LEU E 97 -42.51 11.51 -22.38
N ARG E 98 -42.47 10.91 -21.20
CA ARG E 98 -43.53 10.04 -20.74
C ARG E 98 -44.18 10.66 -19.53
N VAL E 99 -45.46 11.01 -19.66
CA VAL E 99 -46.24 11.64 -18.60
C VAL E 99 -47.00 10.54 -17.88
N LEU E 100 -46.75 10.40 -16.57
CA LEU E 100 -47.19 9.19 -15.87
C LEU E 100 -48.53 9.36 -15.15
N GLY E 101 -48.60 10.29 -14.23
CA GLY E 101 -49.85 10.37 -13.50
C GLY E 101 -49.82 9.54 -12.24
N GLY E 102 -50.64 9.94 -11.28
CA GLY E 102 -50.55 9.39 -9.95
C GLY E 102 -49.60 10.23 -9.13
N ALA E 103 -49.78 11.55 -9.17
CA ALA E 103 -48.82 12.48 -8.59
C ALA E 103 -48.91 12.52 -7.07
N GLY E 104 -50.04 12.15 -6.50
CA GLY E 104 -50.17 12.24 -5.06
C GLY E 104 -49.59 11.11 -4.28
N THR E 105 -49.52 9.91 -4.85
CA THR E 105 -49.08 8.74 -4.10
C THR E 105 -47.57 8.77 -3.94
N PRO E 106 -47.05 8.74 -2.73
CA PRO E 106 -45.61 8.58 -2.55
C PRO E 106 -45.19 7.15 -2.81
N SER E 107 -43.95 6.99 -3.25
CA SER E 107 -43.40 5.68 -3.48
C SER E 107 -42.87 5.04 -2.22
N ALA E 108 -42.76 5.80 -1.14
CA ALA E 108 -42.30 5.30 0.15
C ALA E 108 -42.77 6.27 1.21
N CYS E 109 -43.46 5.78 2.23
CA CYS E 109 -43.99 6.67 3.25
C CYS E 109 -44.25 5.87 4.52
N ASN E 110 -43.69 6.34 5.63
CA ASN E 110 -43.81 5.62 6.90
C ASN E 110 -45.19 5.69 7.50
N ASP E 111 -45.66 6.88 7.83
CA ASP E 111 -46.94 7.06 8.51
C ASP E 111 -48.07 6.78 7.52
N ALA E 112 -48.93 5.83 7.88
CA ALA E 112 -50.11 5.60 7.05
C ALA E 112 -51.11 6.73 7.20
N ALA E 113 -51.16 7.37 8.36
CA ALA E 113 -52.08 8.48 8.58
C ALA E 113 -51.67 9.69 7.76
N TYR E 114 -50.37 9.98 7.71
CA TYR E 114 -49.87 11.05 6.87
C TYR E 114 -50.09 10.75 5.40
N ARG E 115 -49.94 9.48 5.01
CA ARG E 115 -50.12 9.12 3.61
C ARG E 115 -51.58 9.30 3.20
N ASP E 116 -52.51 8.90 4.07
CA ASP E 116 -53.93 9.09 3.75
C ASP E 116 -54.30 10.58 3.73
N LYS E 117 -53.72 11.36 4.64
CA LYS E 117 -54.01 12.79 4.65
C LYS E 117 -53.44 13.49 3.43
N LEU E 118 -52.24 13.10 3.01
CA LEU E 118 -51.61 13.71 1.84
C LEU E 118 -52.35 13.32 0.56
N LEU E 119 -52.80 12.07 0.49
CA LEU E 119 -53.61 11.63 -0.65
C LEU E 119 -54.92 12.37 -0.70
N GLN E 120 -55.54 12.62 0.45
CA GLN E 120 -56.79 13.38 0.49
C GLN E 120 -56.56 14.82 0.08
N THR E 121 -55.43 15.40 0.46
CA THR E 121 -55.08 16.76 0.09
C THR E 121 -54.90 16.89 -1.42
N VAL E 122 -54.14 15.98 -2.02
CA VAL E 122 -53.90 16.05 -3.46
C VAL E 122 -55.19 15.73 -4.23
N ALA E 123 -56.02 14.84 -3.71
CA ALA E 123 -57.29 14.57 -4.37
C ALA E 123 -58.25 15.73 -4.27
N THR E 124 -58.21 16.46 -3.14
CA THR E 124 -58.96 17.70 -3.01
C THR E 124 -58.50 18.73 -4.03
N TYR E 125 -57.19 18.83 -4.24
CA TYR E 125 -56.66 19.73 -5.26
C TYR E 125 -57.14 19.34 -6.65
N VAL E 126 -57.02 18.06 -7.01
CA VAL E 126 -57.34 17.59 -8.35
C VAL E 126 -58.83 17.72 -8.63
N ASN E 127 -59.67 17.49 -7.61
CA ASN E 127 -61.10 17.67 -7.79
C ASN E 127 -61.48 19.14 -7.90
N ASP E 128 -60.81 20.00 -7.13
CA ASP E 128 -61.10 21.42 -7.21
C ASP E 128 -60.63 22.00 -8.54
N GLN E 129 -59.43 21.65 -8.96
CA GLN E 129 -58.85 22.14 -10.19
C GLN E 129 -57.80 21.14 -10.65
N GLY E 130 -58.02 20.53 -11.80
CA GLY E 130 -57.19 19.44 -12.23
C GLY E 130 -55.80 19.91 -12.66
N PHE E 131 -55.05 18.99 -13.24
CA PHE E 131 -53.74 19.36 -13.77
C PHE E 131 -53.94 20.15 -15.06
N ALA E 132 -54.39 21.38 -14.92
CA ALA E 132 -54.80 22.20 -16.04
C ALA E 132 -53.97 23.44 -16.18
N GLU E 133 -53.60 24.07 -15.07
CA GLU E 133 -52.62 25.15 -15.14
C GLU E 133 -51.22 24.57 -15.32
N LEU E 134 -50.91 23.51 -14.57
CA LEU E 134 -49.60 22.88 -14.62
C LEU E 134 -49.34 22.28 -15.98
N ALA E 135 -50.32 21.62 -16.56
CA ALA E 135 -50.11 21.04 -17.89
C ALA E 135 -50.03 22.10 -18.97
N ARG E 136 -50.69 23.24 -18.78
CA ARG E 136 -50.54 24.33 -19.73
C ARG E 136 -49.15 24.91 -19.68
N ARG E 137 -48.57 25.03 -18.49
CA ARG E 137 -47.22 25.55 -18.40
C ARG E 137 -46.16 24.53 -18.84
N TYR E 138 -46.38 23.24 -18.59
CA TYR E 138 -45.49 22.21 -19.12
C TYR E 138 -45.59 22.14 -20.64
N ALA E 139 -46.79 22.34 -21.17
CA ALA E 139 -46.97 22.34 -22.61
C ALA E 139 -46.32 23.54 -23.26
N HIS E 140 -46.27 24.69 -22.55
CA HIS E 140 -45.49 25.80 -23.06
C HIS E 140 -44.01 25.50 -23.07
N ASN E 141 -43.50 24.92 -21.99
CA ASN E 141 -42.08 24.61 -21.94
C ASN E 141 -41.69 23.47 -22.88
N LEU E 142 -42.65 22.70 -23.36
CA LEU E 142 -42.41 21.86 -24.54
C LEU E 142 -42.51 22.68 -25.81
N ALA E 143 -43.43 23.64 -25.86
CA ALA E 143 -43.75 24.33 -27.09
C ALA E 143 -42.67 25.32 -27.48
N ASN E 144 -42.32 26.26 -26.61
CA ASN E 144 -41.08 26.98 -26.79
C ASN E 144 -39.95 26.05 -26.43
N ALA E 145 -38.95 25.97 -27.28
CA ALA E 145 -37.89 24.99 -27.06
C ALA E 145 -36.96 25.49 -25.97
N ARG E 146 -37.45 25.43 -24.74
CA ARG E 146 -36.60 25.76 -23.61
C ARG E 146 -35.58 24.69 -23.33
N PHE E 147 -35.86 23.45 -23.77
CA PHE E 147 -34.92 22.36 -23.55
C PHE E 147 -33.71 22.47 -24.44
N LEU E 148 -33.80 23.18 -25.54
CA LEU E 148 -32.64 23.73 -26.21
C LEU E 148 -32.10 24.81 -25.31
N TRP E 149 -31.06 24.51 -24.54
CA TRP E 149 -30.68 25.44 -23.48
C TRP E 149 -29.92 26.64 -24.02
N ARG E 150 -28.73 26.42 -24.55
CA ARG E 150 -27.98 27.47 -25.20
C ARG E 150 -28.08 27.37 -26.72
N ASN E 151 -28.61 26.27 -27.23
CA ASN E 151 -28.82 26.12 -28.65
C ASN E 151 -30.01 26.93 -29.15
N ARG E 152 -30.74 27.59 -28.26
CA ARG E 152 -31.88 28.42 -28.63
C ARG E 152 -31.51 29.89 -28.72
N VAL E 153 -30.41 30.31 -28.11
CA VAL E 153 -30.21 31.73 -27.84
C VAL E 153 -29.84 32.53 -29.07
N GLY E 154 -29.37 31.89 -30.14
CA GLY E 154 -28.97 32.67 -31.28
C GLY E 154 -29.63 32.16 -32.54
N ALA E 155 -30.65 31.34 -32.37
CA ALA E 155 -31.24 30.63 -33.49
C ALA E 155 -32.13 31.54 -34.31
N GLU E 156 -32.06 31.39 -35.61
CA GLU E 156 -32.85 32.23 -36.51
C GLU E 156 -34.32 31.84 -36.47
N ALA E 157 -34.60 30.54 -36.42
CA ALA E 157 -35.97 30.06 -36.35
C ALA E 157 -35.94 28.73 -35.63
N VAL E 158 -36.83 28.56 -34.65
CA VAL E 158 -36.94 27.33 -33.87
C VAL E 158 -38.33 26.77 -34.11
N GLU E 159 -38.40 25.50 -34.49
CA GLU E 159 -39.68 24.83 -34.70
C GLU E 159 -39.71 23.54 -33.92
N VAL E 160 -40.73 23.37 -33.09
CA VAL E 160 -40.90 22.20 -32.24
C VAL E 160 -42.04 21.37 -32.78
N ARG E 161 -41.78 20.09 -33.01
CA ARG E 161 -42.81 19.15 -33.43
C ARG E 161 -43.01 18.12 -32.32
N ILE E 162 -44.23 18.05 -31.80
CA ILE E 162 -44.56 17.15 -30.71
C ILE E 162 -45.61 16.17 -31.20
N ASN E 163 -45.32 14.89 -31.08
CA ASN E 163 -46.19 13.84 -31.58
C ASN E 163 -46.65 12.97 -30.43
N HIS E 164 -47.94 12.78 -30.32
CA HIS E 164 -48.48 11.81 -29.37
C HIS E 164 -48.36 10.44 -29.98
N ILE E 165 -47.63 9.54 -29.33
CA ILE E 165 -47.37 8.22 -29.87
C ILE E 165 -48.30 7.23 -29.18
N ARG E 166 -49.23 6.69 -29.95
CA ARG E 166 -50.08 5.59 -29.53
C ARG E 166 -49.43 4.28 -29.96
N GLN E 167 -50.24 3.22 -30.06
CA GLN E 167 -49.86 1.80 -30.14
C GLN E 167 -48.65 1.48 -30.99
N GLY E 168 -48.48 2.16 -32.11
CA GLY E 168 -47.15 2.22 -32.67
C GLY E 168 -46.83 3.49 -33.41
N GLU E 169 -47.81 4.38 -33.53
CA GLU E 169 -47.73 5.48 -34.48
C GLU E 169 -48.29 6.74 -33.84
N VAL E 170 -48.33 7.79 -34.64
CA VAL E 170 -48.70 9.11 -34.14
C VAL E 170 -50.22 9.21 -34.06
N ALA E 171 -50.72 9.54 -32.87
CA ALA E 171 -52.15 9.74 -32.73
C ALA E 171 -52.55 11.17 -33.04
N ARG E 172 -51.69 12.14 -32.74
CA ARG E 172 -51.99 13.54 -32.94
C ARG E 172 -50.67 14.28 -33.00
N ALA E 173 -50.45 15.03 -34.06
CA ALA E 173 -49.19 15.72 -34.28
C ALA E 173 -49.37 17.21 -34.07
N TRP E 174 -48.48 17.80 -33.29
CA TRP E 174 -48.41 19.24 -33.13
C TRP E 174 -47.20 19.78 -33.87
N ARG E 175 -47.21 21.09 -34.10
CA ARG E 175 -46.10 21.76 -34.75
C ARG E 175 -46.12 23.21 -34.31
N PHE E 176 -45.10 23.64 -33.59
CA PHE E 176 -45.07 24.97 -33.01
C PHE E 176 -43.92 25.78 -33.56
N ASP E 177 -44.09 27.09 -33.56
CA ASP E 177 -43.02 28.04 -33.86
C ASP E 177 -42.51 28.55 -32.52
N ALA E 178 -41.41 27.98 -32.05
CA ALA E 178 -40.98 28.15 -30.67
C ALA E 178 -40.41 29.52 -30.37
N LEU E 179 -40.27 30.39 -31.36
CA LEU E 179 -39.84 31.75 -31.10
C LEU E 179 -41.01 32.73 -30.94
N ALA E 180 -42.14 32.46 -31.59
CA ALA E 180 -43.33 33.26 -31.34
C ALA E 180 -43.88 32.99 -29.95
N ILE E 181 -43.76 31.77 -29.47
CA ILE E 181 -44.08 31.44 -28.08
C ILE E 181 -42.88 31.84 -27.25
N GLY E 182 -43.05 32.86 -26.43
CA GLY E 182 -41.93 33.39 -25.68
C GLY E 182 -41.47 32.46 -24.58
N LEU E 183 -40.34 32.81 -23.99
CA LEU E 183 -39.81 32.05 -22.87
C LEU E 183 -40.38 32.50 -21.53
N ARG E 184 -41.27 33.48 -21.52
CA ARG E 184 -41.68 34.05 -20.24
C ARG E 184 -43.17 34.28 -20.08
N ASP E 185 -43.97 34.25 -21.13
CA ASP E 185 -45.41 34.46 -21.01
C ASP E 185 -46.10 33.15 -21.29
N PHE E 186 -47.03 32.77 -20.41
CA PHE E 186 -47.82 31.55 -20.61
C PHE E 186 -49.18 31.97 -21.18
N LYS E 187 -49.19 32.21 -22.48
CA LYS E 187 -50.38 32.69 -23.17
C LYS E 187 -51.31 31.52 -23.47
N ALA E 188 -52.33 31.75 -24.26
CA ALA E 188 -53.28 30.70 -24.64
C ALA E 188 -53.27 30.55 -26.15
N ASP E 189 -53.66 29.37 -26.61
CA ASP E 189 -53.62 29.07 -28.03
C ASP E 189 -54.67 28.02 -28.31
N ALA E 190 -54.79 27.65 -29.58
CA ALA E 190 -55.66 26.54 -29.92
C ALA E 190 -54.94 25.22 -29.75
N GLU E 191 -53.70 25.14 -30.24
CA GLU E 191 -52.95 23.89 -30.18
C GLU E 191 -52.33 23.66 -28.83
N LEU E 192 -51.96 24.73 -28.12
CA LEU E 192 -51.37 24.58 -26.81
C LEU E 192 -52.39 24.08 -25.80
N ASP E 193 -53.66 24.41 -26.00
CA ASP E 193 -54.67 23.84 -25.13
C ASP E 193 -54.92 22.37 -25.42
N ALA E 194 -54.73 21.94 -26.66
CA ALA E 194 -54.84 20.52 -26.95
C ALA E 194 -53.69 19.74 -26.33
N LEU E 195 -52.48 20.29 -26.42
CA LEU E 195 -51.34 19.68 -25.73
C LEU E 195 -51.49 19.74 -24.23
N ALA E 196 -52.11 20.79 -23.71
CA ALA E 196 -52.34 20.89 -22.28
C ALA E 196 -53.38 19.89 -21.81
N GLU E 197 -54.39 19.63 -22.63
CA GLU E 197 -55.36 18.60 -22.29
C GLU E 197 -54.76 17.21 -22.36
N LEU E 198 -53.80 17.01 -23.26
CA LEU E 198 -53.14 15.71 -23.32
C LEU E 198 -52.24 15.48 -22.12
N ILE E 199 -51.44 16.49 -21.75
CA ILE E 199 -50.61 16.38 -20.56
C ILE E 199 -51.48 16.33 -19.30
N ALA E 200 -52.67 16.93 -19.35
CA ALA E 200 -53.62 16.83 -18.27
C ALA E 200 -54.14 15.40 -18.09
N SER E 201 -54.54 14.77 -19.19
CA SER E 201 -55.02 13.39 -19.10
C SER E 201 -53.90 12.43 -18.77
N GLY E 202 -52.66 12.79 -19.08
CA GLY E 202 -51.54 11.98 -18.63
C GLY E 202 -51.30 12.11 -17.15
N LEU E 203 -51.26 13.35 -16.64
CA LEU E 203 -50.97 13.58 -15.23
C LEU E 203 -52.12 13.16 -14.34
N SER E 204 -53.34 13.10 -14.87
CA SER E 204 -54.49 12.65 -14.10
C SER E 204 -54.55 11.14 -13.97
N GLY E 205 -53.73 10.42 -14.72
CA GLY E 205 -53.77 8.98 -14.72
C GLY E 205 -54.82 8.38 -15.62
N SER E 206 -55.56 9.20 -16.34
CA SER E 206 -56.66 8.70 -17.16
C SER E 206 -56.24 8.32 -18.56
N GLY E 207 -54.95 8.14 -18.81
CA GLY E 207 -54.51 7.74 -20.13
C GLY E 207 -53.01 7.63 -20.24
N HIS E 208 -52.53 6.78 -21.14
CA HIS E 208 -51.10 6.67 -21.35
C HIS E 208 -50.67 7.76 -22.32
N VAL E 209 -49.73 8.60 -21.89
CA VAL E 209 -49.23 9.70 -22.70
C VAL E 209 -47.74 9.50 -22.89
N LEU E 210 -47.33 9.34 -24.14
CA LEU E 210 -45.93 9.32 -24.51
C LEU E 210 -45.75 10.27 -25.68
N LEU E 211 -45.03 11.35 -25.46
CA LEU E 211 -44.83 12.37 -26.48
C LEU E 211 -43.43 12.23 -27.05
N GLU E 212 -43.32 12.29 -28.36
CA GLU E 212 -42.02 12.38 -29.02
C GLU E 212 -41.80 13.82 -29.41
N VAL E 213 -40.83 14.46 -28.79
CA VAL E 213 -40.58 15.88 -28.97
C VAL E 213 -39.36 16.06 -29.85
N VAL E 214 -39.56 16.68 -31.01
CA VAL E 214 -38.47 17.00 -31.94
C VAL E 214 -38.43 18.51 -32.08
N ALA E 215 -37.25 19.09 -31.94
CA ALA E 215 -37.10 20.52 -32.08
C ALA E 215 -35.97 20.82 -33.05
N PHE E 216 -36.23 21.69 -34.01
CA PHE E 216 -35.26 22.13 -34.98
C PHE E 216 -34.85 23.56 -34.66
N ALA E 217 -33.63 23.93 -35.03
CA ALA E 217 -33.12 25.27 -34.74
C ALA E 217 -32.18 25.71 -35.84
N ARG E 218 -32.51 26.80 -36.51
CA ARG E 218 -31.62 27.39 -37.51
C ARG E 218 -30.46 28.04 -36.80
N ILE E 219 -29.35 27.35 -36.67
CA ILE E 219 -28.17 27.94 -36.11
C ILE E 219 -27.27 28.51 -37.20
N GLY E 220 -26.81 27.66 -38.10
CA GLY E 220 -25.91 28.12 -39.15
C GLY E 220 -24.88 27.06 -39.47
N ASP E 221 -24.25 27.17 -40.64
CA ASP E 221 -23.41 26.11 -41.17
C ASP E 221 -22.15 25.98 -40.33
N GLY E 222 -21.99 24.83 -39.68
CA GLY E 222 -20.81 24.58 -38.91
C GLY E 222 -20.77 25.23 -37.56
N GLN E 223 -21.87 25.83 -37.12
CA GLN E 223 -21.90 26.53 -35.86
C GLN E 223 -21.88 25.54 -34.70
N GLU E 224 -21.46 26.02 -33.54
CA GLU E 224 -21.27 25.15 -32.39
C GLU E 224 -22.59 24.94 -31.67
N VAL E 225 -22.91 23.68 -31.41
CA VAL E 225 -24.03 23.33 -30.58
C VAL E 225 -23.50 22.94 -29.22
N PHE E 226 -24.41 22.87 -28.25
CA PHE E 226 -24.04 22.76 -26.85
C PHE E 226 -24.76 21.60 -26.19
N PRO E 227 -24.19 20.41 -26.26
CA PRO E 227 -24.74 19.29 -25.50
C PRO E 227 -24.42 19.42 -24.03
N SER E 228 -24.98 18.52 -23.25
CA SER E 228 -24.75 18.52 -21.81
C SER E 228 -23.32 18.10 -21.54
N GLN E 229 -22.76 18.63 -20.48
CA GLN E 229 -21.33 18.51 -20.24
C GLN E 229 -21.06 17.60 -19.06
N GLU E 230 -20.24 16.58 -19.28
CA GLU E 230 -19.82 15.64 -18.26
C GLU E 230 -18.73 16.27 -17.40
N LEU E 231 -18.45 15.64 -16.26
CA LEU E 231 -17.31 16.09 -15.49
C LEU E 231 -16.16 15.11 -15.65
N ILE E 232 -14.95 15.59 -15.37
CA ILE E 232 -13.75 14.93 -15.76
C ILE E 232 -13.13 14.24 -14.55
N LEU E 233 -12.07 13.47 -14.81
CA LEU E 233 -11.43 12.70 -13.76
C LEU E 233 -10.26 13.47 -13.14
N ASP E 234 -9.61 14.33 -13.92
CA ASP E 234 -8.47 15.17 -13.52
C ASP E 234 -7.31 14.32 -12.99
N LYS E 235 -6.74 13.54 -13.90
CA LYS E 235 -5.73 12.54 -13.54
C LYS E 235 -4.42 12.73 -14.31
N GLY E 236 -4.46 13.26 -15.52
CA GLY E 236 -3.26 13.31 -16.34
C GLY E 236 -2.47 14.60 -16.22
N ASP E 237 -1.64 14.88 -17.21
CA ASP E 237 -0.73 16.02 -17.15
C ASP E 237 -1.44 17.32 -17.54
N LYS E 238 -0.69 18.44 -17.41
CA LYS E 238 -1.22 19.77 -17.68
C LYS E 238 -1.31 20.09 -19.16
N LYS E 239 -0.70 19.30 -20.03
CA LYS E 239 -0.73 19.54 -21.47
C LYS E 239 -1.91 18.87 -22.15
N GLY E 240 -2.19 17.62 -21.80
CA GLY E 240 -3.29 16.84 -22.33
C GLY E 240 -4.42 16.66 -21.33
N GLN E 241 -4.82 17.75 -20.67
CA GLN E 241 -5.71 17.70 -19.52
C GLN E 241 -7.06 17.06 -19.81
N LYS E 242 -7.59 17.24 -21.02
CA LYS E 242 -8.98 16.93 -21.39
C LYS E 242 -9.93 17.61 -20.41
N SER E 243 -9.95 18.94 -20.49
CA SER E 243 -10.65 19.74 -19.50
C SER E 243 -12.14 19.87 -19.75
N LYS E 244 -12.65 19.32 -20.85
CA LYS E 244 -14.06 19.42 -21.15
C LYS E 244 -14.51 18.15 -21.83
N THR E 245 -15.53 17.50 -21.28
CA THR E 245 -16.13 16.33 -21.89
C THR E 245 -17.61 16.55 -22.09
N LEU E 246 -18.10 16.19 -23.25
CA LEU E 246 -19.50 16.37 -23.59
C LEU E 246 -20.23 15.04 -23.59
N TYR E 247 -21.50 15.08 -23.23
CA TYR E 247 -22.32 13.89 -23.12
C TYR E 247 -22.65 13.36 -24.50
N SER E 248 -22.61 12.05 -24.65
CA SER E 248 -23.00 11.42 -25.90
C SER E 248 -23.38 9.98 -25.58
N VAL E 249 -24.41 9.47 -26.24
CA VAL E 249 -24.87 8.13 -25.87
C VAL E 249 -24.11 7.06 -26.64
N ARG E 250 -24.05 7.16 -27.98
CA ARG E 250 -23.24 6.24 -28.76
C ARG E 250 -22.77 6.99 -30.01
N ASP E 251 -21.62 7.67 -29.88
CA ASP E 251 -21.04 8.51 -30.91
C ASP E 251 -22.04 9.53 -31.45
N ALA E 252 -22.81 10.13 -30.54
CA ALA E 252 -23.93 10.98 -30.92
C ALA E 252 -24.22 11.88 -29.75
N ALA E 253 -24.04 13.19 -29.93
CA ALA E 253 -24.11 14.14 -28.83
C ALA E 253 -25.51 14.19 -28.24
N ALA E 254 -25.60 14.50 -26.96
CA ALA E 254 -26.88 14.42 -26.30
C ALA E 254 -26.91 15.35 -25.11
N ILE E 255 -28.09 15.84 -24.80
CA ILE E 255 -28.37 16.58 -23.57
C ILE E 255 -28.91 15.59 -22.55
N HIS E 256 -28.50 15.76 -21.29
CA HIS E 256 -28.92 14.87 -20.21
C HIS E 256 -30.43 14.92 -20.03
N SER E 257 -30.99 13.84 -19.50
CA SER E 257 -32.43 13.80 -19.30
C SER E 257 -32.86 14.72 -18.19
N GLN E 258 -32.03 14.89 -17.16
CA GLN E 258 -32.39 15.80 -16.08
C GLN E 258 -32.28 17.24 -16.50
N LYS E 259 -31.50 17.55 -17.54
CA LYS E 259 -31.45 18.91 -18.05
C LYS E 259 -32.71 19.25 -18.83
N ILE E 260 -33.19 18.30 -19.63
CA ILE E 260 -34.47 18.47 -20.31
C ILE E 260 -35.60 18.56 -19.30
N GLY E 261 -35.50 17.80 -18.21
CA GLY E 261 -36.51 17.85 -17.19
C GLY E 261 -36.50 19.16 -16.42
N ASN E 262 -35.32 19.73 -16.19
CA ASN E 262 -35.24 21.02 -15.54
C ASN E 262 -35.73 22.13 -16.45
N ALA E 263 -35.60 21.95 -17.76
CA ALA E 263 -36.16 22.95 -18.65
C ALA E 263 -37.67 22.82 -18.76
N LEU E 264 -38.18 21.60 -18.62
CA LEU E 264 -39.63 21.41 -18.63
C LEU E 264 -40.29 21.94 -17.38
N ARG E 265 -39.63 21.83 -16.24
CA ARG E 265 -40.21 22.26 -14.97
C ARG E 265 -40.22 23.76 -14.80
N THR E 266 -39.62 24.53 -15.72
CA THR E 266 -39.45 25.96 -15.54
C THR E 266 -40.81 26.63 -15.76
N ILE E 267 -41.65 26.52 -14.73
CA ILE E 267 -43.01 27.02 -14.77
C ILE E 267 -43.31 27.95 -13.61
N ASP E 268 -42.44 28.05 -12.62
CA ASP E 268 -42.73 28.71 -11.36
C ASP E 268 -42.66 30.22 -11.54
N THR E 269 -43.81 30.84 -11.75
CA THR E 269 -43.92 32.29 -11.75
C THR E 269 -44.60 32.82 -10.50
N TRP E 270 -44.54 32.07 -9.40
CA TRP E 270 -45.28 32.42 -8.20
C TRP E 270 -44.35 32.64 -7.01
N TYR E 271 -43.08 32.80 -7.27
CA TYR E 271 -42.13 33.05 -6.20
C TYR E 271 -42.24 34.52 -5.77
N PRO E 272 -41.95 34.83 -4.50
CA PRO E 272 -42.31 36.16 -3.97
C PRO E 272 -41.53 37.31 -4.55
N ASP E 273 -40.40 37.08 -5.19
CA ASP E 273 -39.60 38.16 -5.77
C ASP E 273 -40.22 38.57 -7.10
N GLU E 274 -39.45 39.35 -7.87
CA GLU E 274 -40.00 40.04 -9.04
C GLU E 274 -40.32 39.06 -10.16
N ASP E 275 -41.44 39.30 -10.83
CA ASP E 275 -41.88 38.46 -11.92
C ASP E 275 -41.43 38.97 -13.28
N GLY E 276 -40.62 40.03 -13.31
CA GLY E 276 -39.89 40.35 -14.52
C GLY E 276 -38.67 39.49 -14.74
N LEU E 277 -38.30 38.70 -13.74
CA LEU E 277 -37.15 37.80 -13.83
C LEU E 277 -37.52 36.45 -14.42
N GLY E 278 -38.78 36.27 -14.83
CA GLY E 278 -39.20 35.10 -15.56
C GLY E 278 -39.56 33.93 -14.68
N PRO E 279 -40.12 32.88 -15.28
CA PRO E 279 -40.32 31.63 -14.56
C PRO E 279 -39.00 30.95 -14.21
N ILE E 280 -38.99 30.29 -13.06
CA ILE E 280 -37.87 29.47 -12.64
C ILE E 280 -38.33 28.03 -12.55
N ALA E 281 -37.38 27.14 -12.33
CA ALA E 281 -37.71 25.73 -12.23
C ALA E 281 -38.30 25.40 -10.87
N VAL E 282 -39.20 24.43 -10.86
CA VAL E 282 -39.91 24.06 -9.63
C VAL E 282 -38.96 23.28 -8.74
N GLU E 283 -38.46 23.93 -7.70
CA GLU E 283 -37.63 23.29 -6.69
C GLU E 283 -38.15 23.68 -5.32
N PRO E 284 -37.95 22.83 -4.31
CA PRO E 284 -38.14 23.29 -2.94
C PRO E 284 -37.04 24.26 -2.61
N TYR E 285 -37.40 25.35 -1.92
CA TYR E 285 -36.57 26.55 -1.79
C TYR E 285 -36.11 27.01 -3.16
N GLY E 286 -37.08 27.45 -3.96
CA GLY E 286 -36.96 27.52 -5.41
C GLY E 286 -35.80 28.34 -5.91
N SER E 287 -34.78 27.64 -6.36
CA SER E 287 -33.45 28.19 -6.53
C SER E 287 -32.98 27.98 -7.94
N VAL E 288 -32.37 28.99 -8.52
CA VAL E 288 -31.71 28.89 -9.80
C VAL E 288 -30.21 28.87 -9.59
N THR E 289 -29.57 27.79 -10.04
CA THR E 289 -28.16 27.61 -9.77
C THR E 289 -27.28 28.50 -10.62
N SER E 290 -27.79 29.03 -11.73
CA SER E 290 -27.01 30.00 -12.49
C SER E 290 -26.91 31.31 -11.72
N GLN E 291 -28.02 31.75 -11.16
CA GLN E 291 -28.08 33.01 -10.44
C GLN E 291 -27.55 32.90 -9.02
N GLY E 292 -27.39 31.69 -8.49
CA GLY E 292 -26.84 31.50 -7.17
C GLY E 292 -27.74 31.93 -6.04
N LYS E 293 -28.96 32.34 -6.34
CA LYS E 293 -29.91 32.85 -5.38
C LYS E 293 -30.99 31.80 -5.18
N ALA E 294 -31.52 31.73 -3.97
CA ALA E 294 -32.65 30.87 -3.67
C ALA E 294 -33.85 31.76 -3.42
N TYR E 295 -34.76 31.81 -4.38
CA TYR E 295 -36.08 32.32 -4.10
C TYR E 295 -36.84 31.30 -3.27
N ARG E 296 -37.94 31.75 -2.67
CA ARG E 296 -38.74 30.96 -1.73
C ARG E 296 -37.90 30.41 -0.59
N GLN E 297 -37.18 31.32 0.06
CA GLN E 297 -36.39 30.94 1.22
C GLN E 297 -37.32 30.56 2.38
N PRO E 298 -36.87 29.70 3.28
CA PRO E 298 -37.73 29.32 4.41
C PRO E 298 -37.97 30.41 5.43
N LYS E 299 -37.23 31.53 5.39
CA LYS E 299 -37.56 32.64 6.28
C LYS E 299 -38.87 33.30 5.86
N GLN E 300 -39.21 33.21 4.59
CA GLN E 300 -40.56 33.45 4.14
C GLN E 300 -41.32 32.14 4.14
N LYS E 301 -42.64 32.23 4.18
CA LYS E 301 -43.43 31.00 4.26
C LYS E 301 -43.87 30.54 2.87
N LEU E 302 -42.91 30.43 1.96
CA LEU E 302 -43.26 30.11 0.57
C LEU E 302 -42.37 29.05 -0.05
N ASP E 303 -41.57 28.33 0.73
CA ASP E 303 -40.88 27.17 0.18
C ASP E 303 -41.84 26.00 0.09
N PHE E 304 -41.39 24.90 -0.48
CA PHE E 304 -42.27 23.75 -0.68
C PHE E 304 -42.60 23.08 0.65
N TYR E 305 -41.63 23.06 1.56
CA TYR E 305 -41.79 22.27 2.76
C TYR E 305 -42.79 22.88 3.73
N THR E 306 -42.69 24.18 4.00
CA THR E 306 -43.65 24.79 4.91
C THR E 306 -45.02 24.92 4.27
N LEU E 307 -45.09 25.08 2.95
CA LEU E 307 -46.38 25.11 2.28
C LEU E 307 -47.07 23.75 2.36
N LEU E 308 -46.31 22.67 2.12
CA LEU E 308 -46.86 21.34 2.20
C LEU E 308 -47.25 20.98 3.63
N ASP E 309 -46.43 21.37 4.60
CA ASP E 309 -46.73 21.04 5.99
C ASP E 309 -47.86 21.88 6.56
N ASN E 310 -48.07 23.09 6.07
CA ASN E 310 -49.26 23.81 6.47
C ASN E 310 -50.50 23.31 5.74
N TRP E 311 -50.34 22.78 4.54
CA TRP E 311 -51.50 22.30 3.81
C TRP E 311 -51.98 20.95 4.35
N VAL E 312 -51.06 20.04 4.61
CA VAL E 312 -51.42 18.66 4.91
C VAL E 312 -51.68 18.46 6.39
N LEU E 313 -50.75 18.90 7.23
CA LEU E 313 -50.89 18.67 8.67
C LEU E 313 -52.00 19.53 9.27
N ARG E 314 -51.87 20.84 9.16
CA ARG E 314 -52.77 21.75 9.86
C ARG E 314 -53.77 22.42 8.95
N ASP E 315 -54.00 21.88 7.75
CA ASP E 315 -55.13 22.21 6.86
C ASP E 315 -55.12 23.67 6.40
N GLU E 316 -54.00 24.37 6.54
CA GLU E 316 -53.91 25.76 6.11
C GLU E 316 -53.63 25.75 4.63
N ALA E 317 -54.68 25.67 3.83
CA ALA E 317 -54.52 25.62 2.39
C ALA E 317 -54.06 26.97 1.88
N PRO E 318 -52.97 27.02 1.13
CA PRO E 318 -52.48 28.31 0.64
C PRO E 318 -53.27 28.81 -0.55
N ALA E 319 -52.80 29.89 -1.17
CA ALA E 319 -53.41 30.36 -2.39
C ALA E 319 -53.20 29.36 -3.51
N VAL E 320 -54.02 29.46 -4.56
CA VAL E 320 -54.03 28.43 -5.60
C VAL E 320 -52.75 28.47 -6.43
N GLU E 321 -52.04 29.60 -6.43
CA GLU E 321 -50.75 29.65 -7.07
C GLU E 321 -49.72 28.84 -6.28
N GLN E 322 -49.76 28.97 -4.95
CA GLN E 322 -48.80 28.21 -4.15
C GLN E 322 -49.12 26.73 -4.14
N GLN E 323 -50.39 26.36 -4.28
CA GLN E 323 -50.63 24.92 -4.35
C GLN E 323 -50.41 24.39 -5.76
N HIS E 324 -50.48 25.23 -6.78
CA HIS E 324 -49.91 24.87 -8.08
C HIS E 324 -48.44 24.55 -7.95
N TYR E 325 -47.71 25.37 -7.18
CA TYR E 325 -46.29 25.12 -6.94
C TYR E 325 -46.06 23.84 -6.18
N VAL E 326 -46.90 23.55 -5.19
CA VAL E 326 -46.72 22.36 -4.36
C VAL E 326 -46.98 21.09 -5.16
N ILE E 327 -48.05 21.08 -5.95
CA ILE E 327 -48.32 19.89 -6.75
C ILE E 327 -47.33 19.79 -7.90
N ALA E 328 -46.76 20.91 -8.35
CA ALA E 328 -45.67 20.82 -9.31
C ALA E 328 -44.42 20.20 -8.70
N ASN E 329 -44.20 20.44 -7.41
CA ASN E 329 -43.10 19.74 -6.74
C ASN E 329 -43.38 18.27 -6.55
N LEU E 330 -44.64 17.91 -6.35
CA LEU E 330 -44.95 16.49 -6.23
C LEU E 330 -44.81 15.78 -7.57
N ILE E 331 -45.11 16.47 -8.66
CA ILE E 331 -44.83 15.94 -10.01
C ILE E 331 -43.33 15.87 -10.24
N ARG E 332 -42.58 16.80 -9.65
CA ARG E 332 -41.14 16.83 -9.82
C ARG E 332 -40.45 15.62 -9.18
N GLY E 333 -41.02 15.07 -8.11
CA GLY E 333 -40.39 14.00 -7.39
C GLY E 333 -39.50 14.53 -6.29
N GLY E 334 -38.84 13.63 -5.59
CA GLY E 334 -37.86 14.03 -4.62
C GLY E 334 -37.82 13.11 -3.43
N VAL E 335 -36.85 13.38 -2.55
CA VAL E 335 -36.76 12.70 -1.27
C VAL E 335 -37.15 13.69 -0.19
N PHE E 336 -38.41 13.69 0.19
CA PHE E 336 -38.90 14.60 1.22
C PHE E 336 -38.97 13.84 2.53
N GLY E 337 -39.13 14.55 3.62
CA GLY E 337 -39.18 13.91 4.91
C GLY E 337 -37.85 14.09 5.62
N GLU E 338 -37.89 14.02 6.94
CA GLU E 338 -36.76 14.37 7.78
C GLU E 338 -35.93 13.13 8.12
N ALA E 339 -35.08 13.26 9.13
CA ALA E 339 -34.31 12.13 9.62
C ALA E 339 -34.67 11.82 11.07
N ILE F 5 -42.37 -33.19 25.41
CA ILE F 5 -42.84 -31.84 25.66
C ILE F 5 -42.88 -31.09 24.33
N LEU F 6 -41.98 -31.46 23.42
CA LEU F 6 -41.92 -30.98 22.04
C LEU F 6 -41.72 -29.46 21.99
N SER F 7 -40.52 -29.04 22.37
CA SER F 7 -40.10 -27.67 22.14
C SER F 7 -39.64 -27.49 20.70
N THR F 8 -39.45 -26.24 20.31
CA THR F 8 -38.97 -25.93 18.98
C THR F 8 -37.51 -26.33 18.83
N ALA F 9 -37.16 -26.84 17.66
CA ALA F 9 -35.77 -27.20 17.36
C ALA F 9 -34.90 -25.95 17.36
N SER F 10 -33.68 -26.11 17.85
CA SER F 10 -32.82 -24.94 17.99
C SER F 10 -32.27 -24.49 16.66
N VAL F 11 -32.11 -25.40 15.71
CA VAL F 11 -31.85 -25.00 14.33
C VAL F 11 -32.94 -25.55 13.43
N LEU F 12 -33.37 -24.71 12.50
CA LEU F 12 -34.15 -25.11 11.34
C LEU F 12 -33.65 -24.23 10.22
N ALA F 13 -33.28 -24.81 9.11
CA ALA F 13 -32.95 -24.03 7.93
C ALA F 13 -33.71 -24.64 6.77
N PHE F 14 -34.53 -23.84 6.13
CA PHE F 14 -35.29 -24.29 4.98
C PHE F 14 -34.65 -23.72 3.74
N GLU F 15 -34.40 -24.57 2.76
CA GLU F 15 -33.82 -24.10 1.53
C GLU F 15 -34.87 -23.42 0.68
N ARG F 16 -34.42 -22.61 -0.25
CA ARG F 16 -35.30 -21.75 -1.02
C ARG F 16 -35.93 -22.53 -2.15
N LYS F 17 -37.23 -22.78 -2.04
CA LYS F 17 -37.99 -23.19 -3.20
C LYS F 17 -38.34 -21.94 -3.99
N LEU F 18 -38.71 -22.12 -5.26
CA LEU F 18 -38.89 -21.04 -6.23
C LEU F 18 -37.61 -20.20 -6.37
N ASP F 19 -36.59 -20.83 -6.96
CA ASP F 19 -35.35 -20.16 -7.31
C ASP F 19 -35.44 -19.42 -8.63
N PRO F 20 -35.41 -18.10 -8.67
CA PRO F 20 -35.25 -17.39 -9.94
C PRO F 20 -33.79 -17.05 -10.20
N SER F 21 -33.54 -16.55 -11.39
CA SER F 21 -32.21 -16.15 -11.79
C SER F 21 -32.17 -14.64 -11.90
N ASP F 22 -30.99 -14.11 -12.20
CA ASP F 22 -30.87 -12.69 -12.47
C ASP F 22 -31.58 -12.38 -13.77
N ALA F 23 -32.40 -11.35 -13.77
CA ALA F 23 -33.29 -11.05 -14.89
C ALA F 23 -32.59 -10.10 -15.84
N LEU F 24 -32.17 -10.63 -16.99
CA LEU F 24 -31.35 -9.89 -17.93
C LEU F 24 -32.21 -8.99 -18.80
N MET F 25 -32.05 -7.68 -18.67
CA MET F 25 -32.90 -6.76 -19.43
C MET F 25 -32.18 -6.37 -20.72
N SER F 26 -32.81 -6.68 -21.85
CA SER F 26 -32.40 -6.28 -23.18
C SER F 26 -33.47 -5.41 -23.79
N ALA F 27 -33.25 -4.96 -25.02
CA ALA F 27 -34.12 -3.94 -25.59
C ALA F 27 -34.30 -4.13 -27.08
N GLY F 28 -35.41 -3.60 -27.58
CA GLY F 28 -35.69 -3.69 -29.00
C GLY F 28 -37.01 -3.03 -29.31
N ALA F 29 -37.58 -3.43 -30.44
CA ALA F 29 -38.82 -2.85 -30.92
C ALA F 29 -39.97 -3.83 -30.77
N TRP F 30 -41.11 -3.32 -30.31
CA TRP F 30 -42.36 -4.07 -30.34
C TRP F 30 -42.77 -4.35 -31.77
N ALA F 31 -43.66 -5.32 -31.92
CA ALA F 31 -44.11 -5.98 -33.15
C ALA F 31 -42.99 -6.77 -33.81
N GLN F 32 -41.85 -6.94 -33.15
CA GLN F 32 -40.94 -8.02 -33.45
C GLN F 32 -40.39 -8.59 -32.17
N ARG F 33 -41.28 -8.83 -31.21
CA ARG F 33 -40.93 -9.59 -30.02
C ARG F 33 -40.69 -11.06 -30.34
N ASP F 34 -41.23 -11.55 -31.44
CA ASP F 34 -41.04 -12.95 -31.78
C ASP F 34 -39.66 -13.23 -32.37
N ALA F 35 -38.91 -12.19 -32.72
CA ALA F 35 -37.54 -12.33 -33.18
C ALA F 35 -36.55 -11.81 -32.14
N SER F 36 -36.95 -11.83 -30.88
CA SER F 36 -36.17 -11.21 -29.82
C SER F 36 -35.23 -12.19 -29.14
N GLN F 37 -34.42 -12.90 -29.91
CA GLN F 37 -33.34 -13.67 -29.33
C GLN F 37 -31.99 -13.05 -29.58
N GLU F 38 -31.93 -12.07 -30.47
CA GLU F 38 -30.69 -11.36 -30.77
C GLU F 38 -30.85 -9.88 -30.46
N TRP F 39 -31.76 -9.54 -29.58
CA TRP F 39 -31.92 -8.16 -29.15
C TRP F 39 -30.71 -7.74 -28.34
N PRO F 40 -30.16 -6.55 -28.59
CA PRO F 40 -29.00 -6.11 -27.83
C PRO F 40 -29.39 -5.80 -26.40
N ALA F 41 -28.43 -5.99 -25.49
CA ALA F 41 -28.73 -5.80 -24.09
C ALA F 41 -28.78 -4.33 -23.75
N VAL F 42 -29.53 -4.01 -22.71
CA VAL F 42 -29.50 -2.66 -22.15
C VAL F 42 -28.20 -2.53 -21.38
N THR F 43 -27.37 -1.57 -21.76
CA THR F 43 -26.10 -1.36 -21.12
C THR F 43 -26.23 -0.31 -20.04
N VAL F 44 -25.55 -0.53 -18.93
CA VAL F 44 -25.46 0.45 -17.86
C VAL F 44 -24.31 1.39 -18.20
N ARG F 45 -24.61 2.66 -18.35
CA ARG F 45 -23.60 3.65 -18.65
C ARG F 45 -23.67 4.77 -17.63
N GLU F 46 -22.64 5.59 -17.59
CA GLU F 46 -22.53 6.65 -16.61
C GLU F 46 -22.89 7.98 -17.21
N LYS F 47 -23.76 8.71 -16.52
CA LYS F 47 -23.97 10.12 -16.80
C LYS F 47 -23.69 10.86 -15.50
N SER F 48 -23.54 12.17 -15.61
CA SER F 48 -23.16 12.97 -14.46
C SER F 48 -24.27 13.96 -14.15
N VAL F 49 -24.71 13.95 -12.91
CA VAL F 49 -25.82 14.79 -12.49
C VAL F 49 -25.28 15.91 -11.61
N ARG F 50 -26.01 17.02 -11.58
CA ARG F 50 -25.70 18.15 -10.72
C ARG F 50 -26.99 18.69 -10.15
N GLY F 51 -27.12 18.65 -8.83
CA GLY F 51 -28.36 19.00 -8.21
C GLY F 51 -28.16 20.00 -7.09
N THR F 52 -29.07 20.96 -7.03
CA THR F 52 -29.17 21.84 -5.89
C THR F 52 -29.74 21.07 -4.71
N ILE F 53 -29.63 21.64 -3.53
CA ILE F 53 -30.15 20.97 -2.35
C ILE F 53 -31.67 21.08 -2.33
N SER F 54 -32.31 19.99 -1.96
CA SER F 54 -33.76 19.96 -1.85
C SER F 54 -34.24 19.25 -0.60
N ASN F 55 -33.34 18.75 0.23
CA ASN F 55 -33.72 18.12 1.47
C ASN F 55 -34.17 19.15 2.50
N ARG F 56 -34.85 18.69 3.54
CA ARG F 56 -35.31 19.59 4.58
C ARG F 56 -34.15 20.10 5.41
N LEU F 57 -34.24 21.37 5.83
CA LEU F 57 -33.25 21.97 6.69
C LEU F 57 -33.72 21.90 8.13
N LYS F 58 -32.76 21.75 9.04
CA LYS F 58 -33.04 21.39 10.43
C LYS F 58 -33.15 22.61 11.33
N THR F 59 -33.66 23.73 10.79
CA THR F 59 -34.04 24.99 11.44
C THR F 59 -32.79 25.80 11.83
N LYS F 60 -31.61 25.21 11.69
CA LYS F 60 -30.36 25.90 11.93
C LYS F 60 -29.77 26.42 10.63
N ASP F 61 -29.99 25.70 9.53
CA ASP F 61 -29.46 26.07 8.22
C ASP F 61 -30.42 26.94 7.44
N ARG F 62 -31.42 27.51 8.08
CA ARG F 62 -32.39 28.35 7.41
C ARG F 62 -31.98 29.81 7.34
N ASP F 63 -30.70 30.11 7.58
CA ASP F 63 -30.18 31.41 7.23
C ASP F 63 -30.15 31.54 5.70
N PRO F 64 -30.74 32.61 5.14
CA PRO F 64 -30.72 32.75 3.68
C PRO F 64 -29.34 32.95 3.10
N ALA F 65 -28.44 33.59 3.84
CA ALA F 65 -27.07 33.72 3.35
C ALA F 65 -26.37 32.37 3.32
N LYS F 66 -26.56 31.56 4.38
CA LYS F 66 -25.99 30.22 4.42
C LYS F 66 -26.63 29.33 3.36
N LEU F 67 -27.93 29.52 3.10
CA LEU F 67 -28.61 28.74 2.07
C LEU F 67 -28.12 29.08 0.68
N ASP F 68 -27.92 30.37 0.40
CA ASP F 68 -27.42 30.76 -0.91
C ASP F 68 -25.96 30.34 -1.08
N ALA F 69 -25.18 30.37 -0.01
CA ALA F 69 -23.80 29.92 -0.10
C ALA F 69 -23.73 28.42 -0.28
N SER F 70 -24.69 27.68 0.26
CA SER F 70 -24.73 26.25 0.05
C SER F 70 -25.20 25.89 -1.36
N ILE F 71 -26.16 26.64 -1.93
CA ILE F 71 -26.57 26.34 -3.29
C ILE F 71 -25.60 26.88 -4.32
N GLN F 72 -24.66 27.75 -3.92
CA GLN F 72 -23.62 28.17 -4.84
C GLN F 72 -22.53 27.12 -5.00
N SER F 73 -22.43 26.19 -4.06
CA SER F 73 -21.51 25.06 -4.14
C SER F 73 -22.34 23.80 -4.29
N PRO F 74 -22.82 23.47 -5.48
CA PRO F 74 -23.79 22.40 -5.63
C PRO F 74 -23.13 21.04 -5.72
N ASN F 75 -23.96 20.02 -5.63
CA ASN F 75 -23.48 18.65 -5.50
C ASN F 75 -23.29 18.04 -6.89
N LEU F 76 -22.06 17.61 -7.15
CA LEU F 76 -21.73 16.92 -8.39
C LEU F 76 -21.60 15.44 -8.13
N GLN F 77 -22.38 14.65 -8.86
CA GLN F 77 -22.29 13.20 -8.79
C GLN F 77 -22.20 12.64 -10.19
N THR F 78 -21.73 11.41 -10.29
CA THR F 78 -21.96 10.57 -11.45
C THR F 78 -22.96 9.52 -11.01
N VAL F 79 -23.80 9.07 -11.93
CA VAL F 79 -24.77 8.04 -11.63
C VAL F 79 -24.71 7.00 -12.73
N ASP F 80 -24.86 5.74 -12.36
CA ASP F 80 -25.10 4.70 -13.33
C ASP F 80 -26.53 4.82 -13.80
N VAL F 81 -26.73 4.93 -15.10
CA VAL F 81 -28.05 5.05 -15.68
C VAL F 81 -28.19 3.99 -16.76
N ALA F 82 -29.38 3.46 -16.91
CA ALA F 82 -29.67 2.49 -17.95
C ALA F 82 -30.89 3.00 -18.71
N ASN F 83 -30.74 3.16 -20.02
CA ASN F 83 -31.81 3.61 -20.87
C ASN F 83 -32.01 2.60 -22.00
N LEU F 84 -33.18 2.64 -22.61
CA LEU F 84 -33.36 1.96 -23.87
C LEU F 84 -32.64 2.74 -24.96
N PRO F 85 -32.33 2.10 -26.08
CA PRO F 85 -31.82 2.87 -27.21
C PRO F 85 -32.89 3.80 -27.76
N SER F 86 -32.44 4.80 -28.52
CA SER F 86 -33.34 5.80 -29.05
C SER F 86 -34.13 5.32 -30.26
N ASP F 87 -33.99 4.06 -30.66
CA ASP F 87 -34.77 3.47 -31.73
C ASP F 87 -35.46 2.20 -31.25
N ALA F 88 -35.65 2.09 -29.94
CA ALA F 88 -36.18 0.88 -29.33
C ALA F 88 -37.11 1.29 -28.21
N ASP F 89 -38.32 0.76 -28.20
CA ASP F 89 -39.33 1.17 -27.24
C ASP F 89 -39.77 0.04 -26.32
N THR F 90 -39.16 -1.12 -26.43
CA THR F 90 -39.59 -2.28 -25.67
C THR F 90 -38.44 -2.82 -24.85
N LEU F 91 -38.70 -3.08 -23.58
CA LEU F 91 -37.75 -3.66 -22.68
C LEU F 91 -38.09 -5.13 -22.48
N LYS F 92 -37.16 -6.02 -22.79
CA LYS F 92 -37.34 -7.45 -22.60
C LYS F 92 -36.58 -7.86 -21.36
N VAL F 93 -37.29 -8.37 -20.36
CA VAL F 93 -36.70 -8.82 -19.10
C VAL F 93 -36.91 -10.32 -19.02
N ARG F 94 -35.82 -11.08 -19.16
CA ARG F 94 -35.90 -12.51 -19.36
C ARG F 94 -35.12 -13.23 -18.27
N PHE F 95 -35.80 -14.09 -17.52
CA PHE F 95 -35.15 -14.88 -16.49
C PHE F 95 -35.73 -16.29 -16.52
N THR F 96 -35.11 -17.19 -15.76
CA THR F 96 -35.62 -18.53 -15.60
C THR F 96 -35.93 -18.79 -14.14
N LEU F 97 -36.97 -19.59 -13.90
CA LEU F 97 -37.43 -19.88 -12.56
C LEU F 97 -37.51 -21.37 -12.39
N ARG F 98 -36.89 -21.89 -11.34
CA ARG F 98 -36.97 -23.30 -10.98
C ARG F 98 -37.92 -23.45 -9.80
N VAL F 99 -38.89 -24.33 -9.93
CA VAL F 99 -39.80 -24.66 -8.84
C VAL F 99 -39.41 -26.04 -8.33
N LEU F 100 -38.99 -26.12 -7.09
CA LEU F 100 -38.25 -27.31 -6.63
C LEU F 100 -39.15 -28.34 -5.96
N GLY F 101 -39.81 -27.96 -4.89
CA GLY F 101 -40.70 -28.95 -4.31
C GLY F 101 -40.04 -29.73 -3.20
N GLY F 102 -40.86 -30.26 -2.29
CA GLY F 102 -40.37 -30.80 -1.06
C GLY F 102 -40.26 -29.68 -0.06
N ALA F 103 -41.38 -28.98 0.17
CA ALA F 103 -41.36 -27.69 0.82
C ALA F 103 -41.12 -27.79 2.33
N GLY F 104 -41.78 -28.71 3.00
CA GLY F 104 -41.68 -28.74 4.44
C GLY F 104 -40.42 -29.34 5.01
N THR F 105 -39.65 -30.06 4.22
CA THR F 105 -38.49 -30.75 4.75
C THR F 105 -37.36 -29.78 5.01
N PRO F 106 -36.89 -29.63 6.24
CA PRO F 106 -35.80 -28.70 6.51
C PRO F 106 -34.48 -29.25 6.05
N SER F 107 -33.58 -28.33 5.72
CA SER F 107 -32.23 -28.71 5.37
C SER F 107 -31.35 -28.89 6.59
N ALA F 108 -31.82 -28.48 7.77
CA ALA F 108 -31.10 -28.69 9.01
C ALA F 108 -32.12 -28.71 10.13
N CYS F 109 -31.91 -29.57 11.12
CA CYS F 109 -32.84 -29.68 12.25
C CYS F 109 -32.14 -30.43 13.37
N ASN F 110 -32.11 -29.84 14.56
CA ASN F 110 -31.57 -30.54 15.71
C ASN F 110 -32.50 -31.63 16.19
N ASP F 111 -33.70 -31.26 16.60
CA ASP F 111 -34.65 -32.19 17.21
C ASP F 111 -35.22 -33.10 16.14
N ALA F 112 -35.09 -34.41 16.35
CA ALA F 112 -35.71 -35.35 15.42
C ALA F 112 -37.21 -35.41 15.60
N ALA F 113 -37.68 -35.29 16.84
CA ALA F 113 -39.11 -35.35 17.11
C ALA F 113 -39.83 -34.14 16.54
N TYR F 114 -39.21 -32.96 16.65
CA TYR F 114 -39.78 -31.77 16.04
C TYR F 114 -39.78 -31.88 14.53
N ARG F 115 -38.76 -32.51 13.97
CA ARG F 115 -38.72 -32.68 12.52
C ARG F 115 -39.82 -33.61 12.05
N ASP F 116 -40.08 -34.69 12.79
CA ASP F 116 -41.18 -35.57 12.44
C ASP F 116 -42.53 -34.88 12.59
N LYS F 117 -42.67 -34.04 13.61
CA LYS F 117 -43.93 -33.32 13.80
C LYS F 117 -44.16 -32.29 12.71
N LEU F 118 -43.10 -31.56 12.33
CA LEU F 118 -43.21 -30.58 11.27
C LEU F 118 -43.49 -31.23 9.92
N LEU F 119 -42.85 -32.36 9.64
CA LEU F 119 -43.11 -33.08 8.40
C LEU F 119 -44.52 -33.63 8.36
N GLN F 120 -45.02 -34.11 9.51
CA GLN F 120 -46.40 -34.55 9.59
C GLN F 120 -47.37 -33.40 9.37
N THR F 121 -47.03 -32.22 9.89
CA THR F 121 -47.90 -31.06 9.76
C THR F 121 -47.98 -30.58 8.32
N VAL F 122 -46.83 -30.46 7.65
CA VAL F 122 -46.81 -30.03 6.25
C VAL F 122 -47.47 -31.07 5.36
N ALA F 123 -47.25 -32.37 5.64
CA ALA F 123 -47.90 -33.39 4.84
C ALA F 123 -49.40 -33.43 5.05
N THR F 124 -49.85 -33.13 6.27
CA THR F 124 -51.28 -32.99 6.54
C THR F 124 -51.87 -31.83 5.76
N TYR F 125 -51.13 -30.72 5.69
CA TYR F 125 -51.57 -29.58 4.91
C TYR F 125 -51.70 -29.94 3.43
N VAL F 126 -50.66 -30.54 2.86
CA VAL F 126 -50.62 -30.85 1.43
C VAL F 126 -51.68 -31.86 1.07
N ASN F 127 -51.96 -32.82 1.97
CA ASN F 127 -53.00 -33.79 1.67
C ASN F 127 -54.38 -33.17 1.79
N ASP F 128 -54.58 -32.25 2.75
CA ASP F 128 -55.87 -31.60 2.86
C ASP F 128 -56.11 -30.65 1.69
N GLN F 129 -55.09 -29.89 1.32
CA GLN F 129 -55.16 -28.98 0.18
C GLN F 129 -53.76 -28.81 -0.38
N GLY F 130 -53.58 -29.12 -1.66
CA GLY F 130 -52.24 -29.13 -2.21
C GLY F 130 -51.68 -27.73 -2.38
N PHE F 131 -50.60 -27.64 -3.14
CA PHE F 131 -50.08 -26.33 -3.48
C PHE F 131 -50.92 -25.75 -4.61
N ALA F 132 -52.15 -25.42 -4.30
CA ALA F 132 -53.13 -25.04 -5.29
C ALA F 132 -53.53 -23.59 -5.20
N GLU F 133 -53.60 -23.03 -3.99
CA GLU F 133 -53.77 -21.60 -3.86
C GLU F 133 -52.44 -20.88 -3.98
N LEU F 134 -51.40 -21.48 -3.42
CA LEU F 134 -50.09 -20.86 -3.45
C LEU F 134 -49.54 -20.81 -4.86
N ALA F 135 -49.66 -21.91 -5.61
CA ALA F 135 -49.15 -21.89 -6.98
C ALA F 135 -50.01 -21.04 -7.88
N ARG F 136 -51.29 -20.89 -7.56
CA ARG F 136 -52.14 -19.98 -8.31
C ARG F 136 -51.70 -18.53 -8.12
N ARG F 137 -51.36 -18.16 -6.89
CA ARG F 137 -50.89 -16.82 -6.65
C ARG F 137 -49.48 -16.57 -7.19
N TYR F 138 -48.61 -17.58 -7.14
CA TYR F 138 -47.29 -17.46 -7.77
C TYR F 138 -47.41 -17.33 -9.28
N ALA F 139 -48.32 -18.08 -9.89
CA ALA F 139 -48.55 -17.98 -11.31
C ALA F 139 -49.16 -16.64 -11.69
N HIS F 140 -49.93 -16.04 -10.79
CA HIS F 140 -50.38 -14.68 -11.03
C HIS F 140 -49.22 -13.71 -11.02
N ASN F 141 -48.34 -13.82 -10.04
CA ASN F 141 -47.22 -12.87 -9.98
C ASN F 141 -46.20 -13.11 -11.09
N LEU F 142 -46.26 -14.27 -11.75
CA LEU F 142 -45.55 -14.40 -13.02
C LEU F 142 -46.34 -13.80 -14.16
N ALA F 143 -47.66 -13.88 -14.10
CA ALA F 143 -48.48 -13.45 -15.23
C ALA F 143 -48.55 -11.94 -15.32
N ASN F 144 -49.04 -11.27 -14.29
CA ASN F 144 -48.88 -9.83 -14.23
C ASN F 144 -47.43 -9.55 -13.89
N ALA F 145 -46.74 -8.80 -14.74
CA ALA F 145 -45.29 -8.68 -14.63
C ALA F 145 -44.91 -7.81 -13.45
N ARG F 146 -45.10 -8.38 -12.26
CA ARG F 146 -44.76 -7.67 -11.04
C ARG F 146 -43.26 -7.60 -10.86
N PHE F 147 -42.52 -8.57 -11.40
CA PHE F 147 -41.07 -8.58 -11.31
C PHE F 147 -40.45 -7.45 -12.10
N LEU F 148 -41.15 -6.94 -13.10
CA LEU F 148 -40.89 -5.61 -13.62
C LEU F 148 -41.32 -4.65 -12.54
N TRP F 149 -40.38 -4.12 -11.77
CA TRP F 149 -40.82 -3.37 -10.59
C TRP F 149 -41.23 -1.96 -10.96
N ARG F 150 -40.28 -1.13 -11.37
CA ARG F 150 -40.56 0.21 -11.82
C ARG F 150 -40.55 0.30 -13.33
N ASN F 151 -40.20 -0.79 -14.00
CA ASN F 151 -40.28 -0.87 -15.45
C ASN F 151 -41.70 -1.09 -15.93
N ARG F 152 -42.63 -1.32 -15.01
CA ARG F 152 -44.02 -1.62 -15.31
C ARG F 152 -44.94 -0.44 -15.08
N VAL F 153 -44.50 0.58 -14.32
CA VAL F 153 -45.44 1.54 -13.75
C VAL F 153 -46.02 2.51 -14.76
N GLY F 154 -45.38 2.69 -15.90
CA GLY F 154 -45.94 3.61 -16.86
C GLY F 154 -45.95 3.00 -18.24
N ALA F 155 -45.88 1.69 -18.30
CA ALA F 155 -45.72 1.01 -19.57
C ALA F 155 -47.04 1.02 -20.33
N GLU F 156 -46.94 1.18 -21.65
CA GLU F 156 -48.13 1.24 -22.47
C GLU F 156 -48.81 -0.11 -22.58
N ALA F 157 -48.01 -1.16 -22.73
CA ALA F 157 -48.53 -2.52 -22.81
C ALA F 157 -47.44 -3.45 -22.35
N VAL F 158 -47.76 -4.33 -21.40
CA VAL F 158 -46.83 -5.33 -20.91
C VAL F 158 -47.34 -6.69 -21.36
N GLU F 159 -46.44 -7.56 -21.81
CA GLU F 159 -46.81 -8.90 -22.23
C GLU F 159 -45.77 -9.89 -21.74
N VAL F 160 -46.22 -10.94 -21.05
CA VAL F 160 -45.34 -11.93 -20.46
C VAL F 160 -45.47 -13.23 -21.22
N ARG F 161 -44.34 -13.86 -21.53
CA ARG F 161 -44.29 -15.15 -22.21
C ARG F 161 -43.56 -16.14 -21.34
N ILE F 162 -44.25 -17.17 -20.90
CA ILE F 162 -43.71 -18.16 -19.98
C ILE F 162 -43.68 -19.49 -20.69
N ASN F 163 -42.48 -20.07 -20.80
CA ASN F 163 -42.28 -21.35 -21.47
C ASN F 163 -41.86 -22.37 -20.44
N HIS F 164 -42.57 -23.48 -20.39
CA HIS F 164 -42.11 -24.63 -19.63
C HIS F 164 -41.06 -25.33 -20.46
N ILE F 165 -39.85 -25.46 -19.93
CA ILE F 165 -38.73 -26.02 -20.67
C ILE F 165 -38.52 -27.45 -20.17
N ARG F 166 -38.82 -28.41 -21.04
CA ARG F 166 -38.53 -29.81 -20.85
C ARG F 166 -37.16 -30.05 -21.47
N GLN F 167 -36.81 -31.31 -21.77
CA GLN F 167 -35.46 -31.84 -22.01
C GLN F 167 -34.49 -30.97 -22.79
N GLY F 168 -34.98 -30.24 -23.77
CA GLY F 168 -34.16 -29.14 -24.24
C GLY F 168 -34.94 -27.94 -24.72
N GLU F 169 -36.26 -28.02 -24.71
CA GLU F 169 -37.06 -27.09 -25.47
C GLU F 169 -38.39 -26.87 -24.77
N VAL F 170 -39.22 -26.03 -25.40
CA VAL F 170 -40.47 -25.60 -24.81
C VAL F 170 -41.48 -26.72 -24.86
N ALA F 171 -41.99 -27.11 -23.70
CA ALA F 171 -43.02 -28.13 -23.64
C ALA F 171 -44.42 -27.55 -23.64
N ARG F 172 -44.56 -26.32 -23.16
CA ARG F 172 -45.86 -25.66 -23.12
C ARG F 172 -45.60 -24.17 -23.02
N ALA F 173 -46.26 -23.38 -23.84
CA ALA F 173 -46.01 -21.96 -23.92
C ALA F 173 -47.22 -21.18 -23.45
N TRP F 174 -46.99 -20.14 -22.67
CA TRP F 174 -48.03 -19.23 -22.24
C TRP F 174 -47.74 -17.84 -22.78
N ARG F 175 -48.78 -17.02 -22.81
CA ARG F 175 -48.66 -15.65 -23.31
C ARG F 175 -49.76 -14.85 -22.65
N PHE F 176 -49.38 -13.83 -21.89
CA PHE F 176 -50.32 -13.12 -21.06
C PHE F 176 -50.32 -11.64 -21.40
N ASP F 177 -51.43 -10.98 -21.09
CA ASP F 177 -51.52 -9.54 -21.10
C ASP F 177 -51.36 -9.13 -19.65
N ALA F 178 -50.19 -8.62 -19.31
CA ALA F 178 -49.87 -8.42 -17.90
C ALA F 178 -50.53 -7.20 -17.29
N LEU F 179 -51.19 -6.37 -18.08
CA LEU F 179 -51.93 -5.25 -17.54
C LEU F 179 -53.40 -5.55 -17.37
N ALA F 180 -53.95 -6.47 -18.16
CA ALA F 180 -55.30 -6.95 -17.90
C ALA F 180 -55.36 -7.73 -16.59
N ILE F 181 -54.39 -8.58 -16.36
CA ILE F 181 -54.22 -9.25 -15.07
C ILE F 181 -53.68 -8.22 -14.11
N GLY F 182 -54.47 -7.85 -13.12
CA GLY F 182 -54.09 -6.76 -12.24
C GLY F 182 -52.98 -7.14 -11.30
N LEU F 183 -52.51 -6.15 -10.56
CA LEU F 183 -51.53 -6.38 -9.53
C LEU F 183 -52.15 -6.69 -8.18
N ARG F 184 -53.47 -6.74 -8.07
CA ARG F 184 -54.07 -6.91 -6.75
C ARG F 184 -55.23 -7.88 -6.66
N ASP F 185 -55.70 -8.46 -7.76
CA ASP F 185 -56.78 -9.44 -7.70
C ASP F 185 -56.26 -10.76 -8.23
N PHE F 186 -56.58 -11.85 -7.51
CA PHE F 186 -56.21 -13.19 -7.94
C PHE F 186 -57.46 -13.85 -8.51
N LYS F 187 -57.71 -13.60 -9.78
CA LYS F 187 -58.88 -14.12 -10.46
C LYS F 187 -58.58 -15.52 -10.99
N ALA F 188 -59.45 -16.03 -11.85
CA ALA F 188 -59.27 -17.34 -12.45
C ALA F 188 -59.22 -17.20 -13.97
N ASP F 189 -58.43 -18.04 -14.61
CA ASP F 189 -58.28 -18.02 -16.05
C ASP F 189 -57.91 -19.43 -16.49
N ALA F 190 -58.21 -19.75 -17.74
CA ALA F 190 -57.91 -21.09 -18.24
C ALA F 190 -56.42 -21.31 -18.41
N GLU F 191 -55.68 -20.26 -18.76
CA GLU F 191 -54.24 -20.38 -18.90
C GLU F 191 -53.54 -20.22 -17.57
N LEU F 192 -54.01 -19.31 -16.72
CA LEU F 192 -53.45 -19.18 -15.38
C LEU F 192 -53.68 -20.43 -14.54
N ASP F 193 -54.79 -21.11 -14.73
CA ASP F 193 -54.96 -22.36 -13.99
C ASP F 193 -54.05 -23.45 -14.51
N ALA F 194 -53.69 -23.42 -15.79
CA ALA F 194 -52.74 -24.39 -16.31
C ALA F 194 -51.34 -24.13 -15.77
N LEU F 195 -50.94 -22.86 -15.72
CA LEU F 195 -49.67 -22.49 -15.11
C LEU F 195 -49.67 -22.77 -13.61
N ALA F 196 -50.82 -22.60 -12.96
CA ALA F 196 -50.95 -22.92 -11.55
C ALA F 196 -50.79 -24.41 -11.31
N GLU F 197 -51.36 -25.24 -12.19
CA GLU F 197 -51.17 -26.68 -12.07
C GLU F 197 -49.73 -27.08 -12.32
N LEU F 198 -49.03 -26.38 -13.21
CA LEU F 198 -47.62 -26.70 -13.44
C LEU F 198 -46.77 -26.36 -12.23
N ILE F 199 -46.97 -25.18 -11.65
CA ILE F 199 -46.23 -24.82 -10.44
C ILE F 199 -46.67 -25.66 -9.26
N ALA F 200 -47.91 -26.16 -9.27
CA ALA F 200 -48.38 -27.09 -8.26
C ALA F 200 -47.65 -28.42 -8.35
N SER F 201 -47.51 -28.94 -9.56
CA SER F 201 -46.79 -30.19 -9.75
C SER F 201 -45.31 -30.02 -9.48
N GLY F 202 -44.78 -28.80 -9.63
CA GLY F 202 -43.42 -28.55 -9.25
C GLY F 202 -43.22 -28.52 -7.75
N LEU F 203 -44.10 -27.80 -7.05
CA LEU F 203 -43.97 -27.67 -5.61
C LEU F 203 -44.31 -28.96 -4.88
N SER F 204 -45.10 -29.83 -5.50
CA SER F 204 -45.45 -31.10 -4.87
C SER F 204 -44.39 -32.16 -5.09
N GLY F 205 -43.31 -31.85 -5.78
CA GLY F 205 -42.28 -32.82 -6.05
C GLY F 205 -42.64 -33.85 -7.09
N SER F 206 -43.77 -33.70 -7.76
CA SER F 206 -44.22 -34.67 -8.73
C SER F 206 -43.73 -34.39 -10.14
N GLY F 207 -42.79 -33.47 -10.29
CA GLY F 207 -42.24 -33.17 -11.60
C GLY F 207 -41.19 -32.10 -11.53
N HIS F 208 -40.28 -32.10 -12.49
CA HIS F 208 -39.29 -31.04 -12.59
C HIS F 208 -39.89 -29.89 -13.39
N VAL F 209 -39.91 -28.70 -12.80
CA VAL F 209 -40.49 -27.52 -13.43
C VAL F 209 -39.41 -26.48 -13.55
N LEU F 210 -39.11 -26.07 -14.78
CA LEU F 210 -38.23 -24.95 -15.05
C LEU F 210 -38.93 -24.07 -16.08
N LEU F 211 -39.25 -22.86 -15.68
CA LEU F 211 -39.95 -21.92 -16.55
C LEU F 211 -38.95 -20.91 -17.07
N GLU F 212 -39.16 -20.44 -18.28
CA GLU F 212 -38.40 -19.33 -18.83
C GLU F 212 -39.35 -18.16 -18.99
N VAL F 213 -39.20 -17.15 -18.16
CA VAL F 213 -40.16 -16.06 -18.09
C VAL F 213 -39.58 -14.86 -18.83
N VAL F 214 -40.29 -14.42 -19.86
CA VAL F 214 -39.89 -13.28 -20.68
C VAL F 214 -40.99 -12.25 -20.61
N ALA F 215 -40.64 -11.00 -20.30
CA ALA F 215 -41.64 -9.96 -20.19
C ALA F 215 -41.23 -8.76 -21.02
N PHE F 216 -42.08 -8.37 -21.96
CA PHE F 216 -41.86 -7.22 -22.81
C PHE F 216 -42.73 -6.07 -22.32
N ALA F 217 -42.18 -4.86 -22.35
CA ALA F 217 -42.91 -3.68 -21.86
C ALA F 217 -42.73 -2.52 -22.81
N ARG F 218 -43.83 -1.99 -23.34
CA ARG F 218 -43.81 -0.78 -24.15
C ARG F 218 -43.51 0.40 -23.25
N ILE F 219 -42.27 0.88 -23.25
CA ILE F 219 -41.92 2.02 -22.44
C ILE F 219 -41.84 3.29 -23.27
N GLY F 220 -41.17 3.23 -24.41
CA GLY F 220 -40.99 4.41 -25.23
C GLY F 220 -39.57 4.47 -25.72
N ASP F 221 -39.29 5.22 -26.78
CA ASP F 221 -37.96 5.24 -27.39
C ASP F 221 -37.00 5.95 -26.46
N GLY F 222 -35.98 5.23 -26.01
CA GLY F 222 -34.92 5.87 -25.28
C GLY F 222 -35.22 6.17 -23.83
N GLN F 223 -36.35 5.68 -23.32
CA GLN F 223 -36.74 5.93 -21.95
C GLN F 223 -35.84 5.19 -20.99
N GLU F 224 -35.94 5.54 -19.72
CA GLU F 224 -35.08 4.97 -18.71
C GLU F 224 -35.69 3.68 -18.19
N VAL F 225 -34.91 2.63 -18.14
CA VAL F 225 -35.29 1.42 -17.47
C VAL F 225 -34.52 1.35 -16.16
N PHE F 226 -35.02 0.52 -15.25
CA PHE F 226 -34.59 0.55 -13.87
C PHE F 226 -34.13 -0.84 -13.48
N PRO F 227 -32.86 -1.17 -13.69
CA PRO F 227 -32.32 -2.42 -13.17
C PRO F 227 -32.12 -2.30 -11.67
N SER F 228 -31.75 -3.41 -11.06
CA SER F 228 -31.58 -3.44 -9.63
C SER F 228 -30.32 -2.68 -9.27
N GLN F 229 -30.29 -2.14 -8.07
CA GLN F 229 -29.33 -1.13 -7.73
C GLN F 229 -28.39 -1.62 -6.63
N GLU F 230 -27.10 -1.50 -6.87
CA GLU F 230 -26.10 -1.97 -5.94
C GLU F 230 -25.83 -0.94 -4.85
N LEU F 231 -24.84 -1.21 -4.03
CA LEU F 231 -24.43 -0.27 -3.00
C LEU F 231 -22.96 0.09 -3.16
N ILE F 232 -22.62 1.32 -2.80
CA ILE F 232 -21.43 1.98 -3.30
C ILE F 232 -20.38 2.07 -2.20
N LEU F 233 -19.11 2.06 -2.62
CA LEU F 233 -17.90 2.14 -1.80
C LEU F 233 -17.81 3.42 -0.96
N ASP F 234 -17.91 4.58 -1.60
CA ASP F 234 -17.69 5.89 -0.99
C ASP F 234 -16.29 5.98 -0.35
N LYS F 235 -15.29 5.78 -1.21
CA LYS F 235 -13.89 5.92 -0.84
C LYS F 235 -13.23 7.12 -1.49
N GLY F 236 -13.93 7.84 -2.36
CA GLY F 236 -13.32 8.90 -3.13
C GLY F 236 -13.91 10.27 -2.85
N ASP F 237 -13.56 11.23 -3.69
CA ASP F 237 -13.98 12.62 -3.49
C ASP F 237 -15.47 12.77 -3.79
N LYS F 238 -16.01 13.94 -3.43
CA LYS F 238 -17.44 14.15 -3.49
C LYS F 238 -17.92 14.75 -4.80
N LYS F 239 -17.05 14.93 -5.79
CA LYS F 239 -17.48 15.41 -7.09
C LYS F 239 -17.59 14.29 -8.11
N GLY F 240 -16.63 13.39 -8.15
CA GLY F 240 -16.84 12.13 -8.84
C GLY F 240 -17.36 11.12 -7.85
N GLN F 241 -18.52 11.42 -7.26
CA GLN F 241 -18.95 10.72 -6.05
C GLN F 241 -19.42 9.30 -6.34
N LYS F 242 -20.00 9.08 -7.51
CA LYS F 242 -20.67 7.84 -7.89
C LYS F 242 -21.79 7.52 -6.90
N SER F 243 -22.82 8.35 -6.93
CA SER F 243 -23.90 8.21 -5.97
C SER F 243 -24.85 7.07 -6.28
N LYS F 244 -24.71 6.42 -7.42
CA LYS F 244 -25.60 5.34 -7.80
C LYS F 244 -24.89 4.39 -8.74
N THR F 245 -24.83 3.12 -8.38
CA THR F 245 -24.34 2.08 -9.26
C THR F 245 -25.45 1.05 -9.47
N LEU F 246 -25.51 0.50 -10.67
CA LEU F 246 -26.56 -0.43 -11.04
C LEU F 246 -25.99 -1.82 -11.29
N TYR F 247 -26.87 -2.80 -11.23
CA TYR F 247 -26.48 -4.18 -11.40
C TYR F 247 -26.35 -4.51 -12.87
N SER F 248 -25.34 -5.29 -13.20
CA SER F 248 -25.13 -5.79 -14.56
C SER F 248 -24.26 -7.02 -14.44
N VAL F 249 -24.59 -8.06 -15.20
CA VAL F 249 -23.83 -9.30 -15.05
C VAL F 249 -22.59 -9.29 -15.95
N ARG F 250 -22.75 -9.03 -17.24
CA ARG F 250 -21.60 -8.87 -18.12
C ARG F 250 -22.00 -7.86 -19.19
N ASP F 251 -21.75 -6.58 -18.91
CA ASP F 251 -22.05 -5.45 -19.78
C ASP F 251 -23.50 -5.46 -20.23
N ALA F 252 -24.39 -5.77 -19.30
CA ALA F 252 -25.79 -6.03 -19.62
C ALA F 252 -26.58 -5.87 -18.35
N ALA F 253 -27.46 -4.86 -18.30
CA ALA F 253 -28.18 -4.51 -17.08
C ALA F 253 -29.06 -5.66 -16.63
N ALA F 254 -29.32 -5.72 -15.33
CA ALA F 254 -30.00 -6.87 -14.79
C ALA F 254 -30.70 -6.51 -13.50
N ILE F 255 -31.76 -7.23 -13.20
CA ILE F 255 -32.42 -7.18 -11.90
C ILE F 255 -31.90 -8.36 -11.09
N HIS F 256 -31.67 -8.15 -9.79
CA HIS F 256 -31.17 -9.19 -8.90
C HIS F 256 -32.14 -10.35 -8.85
N SER F 257 -31.62 -11.53 -8.53
CA SER F 257 -32.49 -12.69 -8.47
C SER F 257 -33.45 -12.62 -7.30
N GLN F 258 -33.00 -12.07 -6.16
CA GLN F 258 -33.88 -11.99 -5.02
C GLN F 258 -34.90 -10.88 -5.15
N LYS F 259 -34.72 -9.93 -6.06
CA LYS F 259 -35.78 -8.95 -6.29
C LYS F 259 -36.91 -9.55 -7.11
N ILE F 260 -36.56 -10.36 -8.11
CA ILE F 260 -37.54 -11.15 -8.82
C ILE F 260 -38.25 -12.10 -7.87
N GLY F 261 -37.49 -12.69 -6.94
CA GLY F 261 -38.09 -13.58 -5.96
C GLY F 261 -39.02 -12.88 -5.00
N ASN F 262 -38.69 -11.64 -4.61
CA ASN F 262 -39.57 -10.88 -3.75
C ASN F 262 -40.85 -10.49 -4.46
N ALA F 263 -40.76 -10.24 -5.77
CA ALA F 263 -41.97 -9.92 -6.49
C ALA F 263 -42.81 -11.16 -6.76
N LEU F 264 -42.17 -12.33 -6.82
CA LEU F 264 -42.95 -13.56 -6.97
C LEU F 264 -43.72 -13.89 -5.71
N ARG F 265 -43.14 -13.67 -4.54
CA ARG F 265 -43.78 -14.02 -3.28
C ARG F 265 -44.91 -13.09 -2.88
N THR F 266 -45.20 -12.05 -3.65
CA THR F 266 -46.14 -10.99 -3.24
C THR F 266 -47.55 -11.54 -3.36
N ILE F 267 -47.90 -12.44 -2.44
CA ILE F 267 -49.15 -13.19 -2.51
C ILE F 267 -49.97 -13.05 -1.25
N ASP F 268 -49.43 -12.48 -0.19
CA ASP F 268 -50.06 -12.45 1.12
C ASP F 268 -51.17 -11.41 1.11
N THR F 269 -52.40 -11.87 0.87
CA THR F 269 -53.59 -11.04 1.04
C THR F 269 -54.32 -11.35 2.31
N TRP F 270 -53.65 -11.92 3.30
CA TRP F 270 -54.31 -12.41 4.51
C TRP F 270 -53.81 -11.73 5.77
N TYR F 271 -53.15 -10.59 5.63
CA TYR F 271 -52.66 -9.93 6.83
C TYR F 271 -53.81 -9.25 7.54
N PRO F 272 -53.74 -9.11 8.87
CA PRO F 272 -54.89 -8.61 9.63
C PRO F 272 -55.30 -7.19 9.36
N ASP F 273 -54.47 -6.39 8.70
CA ASP F 273 -54.85 -5.02 8.39
C ASP F 273 -55.74 -5.01 7.15
N GLU F 274 -55.93 -3.81 6.59
CA GLU F 274 -56.90 -3.61 5.53
C GLU F 274 -56.42 -4.27 4.24
N ASP F 275 -57.34 -4.95 3.56
CA ASP F 275 -57.00 -5.73 2.38
C ASP F 275 -57.11 -4.95 1.08
N GLY F 276 -57.53 -3.70 1.13
CA GLY F 276 -57.45 -2.84 -0.05
C GLY F 276 -56.06 -2.34 -0.36
N LEU F 277 -55.11 -2.58 0.53
CA LEU F 277 -53.72 -2.20 0.28
C LEU F 277 -52.99 -3.21 -0.59
N GLY F 278 -53.64 -4.30 -0.97
CA GLY F 278 -53.09 -5.24 -1.92
C GLY F 278 -52.26 -6.31 -1.26
N PRO F 279 -51.77 -7.27 -2.05
CA PRO F 279 -50.89 -8.30 -1.49
C PRO F 279 -49.51 -7.75 -1.18
N ILE F 280 -48.91 -8.32 -0.13
CA ILE F 280 -47.54 -8.00 0.25
C ILE F 280 -46.73 -9.29 0.16
N ALA F 281 -45.42 -9.15 0.31
CA ALA F 281 -44.54 -10.29 0.21
C ALA F 281 -44.62 -11.15 1.46
N VAL F 282 -44.43 -12.44 1.28
CA VAL F 282 -44.49 -13.39 2.38
C VAL F 282 -43.21 -13.27 3.19
N GLU F 283 -43.31 -12.65 4.37
CA GLU F 283 -42.20 -12.54 5.30
C GLU F 283 -42.70 -12.85 6.70
N PRO F 284 -41.84 -13.36 7.59
CA PRO F 284 -42.22 -13.43 9.00
C PRO F 284 -42.28 -12.02 9.55
N TYR F 285 -43.34 -11.74 10.33
CA TYR F 285 -43.76 -10.38 10.66
C TYR F 285 -43.87 -9.55 9.38
N GLY F 286 -44.86 -9.93 8.57
CA GLY F 286 -44.94 -9.57 7.17
C GLY F 286 -44.86 -8.09 6.89
N SER F 287 -43.71 -7.67 6.41
CA SER F 287 -43.29 -6.28 6.43
C SER F 287 -43.01 -5.84 5.01
N VAL F 288 -43.23 -4.57 4.76
CA VAL F 288 -42.89 -3.94 3.50
C VAL F 288 -41.91 -2.82 3.78
N THR F 289 -40.79 -2.82 3.05
CA THR F 289 -39.75 -1.85 3.31
C THR F 289 -40.13 -0.46 2.82
N SER F 290 -40.91 -0.38 1.75
CA SER F 290 -41.28 0.92 1.21
C SER F 290 -42.26 1.63 2.13
N GLN F 291 -43.22 0.89 2.65
CA GLN F 291 -44.17 1.47 3.58
C GLN F 291 -43.62 1.54 4.99
N GLY F 292 -42.57 0.78 5.31
CA GLY F 292 -41.94 0.85 6.62
C GLY F 292 -42.78 0.34 7.76
N LYS F 293 -43.85 -0.37 7.46
CA LYS F 293 -44.79 -0.88 8.42
C LYS F 293 -44.76 -2.39 8.38
N ALA F 294 -44.71 -3.00 9.55
CA ALA F 294 -44.70 -4.45 9.65
C ALA F 294 -46.12 -4.89 9.98
N TYR F 295 -46.82 -5.39 8.99
CA TYR F 295 -48.04 -6.13 9.28
C TYR F 295 -47.68 -7.48 9.88
N ARG F 296 -48.69 -8.16 10.41
CA ARG F 296 -48.54 -9.41 11.16
C ARG F 296 -47.54 -9.26 12.29
N GLN F 297 -47.77 -8.26 13.13
CA GLN F 297 -46.91 -8.06 14.27
C GLN F 297 -47.15 -9.16 15.30
N PRO F 298 -46.13 -9.53 16.08
CA PRO F 298 -46.31 -10.60 17.07
C PRO F 298 -47.16 -10.22 18.26
N LYS F 299 -47.56 -8.96 18.42
CA LYS F 299 -48.54 -8.63 19.44
C LYS F 299 -49.89 -9.25 19.12
N GLN F 300 -50.31 -9.15 17.87
CA GLN F 300 -51.38 -10.00 17.37
C GLN F 300 -50.81 -11.38 17.10
N LYS F 301 -51.69 -12.36 17.05
CA LYS F 301 -51.20 -13.73 16.93
C LYS F 301 -51.18 -14.18 15.47
N LEU F 302 -50.51 -13.41 14.60
CA LEU F 302 -50.61 -13.68 13.17
C LEU F 302 -49.30 -13.55 12.41
N ASP F 303 -48.15 -13.51 13.07
CA ASP F 303 -46.89 -13.60 12.37
C ASP F 303 -46.61 -15.05 12.01
N PHE F 304 -45.48 -15.28 11.35
CA PHE F 304 -45.15 -16.64 10.93
C PHE F 304 -44.74 -17.48 12.12
N TYR F 305 -44.06 -16.88 13.09
CA TYR F 305 -43.46 -17.66 14.15
C TYR F 305 -44.50 -18.18 15.14
N THR F 306 -45.42 -17.33 15.58
CA THR F 306 -46.45 -17.81 16.49
C THR F 306 -47.42 -18.75 15.80
N LEU F 307 -47.70 -18.53 14.52
CA LEU F 307 -48.57 -19.45 13.80
C LEU F 307 -47.90 -20.81 13.59
N LEU F 308 -46.62 -20.82 13.27
CA LEU F 308 -45.92 -22.09 13.08
C LEU F 308 -45.76 -22.83 14.40
N ASP F 309 -45.45 -22.11 15.47
CA ASP F 309 -45.31 -22.76 16.76
C ASP F 309 -46.63 -23.24 17.33
N ASN F 310 -47.74 -22.57 17.02
CA ASN F 310 -49.02 -23.10 17.42
C ASN F 310 -49.47 -24.26 16.55
N TRP F 311 -49.09 -24.28 15.28
CA TRP F 311 -49.51 -25.37 14.41
C TRP F 311 -48.72 -26.63 14.69
N VAL F 312 -47.43 -26.51 14.94
CA VAL F 312 -46.58 -27.69 15.04
C VAL F 312 -46.51 -28.21 16.46
N LEU F 313 -46.19 -27.35 17.42
CA LEU F 313 -46.00 -27.81 18.79
C LEU F 313 -47.30 -28.19 19.45
N ARG F 314 -48.22 -27.23 19.58
CA ARG F 314 -49.43 -27.45 20.35
C ARG F 314 -50.65 -27.66 19.48
N ASP F 315 -50.45 -27.96 18.19
CA ASP F 315 -51.45 -28.52 17.29
C ASP F 315 -52.64 -27.59 17.03
N GLU F 316 -52.51 -26.31 17.36
CA GLU F 316 -53.57 -25.35 17.07
C GLU F 316 -53.40 -24.92 15.63
N ALA F 317 -54.09 -25.63 14.74
CA ALA F 317 -54.02 -25.33 13.33
C ALA F 317 -54.75 -24.03 13.03
N PRO F 318 -54.14 -23.09 12.34
CA PRO F 318 -54.82 -21.82 12.06
C PRO F 318 -55.84 -21.94 10.96
N ALA F 319 -56.45 -20.84 10.58
CA ALA F 319 -57.35 -20.82 9.44
C ALA F 319 -56.58 -21.12 8.17
N VAL F 320 -57.30 -21.53 7.13
CA VAL F 320 -56.65 -22.07 5.94
C VAL F 320 -55.86 -21.00 5.20
N GLU F 321 -56.27 -19.74 5.34
CA GLU F 321 -55.49 -18.65 4.78
C GLU F 321 -54.19 -18.46 5.52
N GLN F 322 -54.21 -18.54 6.84
CA GLN F 322 -52.99 -18.36 7.59
C GLN F 322 -52.05 -19.54 7.43
N GLN F 323 -52.57 -20.73 7.20
CA GLN F 323 -51.65 -21.81 6.93
C GLN F 323 -51.16 -21.79 5.49
N HIS F 324 -51.90 -21.16 4.57
CA HIS F 324 -51.31 -20.81 3.28
C HIS F 324 -50.12 -19.89 3.46
N TYR F 325 -50.24 -18.93 4.38
CA TYR F 325 -49.15 -18.01 4.65
C TYR F 325 -47.95 -18.71 5.27
N VAL F 326 -48.20 -19.66 6.18
CA VAL F 326 -47.11 -20.39 6.83
C VAL F 326 -46.37 -21.26 5.83
N ILE F 327 -47.11 -21.95 4.95
CA ILE F 327 -46.45 -22.79 3.96
C ILE F 327 -45.74 -21.94 2.91
N ALA F 328 -46.25 -20.74 2.62
CA ALA F 328 -45.51 -19.86 1.72
C ALA F 328 -44.24 -19.36 2.35
N ASN F 329 -44.21 -19.23 3.67
CA ASN F 329 -42.94 -18.93 4.34
C ASN F 329 -42.00 -20.11 4.36
N LEU F 330 -42.52 -21.33 4.36
CA LEU F 330 -41.63 -22.47 4.25
C LEU F 330 -41.06 -22.60 2.85
N ILE F 331 -41.86 -22.25 1.84
CA ILE F 331 -41.38 -22.23 0.46
C ILE F 331 -40.35 -21.12 0.28
N ARG F 332 -40.53 -20.02 0.99
CA ARG F 332 -39.60 -18.89 0.88
C ARG F 332 -38.23 -19.24 1.44
N GLY F 333 -38.16 -20.03 2.50
CA GLY F 333 -36.89 -20.43 3.07
C GLY F 333 -36.46 -19.53 4.19
N GLY F 334 -35.38 -19.93 4.85
CA GLY F 334 -34.81 -19.14 5.91
C GLY F 334 -34.44 -19.97 7.10
N VAL F 335 -33.86 -19.30 8.09
CA VAL F 335 -33.55 -19.96 9.35
C VAL F 335 -34.55 -19.56 10.43
N PHE F 336 -35.37 -20.51 10.84
CA PHE F 336 -36.39 -20.28 11.85
C PHE F 336 -36.09 -21.09 13.09
N GLY F 337 -35.39 -20.49 14.03
CA GLY F 337 -34.95 -21.21 15.20
C GLY F 337 -34.02 -20.29 15.97
N GLU F 338 -34.00 -20.47 17.28
CA GLU F 338 -33.46 -19.47 18.17
C GLU F 338 -31.93 -19.58 18.27
N ALA F 339 -31.36 -18.84 19.22
CA ALA F 339 -29.94 -18.85 19.46
C ALA F 339 -29.55 -19.96 20.42
N ILE G 5 -0.18 -56.96 27.58
CA ILE G 5 -1.54 -56.58 27.93
C ILE G 5 -2.18 -55.91 26.72
N LEU G 6 -1.33 -55.31 25.88
CA LEU G 6 -1.70 -54.68 24.61
C LEU G 6 -2.73 -53.57 24.82
N SER G 7 -2.26 -52.49 25.43
CA SER G 7 -3.07 -51.29 25.54
C SER G 7 -3.07 -50.52 24.22
N THR G 8 -3.91 -49.50 24.17
CA THR G 8 -4.06 -48.70 22.95
C THR G 8 -2.85 -47.80 22.76
N ALA G 9 -2.46 -47.60 21.51
CA ALA G 9 -1.37 -46.68 21.21
C ALA G 9 -1.81 -45.24 21.47
N SER G 10 -0.93 -44.47 22.09
CA SER G 10 -1.32 -43.14 22.54
C SER G 10 -1.35 -42.14 21.38
N VAL G 11 -0.61 -42.41 20.32
CA VAL G 11 -0.79 -41.68 19.07
C VAL G 11 -1.11 -42.67 17.98
N LEU G 12 -1.95 -42.23 17.04
CA LEU G 12 -2.27 -42.99 15.84
C LEU G 12 -2.71 -41.97 14.81
N ALA G 13 -2.14 -42.02 13.63
CA ALA G 13 -2.56 -41.13 12.56
C ALA G 13 -2.53 -41.96 11.30
N PHE G 14 -3.66 -42.03 10.61
CA PHE G 14 -3.74 -42.73 9.35
C PHE G 14 -3.84 -41.68 8.26
N GLU G 15 -3.08 -41.86 7.20
CA GLU G 15 -3.15 -40.94 6.08
C GLU G 15 -4.43 -41.17 5.32
N ARG G 16 -4.87 -40.14 4.62
CA ARG G 16 -6.14 -40.18 3.93
C ARG G 16 -5.98 -40.94 2.63
N LYS G 17 -6.67 -42.05 2.51
CA LYS G 17 -6.89 -42.68 1.22
C LYS G 17 -8.10 -42.03 0.59
N LEU G 18 -8.28 -42.25 -0.71
CA LEU G 18 -9.29 -41.55 -1.52
C LEU G 18 -9.10 -40.04 -1.45
N ASP G 19 -8.02 -39.59 -2.08
CA ASP G 19 -7.68 -38.17 -2.23
C ASP G 19 -8.41 -37.53 -3.39
N PRO G 20 -9.38 -36.65 -3.17
CA PRO G 20 -9.94 -35.88 -4.28
C PRO G 20 -9.22 -34.55 -4.42
N SER G 21 -9.59 -33.83 -5.46
CA SER G 21 -9.07 -32.51 -5.69
C SER G 21 -10.21 -31.50 -5.57
N ASP G 22 -9.89 -30.22 -5.71
CA ASP G 22 -10.91 -29.20 -5.70
C ASP G 22 -11.74 -29.31 -6.97
N ALA G 23 -13.04 -29.44 -6.81
CA ALA G 23 -13.93 -29.71 -7.92
C ALA G 23 -14.18 -28.43 -8.68
N LEU G 24 -13.45 -28.25 -9.77
CA LEU G 24 -13.57 -27.05 -10.59
C LEU G 24 -14.88 -27.07 -11.36
N MET G 25 -15.74 -26.08 -11.14
CA MET G 25 -17.01 -26.04 -11.84
C MET G 25 -16.94 -25.04 -12.98
N SER G 26 -17.44 -25.45 -14.14
CA SER G 26 -17.54 -24.65 -15.36
C SER G 26 -18.92 -24.86 -15.96
N ALA G 27 -19.18 -24.23 -17.10
CA ALA G 27 -20.54 -24.14 -17.58
C ALA G 27 -20.64 -24.15 -19.09
N GLY G 28 -21.76 -24.65 -19.58
CA GLY G 28 -22.01 -24.69 -21.00
C GLY G 28 -23.38 -25.25 -21.25
N ALA G 29 -23.61 -25.68 -22.48
CA ALA G 29 -24.90 -26.21 -22.88
C ALA G 29 -24.87 -27.72 -22.93
N TRP G 30 -25.96 -28.34 -22.51
CA TRP G 30 -26.18 -29.76 -22.72
C TRP G 30 -26.28 -30.06 -24.22
N ALA G 31 -26.15 -31.34 -24.55
CA ALA G 31 -26.03 -31.92 -25.89
C ALA G 31 -24.77 -31.47 -26.62
N GLN G 32 -23.87 -30.76 -25.96
CA GLN G 32 -22.48 -30.70 -26.39
C GLN G 32 -21.58 -30.90 -25.18
N ARG G 33 -21.94 -31.87 -24.34
CA ARG G 33 -21.07 -32.25 -23.24
C ARG G 33 -19.86 -33.01 -23.71
N ASP G 34 -19.87 -33.57 -24.91
CA ASP G 34 -18.70 -34.26 -25.39
C ASP G 34 -17.60 -33.30 -25.78
N ALA G 35 -17.95 -32.07 -26.14
CA ALA G 35 -16.98 -31.04 -26.51
C ALA G 35 -16.67 -30.12 -25.33
N SER G 36 -16.83 -30.62 -24.11
CA SER G 36 -16.74 -29.79 -22.92
C SER G 36 -15.35 -29.77 -22.33
N GLN G 37 -14.34 -29.46 -23.13
CA GLN G 37 -13.02 -29.21 -22.57
C GLN G 37 -12.61 -27.77 -22.68
N GLU G 38 -13.38 -26.96 -23.39
CA GLU G 38 -13.14 -25.52 -23.49
C GLU G 38 -14.35 -24.75 -22.98
N TRP G 39 -15.09 -25.33 -22.06
CA TRP G 39 -16.21 -24.63 -21.47
C TRP G 39 -15.69 -23.54 -20.54
N PRO G 40 -16.28 -22.36 -20.56
CA PRO G 40 -15.81 -21.30 -19.66
C PRO G 40 -16.17 -21.60 -18.23
N ALA G 41 -15.35 -21.12 -17.31
CA ALA G 41 -15.55 -21.44 -15.92
C ALA G 41 -16.70 -20.62 -15.35
N VAL G 42 -17.28 -21.13 -14.26
CA VAL G 42 -18.28 -20.39 -13.52
C VAL G 42 -17.54 -19.43 -12.62
N THR G 43 -17.77 -18.13 -12.80
CA THR G 43 -17.05 -17.12 -12.05
C THR G 43 -17.86 -16.67 -10.85
N VAL G 44 -17.15 -16.36 -9.78
CA VAL G 44 -17.75 -15.88 -8.55
C VAL G 44 -17.80 -14.37 -8.63
N ARG G 45 -18.99 -13.80 -8.70
CA ARG G 45 -19.18 -12.37 -8.75
C ARG G 45 -19.94 -11.92 -7.53
N GLU G 46 -19.96 -10.63 -7.30
CA GLU G 46 -20.61 -10.05 -6.14
C GLU G 46 -21.95 -9.49 -6.53
N LYS G 47 -22.86 -9.48 -5.58
CA LYS G 47 -24.09 -8.73 -5.71
C LYS G 47 -24.47 -8.21 -4.34
N SER G 48 -25.13 -7.07 -4.33
CA SER G 48 -25.62 -6.50 -3.10
C SER G 48 -27.02 -7.01 -2.85
N VAL G 49 -27.26 -7.50 -1.66
CA VAL G 49 -28.59 -7.93 -1.25
C VAL G 49 -29.04 -7.06 -0.11
N ARG G 50 -30.34 -7.03 0.14
CA ARG G 50 -30.94 -6.21 1.17
C ARG G 50 -32.06 -6.98 1.83
N GLY G 51 -32.01 -7.09 3.15
CA GLY G 51 -33.00 -7.83 3.88
C GLY G 51 -33.63 -7.00 4.97
N THR G 52 -34.75 -7.47 5.47
CA THR G 52 -35.29 -6.96 6.71
C THR G 52 -34.86 -7.86 7.85
N ILE G 53 -35.45 -7.67 9.01
CA ILE G 53 -35.26 -8.63 10.08
C ILE G 53 -36.33 -9.70 9.99
N SER G 54 -35.90 -10.95 10.10
CA SER G 54 -36.82 -12.05 10.20
C SER G 54 -36.48 -12.99 11.35
N ASN G 55 -35.57 -12.61 12.24
CA ASN G 55 -35.24 -13.45 13.37
C ASN G 55 -36.37 -13.42 14.40
N ARG G 56 -36.38 -14.42 15.27
CA ARG G 56 -37.37 -14.45 16.32
C ARG G 56 -37.09 -13.36 17.33
N LEU G 57 -38.13 -12.73 17.81
CA LEU G 57 -37.99 -11.70 18.83
C LEU G 57 -38.25 -12.28 20.20
N LYS G 58 -37.38 -11.94 21.14
CA LYS G 58 -37.26 -12.66 22.41
C LYS G 58 -38.16 -12.07 23.50
N THR G 59 -39.31 -11.51 23.10
CA THR G 59 -40.45 -11.02 23.89
C THR G 59 -40.09 -9.70 24.59
N LYS G 60 -38.84 -9.26 24.47
CA LYS G 60 -38.44 -7.92 24.85
C LYS G 60 -38.47 -6.98 23.66
N ASP G 61 -38.27 -7.51 22.45
CA ASP G 61 -38.25 -6.72 21.23
C ASP G 61 -39.59 -6.71 20.52
N ARG G 62 -40.65 -7.14 21.18
CA ARG G 62 -41.96 -7.26 20.54
C ARG G 62 -42.80 -6.01 20.68
N ASP G 63 -42.18 -4.87 20.93
CA ASP G 63 -42.87 -3.60 20.79
C ASP G 63 -43.14 -3.35 19.31
N PRO G 64 -44.39 -3.08 18.92
CA PRO G 64 -44.68 -2.84 17.49
C PRO G 64 -43.98 -1.62 16.92
N ALA G 65 -43.85 -0.55 17.69
CA ALA G 65 -43.14 0.62 17.21
C ALA G 65 -41.65 0.33 17.05
N LYS G 66 -41.09 -0.48 17.94
CA LYS G 66 -39.69 -0.84 17.80
C LYS G 66 -39.48 -1.79 16.63
N LEU G 67 -40.45 -2.65 16.35
CA LEU G 67 -40.36 -3.51 15.19
C LEU G 67 -40.45 -2.71 13.89
N ASP G 68 -41.29 -1.67 13.86
CA ASP G 68 -41.35 -0.83 12.66
C ASP G 68 -40.08 0.00 12.50
N ALA G 69 -39.52 0.49 13.60
CA ALA G 69 -38.27 1.23 13.51
C ALA G 69 -37.10 0.31 13.17
N SER G 70 -37.23 -0.98 13.49
CA SER G 70 -36.19 -1.92 13.10
C SER G 70 -36.30 -2.33 11.65
N ILE G 71 -37.52 -2.43 11.11
CA ILE G 71 -37.63 -2.74 9.68
C ILE G 71 -37.47 -1.51 8.80
N GLN G 72 -37.41 -0.32 9.38
CA GLN G 72 -37.09 0.84 8.55
C GLN G 72 -35.61 0.98 8.30
N SER G 73 -34.77 0.25 9.03
CA SER G 73 -33.33 0.24 8.80
C SER G 73 -32.94 -1.15 8.33
N PRO G 74 -32.82 -1.36 7.02
CA PRO G 74 -32.50 -2.69 6.52
C PRO G 74 -31.03 -2.99 6.66
N ASN G 75 -30.69 -4.27 6.70
CA ASN G 75 -29.29 -4.64 6.71
C ASN G 75 -28.83 -4.98 5.30
N LEU G 76 -27.69 -4.42 4.91
CA LEU G 76 -27.25 -4.40 3.53
C LEU G 76 -25.98 -5.21 3.37
N GLN G 77 -26.10 -6.42 2.84
CA GLN G 77 -24.96 -7.28 2.62
C GLN G 77 -24.46 -7.10 1.20
N THR G 78 -23.23 -7.54 0.95
CA THR G 78 -22.74 -7.80 -0.40
C THR G 78 -22.21 -9.22 -0.40
N VAL G 79 -22.92 -10.12 -1.05
CA VAL G 79 -22.62 -11.53 -1.01
C VAL G 79 -21.91 -11.91 -2.29
N ASP G 80 -21.12 -12.98 -2.23
CA ASP G 80 -20.64 -13.64 -3.43
C ASP G 80 -21.73 -14.54 -3.97
N VAL G 81 -21.99 -14.45 -5.26
CA VAL G 81 -22.94 -15.31 -5.92
C VAL G 81 -22.24 -15.95 -7.11
N ALA G 82 -22.61 -17.18 -7.44
CA ALA G 82 -22.09 -17.86 -8.61
C ALA G 82 -23.27 -18.41 -9.38
N ASN G 83 -23.53 -17.87 -10.55
CA ASN G 83 -24.60 -18.32 -11.39
C ASN G 83 -24.02 -18.91 -12.67
N LEU G 84 -24.83 -19.72 -13.34
CA LEU G 84 -24.52 -20.10 -14.70
C LEU G 84 -24.68 -18.88 -15.60
N PRO G 85 -24.04 -18.87 -16.76
CA PRO G 85 -24.35 -17.83 -17.73
C PRO G 85 -25.77 -17.97 -18.24
N SER G 86 -26.29 -16.90 -18.79
CA SER G 86 -27.68 -16.88 -19.20
C SER G 86 -27.94 -17.64 -20.49
N ASP G 87 -26.91 -18.19 -21.12
CA ASP G 87 -27.06 -18.99 -22.33
C ASP G 87 -26.51 -20.39 -22.12
N ALA G 88 -26.37 -20.80 -20.87
CA ALA G 88 -25.82 -22.10 -20.53
C ALA G 88 -26.67 -22.72 -19.44
N ASP G 89 -27.05 -23.98 -19.62
CA ASP G 89 -27.93 -24.64 -18.66
C ASP G 89 -27.27 -25.81 -17.97
N THR G 90 -26.00 -26.08 -18.24
CA THR G 90 -25.36 -27.24 -17.68
C THR G 90 -24.14 -26.82 -16.87
N LEU G 91 -24.07 -27.31 -15.64
CA LEU G 91 -22.91 -27.11 -14.79
C LEU G 91 -22.02 -28.34 -14.87
N LYS G 92 -20.79 -28.15 -15.34
CA LYS G 92 -19.80 -29.21 -15.39
C LYS G 92 -18.90 -29.09 -14.16
N VAL G 93 -18.93 -30.08 -13.30
CA VAL G 93 -18.08 -30.13 -12.11
C VAL G 93 -17.04 -31.22 -12.34
N ARG G 94 -15.77 -30.86 -12.33
CA ARG G 94 -14.72 -31.80 -12.67
C ARG G 94 -13.67 -31.84 -11.58
N PHE G 95 -13.32 -33.03 -11.13
CA PHE G 95 -12.22 -33.22 -10.19
C PHE G 95 -11.50 -34.51 -10.55
N THR G 96 -10.41 -34.78 -9.86
CA THR G 96 -9.74 -36.06 -9.95
C THR G 96 -9.79 -36.74 -8.61
N LEU G 97 -9.64 -38.06 -8.62
CA LEU G 97 -9.70 -38.85 -7.39
C LEU G 97 -8.58 -39.85 -7.44
N ARG G 98 -7.79 -39.90 -6.38
CA ARG G 98 -6.61 -40.74 -6.34
C ARG G 98 -6.80 -41.76 -5.22
N VAL G 99 -6.98 -43.02 -5.60
CA VAL G 99 -7.27 -44.09 -4.66
C VAL G 99 -5.95 -44.79 -4.35
N LEU G 100 -5.52 -44.73 -3.09
CA LEU G 100 -4.12 -45.02 -2.76
C LEU G 100 -3.88 -46.46 -2.29
N GLY G 101 -4.48 -46.85 -1.19
CA GLY G 101 -4.23 -48.21 -0.80
C GLY G 101 -3.09 -48.35 0.17
N GLY G 102 -3.14 -49.40 0.98
CA GLY G 102 -2.31 -49.51 2.15
C GLY G 102 -3.05 -48.87 3.30
N ALA G 103 -4.27 -49.35 3.53
CA ALA G 103 -5.22 -48.62 4.36
C ALA G 103 -4.98 -48.78 5.84
N GLY G 104 -4.55 -49.96 6.27
CA GLY G 104 -4.40 -50.18 7.69
C GLY G 104 -3.15 -49.65 8.32
N THR G 105 -2.11 -49.37 7.54
CA THR G 105 -0.84 -48.94 8.10
C THR G 105 -0.94 -47.50 8.57
N PRO G 106 -0.69 -47.23 9.84
CA PRO G 106 -0.73 -45.84 10.32
C PRO G 106 0.50 -45.07 9.87
N SER G 107 0.32 -43.77 9.75
CA SER G 107 1.43 -42.89 9.49
C SER G 107 2.18 -42.49 10.75
N ALA G 108 1.62 -42.80 11.92
CA ALA G 108 2.28 -42.53 13.19
C ALA G 108 1.73 -43.51 14.21
N CYS G 109 2.60 -44.07 15.04
CA CYS G 109 2.17 -45.03 16.05
C CYS G 109 3.21 -45.06 17.15
N ASN G 110 2.77 -45.33 18.38
CA ASN G 110 3.72 -45.49 19.47
C ASN G 110 4.06 -46.94 19.73
N ASP G 111 3.06 -47.74 20.06
CA ASP G 111 3.28 -49.13 20.43
C ASP G 111 3.45 -49.95 19.18
N ALA G 112 4.61 -50.60 19.04
CA ALA G 112 4.83 -51.47 17.90
C ALA G 112 4.04 -52.76 18.03
N ALA G 113 3.71 -53.17 19.25
CA ALA G 113 2.86 -54.33 19.44
C ALA G 113 1.44 -54.03 19.00
N TYR G 114 0.93 -52.84 19.33
CA TYR G 114 -0.38 -52.43 18.84
C TYR G 114 -0.37 -52.24 17.34
N ARG G 115 0.74 -51.74 16.80
CA ARG G 115 0.83 -51.54 15.36
C ARG G 115 0.82 -52.88 14.63
N ASP G 116 1.52 -53.88 15.17
CA ASP G 116 1.51 -55.20 14.56
C ASP G 116 0.15 -55.86 14.69
N LYS G 117 -0.52 -55.67 15.82
CA LYS G 117 -1.86 -56.23 15.98
C LYS G 117 -2.86 -55.59 15.05
N LEU G 118 -2.76 -54.28 14.85
CA LEU G 118 -3.68 -53.59 13.96
C LEU G 118 -3.42 -53.95 12.51
N LEU G 119 -2.15 -54.13 12.13
CA LEU G 119 -1.84 -54.58 10.79
C LEU G 119 -2.34 -56.00 10.55
N GLN G 120 -2.22 -56.87 11.56
CA GLN G 120 -2.75 -58.21 11.45
C GLN G 120 -4.26 -58.21 11.33
N THR G 121 -4.92 -57.31 12.06
CA THR G 121 -6.37 -57.21 12.01
C THR G 121 -6.85 -56.74 10.64
N VAL G 122 -6.22 -55.70 10.09
CA VAL G 122 -6.65 -55.19 8.80
C VAL G 122 -6.33 -56.18 7.68
N ALA G 123 -5.19 -56.87 7.77
CA ALA G 123 -4.90 -57.89 6.76
C ALA G 123 -5.82 -59.09 6.89
N THR G 124 -6.25 -59.41 8.10
CA THR G 124 -7.24 -60.46 8.32
C THR G 124 -8.57 -60.09 7.69
N TYR G 125 -8.95 -58.81 7.81
CA TYR G 125 -10.16 -58.32 7.15
C TYR G 125 -10.05 -58.44 5.64
N VAL G 126 -8.94 -57.93 5.07
CA VAL G 126 -8.74 -57.90 3.63
C VAL G 126 -8.70 -59.32 3.05
N ASN G 127 -8.09 -60.26 3.77
CA ASN G 127 -8.07 -61.63 3.30
C ASN G 127 -9.42 -62.31 3.44
N ASP G 128 -10.16 -62.01 4.51
CA ASP G 128 -11.51 -62.54 4.65
C ASP G 128 -12.43 -61.94 3.61
N GLN G 129 -12.36 -60.63 3.42
CA GLN G 129 -13.18 -59.93 2.43
C GLN G 129 -12.47 -58.66 2.02
N GLY G 130 -12.09 -58.57 0.76
CA GLY G 130 -11.33 -57.43 0.29
C GLY G 130 -12.18 -56.17 0.26
N PHE G 131 -11.59 -55.10 -0.24
CA PHE G 131 -12.32 -53.84 -0.31
C PHE G 131 -13.33 -53.90 -1.43
N ALA G 132 -14.37 -54.70 -1.22
CA ALA G 132 -15.36 -54.95 -2.25
C ALA G 132 -16.69 -54.32 -1.94
N GLU G 133 -17.16 -54.41 -0.70
CA GLU G 133 -18.38 -53.69 -0.33
C GLU G 133 -18.09 -52.22 -0.20
N LEU G 134 -16.93 -51.87 0.36
CA LEU G 134 -16.57 -50.46 0.51
C LEU G 134 -16.34 -49.81 -0.84
N ALA G 135 -15.71 -50.51 -1.77
CA ALA G 135 -15.50 -49.91 -3.07
C ALA G 135 -16.77 -49.88 -3.89
N ARG G 136 -17.70 -50.80 -3.63
CA ARG G 136 -19.01 -50.71 -4.25
C ARG G 136 -19.74 -49.45 -3.80
N ARG G 137 -19.64 -49.13 -2.51
CA ARG G 137 -20.30 -47.93 -2.03
C ARG G 137 -19.57 -46.65 -2.43
N TYR G 138 -18.23 -46.68 -2.51
CA TYR G 138 -17.50 -45.52 -3.01
C TYR G 138 -17.77 -45.29 -4.48
N ALA G 139 -17.89 -46.37 -5.25
CA ALA G 139 -18.23 -46.24 -6.66
C ALA G 139 -19.65 -45.75 -6.84
N HIS G 140 -20.54 -46.06 -5.90
CA HIS G 140 -21.89 -45.50 -5.98
C HIS G 140 -21.87 -44.01 -5.71
N ASN G 141 -21.12 -43.57 -4.70
CA ASN G 141 -21.09 -42.14 -4.42
C ASN G 141 -20.31 -41.36 -5.46
N LEU G 142 -19.50 -42.03 -6.28
CA LEU G 142 -19.02 -41.38 -7.49
C LEU G 142 -20.09 -41.38 -8.57
N ALA G 143 -20.82 -42.48 -8.70
CA ALA G 143 -21.72 -42.68 -9.82
C ALA G 143 -22.95 -41.80 -9.72
N ASN G 144 -23.73 -41.92 -8.66
CA ASN G 144 -24.70 -40.88 -8.36
C ASN G 144 -23.93 -39.67 -7.90
N ALA G 145 -24.24 -38.51 -8.45
CA ALA G 145 -23.39 -37.35 -8.22
C ALA G 145 -23.73 -36.73 -6.87
N ARG G 146 -23.33 -37.41 -5.81
CA ARG G 146 -23.52 -36.85 -4.49
C ARG G 146 -22.59 -35.67 -4.24
N PHE G 147 -21.43 -35.64 -4.91
CA PHE G 147 -20.49 -34.55 -4.75
C PHE G 147 -21.02 -33.25 -5.31
N LEU G 148 -21.95 -33.32 -6.26
CA LEU G 148 -22.83 -32.21 -6.56
C LEU G 148 -23.73 -32.08 -5.35
N TRP G 149 -23.44 -31.16 -4.45
CA TRP G 149 -24.12 -31.21 -3.16
C TRP G 149 -25.51 -30.59 -3.24
N ARG G 150 -25.58 -29.29 -3.48
CA ARG G 150 -26.85 -28.61 -3.67
C ARG G 150 -27.04 -28.23 -5.13
N ASN G 151 -26.08 -28.53 -5.98
CA ASN G 151 -26.23 -28.38 -7.42
C ASN G 151 -26.98 -29.54 -8.04
N ARG G 152 -27.52 -30.43 -7.23
CA ARG G 152 -28.13 -31.67 -7.68
C ARG G 152 -29.59 -31.77 -7.30
N VAL G 153 -30.06 -30.91 -6.39
CA VAL G 153 -31.37 -31.11 -5.79
C VAL G 153 -32.51 -30.78 -6.73
N GLY G 154 -32.28 -29.99 -7.76
CA GLY G 154 -33.37 -29.68 -8.65
C GLY G 154 -32.97 -29.85 -10.09
N ALA G 155 -31.94 -30.64 -10.32
CA ALA G 155 -31.41 -30.82 -11.66
C ALA G 155 -32.34 -31.68 -12.48
N GLU G 156 -32.46 -31.35 -13.76
CA GLU G 156 -33.33 -32.10 -14.64
C GLU G 156 -32.70 -33.43 -15.01
N ALA G 157 -31.43 -33.42 -15.36
CA ALA G 157 -30.71 -34.64 -15.66
C ALA G 157 -29.27 -34.46 -15.22
N VAL G 158 -28.74 -35.42 -14.47
CA VAL G 158 -27.36 -35.43 -14.04
C VAL G 158 -26.68 -36.59 -14.75
N GLU G 159 -25.48 -36.37 -15.28
CA GLU G 159 -24.71 -37.41 -15.91
C GLU G 159 -23.27 -37.34 -15.44
N VAL G 160 -22.75 -38.46 -14.96
CA VAL G 160 -21.39 -38.55 -14.43
C VAL G 160 -20.55 -39.38 -15.38
N ARG G 161 -19.41 -38.84 -15.79
CA ARG G 161 -18.45 -39.56 -16.60
C ARG G 161 -17.18 -39.75 -15.79
N ILE G 162 -16.74 -40.99 -15.67
CA ILE G 162 -15.57 -41.33 -14.88
C ILE G 162 -14.57 -42.02 -15.79
N ASN G 163 -13.36 -41.49 -15.86
CA ASN G 163 -12.31 -42.01 -16.72
C ASN G 163 -11.16 -42.49 -15.88
N HIS G 164 -10.81 -43.76 -16.00
CA HIS G 164 -9.58 -44.26 -15.41
C HIS G 164 -8.42 -43.75 -16.23
N ILE G 165 -7.50 -43.05 -15.60
CA ILE G 165 -6.40 -42.42 -16.31
C ILE G 165 -5.13 -43.23 -16.05
N ARG G 166 -4.67 -43.91 -17.09
CA ARG G 166 -3.39 -44.59 -17.12
C ARG G 166 -2.35 -43.62 -17.68
N GLN G 167 -1.23 -44.17 -18.17
CA GLN G 167 0.05 -43.49 -18.46
C GLN G 167 -0.06 -42.09 -19.04
N GLY G 168 -1.00 -41.85 -19.94
CA GLY G 168 -1.38 -40.48 -20.18
C GLY G 168 -2.83 -40.25 -20.51
N GLU G 169 -3.62 -41.32 -20.62
CA GLU G 169 -4.89 -41.25 -21.30
C GLU G 169 -5.92 -42.09 -20.58
N VAL G 170 -7.11 -42.13 -21.16
CA VAL G 170 -8.22 -42.90 -20.60
C VAL G 170 -7.98 -44.37 -20.88
N ALA G 171 -7.89 -45.16 -19.83
CA ALA G 171 -7.77 -46.60 -19.99
C ALA G 171 -9.11 -47.30 -20.01
N ARG G 172 -10.11 -46.71 -19.34
CA ARG G 172 -11.46 -47.27 -19.30
C ARG G 172 -12.38 -46.14 -18.90
N ALA G 173 -13.43 -45.91 -19.67
CA ALA G 173 -14.33 -44.79 -19.47
C ALA G 173 -15.69 -45.30 -19.02
N TRP G 174 -16.28 -44.62 -18.05
CA TRP G 174 -17.63 -44.90 -17.58
C TRP G 174 -18.54 -43.73 -17.91
N ARG G 175 -19.84 -43.99 -17.86
CA ARG G 175 -20.83 -42.95 -18.10
C ARG G 175 -22.12 -43.37 -17.43
N PHE G 176 -22.59 -42.58 -16.48
CA PHE G 176 -23.72 -42.97 -15.64
C PHE G 176 -24.82 -41.93 -15.72
N ASP G 177 -26.03 -42.39 -15.42
CA ASP G 177 -27.18 -41.52 -15.20
C ASP G 177 -27.33 -41.38 -13.70
N ALA G 178 -26.87 -40.26 -13.17
CA ALA G 178 -26.74 -40.12 -11.73
C ALA G 178 -28.07 -39.92 -11.03
N LEU G 179 -29.15 -39.69 -11.75
CA LEU G 179 -30.46 -39.64 -11.13
C LEU G 179 -31.17 -40.97 -11.13
N ALA G 180 -30.75 -41.90 -12.00
CA ALA G 180 -31.25 -43.26 -11.90
C ALA G 180 -30.69 -43.98 -10.69
N ILE G 181 -29.39 -43.89 -10.48
CA ILE G 181 -28.75 -44.39 -9.29
C ILE G 181 -29.13 -43.45 -8.16
N GLY G 182 -29.81 -43.97 -7.15
CA GLY G 182 -30.35 -43.12 -6.11
C GLY G 182 -29.28 -42.54 -5.21
N LEU G 183 -29.75 -41.78 -4.23
CA LEU G 183 -28.86 -41.32 -3.18
C LEU G 183 -28.88 -42.23 -1.97
N ARG G 184 -29.65 -43.31 -1.99
CA ARG G 184 -29.83 -44.09 -0.79
C ARG G 184 -29.76 -45.60 -0.94
N ASP G 185 -29.77 -46.14 -2.15
CA ASP G 185 -29.72 -47.58 -2.34
C ASP G 185 -28.42 -47.94 -3.03
N PHE G 186 -27.67 -48.86 -2.42
CA PHE G 186 -26.44 -49.36 -3.02
C PHE G 186 -26.78 -50.68 -3.71
N LYS G 187 -27.39 -50.56 -4.88
CA LYS G 187 -27.80 -51.72 -5.65
C LYS G 187 -26.60 -52.28 -6.42
N ALA G 188 -26.84 -53.18 -7.35
CA ALA G 188 -25.77 -53.74 -8.15
C ALA G 188 -25.99 -53.40 -9.61
N ASP G 189 -24.90 -53.19 -10.34
CA ASP G 189 -24.98 -52.86 -11.76
C ASP G 189 -23.87 -53.63 -12.46
N ALA G 190 -23.68 -53.35 -13.74
CA ALA G 190 -22.61 -54.02 -14.45
C ALA G 190 -21.41 -53.10 -14.62
N GLU G 191 -21.65 -51.81 -14.83
CA GLU G 191 -20.55 -50.87 -14.92
C GLU G 191 -20.12 -50.40 -13.54
N LEU G 192 -21.05 -50.35 -12.60
CA LEU G 192 -20.71 -49.99 -11.24
C LEU G 192 -19.86 -51.05 -10.57
N ASP G 193 -20.06 -52.32 -10.94
CA ASP G 193 -19.17 -53.34 -10.41
C ASP G 193 -17.79 -53.28 -11.02
N ALA G 194 -17.68 -52.81 -12.26
CA ALA G 194 -16.35 -52.64 -12.84
C ALA G 194 -15.62 -51.48 -12.19
N LEU G 195 -16.33 -50.38 -11.93
CA LEU G 195 -15.74 -49.27 -11.19
C LEU G 195 -15.39 -49.66 -9.76
N ALA G 196 -16.22 -50.51 -9.14
CA ALA G 196 -15.92 -50.99 -7.80
C ALA G 196 -14.71 -51.90 -7.79
N GLU G 197 -14.54 -52.71 -8.84
CA GLU G 197 -13.34 -53.54 -8.91
C GLU G 197 -12.10 -52.70 -9.11
N LEU G 198 -12.21 -51.59 -9.84
CA LEU G 198 -11.07 -50.70 -10.00
C LEU G 198 -10.72 -50.02 -8.69
N ILE G 199 -11.71 -49.52 -7.96
CA ILE G 199 -11.44 -48.89 -6.67
C ILE G 199 -10.98 -49.93 -5.65
N ALA G 200 -11.39 -51.18 -5.82
CA ALA G 200 -10.87 -52.27 -4.99
C ALA G 200 -9.40 -52.51 -5.27
N SER G 201 -9.00 -52.50 -6.54
CA SER G 201 -7.59 -52.70 -6.87
C SER G 201 -6.76 -51.52 -6.46
N GLY G 202 -7.36 -50.34 -6.36
CA GLY G 202 -6.64 -49.21 -5.80
C GLY G 202 -6.47 -49.31 -4.30
N LEU G 203 -7.54 -49.65 -3.59
CA LEU G 203 -7.51 -49.68 -2.14
C LEU G 203 -6.69 -50.86 -1.61
N SER G 204 -6.56 -51.91 -2.40
CA SER G 204 -5.74 -53.04 -1.97
C SER G 204 -4.28 -52.88 -2.33
N GLY G 205 -3.90 -51.75 -2.93
CA GLY G 205 -2.52 -51.50 -3.27
C GLY G 205 -2.02 -52.26 -4.47
N SER G 206 -2.89 -52.89 -5.23
CA SER G 206 -2.48 -53.71 -6.35
C SER G 206 -2.50 -52.97 -7.67
N GLY G 207 -2.55 -51.65 -7.65
CA GLY G 207 -2.54 -50.90 -8.89
C GLY G 207 -2.63 -49.41 -8.65
N HIS G 208 -2.25 -48.62 -9.64
CA HIS G 208 -2.40 -47.19 -9.53
C HIS G 208 -3.74 -46.79 -10.12
N VAL G 209 -4.56 -46.13 -9.31
CA VAL G 209 -5.90 -45.73 -9.71
C VAL G 209 -5.99 -44.22 -9.60
N LEU G 210 -6.25 -43.58 -10.73
CA LEU G 210 -6.54 -42.15 -10.76
C LEU G 210 -7.73 -41.94 -11.67
N LEU G 211 -8.85 -41.55 -11.09
CA LEU G 211 -10.08 -41.35 -11.83
C LEU G 211 -10.26 -39.87 -12.08
N GLU G 212 -10.81 -39.52 -13.23
CA GLU G 212 -11.18 -38.15 -13.54
C GLU G 212 -12.68 -38.10 -13.60
N VAL G 213 -13.30 -37.52 -12.58
CA VAL G 213 -14.75 -37.54 -12.45
C VAL G 213 -15.32 -36.23 -12.96
N VAL G 214 -16.07 -36.30 -14.05
CA VAL G 214 -16.74 -35.14 -14.63
C VAL G 214 -18.23 -35.37 -14.51
N ALA G 215 -18.94 -34.38 -13.96
CA ALA G 215 -20.37 -34.51 -13.76
C ALA G 215 -21.07 -33.29 -14.32
N PHE G 216 -22.12 -33.53 -15.10
CA PHE G 216 -22.91 -32.47 -15.70
C PHE G 216 -24.28 -32.45 -15.04
N ALA G 217 -24.89 -31.28 -14.98
CA ALA G 217 -26.20 -31.15 -14.34
C ALA G 217 -27.04 -30.10 -15.05
N ARG G 218 -28.19 -30.52 -15.55
CA ARG G 218 -29.14 -29.59 -16.15
C ARG G 218 -29.81 -28.77 -15.07
N ILE G 219 -29.30 -27.58 -14.80
CA ILE G 219 -29.91 -26.70 -13.83
C ILE G 219 -30.85 -25.72 -14.50
N GLY G 220 -30.46 -25.17 -15.65
CA GLY G 220 -31.28 -24.19 -16.30
C GLY G 220 -30.46 -22.99 -16.68
N ASP G 221 -30.95 -22.18 -17.62
CA ASP G 221 -30.21 -21.03 -18.12
C ASP G 221 -30.07 -19.99 -17.01
N GLY G 222 -28.84 -19.69 -16.64
CA GLY G 222 -28.61 -18.59 -15.74
C GLY G 222 -28.89 -18.87 -14.30
N GLN G 223 -29.17 -20.11 -13.95
CA GLN G 223 -29.52 -20.46 -12.58
C GLN G 223 -28.30 -20.43 -11.68
N GLU G 224 -28.55 -20.42 -10.38
CA GLU G 224 -27.49 -20.28 -9.40
C GLU G 224 -26.89 -21.63 -9.08
N VAL G 225 -25.57 -21.71 -9.11
CA VAL G 225 -24.86 -22.88 -8.66
C VAL G 225 -24.24 -22.57 -7.32
N PHE G 226 -23.88 -23.61 -6.59
CA PHE G 226 -23.47 -23.49 -5.20
C PHE G 226 -22.09 -24.11 -5.04
N PRO G 227 -21.05 -23.30 -5.16
CA PRO G 227 -19.71 -23.77 -4.82
C PRO G 227 -19.53 -23.78 -3.31
N SER G 228 -18.35 -24.19 -2.90
CA SER G 228 -18.07 -24.27 -1.48
C SER G 228 -17.89 -22.89 -0.92
N GLN G 229 -18.19 -22.74 0.35
CA GLN G 229 -18.32 -21.44 0.97
C GLN G 229 -17.21 -21.24 1.98
N GLU G 230 -16.59 -20.08 1.95
CA GLU G 230 -15.46 -19.78 2.81
C GLU G 230 -15.92 -19.06 4.07
N LEU G 231 -15.05 -19.03 5.06
CA LEU G 231 -15.25 -18.20 6.23
C LEU G 231 -14.46 -16.92 6.05
N ILE G 232 -14.75 -15.92 6.86
CA ILE G 232 -14.37 -14.56 6.54
C ILE G 232 -13.43 -13.99 7.60
N LEU G 233 -12.93 -12.79 7.33
CA LEU G 233 -11.85 -12.17 8.10
C LEU G 233 -12.36 -11.38 9.30
N ASP G 234 -13.42 -10.58 9.11
CA ASP G 234 -14.13 -9.84 10.15
C ASP G 234 -13.22 -8.85 10.88
N LYS G 235 -12.51 -8.04 10.09
CA LYS G 235 -11.63 -7.02 10.66
C LYS G 235 -11.97 -5.59 10.26
N GLY G 236 -12.13 -5.30 8.98
CA GLY G 236 -12.01 -3.93 8.51
C GLY G 236 -13.31 -3.15 8.56
N ASP G 237 -13.40 -2.13 7.71
CA ASP G 237 -14.60 -1.32 7.59
C ASP G 237 -15.79 -2.17 7.15
N LYS G 238 -16.94 -1.88 7.78
CA LYS G 238 -18.19 -2.61 7.59
C LYS G 238 -18.66 -2.67 6.16
N LYS G 239 -18.36 -1.63 5.38
CA LYS G 239 -18.74 -1.64 3.97
C LYS G 239 -17.93 -2.67 3.18
N GLY G 240 -16.81 -3.12 3.72
CA GLY G 240 -16.26 -4.37 3.23
C GLY G 240 -17.06 -5.50 3.84
N GLN G 241 -18.27 -5.75 3.30
CA GLN G 241 -19.11 -6.78 3.86
C GLN G 241 -18.49 -8.16 3.70
N LYS G 242 -18.58 -8.69 2.48
CA LYS G 242 -18.46 -10.10 2.22
C LYS G 242 -19.15 -10.92 3.32
N SER G 243 -20.46 -10.77 3.39
CA SER G 243 -21.23 -11.63 4.26
C SER G 243 -21.18 -13.07 3.81
N LYS G 244 -21.02 -13.30 2.51
CA LYS G 244 -20.82 -14.62 1.95
C LYS G 244 -19.64 -14.56 1.00
N THR G 245 -18.70 -15.49 1.16
CA THR G 245 -17.59 -15.65 0.25
C THR G 245 -17.58 -17.06 -0.27
N LEU G 246 -17.48 -17.20 -1.59
CA LEU G 246 -17.45 -18.50 -2.23
C LEU G 246 -16.03 -18.85 -2.63
N TYR G 247 -15.75 -20.14 -2.63
CA TYR G 247 -14.44 -20.65 -2.98
C TYR G 247 -14.23 -20.59 -4.48
N SER G 248 -12.99 -20.30 -4.89
CA SER G 248 -12.61 -20.31 -6.28
C SER G 248 -11.10 -20.43 -6.33
N VAL G 249 -10.58 -21.26 -7.23
CA VAL G 249 -9.13 -21.49 -7.19
C VAL G 249 -8.38 -20.42 -7.97
N ARG G 250 -8.78 -20.10 -9.20
CA ARG G 250 -8.23 -18.96 -9.91
C ARG G 250 -9.33 -18.46 -10.85
N ASP G 251 -10.16 -17.54 -10.33
CA ASP G 251 -11.29 -16.96 -11.05
C ASP G 251 -12.20 -18.03 -11.63
N ALA G 252 -12.44 -19.08 -10.85
CA ALA G 252 -13.18 -20.24 -11.32
C ALA G 252 -13.73 -20.94 -10.10
N ALA G 253 -15.04 -20.91 -9.93
CA ALA G 253 -15.68 -21.38 -8.71
C ALA G 253 -15.40 -22.85 -8.49
N ALA G 254 -15.36 -23.25 -7.22
CA ALA G 254 -14.91 -24.61 -6.94
C ALA G 254 -15.52 -25.07 -5.64
N ILE G 255 -15.64 -26.38 -5.52
CA ILE G 255 -15.98 -27.02 -4.27
C ILE G 255 -14.68 -27.45 -3.61
N HIS G 256 -14.64 -27.37 -2.29
CA HIS G 256 -13.47 -27.81 -1.54
C HIS G 256 -13.26 -29.30 -1.75
N SER G 257 -12.01 -29.75 -1.60
CA SER G 257 -11.75 -31.16 -1.78
C SER G 257 -12.30 -31.98 -0.63
N GLN G 258 -12.40 -31.40 0.56
CA GLN G 258 -12.95 -32.16 1.68
C GLN G 258 -14.46 -32.28 1.59
N LYS G 259 -15.13 -31.43 0.81
CA LYS G 259 -16.56 -31.61 0.61
C LYS G 259 -16.83 -32.73 -0.39
N ILE G 260 -15.99 -32.83 -1.43
CA ILE G 260 -16.05 -33.98 -2.33
C ILE G 260 -15.71 -35.26 -1.58
N GLY G 261 -14.74 -35.18 -0.68
CA GLY G 261 -14.38 -36.34 0.11
C GLY G 261 -15.46 -36.76 1.08
N ASN G 262 -16.17 -35.80 1.67
CA ASN G 262 -17.28 -36.14 2.54
C ASN G 262 -18.43 -36.73 1.77
N ALA G 263 -18.62 -36.30 0.52
CA ALA G 263 -19.67 -36.90 -0.28
C ALA G 263 -19.30 -38.30 -0.71
N LEU G 264 -18.01 -38.57 -0.88
CA LEU G 264 -17.58 -39.91 -1.23
C LEU G 264 -17.71 -40.88 -0.07
N ARG G 265 -17.50 -40.41 1.15
CA ARG G 265 -17.55 -41.26 2.32
C ARG G 265 -18.95 -41.52 2.82
N THR G 266 -19.99 -40.96 2.19
CA THR G 266 -21.36 -41.17 2.65
C THR G 266 -21.80 -42.58 2.25
N ILE G 267 -21.26 -43.55 2.97
CA ILE G 267 -21.51 -44.96 2.71
C ILE G 267 -22.05 -45.68 3.93
N ASP G 268 -22.04 -45.06 5.10
CA ASP G 268 -22.38 -45.71 6.36
C ASP G 268 -23.88 -45.86 6.45
N THR G 269 -24.39 -47.02 6.04
CA THR G 269 -25.78 -47.38 6.25
C THR G 269 -25.96 -48.33 7.42
N TRP G 270 -24.95 -48.51 8.25
CA TRP G 270 -24.98 -49.55 9.27
C TRP G 270 -25.10 -48.97 10.67
N TYR G 271 -25.41 -47.70 10.79
CA TYR G 271 -25.50 -47.08 12.09
C TYR G 271 -26.80 -47.51 12.78
N PRO G 272 -26.82 -47.57 14.12
CA PRO G 272 -27.94 -48.23 14.80
C PRO G 272 -29.25 -47.47 14.79
N ASP G 273 -29.34 -46.31 14.14
CA ASP G 273 -30.62 -45.66 13.94
C ASP G 273 -31.25 -46.32 12.71
N GLU G 274 -32.44 -45.85 12.32
CA GLU G 274 -33.22 -46.50 11.28
C GLU G 274 -32.55 -46.34 9.92
N ASP G 275 -32.95 -47.18 8.98
CA ASP G 275 -32.46 -47.07 7.62
C ASP G 275 -33.37 -46.19 6.76
N GLY G 276 -34.32 -45.48 7.38
CA GLY G 276 -35.14 -44.52 6.68
C GLY G 276 -34.47 -43.20 6.42
N LEU G 277 -33.29 -42.97 6.98
CA LEU G 277 -32.55 -41.75 6.72
C LEU G 277 -31.49 -41.93 5.64
N GLY G 278 -31.00 -43.15 5.44
CA GLY G 278 -30.04 -43.41 4.39
C GLY G 278 -28.63 -43.33 4.90
N PRO G 279 -27.67 -43.33 4.00
CA PRO G 279 -26.26 -43.30 4.40
C PRO G 279 -25.82 -41.97 4.96
N ILE G 280 -24.91 -42.04 5.93
CA ILE G 280 -24.22 -40.88 6.45
C ILE G 280 -22.75 -41.05 6.19
N ALA G 281 -21.99 -39.99 6.44
CA ALA G 281 -20.56 -40.00 6.21
C ALA G 281 -19.85 -40.83 7.27
N VAL G 282 -18.79 -41.51 6.85
CA VAL G 282 -18.02 -42.35 7.76
C VAL G 282 -17.21 -41.45 8.66
N GLU G 283 -17.61 -41.34 9.92
CA GLU G 283 -16.93 -40.56 10.93
C GLU G 283 -16.94 -41.33 12.25
N PRO G 284 -15.94 -41.15 13.10
CA PRO G 284 -16.03 -41.75 14.44
C PRO G 284 -17.06 -40.99 15.23
N TYR G 285 -17.89 -41.73 15.97
CA TYR G 285 -19.16 -41.25 16.51
C TYR G 285 -19.97 -40.59 15.40
N GLY G 286 -20.42 -41.42 14.47
CA GLY G 286 -20.86 -40.99 13.16
C GLY G 286 -21.94 -39.93 13.16
N SER G 287 -21.48 -38.72 12.88
CA SER G 287 -22.19 -37.51 13.22
C SER G 287 -22.53 -36.76 11.95
N VAL G 288 -23.70 -36.16 11.94
CA VAL G 288 -24.08 -35.21 10.90
C VAL G 288 -24.35 -33.88 11.58
N THR G 289 -23.65 -32.85 11.14
CA THR G 289 -23.78 -31.58 11.83
C THR G 289 -25.05 -30.85 11.44
N SER G 290 -25.56 -31.12 10.24
CA SER G 290 -26.84 -30.53 9.83
C SER G 290 -27.97 -31.07 10.69
N GLN G 291 -27.93 -32.34 11.03
CA GLN G 291 -28.94 -32.89 11.91
C GLN G 291 -28.57 -32.78 13.38
N GLY G 292 -27.37 -32.29 13.69
CA GLY G 292 -26.97 -32.03 15.05
C GLY G 292 -26.93 -33.24 15.95
N LYS G 293 -26.68 -34.40 15.39
CA LYS G 293 -26.87 -35.67 16.07
C LYS G 293 -25.65 -36.55 15.84
N ALA G 294 -25.37 -37.40 16.81
CA ALA G 294 -24.35 -38.43 16.66
C ALA G 294 -25.05 -39.77 16.64
N TYR G 295 -25.17 -40.36 15.46
CA TYR G 295 -25.36 -41.80 15.44
C TYR G 295 -24.03 -42.44 15.81
N ARG G 296 -24.11 -43.70 16.24
CA ARG G 296 -22.99 -44.44 16.83
C ARG G 296 -22.38 -43.67 17.99
N GLN G 297 -23.21 -43.33 18.96
CA GLN G 297 -22.70 -42.73 20.17
C GLN G 297 -21.95 -43.78 20.99
N PRO G 298 -20.96 -43.37 21.79
CA PRO G 298 -20.21 -44.35 22.58
C PRO G 298 -20.96 -44.89 23.77
N LYS G 299 -22.14 -44.36 24.10
CA LYS G 299 -22.99 -45.01 25.09
C LYS G 299 -23.45 -46.37 24.59
N GLN G 300 -23.78 -46.47 23.32
CA GLN G 300 -23.91 -47.75 22.67
C GLN G 300 -22.53 -48.21 22.21
N LYS G 301 -22.39 -49.49 21.94
CA LYS G 301 -21.06 -50.01 21.64
C LYS G 301 -20.81 -50.02 20.15
N LEU G 302 -21.00 -48.90 19.46
CA LEU G 302 -20.94 -48.94 18.00
C LEU G 302 -20.19 -47.79 17.37
N ASP G 303 -19.49 -46.95 18.14
CA ASP G 303 -18.64 -45.95 17.53
C ASP G 303 -17.37 -46.59 17.03
N PHE G 304 -16.54 -45.80 16.35
CA PHE G 304 -15.33 -46.34 15.74
C PHE G 304 -14.33 -46.77 16.79
N TYR G 305 -14.27 -46.04 17.90
CA TYR G 305 -13.22 -46.29 18.87
C TYR G 305 -13.45 -47.58 19.65
N THR G 306 -14.66 -47.80 20.15
CA THR G 306 -14.91 -49.03 20.89
C THR G 306 -14.93 -50.24 19.98
N LEU G 307 -15.37 -50.08 18.73
CA LEU G 307 -15.34 -51.19 17.79
C LEU G 307 -13.91 -51.56 17.42
N LEU G 308 -13.07 -50.55 17.16
CA LEU G 308 -11.68 -50.82 16.82
C LEU G 308 -10.93 -51.40 18.00
N ASP G 309 -11.21 -50.91 19.20
CA ASP G 309 -10.56 -51.45 20.39
C ASP G 309 -10.98 -52.87 20.69
N ASN G 310 -12.26 -53.19 20.59
CA ASN G 310 -12.69 -54.57 20.77
C ASN G 310 -12.19 -55.49 19.67
N TRP G 311 -12.00 -54.98 18.46
CA TRP G 311 -11.49 -55.80 17.39
C TRP G 311 -9.99 -56.06 17.54
N VAL G 312 -9.24 -55.05 17.96
CA VAL G 312 -7.79 -55.14 17.93
C VAL G 312 -7.23 -55.62 19.26
N LEU G 313 -7.65 -55.01 20.37
CA LEU G 313 -7.05 -55.35 21.65
C LEU G 313 -7.50 -56.71 22.14
N ARG G 314 -8.79 -56.87 22.39
CA ARG G 314 -9.30 -58.08 23.01
C ARG G 314 -9.90 -59.05 22.01
N ASP G 315 -9.66 -58.81 20.72
CA ASP G 315 -9.88 -59.77 19.63
C ASP G 315 -11.35 -60.16 19.47
N GLU G 316 -12.24 -59.26 19.85
CA GLU G 316 -13.67 -59.48 19.70
C GLU G 316 -14.08 -58.75 18.42
N ALA G 317 -14.18 -59.49 17.33
CA ALA G 317 -14.49 -58.87 16.06
C ALA G 317 -15.97 -58.51 15.99
N PRO G 318 -16.32 -57.37 15.43
CA PRO G 318 -17.74 -57.04 15.28
C PRO G 318 -18.39 -57.78 14.12
N ALA G 319 -19.63 -57.44 13.81
CA ALA G 319 -20.26 -57.96 12.61
C ALA G 319 -19.58 -57.38 11.38
N VAL G 320 -19.84 -58.00 10.22
CA VAL G 320 -19.14 -57.63 8.99
C VAL G 320 -19.51 -56.23 8.55
N GLU G 321 -20.69 -55.75 8.92
CA GLU G 321 -21.06 -54.38 8.62
C GLU G 321 -20.29 -53.39 9.47
N GLN G 322 -20.14 -53.69 10.76
CA GLN G 322 -19.41 -52.75 11.62
C GLN G 322 -17.92 -52.78 11.34
N GLN G 323 -17.39 -53.89 10.86
CA GLN G 323 -15.99 -53.83 10.48
C GLN G 323 -15.79 -53.25 9.10
N HIS G 324 -16.81 -53.29 8.22
CA HIS G 324 -16.81 -52.43 7.05
C HIS G 324 -16.71 -50.97 7.47
N TYR G 325 -17.45 -50.59 8.51
CA TYR G 325 -17.41 -49.21 9.01
C TYR G 325 -16.05 -48.86 9.59
N VAL G 326 -15.43 -49.79 10.32
CA VAL G 326 -14.13 -49.53 10.93
C VAL G 326 -13.05 -49.36 9.86
N ILE G 327 -13.05 -50.24 8.86
CA ILE G 327 -12.06 -50.09 7.79
C ILE G 327 -12.37 -48.86 6.94
N ALA G 328 -13.64 -48.45 6.86
CA ALA G 328 -13.94 -47.21 6.16
C ALA G 328 -13.44 -46.00 6.92
N ASN G 329 -13.40 -46.07 8.24
CA ASN G 329 -12.74 -45.02 9.01
C ASN G 329 -11.24 -45.02 8.80
N LEU G 330 -10.63 -46.19 8.67
CA LEU G 330 -9.20 -46.22 8.42
C LEU G 330 -8.86 -45.71 7.03
N ILE G 331 -9.74 -45.93 6.05
CA ILE G 331 -9.58 -45.33 4.74
C ILE G 331 -9.79 -43.83 4.80
N ARG G 332 -10.69 -43.38 5.68
CA ARG G 332 -10.95 -41.96 5.85
C ARG G 332 -9.74 -41.21 6.39
N GLY G 333 -8.94 -41.86 7.23
CA GLY G 333 -7.84 -41.18 7.87
C GLY G 333 -8.26 -40.57 9.17
N GLY G 334 -7.35 -39.85 9.80
CA GLY G 334 -7.67 -39.14 11.01
C GLY G 334 -6.58 -39.25 12.05
N VAL G 335 -6.73 -38.46 13.10
CA VAL G 335 -5.85 -38.51 14.25
C VAL G 335 -6.58 -39.21 15.37
N PHE G 336 -6.22 -40.46 15.63
CA PHE G 336 -6.87 -41.25 16.67
C PHE G 336 -5.91 -41.42 17.83
N GLY G 337 -6.41 -41.36 19.03
CA GLY G 337 -5.54 -41.54 20.17
C GLY G 337 -5.72 -40.45 21.20
N GLU G 338 -5.32 -40.76 22.42
CA GLU G 338 -5.55 -39.92 23.58
C GLU G 338 -4.41 -38.93 23.74
N ALA G 339 -4.30 -38.33 24.92
CA ALA G 339 -3.19 -37.45 25.24
C ALA G 339 -2.15 -38.21 26.05
N ILE H 5 45.28 -40.29 29.31
CA ILE H 5 44.12 -41.12 29.61
C ILE H 5 43.16 -41.06 28.42
N LEU H 6 43.22 -39.95 27.67
CA LEU H 6 42.45 -39.71 26.45
C LEU H 6 40.95 -39.80 26.72
N SER H 7 40.45 -38.81 27.45
CA SER H 7 39.02 -38.64 27.55
C SER H 7 38.48 -37.92 26.33
N THR H 8 37.16 -37.78 26.26
CA THR H 8 36.53 -37.10 25.13
C THR H 8 36.73 -35.60 25.26
N ALA H 9 36.83 -34.93 24.12
CA ALA H 9 37.00 -33.49 24.11
C ALA H 9 35.74 -32.80 24.60
N SER H 10 35.92 -31.67 25.30
CA SER H 10 34.79 -31.01 25.90
C SER H 10 33.99 -30.22 24.88
N VAL H 11 34.59 -29.87 23.74
CA VAL H 11 33.82 -29.45 22.57
C VAL H 11 34.24 -30.32 21.39
N LEU H 12 33.25 -30.69 20.60
CA LEU H 12 33.44 -31.19 19.24
C LEU H 12 32.25 -30.69 18.47
N ALA H 13 32.48 -30.08 17.32
CA ALA H 13 31.39 -29.68 16.45
C ALA H 13 31.80 -30.08 15.05
N PHE H 14 30.98 -30.90 14.41
CA PHE H 14 31.23 -31.31 13.05
C PHE H 14 30.27 -30.53 12.17
N GLU H 15 30.78 -29.96 11.09
CA GLU H 15 29.92 -29.24 10.17
C GLU H 15 29.06 -30.21 9.39
N ARG H 16 27.98 -29.68 8.85
CA ARG H 16 27.10 -30.50 8.05
C ARG H 16 27.68 -30.66 6.66
N LYS H 17 28.13 -31.86 6.36
CA LYS H 17 28.36 -32.26 4.98
C LYS H 17 27.03 -32.65 4.38
N LEU H 18 26.97 -32.70 3.06
CA LEU H 18 25.73 -32.87 2.29
C LEU H 18 24.73 -31.77 2.65
N ASP H 19 25.06 -30.56 2.23
CA ASP H 19 24.17 -29.41 2.34
C ASP H 19 23.16 -29.40 1.20
N PRO H 20 21.87 -29.60 1.45
CA PRO H 20 20.88 -29.38 0.41
C PRO H 20 20.28 -27.98 0.52
N SER H 21 19.46 -27.64 -0.45
CA SER H 21 18.81 -26.34 -0.46
C SER H 21 17.32 -26.51 -0.23
N ASP H 22 16.61 -25.41 -0.22
CA ASP H 22 15.16 -25.47 -0.14
C ASP H 22 14.62 -26.01 -1.45
N ALA H 23 13.89 -27.11 -1.37
CA ALA H 23 13.44 -27.80 -2.58
C ALA H 23 12.18 -27.13 -3.10
N LEU H 24 12.33 -26.32 -4.13
CA LEU H 24 11.24 -25.57 -4.72
C LEU H 24 10.37 -26.48 -5.57
N MET H 25 9.07 -26.43 -5.37
CA MET H 25 8.17 -27.27 -6.14
C MET H 25 7.38 -26.42 -7.12
N SER H 26 7.41 -26.80 -8.39
CA SER H 26 6.66 -26.18 -9.47
C SER H 26 5.92 -27.27 -10.24
N ALA H 27 5.06 -26.85 -11.16
CA ALA H 27 4.08 -27.79 -11.69
C ALA H 27 3.82 -27.59 -13.17
N GLY H 28 3.73 -28.68 -13.89
CA GLY H 28 3.38 -28.66 -15.28
C GLY H 28 2.86 -30.00 -15.70
N ALA H 29 2.96 -30.28 -16.99
CA ALA H 29 2.48 -31.53 -17.55
C ALA H 29 3.64 -32.45 -17.85
N TRP H 30 3.44 -33.75 -17.65
CA TRP H 30 4.40 -34.76 -18.04
C TRP H 30 4.52 -34.80 -19.55
N ALA H 31 5.62 -35.39 -20.02
CA ALA H 31 6.11 -35.48 -21.39
C ALA H 31 6.57 -34.15 -21.97
N GLN H 32 6.42 -33.05 -21.24
CA GLN H 32 7.20 -31.85 -21.51
C GLN H 32 7.98 -31.49 -20.26
N ARG H 33 8.53 -32.52 -19.60
CA ARG H 33 9.48 -32.31 -18.52
C ARG H 33 10.82 -31.80 -19.02
N ASP H 34 11.11 -31.97 -20.32
CA ASP H 34 12.40 -31.54 -20.81
C ASP H 34 12.40 -30.05 -21.13
N ALA H 35 11.24 -29.42 -21.12
CA ALA H 35 11.11 -27.98 -21.27
C ALA H 35 10.64 -27.36 -19.95
N SER H 36 11.00 -28.00 -18.84
CA SER H 36 10.54 -27.58 -17.53
C SER H 36 11.52 -26.66 -16.84
N GLN H 37 11.90 -25.56 -17.50
CA GLN H 37 12.61 -24.51 -16.79
C GLN H 37 11.76 -23.27 -16.60
N GLU H 38 10.60 -23.21 -17.24
CA GLU H 38 9.67 -22.12 -17.06
C GLU H 38 8.33 -22.60 -16.53
N TRP H 39 8.35 -23.70 -15.77
CA TRP H 39 7.12 -24.19 -15.19
C TRP H 39 6.68 -23.28 -14.07
N PRO H 40 5.39 -22.96 -13.97
CA PRO H 40 4.94 -22.06 -12.91
C PRO H 40 4.99 -22.77 -11.57
N ALA H 41 5.24 -21.99 -10.53
CA ALA H 41 5.42 -22.55 -9.21
C ALA H 41 4.09 -23.02 -8.64
N VAL H 42 4.17 -23.95 -7.69
CA VAL H 42 3.00 -24.31 -6.92
C VAL H 42 2.84 -23.27 -5.82
N THR H 43 1.74 -22.54 -5.85
CA THR H 43 1.49 -21.49 -4.88
C THR H 43 0.68 -22.03 -3.73
N VAL H 44 1.05 -21.64 -2.53
CA VAL H 44 0.32 -21.99 -1.33
C VAL H 44 -0.83 -21.01 -1.17
N ARG H 45 -2.06 -21.53 -1.17
CA ARG H 45 -3.23 -20.71 -0.99
C ARG H 45 -4.02 -21.25 0.20
N GLU H 46 -5.03 -20.51 0.63
CA GLU H 46 -5.79 -20.85 1.82
C GLU H 46 -7.13 -21.42 1.44
N LYS H 47 -7.75 -22.12 2.38
CA LYS H 47 -9.10 -22.60 2.23
C LYS H 47 -9.66 -22.87 3.61
N SER H 48 -10.98 -22.95 3.71
CA SER H 48 -11.62 -23.17 4.99
C SER H 48 -11.95 -24.64 5.17
N VAL H 49 -11.94 -25.10 6.41
CA VAL H 49 -12.31 -26.47 6.73
C VAL H 49 -13.27 -26.46 7.90
N ARG H 50 -14.15 -27.45 7.92
CA ARG H 50 -14.99 -27.76 9.07
C ARG H 50 -14.65 -29.14 9.56
N GLY H 51 -14.38 -29.27 10.84
CA GLY H 51 -14.22 -30.57 11.46
C GLY H 51 -15.40 -30.86 12.36
N THR H 52 -15.83 -32.11 12.38
CA THR H 52 -16.57 -32.58 13.52
C THR H 52 -15.57 -33.03 14.56
N ILE H 53 -16.04 -33.40 15.74
CA ILE H 53 -15.14 -33.96 16.73
C ILE H 53 -14.83 -35.40 16.32
N SER H 54 -13.57 -35.78 16.46
CA SER H 54 -13.17 -37.11 16.05
C SER H 54 -12.18 -37.75 16.99
N ASN H 55 -11.73 -37.07 18.04
CA ASN H 55 -10.78 -37.69 18.96
C ASN H 55 -11.51 -38.57 19.96
N ARG H 56 -10.72 -39.27 20.77
CA ARG H 56 -11.32 -40.12 21.79
C ARG H 56 -11.90 -39.27 22.91
N LEU H 57 -13.03 -39.72 23.43
CA LEU H 57 -13.63 -39.06 24.58
C LEU H 57 -13.06 -39.67 25.86
N LYS H 58 -12.83 -38.81 26.84
CA LYS H 58 -12.11 -39.17 28.07
C LYS H 58 -13.05 -39.65 29.18
N THR H 59 -14.21 -40.21 28.80
CA THR H 59 -15.27 -40.86 29.58
C THR H 59 -16.04 -39.86 30.44
N LYS H 60 -15.61 -38.60 30.51
CA LYS H 60 -16.43 -37.54 31.05
C LYS H 60 -17.21 -36.82 29.96
N ASP H 61 -16.76 -36.94 28.73
CA ASP H 61 -17.43 -36.35 27.59
C ASP H 61 -18.43 -37.29 26.93
N ARG H 62 -18.55 -38.53 27.42
CA ARG H 62 -19.40 -39.53 26.81
C ARG H 62 -20.87 -39.39 27.21
N ASP H 63 -21.25 -38.27 27.79
CA ASP H 63 -22.66 -37.89 27.85
C ASP H 63 -23.17 -37.71 26.43
N PRO H 64 -24.26 -38.36 26.04
CA PRO H 64 -24.79 -38.17 24.68
C PRO H 64 -25.24 -36.74 24.39
N ALA H 65 -25.84 -36.05 25.37
CA ALA H 65 -26.23 -34.68 25.15
C ALA H 65 -25.02 -33.77 25.01
N LYS H 66 -23.97 -34.03 25.78
CA LYS H 66 -22.75 -33.24 25.65
C LYS H 66 -22.06 -33.51 24.32
N LEU H 67 -22.15 -34.74 23.82
CA LEU H 67 -21.56 -35.07 22.53
C LEU H 67 -22.30 -34.39 21.40
N ASP H 68 -23.63 -34.39 21.44
CA ASP H 68 -24.40 -33.68 20.42
C ASP H 68 -24.22 -32.18 20.52
N ALA H 69 -24.02 -31.65 21.72
CA ALA H 69 -23.75 -30.23 21.85
C ALA H 69 -22.37 -29.87 21.33
N SER H 70 -21.39 -30.76 21.48
CA SER H 70 -20.08 -30.49 20.90
C SER H 70 -20.08 -30.68 19.40
N ILE H 71 -21.01 -31.48 18.89
CA ILE H 71 -21.08 -31.72 17.46
C ILE H 71 -21.79 -30.56 16.76
N GLN H 72 -22.77 -29.96 17.43
CA GLN H 72 -23.49 -28.82 16.84
C GLN H 72 -22.61 -27.58 16.72
N SER H 73 -21.53 -27.49 17.48
CA SER H 73 -20.61 -26.38 17.33
C SER H 73 -19.30 -26.88 16.77
N PRO H 74 -19.13 -26.90 15.46
CA PRO H 74 -17.91 -27.42 14.87
C PRO H 74 -16.80 -26.39 14.90
N ASN H 75 -15.56 -26.87 14.77
CA ASN H 75 -14.43 -25.98 14.75
C ASN H 75 -14.12 -25.56 13.32
N LEU H 76 -13.99 -24.26 13.12
CA LEU H 76 -13.63 -23.71 11.84
C LEU H 76 -12.15 -23.41 11.83
N GLN H 77 -11.47 -23.76 10.74
CA GLN H 77 -10.09 -23.39 10.58
C GLN H 77 -9.89 -22.82 9.20
N THR H 78 -8.69 -22.32 8.95
CA THR H 78 -8.28 -21.82 7.65
C THR H 78 -6.92 -22.43 7.38
N VAL H 79 -6.86 -23.47 6.60
CA VAL H 79 -5.62 -24.18 6.39
C VAL H 79 -4.94 -23.62 5.15
N ASP H 80 -3.61 -23.69 5.14
CA ASP H 80 -2.82 -23.45 3.94
C ASP H 80 -2.78 -24.74 3.16
N VAL H 81 -3.09 -24.69 1.87
CA VAL H 81 -3.11 -25.87 1.04
C VAL H 81 -2.37 -25.58 -0.25
N ALA H 82 -1.60 -26.55 -0.73
CA ALA H 82 -0.89 -26.45 -1.98
C ALA H 82 -1.38 -27.55 -2.90
N ASN H 83 -1.88 -27.17 -4.06
CA ASN H 83 -2.38 -28.12 -5.04
C ASN H 83 -1.66 -27.90 -6.36
N LEU H 84 -1.68 -28.92 -7.20
CA LEU H 84 -1.31 -28.71 -8.58
C LEU H 84 -2.41 -27.93 -9.28
N PRO H 85 -2.11 -27.29 -10.39
CA PRO H 85 -3.17 -26.71 -11.21
C PRO H 85 -4.03 -27.79 -11.82
N SER H 86 -5.22 -27.37 -12.27
CA SER H 86 -6.16 -28.32 -12.81
C SER H 86 -5.78 -28.82 -14.20
N ASP H 87 -4.77 -28.22 -14.83
CA ASP H 87 -4.26 -28.67 -16.12
C ASP H 87 -2.82 -29.18 -16.03
N ALA H 88 -2.34 -29.46 -14.82
CA ALA H 88 -0.98 -29.91 -14.60
C ALA H 88 -1.03 -31.15 -13.75
N ASP H 89 -0.25 -32.16 -14.10
CA ASP H 89 -0.28 -33.43 -13.38
C ASP H 89 1.09 -33.87 -12.92
N THR H 90 2.11 -33.03 -13.04
CA THR H 90 3.47 -33.39 -12.69
C THR H 90 4.05 -32.33 -11.77
N LEU H 91 4.52 -32.77 -10.62
CA LEU H 91 5.16 -31.91 -9.65
C LEU H 91 6.67 -31.97 -9.85
N LYS H 92 7.28 -30.84 -10.17
CA LYS H 92 8.73 -30.77 -10.30
C LYS H 92 9.30 -30.20 -9.02
N VAL H 93 10.05 -31.01 -8.30
CA VAL H 93 10.74 -30.59 -7.08
C VAL H 93 12.21 -30.43 -7.42
N ARG H 94 12.76 -29.25 -7.21
CA ARG H 94 14.14 -28.96 -7.59
C ARG H 94 14.91 -28.39 -6.43
N PHE H 95 16.09 -28.95 -6.17
CA PHE H 95 17.01 -28.43 -5.18
C PHE H 95 18.42 -28.71 -5.63
N THR H 96 19.39 -28.07 -4.98
CA THR H 96 20.79 -28.34 -5.23
C THR H 96 21.41 -28.91 -3.97
N LEU H 97 22.47 -29.70 -4.15
CA LEU H 97 23.09 -30.41 -3.03
C LEU H 97 24.60 -30.29 -3.15
N ARG H 98 25.24 -29.86 -2.08
CA ARG H 98 26.68 -29.70 -2.03
C ARG H 98 27.28 -30.80 -1.17
N VAL H 99 28.09 -31.65 -1.76
CA VAL H 99 28.84 -32.65 -1.02
C VAL H 99 30.19 -32.03 -0.72
N LEU H 100 30.52 -31.87 0.56
CA LEU H 100 31.64 -31.02 0.92
C LEU H 100 32.95 -31.78 1.08
N GLY H 101 33.01 -32.72 2.01
CA GLY H 101 34.25 -33.45 2.15
C GLY H 101 35.10 -32.92 3.29
N GLY H 102 36.04 -33.76 3.71
CA GLY H 102 36.72 -33.52 4.97
C GLY H 102 35.77 -33.89 6.08
N ALA H 103 35.32 -35.14 6.07
CA ALA H 103 34.20 -35.53 6.93
C ALA H 103 34.64 -35.72 8.37
N GLY H 104 35.85 -36.23 8.58
CA GLY H 104 36.26 -36.54 9.94
C GLY H 104 36.79 -35.38 10.73
N THR H 105 37.13 -34.29 10.08
CA THR H 105 37.73 -33.17 10.78
C THR H 105 36.66 -32.34 11.46
N PRO H 106 36.70 -32.19 12.78
CA PRO H 106 35.73 -31.34 13.45
C PRO H 106 35.99 -29.86 13.19
N SER H 107 34.92 -29.09 13.28
CA SER H 107 35.06 -27.65 13.18
C SER H 107 35.55 -27.02 14.48
N ALA H 108 35.48 -27.73 15.58
CA ALA H 108 35.94 -27.22 16.86
C ALA H 108 36.41 -28.39 17.69
N CYS H 109 37.49 -28.20 18.44
CA CYS H 109 37.99 -29.24 19.33
C CYS H 109 38.88 -28.61 20.38
N ASN H 110 38.57 -28.87 21.66
CA ASN H 110 39.50 -28.47 22.71
C ASN H 110 40.74 -29.34 22.69
N ASP H 111 40.56 -30.64 22.94
CA ASP H 111 41.66 -31.54 23.19
C ASP H 111 42.35 -31.89 21.88
N ALA H 112 43.62 -31.48 21.76
CA ALA H 112 44.37 -31.77 20.55
C ALA H 112 44.74 -33.24 20.46
N ALA H 113 44.91 -33.90 21.60
CA ALA H 113 45.18 -35.33 21.59
C ALA H 113 43.97 -36.11 21.10
N TYR H 114 42.78 -35.73 21.55
CA TYR H 114 41.56 -36.37 21.07
C TYR H 114 41.32 -36.05 19.61
N ARG H 115 41.66 -34.84 19.18
CA ARG H 115 41.49 -34.47 17.77
C ARG H 115 42.40 -35.31 16.89
N ASP H 116 43.64 -35.53 17.33
CA ASP H 116 44.57 -36.33 16.54
C ASP H 116 44.15 -37.80 16.53
N LYS H 117 43.62 -38.29 17.65
CA LYS H 117 43.17 -39.68 17.70
C LYS H 117 41.95 -39.90 16.82
N LEU H 118 41.03 -38.94 16.82
CA LEU H 118 39.83 -39.05 16.00
C LEU H 118 40.18 -38.93 14.52
N LEU H 119 41.13 -38.07 14.18
CA LEU H 119 41.55 -37.94 12.80
C LEU H 119 42.27 -39.19 12.34
N GLN H 120 43.05 -39.83 13.21
CA GLN H 120 43.70 -41.08 12.87
C GLN H 120 42.67 -42.19 12.69
N THR H 121 41.62 -42.18 13.51
CA THR H 121 40.55 -43.17 13.41
C THR H 121 39.79 -43.05 12.09
N VAL H 122 39.37 -41.84 11.75
CA VAL H 122 38.69 -41.62 10.47
C VAL H 122 39.63 -41.87 9.30
N ALA H 123 40.93 -41.58 9.46
CA ALA H 123 41.88 -41.81 8.38
C ALA H 123 42.08 -43.29 8.12
N THR H 124 42.14 -44.11 9.18
CA THR H 124 42.27 -45.54 8.93
C THR H 124 40.94 -46.15 8.47
N TYR H 125 39.81 -45.50 8.78
CA TYR H 125 38.56 -45.92 8.18
C TYR H 125 38.59 -45.69 6.68
N VAL H 126 38.88 -44.45 6.26
CA VAL H 126 38.88 -44.06 4.86
C VAL H 126 39.92 -44.84 4.07
N ASN H 127 41.06 -45.14 4.68
CA ASN H 127 42.07 -45.93 3.99
C ASN H 127 41.66 -47.39 3.88
N ASP H 128 41.01 -47.94 4.90
CA ASP H 128 40.57 -49.32 4.83
C ASP H 128 39.41 -49.48 3.84
N GLN H 129 38.56 -48.45 3.75
CA GLN H 129 37.40 -48.45 2.88
C GLN H 129 36.98 -47.01 2.67
N GLY H 130 36.76 -46.61 1.43
CA GLY H 130 36.51 -45.21 1.15
C GLY H 130 35.14 -44.77 1.59
N PHE H 131 34.71 -43.64 1.06
CA PHE H 131 33.31 -43.24 1.22
C PHE H 131 32.49 -43.87 0.11
N ALA H 132 32.56 -45.20 0.02
CA ALA H 132 31.96 -45.92 -1.08
C ALA H 132 30.67 -46.60 -0.72
N GLU H 133 30.58 -47.16 0.48
CA GLU H 133 29.30 -47.69 0.92
C GLU H 133 28.34 -46.57 1.27
N LEU H 134 28.84 -45.50 1.86
CA LEU H 134 27.98 -44.40 2.25
C LEU H 134 27.48 -43.63 1.04
N ALA H 135 28.34 -43.41 0.05
CA ALA H 135 27.90 -42.65 -1.12
C ALA H 135 27.00 -43.48 -2.01
N ARG H 136 27.10 -44.81 -1.94
CA ARG H 136 26.15 -45.65 -2.65
C ARG H 136 24.75 -45.46 -2.10
N ARG H 137 24.63 -45.37 -0.78
CA ARG H 137 23.32 -45.19 -0.17
C ARG H 137 22.83 -43.76 -0.31
N TYR H 138 23.73 -42.78 -0.27
CA TYR H 138 23.33 -41.39 -0.52
C TYR H 138 22.89 -41.21 -1.97
N ALA H 139 23.55 -41.88 -2.90
CA ALA H 139 23.13 -41.81 -4.29
C ALA H 139 21.83 -42.56 -4.51
N HIS H 140 21.55 -43.57 -3.68
CA HIS H 140 20.25 -44.21 -3.74
C HIS H 140 19.16 -43.27 -3.29
N ASN H 141 19.36 -42.60 -2.15
CA ASN H 141 18.35 -41.69 -1.64
C ASN H 141 18.21 -40.45 -2.50
N LEU H 142 19.18 -40.14 -3.35
CA LEU H 142 18.93 -39.17 -4.40
C LEU H 142 18.16 -39.79 -5.55
N ALA H 143 18.45 -41.05 -5.88
CA ALA H 143 17.93 -41.65 -7.10
C ALA H 143 16.48 -42.05 -6.95
N ASN H 144 16.16 -42.88 -5.97
CA ASN H 144 14.76 -43.01 -5.59
C ASN H 144 14.38 -41.73 -4.88
N ALA H 145 13.30 -41.10 -5.30
CA ALA H 145 13.00 -39.76 -4.83
C ALA H 145 12.39 -39.84 -3.44
N ARG H 146 13.23 -40.16 -2.46
CA ARG H 146 12.78 -40.20 -1.09
C ARG H 146 12.53 -38.83 -0.53
N PHE H 147 13.22 -37.81 -1.05
CA PHE H 147 13.02 -36.45 -0.60
C PHE H 147 11.67 -35.90 -0.99
N LEU H 148 11.03 -36.48 -1.99
CA LEU H 148 9.60 -36.37 -2.17
C LEU H 148 8.99 -37.19 -1.05
N TRP H 149 8.51 -36.54 0.00
CA TRP H 149 8.16 -37.33 1.18
C TRP H 149 6.77 -37.94 1.03
N ARG H 150 5.75 -37.11 1.00
CA ARG H 150 4.39 -37.57 0.81
C ARG H 150 3.91 -37.36 -0.60
N ASN H 151 4.69 -36.64 -1.41
CA ASN H 151 4.37 -36.46 -2.81
C ASN H 151 4.73 -37.68 -3.64
N ARG H 152 5.37 -38.66 -3.05
CA ARG H 152 5.83 -39.85 -3.73
C ARG H 152 4.91 -41.04 -3.53
N VAL H 153 4.06 -41.03 -2.49
CA VAL H 153 3.42 -42.25 -2.03
C VAL H 153 2.28 -42.72 -2.91
N GLY H 154 1.82 -41.91 -3.84
CA GLY H 154 0.75 -42.37 -4.71
C GLY H 154 0.97 -41.95 -6.13
N ALA H 155 2.22 -41.73 -6.50
CA ALA H 155 2.53 -41.20 -7.81
C ALA H 155 2.52 -42.31 -8.83
N GLU H 156 2.11 -41.98 -10.05
CA GLU H 156 2.12 -42.96 -11.11
C GLU H 156 3.53 -43.25 -11.59
N ALA H 157 4.30 -42.21 -11.88
CA ALA H 157 5.69 -42.37 -12.29
C ALA H 157 6.49 -41.26 -11.64
N VAL H 158 7.63 -41.61 -11.06
CA VAL H 158 8.57 -40.65 -10.51
C VAL H 158 9.86 -40.76 -11.32
N GLU H 159 10.43 -39.64 -11.70
CA GLU H 159 11.67 -39.59 -12.45
C GLU H 159 12.56 -38.49 -11.90
N VAL H 160 13.81 -38.85 -11.60
CA VAL H 160 14.77 -37.94 -11.00
C VAL H 160 15.87 -37.67 -12.02
N ARG H 161 16.23 -36.41 -12.18
CA ARG H 161 17.32 -36.01 -13.06
C ARG H 161 18.36 -35.28 -12.23
N ILE H 162 19.53 -35.89 -12.07
CA ILE H 162 20.58 -35.36 -11.22
C ILE H 162 21.70 -34.86 -12.11
N ASN H 163 21.93 -33.56 -12.11
CA ASN H 163 22.96 -32.94 -12.94
C ASN H 163 24.13 -32.56 -12.06
N HIS H 164 25.29 -33.14 -12.32
CA HIS H 164 26.53 -32.65 -11.74
C HIS H 164 26.88 -31.34 -12.41
N ILE H 165 27.08 -30.30 -11.61
CA ILE H 165 27.33 -28.96 -12.13
C ILE H 165 28.78 -28.60 -11.85
N ARG H 166 29.57 -28.45 -12.91
CA ARG H 166 30.93 -27.93 -12.92
C ARG H 166 30.80 -26.41 -12.98
N GLN H 167 31.78 -25.68 -13.54
CA GLN H 167 31.86 -24.22 -13.54
C GLN H 167 30.54 -23.52 -13.83
N GLY H 168 29.97 -23.68 -15.00
CA GLY H 168 28.70 -23.04 -15.19
C GLY H 168 27.65 -23.98 -15.72
N GLU H 169 28.08 -25.15 -16.16
CA GLU H 169 27.25 -26.00 -16.98
C GLU H 169 27.26 -27.40 -16.43
N VAL H 170 26.39 -28.23 -16.99
CA VAL H 170 26.23 -29.61 -16.55
C VAL H 170 27.43 -30.42 -17.01
N ALA H 171 28.21 -30.92 -16.05
CA ALA H 171 29.34 -31.75 -16.40
C ALA H 171 28.91 -33.16 -16.76
N ARG H 172 27.91 -33.67 -16.07
CA ARG H 172 27.45 -35.04 -16.27
C ARG H 172 26.02 -35.12 -15.77
N ALA H 173 25.14 -35.71 -16.57
CA ALA H 173 23.73 -35.79 -16.25
C ALA H 173 23.32 -37.23 -16.03
N TRP H 174 22.56 -37.47 -14.98
CA TRP H 174 21.95 -38.75 -14.69
C TRP H 174 20.44 -38.63 -14.82
N ARG H 175 19.79 -39.77 -14.98
CA ARG H 175 18.34 -39.81 -15.15
C ARG H 175 17.87 -41.17 -14.67
N PHE H 176 16.96 -41.18 -13.71
CA PHE H 176 16.56 -42.40 -13.04
C PHE H 176 15.05 -42.58 -13.05
N ASP H 177 14.64 -43.83 -12.94
CA ASP H 177 13.26 -44.19 -12.68
C ASP H 177 13.15 -44.46 -11.19
N ALA H 178 12.60 -43.49 -10.46
CA ALA H 178 12.67 -43.53 -9.01
C ALA H 178 11.72 -44.54 -8.38
N LEU H 179 10.85 -45.19 -9.16
CA LEU H 179 10.01 -46.24 -8.62
C LEU H 179 10.56 -47.62 -8.89
N ALA H 180 11.43 -47.76 -9.90
CA ALA H 180 12.13 -49.02 -10.08
C ALA H 180 13.16 -49.22 -8.98
N ILE H 181 13.91 -48.18 -8.64
CA ILE H 181 14.76 -48.20 -7.45
C ILE H 181 13.83 -48.12 -6.25
N GLY H 182 13.90 -49.12 -5.39
CA GLY H 182 13.00 -49.18 -4.26
C GLY H 182 13.34 -48.18 -3.19
N LEU H 183 12.52 -48.16 -2.16
CA LEU H 183 12.82 -47.35 -0.99
C LEU H 183 13.53 -48.15 0.09
N ARG H 184 13.89 -49.41 -0.18
CA ARG H 184 14.45 -50.25 0.87
C ARG H 184 15.62 -51.13 0.46
N ASP H 185 15.94 -51.24 -0.82
CA ASP H 185 17.02 -52.10 -1.27
C ASP H 185 18.10 -51.26 -1.91
N PHE H 186 19.34 -51.42 -1.44
CA PHE H 186 20.48 -50.68 -1.97
C PHE H 186 21.24 -51.61 -2.91
N LYS H 187 20.76 -51.71 -4.14
CA LYS H 187 21.31 -52.65 -5.11
C LYS H 187 22.38 -51.94 -5.93
N ALA H 188 22.79 -52.53 -7.05
CA ALA H 188 23.84 -51.98 -7.88
C ALA H 188 23.28 -51.57 -9.23
N ASP H 189 23.95 -50.60 -9.85
CA ASP H 189 23.65 -50.16 -11.20
C ASP H 189 24.92 -49.55 -11.78
N ALA H 190 24.94 -49.31 -13.08
CA ALA H 190 26.05 -48.58 -13.66
C ALA H 190 25.96 -47.09 -13.29
N GLU H 191 24.79 -46.50 -13.49
CA GLU H 191 24.63 -45.07 -13.26
C GLU H 191 24.60 -44.73 -11.78
N LEU H 192 24.02 -45.62 -10.96
CA LEU H 192 24.09 -45.42 -9.52
C LEU H 192 25.51 -45.52 -9.01
N ASP H 193 26.33 -46.40 -9.58
CA ASP H 193 27.72 -46.47 -9.14
C ASP H 193 28.51 -45.28 -9.65
N ALA H 194 28.14 -44.72 -10.80
CA ALA H 194 28.80 -43.49 -11.26
C ALA H 194 28.48 -42.31 -10.36
N LEU H 195 27.21 -42.16 -10.00
CA LEU H 195 26.81 -41.12 -9.06
C LEU H 195 27.41 -41.35 -7.68
N ALA H 196 27.54 -42.61 -7.28
CA ALA H 196 28.15 -42.91 -5.99
C ALA H 196 29.64 -42.60 -6.00
N GLU H 197 30.32 -42.83 -7.12
CA GLU H 197 31.72 -42.44 -7.20
C GLU H 197 31.89 -40.93 -7.21
N LEU H 198 30.93 -40.20 -7.78
CA LEU H 198 30.98 -38.75 -7.72
C LEU H 198 30.80 -38.24 -6.29
N ILE H 199 29.80 -38.77 -5.58
CA ILE H 199 29.58 -38.37 -4.19
C ILE H 199 30.72 -38.85 -3.29
N ALA H 200 31.37 -39.97 -3.66
CA ALA H 200 32.53 -40.45 -2.91
C ALA H 200 33.72 -39.54 -3.08
N SER H 201 33.97 -39.07 -4.30
CA SER H 201 35.06 -38.14 -4.52
C SER H 201 34.74 -36.78 -3.91
N GLY H 202 33.47 -36.46 -3.76
CA GLY H 202 33.12 -35.26 -3.02
C GLY H 202 33.39 -35.39 -1.54
N LEU H 203 32.95 -36.48 -0.92
CA LEU H 203 33.11 -36.68 0.50
C LEU H 203 34.56 -36.91 0.90
N SER H 204 35.39 -37.36 -0.02
CA SER H 204 36.80 -37.57 0.26
C SER H 204 37.61 -36.28 0.17
N GLY H 205 36.99 -35.19 -0.24
CA GLY H 205 37.70 -33.95 -0.41
C GLY H 205 38.51 -33.86 -1.68
N SER H 206 38.40 -34.84 -2.57
CA SER H 206 39.14 -34.88 -3.81
C SER H 206 38.38 -34.27 -4.97
N GLY H 207 37.53 -33.29 -4.71
CA GLY H 207 36.81 -32.63 -5.78
C GLY H 207 35.67 -31.84 -5.20
N HIS H 208 35.22 -30.86 -5.99
CA HIS H 208 34.06 -30.07 -5.63
C HIS H 208 32.84 -30.66 -6.32
N VAL H 209 31.87 -31.09 -5.52
CA VAL H 209 30.67 -31.74 -6.04
C VAL H 209 29.49 -30.86 -5.70
N LEU H 210 28.79 -30.40 -6.72
CA LEU H 210 27.54 -29.68 -6.56
C LEU H 210 26.54 -30.29 -7.52
N LEU H 211 25.48 -30.89 -6.99
CA LEU H 211 24.48 -31.55 -7.81
C LEU H 211 23.27 -30.64 -7.95
N GLU H 212 22.53 -30.85 -9.02
CA GLU H 212 21.22 -30.22 -9.19
C GLU H 212 20.22 -31.34 -9.34
N VAL H 213 19.43 -31.58 -8.30
CA VAL H 213 18.52 -32.69 -8.27
C VAL H 213 17.13 -32.17 -8.59
N VAL H 214 16.56 -32.68 -9.67
CA VAL H 214 15.21 -32.36 -10.12
C VAL H 214 14.42 -33.65 -10.13
N ALA H 215 13.24 -33.65 -9.52
CA ALA H 215 12.44 -34.86 -9.45
C ALA H 215 11.03 -34.53 -9.91
N PHE H 216 10.52 -35.33 -10.83
CA PHE H 216 9.18 -35.17 -11.35
C PHE H 216 8.32 -36.30 -10.85
N ALA H 217 7.25 -35.96 -10.14
CA ALA H 217 6.30 -36.95 -9.66
C ALA H 217 5.00 -36.77 -10.41
N ARG H 218 4.56 -37.81 -11.09
CA ARG H 218 3.34 -37.74 -11.90
C ARG H 218 2.18 -38.12 -11.00
N ILE H 219 1.49 -37.10 -10.50
CA ILE H 219 0.48 -37.30 -9.50
C ILE H 219 -0.91 -37.44 -10.12
N GLY H 220 -1.37 -36.41 -10.78
CA GLY H 220 -2.71 -36.31 -11.30
C GLY H 220 -3.16 -34.87 -11.25
N ASP H 221 -4.12 -34.54 -12.11
CA ASP H 221 -4.51 -33.16 -12.34
C ASP H 221 -5.15 -32.56 -11.10
N GLY H 222 -4.59 -31.44 -10.63
CA GLY H 222 -5.20 -30.72 -9.55
C GLY H 222 -5.04 -31.33 -8.18
N GLN H 223 -4.25 -32.38 -8.05
CA GLN H 223 -4.12 -33.10 -6.80
C GLN H 223 -3.32 -32.29 -5.80
N GLU H 224 -3.28 -32.77 -4.57
CA GLU H 224 -2.65 -32.06 -3.49
C GLU H 224 -1.19 -32.47 -3.39
N VAL H 225 -0.31 -31.48 -3.33
CA VAL H 225 1.09 -31.70 -3.07
C VAL H 225 1.38 -31.23 -1.65
N PHE H 226 2.49 -31.70 -1.11
CA PHE H 226 2.78 -31.55 0.31
C PHE H 226 4.12 -30.87 0.49
N PRO H 227 4.13 -29.55 0.59
CA PRO H 227 5.36 -28.86 0.94
C PRO H 227 5.59 -28.94 2.43
N SER H 228 6.73 -28.45 2.91
CA SER H 228 7.00 -28.52 4.33
C SER H 228 6.10 -27.58 5.09
N GLN H 229 5.90 -27.89 6.36
CA GLN H 229 4.88 -27.26 7.15
C GLN H 229 5.54 -26.56 8.33
N GLU H 230 5.04 -25.37 8.63
CA GLU H 230 5.63 -24.48 9.61
C GLU H 230 4.92 -24.64 10.95
N LEU H 231 5.43 -23.94 11.97
CA LEU H 231 4.87 -23.94 13.34
C LEU H 231 4.11 -22.63 13.57
N ILE H 232 2.95 -22.71 14.22
CA ILE H 232 2.10 -21.58 14.52
C ILE H 232 2.14 -21.37 16.02
N LEU H 233 2.35 -20.13 16.45
CA LEU H 233 2.20 -19.83 17.87
C LEU H 233 0.75 -19.45 18.18
N LYS H 239 -11.93 -19.73 14.95
CA LYS H 239 -12.68 -19.69 13.70
C LYS H 239 -11.75 -19.46 12.51
N GLY H 240 -11.00 -18.37 12.54
CA GLY H 240 -9.90 -18.21 11.61
C GLY H 240 -8.62 -18.68 12.25
N GLN H 241 -8.61 -19.91 12.74
CA GLN H 241 -7.57 -20.35 13.67
C GLN H 241 -6.23 -20.56 13.00
N LYS H 242 -6.20 -20.67 11.66
CA LYS H 242 -4.99 -20.87 10.86
C LYS H 242 -4.20 -22.08 11.37
N SER H 243 -4.83 -23.24 11.28
CA SER H 243 -4.27 -24.42 11.92
C SER H 243 -3.09 -25.00 11.15
N LYS H 244 -2.90 -24.63 9.89
CA LYS H 244 -1.85 -25.20 9.08
C LYS H 244 -1.20 -24.11 8.26
N THR H 245 0.12 -24.03 8.30
CA THR H 245 0.90 -23.11 7.48
C THR H 245 1.95 -23.90 6.75
N LEU H 246 2.07 -23.69 5.44
CA LEU H 246 3.03 -24.41 4.63
C LEU H 246 4.20 -23.50 4.29
N TYR H 247 5.34 -24.11 4.02
CA TYR H 247 6.56 -23.37 3.75
C TYR H 247 6.61 -22.93 2.31
N SER H 248 6.93 -21.67 2.10
CA SER H 248 7.06 -21.14 0.75
C SER H 248 8.09 -20.03 0.78
N VAL H 249 9.05 -20.08 -0.14
CA VAL H 249 10.18 -19.16 -0.10
C VAL H 249 9.76 -17.77 -0.58
N ARG H 250 9.31 -17.64 -1.82
CA ARG H 250 8.78 -16.37 -2.33
C ARG H 250 7.58 -16.71 -3.21
N ASP H 251 6.42 -16.85 -2.56
CA ASP H 251 5.15 -17.20 -3.21
C ASP H 251 5.28 -18.44 -4.08
N ALA H 252 5.96 -19.45 -3.54
CA ALA H 252 6.31 -20.66 -4.28
C ALA H 252 6.59 -21.72 -3.24
N ALA H 253 5.81 -22.79 -3.23
CA ALA H 253 5.88 -23.77 -2.15
C ALA H 253 7.22 -24.48 -2.17
N ALA H 254 7.61 -25.00 -1.01
CA ALA H 254 8.95 -25.56 -0.89
C ALA H 254 9.00 -26.55 0.26
N ILE H 255 9.96 -27.44 0.19
CA ILE H 255 10.32 -28.33 1.28
C ILE H 255 11.51 -27.74 1.99
N HIS H 256 11.55 -27.85 3.31
CA HIS H 256 12.69 -27.39 4.10
C HIS H 256 13.93 -28.15 3.70
N SER H 257 15.08 -27.49 3.83
CA SER H 257 16.33 -28.14 3.46
C SER H 257 16.67 -29.26 4.42
N GLN H 258 16.26 -29.16 5.68
CA GLN H 258 16.55 -30.23 6.61
C GLN H 258 15.65 -31.43 6.39
N LYS H 259 14.52 -31.27 5.71
CA LYS H 259 13.69 -32.42 5.39
C LYS H 259 14.29 -33.21 4.24
N ILE H 260 14.81 -32.51 3.24
CA ILE H 260 15.60 -33.15 2.19
C ILE H 260 16.84 -33.80 2.79
N GLY H 261 17.44 -33.15 3.79
CA GLY H 261 18.60 -33.73 4.43
C GLY H 261 18.28 -34.98 5.23
N ASN H 262 17.12 -35.00 5.89
CA ASN H 262 16.72 -36.20 6.60
C ASN H 262 16.37 -37.32 5.65
N ALA H 263 15.85 -37.00 4.47
CA ALA H 263 15.58 -38.05 3.52
C ALA H 263 16.84 -38.55 2.84
N LEU H 264 17.86 -37.70 2.71
CA LEU H 264 19.14 -38.18 2.17
C LEU H 264 19.89 -39.03 3.16
N ARG H 265 19.77 -38.75 4.45
CA ARG H 265 20.46 -39.51 5.47
C ARG H 265 19.83 -40.85 5.75
N THR H 266 18.69 -41.16 5.12
CA THR H 266 17.95 -42.40 5.39
C THR H 266 18.69 -43.58 4.78
N ILE H 267 19.79 -43.95 5.43
CA ILE H 267 20.69 -44.97 4.94
C ILE H 267 20.93 -46.06 5.96
N ASP H 268 20.48 -45.90 7.19
CA ASP H 268 20.81 -46.80 8.30
C ASP H 268 19.95 -48.04 8.20
N THR H 269 20.53 -49.12 7.66
CA THR H 269 19.91 -50.43 7.74
C THR H 269 20.70 -51.37 8.63
N TRP H 270 21.40 -50.85 9.63
CA TRP H 270 22.26 -51.69 10.46
C TRP H 270 21.84 -51.68 11.93
N TYR H 271 20.69 -51.15 12.23
CA TYR H 271 20.25 -51.07 13.61
C TYR H 271 19.87 -52.47 14.10
N PRO H 272 20.00 -52.73 15.42
CA PRO H 272 19.90 -54.12 15.89
C PRO H 272 18.51 -54.71 15.84
N ASP H 273 17.48 -53.95 15.50
CA ASP H 273 16.16 -54.53 15.33
C ASP H 273 16.08 -55.14 13.93
N GLU H 274 14.87 -55.55 13.54
CA GLU H 274 14.68 -56.30 12.31
C GLU H 274 14.88 -55.40 11.10
N ASP H 275 15.01 -56.02 9.94
CA ASP H 275 15.12 -55.29 8.68
C ASP H 275 13.84 -55.34 7.88
N GLY H 276 12.70 -55.62 8.51
CA GLY H 276 11.42 -55.47 7.87
C GLY H 276 10.96 -54.03 7.79
N LEU H 277 11.52 -53.15 8.61
CA LEU H 277 11.18 -51.73 8.50
C LEU H 277 11.95 -51.06 7.38
N GLY H 278 13.25 -51.31 7.28
CA GLY H 278 14.05 -50.75 6.22
C GLY H 278 14.99 -49.69 6.73
N PRO H 279 15.52 -48.88 5.81
CA PRO H 279 16.45 -47.84 6.22
C PRO H 279 15.79 -46.72 6.99
N ILE H 280 16.45 -46.29 8.06
CA ILE H 280 16.05 -45.10 8.80
C ILE H 280 17.17 -44.09 8.69
N ALA H 281 16.91 -42.89 9.20
CA ALA H 281 17.89 -41.83 9.12
C ALA H 281 18.98 -42.01 10.16
N VAL H 282 20.21 -41.73 9.78
CA VAL H 282 21.34 -41.87 10.69
C VAL H 282 21.25 -40.75 11.73
N GLU H 283 20.98 -41.15 12.96
CA GLU H 283 20.92 -40.25 14.09
C GLU H 283 21.54 -40.92 15.30
N PRO H 284 22.14 -40.16 16.21
CA PRO H 284 22.54 -40.74 17.49
C PRO H 284 21.31 -41.12 18.26
N TYR H 285 21.33 -42.32 18.82
CA TYR H 285 20.17 -43.02 19.35
C TYR H 285 19.08 -43.08 18.28
N GLY H 286 19.38 -43.84 17.23
CA GLY H 286 18.70 -43.76 15.95
C GLY H 286 17.20 -43.93 15.99
N SER H 287 16.53 -42.80 15.83
CA SER H 287 15.15 -42.65 16.24
C SER H 287 14.30 -42.22 15.06
N VAL H 288 13.17 -42.86 14.91
CA VAL H 288 12.12 -42.42 14.02
C VAL H 288 10.98 -41.84 14.85
N THR H 289 10.64 -40.59 14.60
CA THR H 289 9.61 -39.97 15.41
C THR H 289 8.22 -40.39 14.97
N SER H 290 8.09 -40.95 13.77
CA SER H 290 6.80 -41.46 13.34
C SER H 290 6.47 -42.76 14.04
N GLN H 291 7.45 -43.60 14.28
CA GLN H 291 7.22 -44.84 15.00
C GLN H 291 7.41 -44.68 16.50
N GLY H 292 7.86 -43.51 16.96
CA GLY H 292 7.98 -43.22 18.37
C GLY H 292 8.99 -44.06 19.12
N LYS H 293 9.85 -44.75 18.41
CA LYS H 293 10.71 -45.79 18.97
C LYS H 293 12.15 -45.46 18.65
N ALA H 294 13.01 -45.62 19.64
CA ALA H 294 14.44 -45.39 19.46
C ALA H 294 15.09 -46.74 19.21
N TYR H 295 15.47 -47.00 17.97
CA TYR H 295 16.46 -48.03 17.74
C TYR H 295 17.81 -47.48 18.14
N ARG H 296 18.77 -48.38 18.28
CA ARG H 296 20.11 -48.07 18.79
C ARG H 296 20.04 -47.37 20.14
N GLN H 297 19.36 -48.03 21.06
CA GLN H 297 19.27 -47.51 22.41
C GLN H 297 20.59 -47.72 23.14
N PRO H 298 20.93 -46.84 24.09
CA PRO H 298 22.19 -47.02 24.84
C PRO H 298 22.17 -48.17 25.82
N LYS H 299 21.04 -48.85 26.03
CA LYS H 299 21.10 -50.10 26.77
C LYS H 299 21.88 -51.14 26.01
N GLN H 300 21.64 -51.25 24.71
CA GLN H 300 22.57 -51.95 23.85
C GLN H 300 23.78 -51.07 23.61
N LYS H 301 24.87 -51.67 23.17
CA LYS H 301 26.07 -50.85 22.94
C LYS H 301 26.15 -50.40 21.50
N LEU H 302 25.08 -49.79 20.98
CA LEU H 302 25.03 -49.54 19.54
C LEU H 302 24.51 -48.17 19.16
N ASP H 303 24.53 -47.18 20.03
CA ASP H 303 24.19 -45.83 19.60
C ASP H 303 25.39 -45.19 18.91
N PHE H 304 25.29 -43.91 18.63
CA PHE H 304 26.45 -43.24 18.06
C PHE H 304 27.50 -42.97 19.11
N TYR H 305 27.08 -42.65 20.32
CA TYR H 305 28.02 -42.16 21.31
C TYR H 305 28.86 -43.27 21.90
N THR H 306 28.27 -44.43 22.20
CA THR H 306 29.08 -45.54 22.72
C THR H 306 29.97 -46.11 21.63
N LEU H 307 29.50 -46.11 20.39
CA LEU H 307 30.33 -46.61 19.30
C LEU H 307 31.51 -45.69 19.04
N LEU H 308 31.28 -44.37 19.07
CA LEU H 308 32.37 -43.43 18.86
C LEU H 308 33.34 -43.43 20.04
N ASP H 309 32.82 -43.48 21.26
CA ASP H 309 33.68 -43.48 22.44
C ASP H 309 34.39 -44.81 22.64
N ASN H 310 33.94 -45.88 22.02
CA ASN H 310 34.74 -47.10 22.06
C ASN H 310 35.71 -47.18 20.90
N TRP H 311 35.37 -46.58 19.76
CA TRP H 311 36.25 -46.63 18.61
C TRP H 311 37.44 -45.71 18.78
N VAL H 312 37.22 -44.52 19.32
CA VAL H 312 38.26 -43.50 19.39
C VAL H 312 39.08 -43.62 20.66
N LEU H 313 38.42 -43.72 21.81
CA LEU H 313 39.15 -43.70 23.08
C LEU H 313 39.89 -45.01 23.31
N ARG H 314 39.16 -46.11 23.45
CA ARG H 314 39.78 -47.37 23.81
C ARG H 314 39.99 -48.31 22.64
N ASP H 315 40.01 -47.79 21.41
CA ASP H 315 40.45 -48.47 20.19
C ASP H 315 39.62 -49.71 19.85
N GLU H 316 38.40 -49.80 20.38
CA GLU H 316 37.54 -50.94 20.10
C GLU H 316 36.78 -50.64 18.82
N ALA H 317 37.36 -51.06 17.70
CA ALA H 317 36.74 -50.82 16.41
C ALA H 317 35.50 -51.68 16.26
N PRO H 318 34.36 -51.11 15.95
CA PRO H 318 33.13 -51.90 15.85
C PRO H 318 33.08 -52.72 14.57
N ALA H 319 31.94 -53.35 14.30
CA ALA H 319 31.74 -54.01 13.03
C ALA H 319 31.74 -52.98 11.90
N VAL H 320 31.97 -53.48 10.69
CA VAL H 320 32.19 -52.61 9.53
C VAL H 320 30.94 -51.81 9.22
N GLU H 321 29.77 -52.41 9.40
CA GLU H 321 28.54 -51.66 9.19
C GLU H 321 28.30 -50.65 10.31
N GLN H 322 28.74 -50.95 11.53
CA GLN H 322 28.58 -49.96 12.59
C GLN H 322 29.52 -48.78 12.40
N GLN H 323 30.70 -48.99 11.83
CA GLN H 323 31.52 -47.82 11.58
C GLN H 323 31.10 -47.08 10.33
N HIS H 324 30.41 -47.75 9.40
CA HIS H 324 29.66 -47.03 8.38
C HIS H 324 28.65 -46.08 9.00
N TYR H 325 27.94 -46.56 10.04
CA TYR H 325 26.97 -45.71 10.74
C TYR H 325 27.65 -44.55 11.46
N VAL H 326 28.81 -44.80 12.06
CA VAL H 326 29.51 -43.76 12.81
C VAL H 326 29.98 -42.65 11.87
N ILE H 327 30.59 -43.04 10.74
CA ILE H 327 31.04 -42.03 9.79
C ILE H 327 29.86 -41.34 9.12
N ALA H 328 28.72 -42.01 8.97
CA ALA H 328 27.53 -41.33 8.48
C ALA H 328 27.04 -40.28 9.47
N ASN H 329 27.20 -40.54 10.76
CA ASN H 329 26.86 -39.51 11.74
C ASN H 329 27.85 -38.36 11.73
N LEU H 330 29.11 -38.63 11.46
CA LEU H 330 30.05 -37.52 11.35
C LEU H 330 29.78 -36.68 10.11
N ILE H 331 29.31 -37.31 9.03
CA ILE H 331 28.88 -36.57 7.85
C ILE H 331 27.62 -35.77 8.15
N ARG H 332 26.78 -36.27 9.05
CA ARG H 332 25.54 -35.57 9.40
C ARG H 332 25.80 -34.29 10.18
N GLY H 333 26.75 -34.30 11.11
CA GLY H 333 27.07 -33.11 11.87
C GLY H 333 26.50 -33.15 13.27
N GLY H 334 26.77 -32.10 14.03
CA GLY H 334 26.27 -31.99 15.38
C GLY H 334 27.35 -31.57 16.35
N VAL H 335 26.97 -31.51 17.62
CA VAL H 335 27.90 -31.25 18.70
C VAL H 335 27.97 -32.51 19.57
N PHE H 336 29.14 -33.10 19.62
CA PHE H 336 29.41 -34.23 20.48
C PHE H 336 30.44 -33.80 21.50
N GLY H 337 30.48 -34.46 22.64
CA GLY H 337 31.32 -33.98 23.70
C GLY H 337 30.41 -33.40 24.77
N GLU H 338 30.93 -33.33 25.98
CA GLU H 338 30.12 -33.08 27.15
C GLU H 338 30.15 -31.60 27.55
N ALA H 339 29.63 -31.29 28.73
CA ALA H 339 29.55 -29.93 29.20
C ALA H 339 30.81 -29.53 29.97
N ILE I 5 62.01 4.93 37.75
CA ILE I 5 61.78 3.50 37.87
C ILE I 5 61.04 3.03 36.61
N LEU I 6 60.25 3.95 36.04
CA LEU I 6 59.45 3.74 34.82
C LEU I 6 58.48 2.58 34.99
N SER I 7 57.51 2.79 35.87
CA SER I 7 56.46 1.81 36.07
C SER I 7 55.47 1.83 34.90
N THR I 8 54.63 0.80 34.85
CA THR I 8 53.62 0.68 33.81
C THR I 8 52.50 1.67 34.07
N ALA I 9 52.00 2.28 32.98
CA ALA I 9 50.91 3.24 33.09
C ALA I 9 49.63 2.56 33.54
N SER I 10 48.87 3.26 34.39
CA SER I 10 47.69 2.65 34.97
C SER I 10 46.50 2.66 34.03
N VAL I 11 46.50 3.56 33.04
CA VAL I 11 45.50 3.57 31.98
C VAL I 11 46.22 3.49 30.65
N LEU I 12 46.09 2.35 29.98
CA LEU I 12 46.60 2.18 28.63
C LEU I 12 45.42 1.83 27.73
N ALA I 13 45.36 2.47 26.57
CA ALA I 13 44.26 2.22 25.66
C ALA I 13 44.72 2.58 24.26
N PHE I 14 44.63 1.62 23.35
CA PHE I 14 44.96 1.84 21.96
C PHE I 14 43.67 1.74 21.14
N GLU I 15 43.49 2.66 20.21
CA GLU I 15 42.31 2.60 19.37
C GLU I 15 42.51 1.54 18.31
N ARG I 16 41.39 0.99 17.84
CA ARG I 16 41.40 -0.05 16.82
C ARG I 16 41.77 0.57 15.49
N LYS I 17 42.98 0.30 15.03
CA LYS I 17 43.31 0.46 13.63
C LYS I 17 42.81 -0.77 12.89
N LEU I 18 42.80 -0.69 11.55
CA LEU I 18 42.15 -1.69 10.68
C LEU I 18 40.68 -1.86 11.06
N ASP I 19 39.93 -0.80 10.82
CA ASP I 19 38.54 -0.71 11.18
C ASP I 19 37.67 -1.11 9.99
N PRO I 20 37.01 -2.27 10.02
CA PRO I 20 36.15 -2.66 8.90
C PRO I 20 34.71 -2.22 9.14
N SER I 21 33.88 -2.50 8.15
CA SER I 21 32.46 -2.21 8.26
C SER I 21 31.68 -3.51 8.22
N ASP I 22 30.36 -3.39 8.25
CA ASP I 22 29.52 -4.57 8.22
C ASP I 22 29.44 -5.12 6.81
N ALA I 23 29.81 -6.38 6.65
CA ALA I 23 29.94 -7.00 5.34
C ALA I 23 28.57 -7.39 4.82
N LEU I 24 28.01 -6.53 3.97
CA LEU I 24 26.73 -6.77 3.35
C LEU I 24 26.83 -7.89 2.33
N MET I 25 25.92 -8.87 2.40
CA MET I 25 25.91 -9.94 1.42
C MET I 25 24.71 -9.81 0.49
N SER I 26 24.96 -9.88 -0.80
CA SER I 26 23.96 -9.88 -1.85
C SER I 26 24.29 -11.00 -2.83
N ALA I 27 23.38 -11.27 -3.75
CA ALA I 27 23.46 -12.50 -4.52
C ALA I 27 23.13 -12.27 -5.98
N GLY I 28 23.83 -13.01 -6.82
CA GLY I 28 23.57 -12.98 -8.24
C GLY I 28 24.28 -14.13 -8.89
N ALA I 29 24.47 -14.03 -10.20
CA ALA I 29 25.07 -15.09 -10.99
C ALA I 29 26.53 -14.78 -11.25
N TRP I 30 27.37 -15.81 -11.19
CA TRP I 30 28.75 -15.70 -11.60
C TRP I 30 28.84 -15.44 -13.10
N ALA I 31 30.00 -14.90 -13.51
CA ALA I 31 30.27 -14.38 -14.84
C ALA I 31 29.32 -13.26 -15.25
N GLN I 32 28.72 -12.58 -14.28
CA GLN I 32 28.32 -11.19 -14.44
C GLN I 32 28.63 -10.42 -13.17
N ARG I 33 29.76 -10.77 -12.56
CA ARG I 33 30.22 -10.15 -11.33
C ARG I 33 30.61 -8.70 -11.51
N ASP I 34 30.92 -8.29 -12.73
CA ASP I 34 31.33 -6.91 -12.96
C ASP I 34 30.15 -5.96 -12.99
N ALA I 35 28.94 -6.49 -13.14
CA ALA I 35 27.72 -5.70 -13.09
C ALA I 35 27.00 -5.87 -11.76
N SER I 36 27.75 -6.21 -10.71
CA SER I 36 27.16 -6.55 -9.42
C SER I 36 27.05 -5.35 -8.51
N GLN I 37 26.42 -4.29 -8.99
CA GLN I 37 26.06 -3.18 -8.13
C GLN I 37 24.57 -3.09 -7.92
N GLU I 38 23.78 -3.84 -8.68
CA GLU I 38 22.34 -3.89 -8.51
C GLU I 38 21.89 -5.30 -8.18
N TRP I 39 22.79 -6.12 -7.66
CA TRP I 39 22.46 -7.46 -7.23
C TRP I 39 21.53 -7.38 -6.03
N PRO I 40 20.47 -8.17 -6.00
CA PRO I 40 19.54 -8.12 -4.88
C PRO I 40 20.16 -8.71 -3.63
N ALA I 41 19.72 -8.21 -2.49
CA ALA I 41 20.33 -8.57 -1.22
C ALA I 41 19.85 -9.92 -0.76
N VAL I 42 20.74 -10.66 -0.10
CA VAL I 42 20.37 -11.89 0.58
C VAL I 42 19.57 -11.51 1.81
N THR I 43 18.34 -11.99 1.90
CA THR I 43 17.47 -11.62 3.01
C THR I 43 17.39 -12.76 4.02
N VAL I 44 17.26 -12.37 5.27
CA VAL I 44 17.13 -13.29 6.39
C VAL I 44 15.66 -13.59 6.57
N ARG I 45 15.29 -14.86 6.51
CA ARG I 45 13.91 -15.28 6.66
C ARG I 45 13.82 -16.39 7.69
N GLU I 46 12.59 -16.74 8.04
CA GLU I 46 12.28 -17.67 9.10
C GLU I 46 11.92 -19.02 8.51
N LYS I 47 12.25 -20.08 9.24
CA LYS I 47 11.77 -21.41 8.90
C LYS I 47 11.72 -22.22 10.18
N SER I 48 10.85 -23.22 10.19
CA SER I 48 10.65 -24.06 11.36
C SER I 48 11.50 -25.31 11.25
N VAL I 49 12.28 -25.57 12.28
CA VAL I 49 13.05 -26.80 12.36
C VAL I 49 12.46 -27.64 13.48
N ARG I 50 12.44 -28.95 13.28
CA ARG I 50 11.94 -29.90 14.26
C ARG I 50 12.92 -31.06 14.32
N GLY I 51 13.45 -31.31 15.48
CA GLY I 51 14.52 -32.29 15.61
C GLY I 51 14.18 -33.32 16.66
N THR I 52 14.88 -34.43 16.60
CA THR I 52 14.82 -35.40 17.67
C THR I 52 15.96 -35.05 18.63
N ILE I 53 16.07 -35.77 19.72
CA ILE I 53 17.20 -35.54 20.61
C ILE I 53 18.44 -36.21 20.04
N SER I 54 19.53 -35.46 19.99
CA SER I 54 20.80 -35.98 19.52
C SER I 54 21.94 -35.73 20.49
N ASN I 55 21.70 -35.06 21.60
CA ASN I 55 22.74 -34.80 22.57
C ASN I 55 23.11 -36.07 23.34
N ARG I 56 24.22 -35.99 24.06
CA ARG I 56 24.56 -37.06 24.98
C ARG I 56 23.62 -37.05 26.16
N LEU I 57 23.22 -38.24 26.61
CA LEU I 57 22.33 -38.33 27.74
C LEU I 57 23.12 -38.50 29.03
N LYS I 58 22.56 -38.00 30.13
CA LYS I 58 23.29 -37.83 31.37
C LYS I 58 23.20 -39.05 32.28
N THR I 59 23.05 -40.24 31.69
CA THR I 59 23.10 -41.58 32.30
C THR I 59 21.91 -41.85 33.22
N LYS I 60 21.07 -40.86 33.46
CA LYS I 60 19.78 -41.05 34.10
C LYS I 60 18.62 -40.89 33.13
N ASP I 61 18.91 -40.51 31.89
CA ASP I 61 17.94 -40.46 30.82
C ASP I 61 18.17 -41.55 29.79
N ARG I 62 18.82 -42.64 30.20
CA ARG I 62 19.13 -43.74 29.31
C ARG I 62 18.21 -44.93 29.51
N ASP I 63 17.18 -44.79 30.32
CA ASP I 63 16.13 -45.79 30.38
C ASP I 63 15.38 -45.78 29.05
N PRO I 64 15.26 -46.94 28.38
CA PRO I 64 14.62 -46.95 27.05
C PRO I 64 13.15 -46.57 27.08
N ALA I 65 12.47 -46.75 28.20
CA ALA I 65 11.14 -46.17 28.33
C ALA I 65 11.21 -44.64 28.33
N LYS I 66 12.17 -44.08 29.08
CA LYS I 66 12.33 -42.64 29.11
C LYS I 66 12.79 -42.10 27.77
N LEU I 67 13.61 -42.87 27.06
CA LEU I 67 14.08 -42.44 25.74
C LEU I 67 12.95 -42.45 24.73
N ASP I 68 12.14 -43.52 24.72
CA ASP I 68 11.04 -43.56 23.77
C ASP I 68 9.94 -42.57 24.14
N ALA I 69 9.82 -42.22 25.41
CA ALA I 69 8.90 -41.14 25.76
C ALA I 69 9.45 -39.79 25.39
N SER I 70 10.78 -39.63 25.39
CA SER I 70 11.37 -38.35 25.01
C SER I 70 11.33 -38.11 23.52
N ILE I 71 11.54 -39.14 22.71
CA ILE I 71 11.58 -38.89 21.28
C ILE I 71 10.21 -38.86 20.64
N GLN I 72 9.15 -39.09 21.40
CA GLN I 72 7.82 -38.81 20.89
C GLN I 72 7.47 -37.34 20.97
N SER I 73 8.24 -36.57 21.74
CA SER I 73 8.06 -35.13 21.87
C SER I 73 9.28 -34.49 21.26
N PRO I 74 9.22 -34.06 20.02
CA PRO I 74 10.38 -33.41 19.39
C PRO I 74 10.52 -32.00 19.93
N ASN I 75 11.60 -31.34 19.53
CA ASN I 75 11.80 -29.98 19.96
C ASN I 75 11.81 -29.01 18.78
N LEU I 76 10.89 -28.06 18.83
CA LEU I 76 10.53 -27.18 17.72
C LEU I 76 11.15 -25.82 17.96
N GLN I 77 11.84 -25.30 16.95
CA GLN I 77 12.29 -23.93 16.94
C GLN I 77 11.69 -23.20 15.75
N THR I 78 12.12 -21.97 15.58
CA THR I 78 11.96 -21.22 14.35
C THR I 78 13.26 -20.46 14.14
N VAL I 79 14.15 -20.99 13.32
CA VAL I 79 15.46 -20.40 13.16
C VAL I 79 15.39 -19.36 12.05
N ASP I 80 16.31 -18.41 12.09
CA ASP I 80 16.57 -17.59 10.92
C ASP I 80 17.50 -18.34 9.98
N VAL I 81 17.23 -18.23 8.70
CA VAL I 81 18.04 -18.87 7.69
C VAL I 81 18.25 -17.84 6.58
N ALA I 82 19.42 -17.86 5.97
CA ALA I 82 19.70 -17.01 4.83
C ALA I 82 20.18 -17.89 3.69
N ASN I 83 19.45 -17.91 2.60
CA ASN I 83 19.80 -18.71 1.44
C ASN I 83 19.96 -17.79 0.24
N LEU I 84 20.75 -18.24 -0.72
CA LEU I 84 20.76 -17.60 -2.02
C LEU I 84 19.43 -17.84 -2.72
N PRO I 85 19.06 -16.99 -3.67
CA PRO I 85 17.91 -17.30 -4.51
C PRO I 85 18.16 -18.54 -5.33
N SER I 86 17.07 -19.14 -5.81
CA SER I 86 17.17 -20.41 -6.51
C SER I 86 17.77 -20.28 -7.90
N ASP I 87 17.95 -19.07 -8.41
CA ASP I 87 18.58 -18.82 -9.69
C ASP I 87 19.81 -17.94 -9.54
N ALA I 88 20.52 -18.06 -8.43
CA ALA I 88 21.71 -17.27 -8.18
C ALA I 88 22.70 -18.15 -7.45
N ASP I 89 23.90 -18.31 -8.01
CA ASP I 89 24.86 -19.21 -7.41
C ASP I 89 26.05 -18.49 -6.80
N THR I 90 26.03 -17.16 -6.71
CA THR I 90 27.18 -16.43 -6.22
C THR I 90 26.79 -15.50 -5.10
N LEU I 91 27.55 -15.54 -4.02
CA LEU I 91 27.39 -14.67 -2.87
C LEU I 91 28.38 -13.53 -2.96
N LYS I 92 27.88 -12.30 -3.01
CA LYS I 92 28.73 -11.12 -3.07
C LYS I 92 28.75 -10.47 -1.70
N VAL I 93 29.88 -10.52 -1.03
CA VAL I 93 30.05 -9.95 0.30
C VAL I 93 30.92 -8.71 0.14
N ARG I 94 30.42 -7.56 0.59
CA ARG I 94 31.04 -6.29 0.24
C ARG I 94 31.12 -5.39 1.47
N PHE I 95 32.34 -5.17 1.95
CA PHE I 95 32.56 -4.28 3.07
C PHE I 95 33.68 -3.30 2.73
N THR I 96 33.81 -2.28 3.56
CA THR I 96 34.82 -1.25 3.43
C THR I 96 35.76 -1.38 4.60
N LEU I 97 36.96 -0.84 4.50
CA LEU I 97 37.95 -0.98 5.55
C LEU I 97 38.81 0.28 5.60
N ARG I 98 38.87 0.92 6.76
CA ARG I 98 39.71 2.10 6.96
C ARG I 98 40.97 1.68 7.69
N VAL I 99 42.12 1.89 7.07
CA VAL I 99 43.40 1.67 7.72
C VAL I 99 43.84 3.04 8.24
N LEU I 100 43.81 3.20 9.56
CA LEU I 100 43.79 4.54 10.14
C LEU I 100 45.18 5.16 10.20
N GLY I 101 46.09 4.56 10.94
CA GLY I 101 47.39 5.19 10.96
C GLY I 101 47.68 5.90 12.27
N GLY I 102 48.96 6.00 12.60
CA GLY I 102 49.33 6.35 13.94
C GLY I 102 49.15 5.12 14.80
N ALA I 103 49.80 4.03 14.41
CA ALA I 103 49.50 2.73 15.00
C ALA I 103 50.13 2.57 16.38
N GLY I 104 51.11 3.38 16.72
CA GLY I 104 51.77 3.20 17.99
C GLY I 104 51.26 4.11 19.08
N THR I 105 50.59 5.20 18.71
CA THR I 105 50.20 6.22 19.67
C THR I 105 48.99 5.74 20.45
N PRO I 106 49.06 5.66 21.77
CA PRO I 106 47.91 5.23 22.56
C PRO I 106 46.86 6.32 22.66
N SER I 107 45.60 5.89 22.77
CA SER I 107 44.51 6.82 23.00
C SER I 107 44.47 7.32 24.43
N ALA I 108 45.10 6.62 25.36
CA ALA I 108 45.15 7.05 26.74
C ALA I 108 46.40 6.48 27.37
N CYS I 109 47.21 7.33 27.98
CA CYS I 109 48.40 6.87 28.68
C CYS I 109 48.62 7.78 29.88
N ASN I 110 48.89 7.18 31.04
CA ASN I 110 49.06 7.98 32.25
C ASN I 110 50.44 8.60 32.31
N ASP I 111 51.46 7.76 32.41
CA ASP I 111 52.82 8.25 32.65
C ASP I 111 53.36 8.80 31.34
N ALA I 112 53.74 10.07 31.35
CA ALA I 112 54.32 10.66 30.15
C ALA I 112 55.69 10.08 29.85
N ALA I 113 56.41 9.64 30.89
CA ALA I 113 57.68 8.96 30.67
C ALA I 113 57.46 7.61 29.99
N TYR I 114 56.46 6.86 30.45
CA TYR I 114 56.09 5.62 29.78
C TYR I 114 55.57 5.86 28.38
N ARG I 115 54.86 6.98 28.17
CA ARG I 115 54.35 7.27 26.84
C ARG I 115 55.48 7.57 25.86
N ASP I 116 56.48 8.35 26.30
CA ASP I 116 57.60 8.63 25.42
C ASP I 116 58.48 7.41 25.22
N LYS I 117 58.58 6.55 26.24
CA LYS I 117 59.33 5.30 26.08
C LYS I 117 58.63 4.37 25.11
N LEU I 118 57.29 4.32 25.15
CA LEU I 118 56.53 3.50 24.23
C LEU I 118 56.61 4.03 22.80
N LEU I 119 56.53 5.36 22.64
CA LEU I 119 56.68 5.95 21.31
C LEU I 119 58.07 5.74 20.76
N GLN I 120 59.09 5.76 21.62
CA GLN I 120 60.44 5.50 21.16
C GLN I 120 60.62 4.04 20.79
N THR I 121 60.00 3.12 21.53
CA THR I 121 60.07 1.70 21.21
C THR I 121 59.36 1.39 19.89
N VAL I 122 58.19 1.99 19.68
CA VAL I 122 57.44 1.78 18.46
C VAL I 122 58.17 2.38 17.26
N ALA I 123 58.71 3.59 17.41
CA ALA I 123 59.47 4.19 16.32
C ALA I 123 60.77 3.45 16.05
N THR I 124 61.36 2.83 17.08
CA THR I 124 62.51 1.96 16.90
C THR I 124 62.14 0.75 16.05
N TYR I 125 60.98 0.17 16.32
CA TYR I 125 60.49 -0.96 15.52
C TYR I 125 60.23 -0.53 14.08
N VAL I 126 59.52 0.58 13.89
CA VAL I 126 59.12 1.03 12.56
C VAL I 126 60.33 1.41 11.71
N ASN I 127 61.28 2.15 12.29
CA ASN I 127 62.50 2.48 11.58
C ASN I 127 63.36 1.24 11.37
N ASP I 128 63.29 0.28 12.28
CA ASP I 128 64.01 -0.97 12.10
C ASP I 128 63.35 -1.82 11.03
N GLN I 129 62.11 -2.24 11.27
CA GLN I 129 61.34 -3.00 10.28
C GLN I 129 59.90 -2.48 10.31
N GLY I 130 59.49 -1.85 9.21
CA GLY I 130 58.21 -1.18 9.19
C GLY I 130 57.05 -2.16 9.18
N PHE I 131 55.86 -1.61 8.94
CA PHE I 131 54.70 -2.49 8.87
C PHE I 131 54.67 -3.25 7.55
N ALA I 132 55.63 -4.13 7.32
CA ALA I 132 55.72 -4.87 6.09
C ALA I 132 55.51 -6.35 6.29
N GLU I 133 55.79 -6.87 7.47
CA GLU I 133 55.39 -8.23 7.77
C GLU I 133 53.95 -8.27 8.25
N LEU I 134 53.51 -7.21 8.93
CA LEU I 134 52.14 -7.19 9.44
C LEU I 134 51.16 -6.88 8.32
N ALA I 135 51.48 -5.89 7.48
CA ALA I 135 50.55 -5.54 6.42
C ALA I 135 50.54 -6.59 5.31
N ARG I 136 51.60 -7.38 5.19
CA ARG I 136 51.55 -8.52 4.27
C ARG I 136 50.54 -9.56 4.74
N ARG I 137 50.49 -9.81 6.04
CA ARG I 137 49.52 -10.78 6.55
C ARG I 137 48.11 -10.20 6.56
N TYR I 138 47.95 -8.90 6.78
CA TYR I 138 46.64 -8.29 6.66
C TYR I 138 46.16 -8.29 5.21
N ALA I 139 47.08 -8.10 4.27
CA ALA I 139 46.74 -8.19 2.86
C ALA I 139 46.43 -9.62 2.46
N HIS I 140 47.03 -10.60 3.13
CA HIS I 140 46.66 -11.99 2.87
C HIS I 140 45.26 -12.28 3.37
N ASN I 141 44.95 -11.86 4.59
CA ASN I 141 43.61 -12.10 5.12
C ASN I 141 42.55 -11.28 4.43
N LEU I 142 42.93 -10.23 3.72
CA LEU I 142 42.00 -9.62 2.77
C LEU I 142 42.00 -10.36 1.45
N ALA I 143 43.12 -11.01 1.11
CA ALA I 143 43.26 -11.57 -0.22
C ALA I 143 42.54 -12.91 -0.32
N ASN I 144 42.96 -13.89 0.47
CA ASN I 144 42.09 -15.04 0.69
C ASN I 144 40.90 -14.53 1.50
N ALA I 145 39.71 -14.93 1.09
CA ALA I 145 38.51 -14.39 1.74
C ALA I 145 38.25 -15.15 3.03
N ARG I 146 39.10 -14.89 4.02
CA ARG I 146 38.89 -15.47 5.33
C ARG I 146 37.71 -14.84 6.03
N PHE I 147 37.37 -13.60 5.68
CA PHE I 147 36.20 -12.94 6.23
C PHE I 147 34.91 -13.59 5.78
N LEU I 148 34.93 -14.26 4.64
CA LEU I 148 33.90 -15.24 4.30
C LEU I 148 34.17 -16.40 5.24
N TRP I 149 33.43 -16.50 6.33
CA TRP I 149 33.84 -17.43 7.37
C TRP I 149 33.43 -18.86 7.04
N ARG I 150 32.13 -19.11 6.99
CA ARG I 150 31.63 -20.42 6.58
C ARG I 150 31.14 -20.40 5.14
N ASN I 151 31.09 -19.23 4.52
CA ASN I 151 30.72 -19.11 3.12
C ASN I 151 31.86 -19.43 2.18
N ARG I 152 32.98 -19.91 2.71
CA ARG I 152 34.18 -20.17 1.95
C ARG I 152 34.53 -21.64 1.87
N VAL I 153 34.01 -22.46 2.79
CA VAL I 153 34.50 -23.83 2.93
C VAL I 153 34.01 -24.78 1.87
N GLY I 154 33.03 -24.40 1.07
CA GLY I 154 32.58 -25.32 0.06
C GLY I 154 32.41 -24.63 -1.27
N ALA I 155 33.04 -23.47 -1.42
CA ALA I 155 32.85 -22.70 -2.63
C ALA I 155 33.66 -23.31 -3.76
N GLU I 156 33.13 -23.16 -4.98
CA GLU I 156 33.85 -23.63 -6.15
C GLU I 156 34.97 -22.69 -6.53
N ALA I 157 34.73 -21.39 -6.45
CA ALA I 157 35.72 -20.39 -6.80
C ALA I 157 35.41 -19.13 -6.02
N VAL I 158 36.40 -18.62 -5.31
CA VAL I 158 36.28 -17.38 -4.56
C VAL I 158 37.16 -16.34 -5.22
N GLU I 159 36.60 -15.17 -5.50
CA GLU I 159 37.36 -14.09 -6.11
C GLU I 159 37.17 -12.83 -5.30
N VAL I 160 38.27 -12.19 -4.89
CA VAL I 160 38.23 -11.02 -4.03
C VAL I 160 38.74 -9.82 -4.81
N ARG I 161 37.92 -8.76 -4.87
CA ARG I 161 38.28 -7.53 -5.54
C ARG I 161 38.48 -6.44 -4.50
N ILE I 162 39.64 -5.82 -4.48
CA ILE I 162 40.00 -4.81 -3.50
C ILE I 162 40.33 -3.53 -4.25
N ASN I 163 39.63 -2.45 -3.92
CA ASN I 163 39.78 -1.17 -4.60
C ASN I 163 40.19 -0.10 -3.60
N HIS I 164 41.38 0.46 -3.79
CA HIS I 164 41.79 1.63 -3.04
C HIS I 164 40.96 2.82 -3.47
N ILE I 165 40.36 3.52 -2.51
CA ILE I 165 39.45 4.61 -2.81
C ILE I 165 40.11 5.92 -2.41
N ARG I 166 40.43 6.75 -3.40
CA ARG I 166 40.87 8.12 -3.18
C ARG I 166 39.60 8.98 -3.08
N GLN I 167 39.72 10.32 -3.11
CA GLN I 167 38.74 11.31 -2.66
C GLN I 167 37.29 11.06 -3.06
N GLY I 168 37.07 10.59 -4.29
CA GLY I 168 35.76 10.10 -4.62
C GLY I 168 35.75 8.90 -5.54
N GLU I 169 36.92 8.47 -5.99
CA GLU I 169 36.98 7.48 -7.07
C GLU I 169 38.10 6.49 -6.77
N VAL I 170 38.10 5.40 -7.53
CA VAL I 170 39.05 4.32 -7.35
C VAL I 170 40.43 4.79 -7.78
N ALA I 171 41.42 4.56 -6.92
CA ALA I 171 42.79 4.92 -7.28
C ALA I 171 43.58 3.72 -7.78
N ARG I 172 43.23 2.52 -7.35
CA ARG I 172 43.96 1.32 -7.70
C ARG I 172 43.08 0.12 -7.38
N ALA I 173 42.98 -0.81 -8.32
CA ALA I 173 42.09 -1.96 -8.18
C ALA I 173 42.91 -3.24 -8.20
N TRP I 174 42.63 -4.11 -7.25
CA TRP I 174 43.22 -5.45 -7.18
C TRP I 174 42.17 -6.48 -7.54
N ARG I 175 42.64 -7.72 -7.76
CA ARG I 175 41.76 -8.84 -8.03
C ARG I 175 42.52 -10.11 -7.70
N PHE I 176 42.00 -10.93 -6.81
CA PHE I 176 42.70 -12.12 -6.36
C PHE I 176 41.83 -13.35 -6.59
N ASP I 177 42.49 -14.49 -6.71
CA ASP I 177 41.83 -15.79 -6.66
C ASP I 177 42.03 -16.32 -5.25
N ALA I 178 41.00 -16.17 -4.41
CA ALA I 178 41.15 -16.38 -2.99
C ALA I 178 41.33 -17.83 -2.58
N LEU I 179 41.05 -18.78 -3.47
CA LEU I 179 41.29 -20.16 -3.13
C LEU I 179 42.72 -20.59 -3.39
N ALA I 180 43.42 -19.92 -4.31
CA ALA I 180 44.81 -20.23 -4.56
C ALA I 180 45.69 -19.72 -3.43
N ILE I 181 45.43 -18.49 -2.98
CA ILE I 181 46.07 -17.97 -1.77
C ILE I 181 45.52 -18.76 -0.59
N GLY I 182 46.37 -19.57 0.02
CA GLY I 182 45.91 -20.48 1.05
C GLY I 182 45.50 -19.78 2.33
N LEU I 183 44.95 -20.56 3.24
CA LEU I 183 44.54 -20.05 4.53
C LEU I 183 45.63 -20.16 5.58
N ARG I 184 46.79 -20.70 5.23
CA ARG I 184 47.83 -20.91 6.23
C ARG I 184 49.22 -20.51 5.79
N ASP I 185 49.45 -20.17 4.53
CA ASP I 185 50.78 -19.83 4.05
C ASP I 185 50.79 -18.38 3.63
N PHE I 186 51.63 -17.58 4.29
CA PHE I 186 51.78 -16.16 3.95
C PHE I 186 52.94 -16.03 2.97
N LYS I 187 52.64 -16.28 1.70
CA LYS I 187 53.65 -16.30 0.65
C LYS I 187 53.83 -14.90 0.08
N ALA I 188 54.46 -14.81 -1.08
CA ALA I 188 54.76 -13.53 -1.71
C ALA I 188 54.17 -13.47 -3.10
N ASP I 189 53.71 -12.28 -3.47
CA ASP I 189 53.16 -12.01 -4.80
C ASP I 189 53.36 -10.53 -5.06
N ALA I 190 53.25 -10.13 -6.33
CA ALA I 190 53.45 -8.73 -6.67
C ALA I 190 52.27 -7.87 -6.22
N GLU I 191 51.05 -8.32 -6.53
CA GLU I 191 49.88 -7.54 -6.16
C GLU I 191 49.61 -7.59 -4.66
N LEU I 192 49.92 -8.73 -4.04
CA LEU I 192 49.84 -8.81 -2.58
C LEU I 192 50.84 -7.89 -1.92
N ASP I 193 52.04 -7.76 -2.49
CA ASP I 193 53.01 -6.85 -1.89
C ASP I 193 52.64 -5.39 -2.17
N ALA I 194 51.97 -5.11 -3.29
CA ALA I 194 51.49 -3.75 -3.52
C ALA I 194 50.41 -3.38 -2.50
N LEU I 195 49.51 -4.31 -2.22
CA LEU I 195 48.52 -4.11 -1.16
C LEU I 195 49.19 -3.99 0.20
N ALA I 196 50.28 -4.71 0.41
CA ALA I 196 51.01 -4.63 1.66
C ALA I 196 51.66 -3.27 1.85
N GLU I 197 52.25 -2.71 0.79
CA GLU I 197 52.78 -1.36 0.90
C GLU I 197 51.69 -0.32 1.06
N LEU I 198 50.50 -0.57 0.50
CA LEU I 198 49.41 0.37 0.73
C LEU I 198 48.93 0.36 2.17
N ILE I 199 48.80 -0.84 2.76
CA ILE I 199 48.39 -0.91 4.16
C ILE I 199 49.51 -0.43 5.09
N ALA I 200 50.77 -0.58 4.67
CA ALA I 200 51.89 -0.02 5.42
C ALA I 200 51.86 1.49 5.42
N SER I 201 51.63 2.09 4.25
CA SER I 201 51.52 3.54 4.16
C SER I 201 50.28 4.05 4.87
N GLY I 202 49.25 3.21 4.98
CA GLY I 202 48.12 3.59 5.81
C GLY I 202 48.47 3.63 7.28
N LEU I 203 49.02 2.53 7.80
CA LEU I 203 49.31 2.39 9.22
C LEU I 203 50.42 3.32 9.68
N SER I 204 51.33 3.74 8.79
CA SER I 204 52.41 4.63 9.16
C SER I 204 52.00 6.10 9.06
N GLY I 205 51.12 6.44 8.13
CA GLY I 205 50.77 7.82 7.91
C GLY I 205 49.85 8.38 8.98
N SER I 206 49.46 9.63 8.78
CA SER I 206 48.55 10.28 9.72
C SER I 206 47.09 10.14 9.30
N GLY I 207 46.81 10.21 8.01
CA GLY I 207 45.46 10.07 7.52
C GLY I 207 45.13 8.62 7.21
N HIS I 208 43.86 8.38 6.94
CA HIS I 208 43.39 7.02 6.73
C HIS I 208 43.48 6.62 5.28
N VAL I 209 43.74 5.33 5.07
CA VAL I 209 43.69 4.71 3.75
C VAL I 209 42.47 3.80 3.72
N LEU I 210 41.61 4.03 2.74
CA LEU I 210 40.31 3.38 2.65
C LEU I 210 40.34 2.35 1.53
N LEU I 211 39.88 1.14 1.82
CA LEU I 211 39.79 0.07 0.85
C LEU I 211 38.36 -0.42 0.79
N GLU I 212 37.92 -0.83 -0.39
CA GLU I 212 36.62 -1.48 -0.55
C GLU I 212 36.88 -2.93 -0.94
N VAL I 213 36.47 -3.85 -0.08
CA VAL I 213 36.71 -5.27 -0.30
C VAL I 213 35.41 -5.92 -0.72
N VAL I 214 35.42 -6.55 -1.89
CA VAL I 214 34.29 -7.29 -2.42
C VAL I 214 34.75 -8.73 -2.62
N ALA I 215 33.95 -9.69 -2.20
CA ALA I 215 34.30 -11.08 -2.38
C ALA I 215 33.12 -11.83 -2.95
N PHE I 216 33.35 -12.56 -4.02
CA PHE I 216 32.35 -13.40 -4.65
C PHE I 216 32.72 -14.85 -4.38
N ALA I 217 31.72 -15.71 -4.21
CA ALA I 217 31.94 -17.13 -4.01
C ALA I 217 30.84 -17.90 -4.71
N ARG I 218 31.22 -18.86 -5.55
CA ARG I 218 30.25 -19.76 -6.16
C ARG I 218 29.86 -20.80 -5.15
N ILE I 219 28.67 -20.69 -4.60
CA ILE I 219 28.22 -21.67 -3.63
C ILE I 219 27.31 -22.67 -4.32
N GLY I 220 26.39 -22.18 -5.12
CA GLY I 220 25.39 -23.01 -5.75
C GLY I 220 24.05 -22.31 -5.75
N ASP I 221 23.15 -22.82 -6.57
CA ASP I 221 21.83 -22.20 -6.68
C ASP I 221 21.04 -22.48 -5.42
N GLY I 222 20.64 -21.43 -4.72
CA GLY I 222 19.77 -21.62 -3.58
C GLY I 222 20.44 -22.14 -2.33
N GLN I 223 21.75 -22.23 -2.30
CA GLN I 223 22.44 -22.80 -1.17
C GLN I 223 22.42 -21.84 0.00
N GLU I 224 22.76 -22.37 1.18
CA GLU I 224 22.68 -21.58 2.40
C GLU I 224 23.94 -20.77 2.60
N VAL I 225 23.78 -19.49 2.86
CA VAL I 225 24.88 -18.64 3.25
C VAL I 225 24.76 -18.36 4.73
N PHE I 226 25.85 -17.93 5.34
CA PHE I 226 25.94 -17.84 6.79
C PHE I 226 26.33 -16.42 7.18
N PRO I 227 25.36 -15.54 7.39
CA PRO I 227 25.66 -14.24 7.96
C PRO I 227 25.95 -14.38 9.44
N SER I 228 26.30 -13.25 10.05
CA SER I 228 26.67 -13.28 11.45
C SER I 228 25.44 -13.51 12.30
N GLN I 229 25.64 -14.14 13.43
CA GLN I 229 24.57 -14.58 14.30
C GLN I 229 24.57 -13.69 15.53
N GLU I 230 23.39 -13.32 16.00
CA GLU I 230 23.32 -12.29 17.03
C GLU I 230 23.34 -12.91 18.42
N LEU I 231 24.12 -12.29 19.31
CA LEU I 231 24.20 -12.72 20.70
C LEU I 231 23.17 -11.91 21.48
N ILE I 232 22.06 -12.55 21.80
CA ILE I 232 20.99 -11.94 22.57
C ILE I 232 20.80 -12.79 23.81
N LEU I 233 21.09 -12.25 24.97
CA LEU I 233 20.58 -12.88 26.17
C LEU I 233 19.15 -12.38 26.40
N ASP I 234 18.46 -13.03 27.33
CA ASP I 234 17.01 -12.87 27.54
C ASP I 234 16.25 -13.09 26.23
N LYS I 235 16.24 -14.33 25.78
CA LYS I 235 15.52 -14.69 24.56
C LYS I 235 14.01 -14.52 24.73
N GLY I 236 13.53 -14.68 25.95
CA GLY I 236 12.11 -14.44 26.22
C GLY I 236 11.66 -15.32 27.36
N ASP I 237 10.43 -15.06 27.81
CA ASP I 237 9.88 -15.73 28.98
C ASP I 237 8.51 -16.28 28.63
N LYS I 238 8.31 -17.57 28.94
CA LYS I 238 7.01 -18.26 28.96
C LYS I 238 6.34 -18.36 27.59
N LYS I 239 7.08 -18.08 26.52
CA LYS I 239 6.51 -18.16 25.18
C LYS I 239 7.40 -19.07 24.34
N GLY I 240 7.14 -19.05 23.03
CA GLY I 240 8.04 -19.64 22.07
C GLY I 240 8.76 -18.55 21.29
N GLN I 241 10.07 -18.66 21.16
CA GLN I 241 10.87 -17.63 20.53
C GLN I 241 11.89 -18.22 19.58
N LYS I 242 12.80 -17.36 19.13
CA LYS I 242 13.82 -17.73 18.16
C LYS I 242 15.05 -18.27 18.88
N SER I 243 15.61 -19.35 18.34
CA SER I 243 16.84 -19.89 18.90
C SER I 243 18.07 -19.35 18.21
N LYS I 244 17.94 -18.88 16.98
CA LYS I 244 19.07 -18.44 16.19
C LYS I 244 18.62 -17.24 15.38
N THR I 245 19.23 -16.10 15.63
CA THR I 245 18.89 -14.85 14.95
C THR I 245 20.08 -14.42 14.13
N LEU I 246 19.82 -14.05 12.88
CA LEU I 246 20.89 -13.67 11.98
C LEU I 246 20.95 -12.16 11.86
N TYR I 247 22.16 -11.64 11.71
CA TYR I 247 22.37 -10.21 11.59
C TYR I 247 21.93 -9.73 10.22
N SER I 248 21.28 -8.57 10.19
CA SER I 248 20.87 -7.96 8.94
C SER I 248 20.67 -6.47 9.18
N VAL I 249 21.41 -5.67 8.41
CA VAL I 249 21.39 -4.22 8.63
C VAL I 249 20.09 -3.60 8.14
N ARG I 250 19.83 -3.61 6.83
CA ARG I 250 18.58 -3.00 6.38
C ARG I 250 17.90 -3.99 5.42
N ASP I 251 17.20 -4.96 6.02
CA ASP I 251 16.58 -6.08 5.31
C ASP I 251 17.55 -6.75 4.35
N ALA I 252 18.77 -6.97 4.82
CA ALA I 252 19.86 -7.43 3.98
C ALA I 252 20.86 -8.06 4.90
N ALA I 253 21.11 -9.35 4.75
CA ALA I 253 21.95 -10.10 5.67
C ALA I 253 23.36 -9.56 5.67
N ALA I 254 24.06 -9.76 6.78
CA ALA I 254 25.33 -9.10 6.95
C ALA I 254 26.17 -9.85 7.95
N ILE I 255 27.47 -9.69 7.84
CA ILE I 255 28.41 -10.14 8.85
C ILE I 255 28.76 -8.94 9.72
N HIS I 256 28.89 -9.17 11.02
CA HIS I 256 29.29 -8.12 11.95
C HIS I 256 30.66 -7.62 11.61
N SER I 257 30.94 -6.38 11.99
CA SER I 257 32.24 -5.81 11.69
C SER I 257 33.32 -6.44 12.55
N GLN I 258 32.97 -6.87 13.75
CA GLN I 258 33.99 -7.47 14.62
C GLN I 258 34.33 -8.88 14.17
N LYS I 259 33.45 -9.54 13.44
CA LYS I 259 33.80 -10.84 12.88
C LYS I 259 34.76 -10.69 11.70
N ILE I 260 34.52 -9.67 10.87
CA ILE I 260 35.47 -9.33 9.80
C ILE I 260 36.80 -8.91 10.40
N GLY I 261 36.76 -8.18 11.51
CA GLY I 261 37.99 -7.78 12.16
C GLY I 261 38.76 -8.94 12.75
N ASN I 262 38.03 -9.92 13.29
CA ASN I 262 38.69 -11.12 13.79
C ASN I 262 39.26 -11.94 12.66
N ALA I 263 38.67 -11.86 11.48
CA ALA I 263 39.24 -12.56 10.34
C ALA I 263 40.50 -11.87 9.86
N LEU I 264 40.53 -10.54 9.90
CA LEU I 264 41.70 -9.79 9.44
C LEU I 264 42.86 -9.92 10.40
N ARG I 265 42.60 -10.05 11.70
CA ARG I 265 43.67 -10.18 12.67
C ARG I 265 44.23 -11.59 12.75
N THR I 266 43.73 -12.54 11.96
CA THR I 266 44.17 -13.93 12.04
C THR I 266 45.52 -14.03 11.33
N ILE I 267 46.56 -13.51 12.00
CA ILE I 267 47.88 -13.44 11.41
C ILE I 267 48.90 -14.11 12.33
N ASP I 268 48.50 -14.41 13.56
CA ASP I 268 49.43 -14.84 14.60
C ASP I 268 49.85 -16.28 14.36
N THR I 269 50.98 -16.46 13.69
CA THR I 269 51.56 -17.77 13.49
C THR I 269 52.70 -18.06 14.44
N TRP I 270 52.94 -17.18 15.40
CA TRP I 270 54.14 -17.24 16.24
C TRP I 270 53.86 -17.68 17.67
N TYR I 271 52.70 -18.20 17.96
CA TYR I 271 52.43 -18.65 19.30
C TYR I 271 53.19 -19.95 19.57
N PRO I 272 53.66 -20.17 20.80
CA PRO I 272 54.67 -21.24 21.02
C PRO I 272 54.13 -22.64 20.89
N ASP I 273 52.83 -22.84 21.02
CA ASP I 273 52.24 -24.14 20.73
C ASP I 273 52.34 -24.40 19.23
N GLU I 274 52.33 -25.67 18.85
CA GLU I 274 52.50 -26.07 17.48
C GLU I 274 51.35 -25.57 16.61
N ASP I 275 51.63 -25.38 15.33
CA ASP I 275 50.64 -24.80 14.42
C ASP I 275 49.81 -25.90 13.77
N GLY I 276 49.16 -26.70 14.62
CA GLY I 276 48.07 -27.53 14.15
C GLY I 276 46.88 -26.71 13.73
N LEU I 277 46.68 -25.56 14.38
CA LEU I 277 45.66 -24.62 13.94
C LEU I 277 46.10 -23.80 12.75
N GLY I 278 47.34 -23.32 12.76
CA GLY I 278 47.76 -22.34 11.81
C GLY I 278 47.71 -20.97 12.45
N PRO I 279 47.38 -19.94 11.68
CA PRO I 279 47.28 -18.61 12.26
C PRO I 279 46.04 -18.46 13.12
N ILE I 280 46.19 -17.76 14.24
CA ILE I 280 45.08 -17.41 15.11
C ILE I 280 44.97 -15.90 15.17
N ALA I 281 43.92 -15.41 15.81
CA ALA I 281 43.71 -13.99 15.92
C ALA I 281 44.66 -13.39 16.95
N VAL I 282 45.07 -12.16 16.70
CA VAL I 282 45.99 -11.45 17.59
C VAL I 282 45.21 -10.96 18.79
N GLU I 283 45.47 -11.56 19.95
CA GLU I 283 44.82 -11.19 21.19
C GLU I 283 45.82 -11.34 22.34
N PRO I 284 45.72 -10.51 23.37
CA PRO I 284 46.51 -10.74 24.58
C PRO I 284 46.00 -11.99 25.27
N TYR I 285 46.94 -12.86 25.67
CA TYR I 285 46.66 -14.23 26.07
C TYR I 285 45.84 -14.92 24.98
N GLY I 286 46.49 -15.10 23.81
CA GLY I 286 45.81 -15.38 22.57
C GLY I 286 44.90 -16.58 22.57
N SER I 287 43.60 -16.29 22.60
CA SER I 287 42.59 -17.24 23.01
C SER I 287 41.60 -17.43 21.89
N VAL I 288 41.62 -18.60 21.27
CA VAL I 288 40.71 -18.91 20.19
C VAL I 288 39.38 -19.28 20.82
N THR I 289 38.31 -18.60 20.38
CA THR I 289 37.00 -18.83 20.95
C THR I 289 36.46 -20.21 20.62
N SER I 290 36.62 -20.65 19.37
CA SER I 290 36.17 -21.97 18.96
C SER I 290 36.97 -23.08 19.64
N GLN I 291 38.27 -22.89 19.83
CA GLN I 291 39.06 -23.88 20.54
C GLN I 291 38.74 -23.90 22.02
N GLY I 292 38.36 -22.77 22.60
CA GLY I 292 38.13 -22.70 24.02
C GLY I 292 39.37 -22.73 24.87
N LYS I 293 40.54 -22.71 24.26
CA LYS I 293 41.82 -22.79 24.96
C LYS I 293 42.63 -21.55 24.64
N ALA I 294 43.22 -20.96 25.66
CA ALA I 294 44.00 -19.73 25.49
C ALA I 294 45.47 -20.10 25.34
N TYR I 295 45.99 -19.95 24.13
CA TYR I 295 47.41 -20.01 23.91
C TYR I 295 48.04 -18.68 24.31
N ARG I 296 49.37 -18.64 24.27
CA ARG I 296 50.18 -17.53 24.80
C ARG I 296 49.80 -17.22 26.25
N GLN I 297 49.90 -18.24 27.09
CA GLN I 297 49.57 -18.08 28.49
C GLN I 297 50.65 -17.25 29.18
N PRO I 298 50.29 -16.54 30.26
CA PRO I 298 51.31 -15.82 31.04
C PRO I 298 52.20 -16.73 31.86
N LYS I 299 51.93 -18.04 31.90
CA LYS I 299 52.84 -18.98 32.54
C LYS I 299 54.16 -19.02 31.78
N GLN I 300 54.11 -19.02 30.46
CA GLN I 300 55.26 -18.72 29.63
C GLN I 300 55.37 -17.22 29.45
N LYS I 301 56.53 -16.77 29.00
CA LYS I 301 56.77 -15.33 28.88
C LYS I 301 56.39 -14.83 27.49
N LEU I 302 55.18 -15.17 27.02
CA LEU I 302 54.89 -14.98 25.61
C LEU I 302 53.49 -14.45 25.36
N ASP I 303 52.87 -13.84 26.35
CA ASP I 303 51.63 -13.13 26.10
C ASP I 303 51.94 -11.71 25.67
N PHE I 304 50.91 -10.87 25.61
CA PHE I 304 51.13 -9.51 25.16
C PHE I 304 51.70 -8.65 26.26
N TYR I 305 51.19 -8.79 27.48
CA TYR I 305 51.52 -7.86 28.55
C TYR I 305 52.96 -8.01 28.99
N THR I 306 53.41 -9.24 29.21
CA THR I 306 54.79 -9.44 29.66
C THR I 306 55.79 -9.09 28.57
N LEU I 307 55.44 -9.34 27.31
CA LEU I 307 56.32 -8.94 26.23
C LEU I 307 56.38 -7.43 26.08
N LEU I 308 55.27 -6.74 26.30
CA LEU I 308 55.27 -5.28 26.26
C LEU I 308 56.05 -4.68 27.42
N ASP I 309 55.93 -5.27 28.61
CA ASP I 309 56.72 -4.80 29.75
C ASP I 309 58.21 -5.04 29.55
N ASN I 310 58.60 -6.21 29.05
CA ASN I 310 60.02 -6.45 28.81
C ASN I 310 60.54 -5.59 27.68
N TRP I 311 59.69 -5.27 26.70
CA TRP I 311 60.17 -4.46 25.59
C TRP I 311 60.30 -2.99 25.97
N VAL I 312 59.34 -2.46 26.73
CA VAL I 312 59.30 -1.02 26.99
C VAL I 312 60.04 -0.67 28.28
N LEU I 313 59.78 -1.40 29.35
CA LEU I 313 60.30 -1.02 30.66
C LEU I 313 61.79 -1.35 30.77
N ARG I 314 62.13 -2.63 30.70
CA ARG I 314 63.49 -3.07 30.94
C ARG I 314 64.27 -3.32 29.65
N ASP I 315 63.73 -2.89 28.50
CA ASP I 315 64.41 -2.87 27.21
C ASP I 315 64.85 -4.25 26.74
N GLU I 316 64.20 -5.30 27.23
CA GLU I 316 64.49 -6.66 26.80
C GLU I 316 63.67 -6.87 25.53
N ALA I 317 64.25 -6.53 24.40
CA ALA I 317 63.55 -6.65 23.13
C ALA I 317 63.40 -8.12 22.76
N PRO I 318 62.18 -8.57 22.49
CA PRO I 318 61.98 -9.99 22.17
C PRO I 318 62.40 -10.32 20.75
N ALA I 319 62.10 -11.54 20.31
CA ALA I 319 62.34 -11.93 18.94
C ALA I 319 61.47 -11.12 17.99
N VAL I 320 61.88 -11.09 16.72
CA VAL I 320 61.20 -10.24 15.74
C VAL I 320 59.78 -10.73 15.48
N GLU I 321 59.54 -12.03 15.63
CA GLU I 321 58.19 -12.56 15.54
C GLU I 321 57.33 -12.09 16.70
N GLN I 322 57.88 -12.10 17.91
CA GLN I 322 57.10 -11.69 19.06
C GLN I 322 56.85 -10.20 19.06
N GLN I 323 57.78 -9.40 18.56
CA GLN I 323 57.47 -7.99 18.49
C GLN I 323 56.58 -7.66 17.30
N HIS I 324 56.58 -8.48 16.25
CA HIS I 324 55.51 -8.43 15.26
C HIS I 324 54.15 -8.64 15.91
N TYR I 325 54.08 -9.61 16.83
CA TYR I 325 52.84 -9.89 17.54
C TYR I 325 52.45 -8.74 18.47
N VAL I 326 53.43 -8.10 19.10
CA VAL I 326 53.15 -7.01 20.02
C VAL I 326 52.62 -5.80 19.27
N ILE I 327 53.26 -5.46 18.15
CA ILE I 327 52.76 -4.35 17.35
C ILE I 327 51.45 -4.71 16.67
N ALA I 328 51.20 -6.01 16.43
CA ALA I 328 49.89 -6.42 15.93
C ALA I 328 48.81 -6.25 16.98
N ASN I 329 49.13 -6.44 18.25
CA ASN I 329 48.18 -6.08 19.31
C ASN I 329 47.96 -4.58 19.38
N LEU I 330 49.02 -3.80 19.16
CA LEU I 330 48.85 -2.35 19.23
C LEU I 330 47.99 -1.83 18.08
N ILE I 331 48.07 -2.48 16.92
CA ILE I 331 47.14 -2.16 15.84
C ILE I 331 45.75 -2.69 16.16
N ARG I 332 45.66 -3.81 16.89
CA ARG I 332 44.38 -4.39 17.25
C ARG I 332 43.60 -3.51 18.22
N GLY I 333 44.28 -2.86 19.15
CA GLY I 333 43.59 -2.10 20.16
C GLY I 333 43.54 -2.84 21.46
N GLY I 334 42.88 -2.23 22.43
CA GLY I 334 42.66 -2.87 23.71
C GLY I 334 42.69 -1.86 24.83
N VAL I 335 42.18 -2.27 25.98
CA VAL I 335 42.14 -1.45 27.17
C VAL I 335 42.95 -2.18 28.23
N PHE I 336 44.10 -1.62 28.57
CA PHE I 336 45.03 -2.26 29.48
C PHE I 336 45.24 -1.37 30.69
N GLY I 337 45.78 -1.94 31.77
CA GLY I 337 46.05 -1.16 32.95
C GLY I 337 45.66 -1.87 34.22
N GLU I 338 46.46 -1.70 35.26
CA GLU I 338 46.22 -2.35 36.54
C GLU I 338 45.54 -1.36 37.49
N ALA I 339 45.31 -1.79 38.71
CA ALA I 339 44.64 -0.96 39.70
C ALA I 339 45.61 0.06 40.28
N ILE J 80 -31.64 4.64 18.64
CA ILE J 80 -31.32 3.85 17.46
C ILE J 80 -30.09 3.01 17.73
N GLU J 81 -30.28 1.70 17.64
CA GLU J 81 -29.31 0.74 18.13
C GLU J 81 -28.08 0.70 17.24
N LYS J 82 -26.91 0.62 17.86
CA LYS J 82 -25.67 0.64 17.09
C LYS J 82 -25.36 -0.70 16.46
N PHE J 83 -25.72 -1.80 17.11
CA PHE J 83 -25.44 -3.13 16.59
C PHE J 83 -26.74 -3.91 16.51
N ARG J 84 -26.86 -4.77 15.52
CA ARG J 84 -28.01 -5.65 15.34
C ARG J 84 -27.49 -7.04 15.03
N CYS J 85 -27.79 -7.98 15.90
CA CYS J 85 -27.44 -9.36 15.65
C CYS J 85 -28.54 -10.01 14.83
N SER J 86 -28.18 -10.57 13.69
CA SER J 86 -29.09 -11.42 12.96
C SER J 86 -28.96 -12.82 13.53
N HIS J 87 -30.01 -13.31 14.20
CA HIS J 87 -29.82 -14.33 15.23
C HIS J 87 -29.62 -15.71 14.65
N GLY J 88 -30.44 -16.09 13.66
CA GLY J 88 -30.29 -17.42 13.11
C GLY J 88 -29.07 -17.57 12.24
N TYR J 89 -28.55 -16.47 11.72
CA TYR J 89 -27.53 -16.50 10.69
C TYR J 89 -26.16 -16.12 11.21
N ASN J 90 -26.05 -15.80 12.50
CA ASN J 90 -24.78 -15.59 13.20
C ASN J 90 -23.98 -14.45 12.59
N GLU J 91 -24.63 -13.31 12.36
CA GLU J 91 -23.98 -12.15 11.78
C GLU J 91 -24.30 -10.94 12.63
N ILE J 92 -23.31 -10.10 12.86
CA ILE J 92 -23.49 -8.86 13.59
C ILE J 92 -23.50 -7.73 12.60
N TYR J 93 -24.55 -6.92 12.62
CA TYR J 93 -24.67 -5.78 11.72
C TYR J 93 -24.49 -4.52 12.53
N LYS J 94 -23.58 -3.65 12.11
CA LYS J 94 -23.37 -2.39 12.79
C LYS J 94 -24.01 -1.27 12.00
N TYR J 95 -24.68 -0.36 12.69
CA TYR J 95 -25.35 0.75 12.03
C TYR J 95 -24.35 1.72 11.45
N SER J 96 -24.61 2.12 10.23
CA SER J 96 -23.81 3.15 9.60
C SER J 96 -24.68 4.38 9.40
N PRO J 97 -24.14 5.58 9.59
CA PRO J 97 -25.00 6.77 9.51
C PRO J 97 -25.06 7.41 8.14
N ASP J 98 -24.14 7.09 7.23
CA ASP J 98 -24.10 7.76 5.93
C ASP J 98 -25.29 7.37 5.09
N HIS J 99 -25.37 6.11 4.72
CA HIS J 99 -26.61 5.49 4.30
C HIS J 99 -27.36 5.06 5.54
N GLU J 100 -28.67 5.00 5.44
CA GLU J 100 -29.50 4.94 6.64
C GLU J 100 -29.64 3.52 7.18
N ALA J 101 -28.71 2.64 6.86
CA ALA J 101 -28.91 1.22 6.99
C ALA J 101 -27.82 0.58 7.86
N TYR J 102 -27.97 -0.71 8.11
CA TYR J 102 -26.98 -1.48 8.83
C TYR J 102 -26.04 -2.12 7.82
N LEU J 103 -24.78 -2.27 8.19
CA LEU J 103 -23.87 -3.00 7.33
C LEU J 103 -23.27 -4.16 8.09
N PHE J 104 -22.72 -5.11 7.35
CA PHE J 104 -22.16 -6.31 7.99
C PHE J 104 -20.88 -5.96 8.73
N TYR J 105 -20.86 -6.23 10.03
CA TYR J 105 -19.69 -5.97 10.84
C TYR J 105 -18.81 -7.20 11.02
N CYS J 106 -19.34 -8.25 11.63
CA CYS J 106 -18.57 -9.46 11.86
C CYS J 106 -19.56 -10.62 12.06
N LYS J 107 -19.00 -11.81 12.25
CA LYS J 107 -19.81 -12.96 12.59
C LYS J 107 -19.94 -13.04 14.10
N GLY J 108 -20.79 -13.92 14.58
CA GLY J 108 -20.97 -14.12 16.01
C GLY J 108 -22.40 -13.95 16.43
N GLY J 109 -22.67 -14.36 17.66
CA GLY J 109 -24.03 -14.39 18.15
C GLY J 109 -24.28 -13.41 19.26
N GLN J 110 -24.96 -13.87 20.31
CA GLN J 110 -25.33 -12.98 21.40
C GLN J 110 -24.13 -12.59 22.24
N GLY J 111 -23.17 -13.47 22.40
CA GLY J 111 -22.00 -13.16 23.20
C GLY J 111 -21.11 -12.11 22.55
N GLN J 112 -20.86 -12.25 21.25
CA GLN J 112 -20.11 -11.25 20.52
C GLN J 112 -20.89 -9.94 20.43
N LEU J 113 -22.22 -10.01 20.36
CA LEU J 113 -23.03 -8.79 20.37
C LEU J 113 -22.92 -8.07 21.70
N ASN J 114 -23.02 -8.81 22.81
CA ASN J 114 -22.92 -8.19 24.12
C ASN J 114 -21.52 -7.67 24.39
N LYS J 115 -20.51 -8.36 23.87
CA LYS J 115 -19.14 -7.90 24.05
C LYS J 115 -18.88 -6.65 23.24
N LEU J 116 -19.47 -6.57 22.04
CA LEU J 116 -19.34 -5.36 21.24
C LEU J 116 -20.13 -4.20 21.83
N ILE J 117 -21.26 -4.49 22.47
CA ILE J 117 -22.02 -3.47 23.18
C ILE J 117 -21.22 -2.96 24.37
N ALA J 118 -20.53 -3.85 25.07
CA ALA J 118 -19.72 -3.43 26.21
C ALA J 118 -18.53 -2.59 25.76
N GLU J 119 -17.93 -2.93 24.61
CA GLU J 119 -16.80 -2.16 24.11
C GLU J 119 -17.21 -0.81 23.54
N ASN J 120 -18.18 -0.79 22.63
CA ASN J 120 -18.50 0.43 21.89
C ASN J 120 -19.67 1.21 22.45
N GLY J 121 -20.52 0.58 23.25
CA GLY J 121 -21.71 1.25 23.73
C GLY J 121 -22.81 1.22 22.69
N ARG J 122 -24.03 0.90 23.10
CA ARG J 122 -25.11 0.86 22.14
C ARG J 122 -25.71 2.26 22.00
N PHE J 123 -26.79 2.32 21.21
CA PHE J 123 -27.55 3.54 20.96
C PHE J 123 -26.70 4.65 20.37
N MET J 124 -25.79 4.28 19.47
CA MET J 124 -24.92 5.19 18.72
C MET J 124 -24.10 6.13 19.58
N ILE K 80 6.05 -36.63 32.54
CA ILE K 80 6.49 -35.93 31.34
C ILE K 80 7.19 -34.64 31.73
N GLU K 81 8.47 -34.55 31.36
CA GLU K 81 9.34 -33.53 31.89
C GLU K 81 9.00 -32.16 31.31
N LYS K 82 9.04 -31.15 32.17
CA LYS K 82 8.66 -29.80 31.73
C LYS K 82 9.77 -29.12 30.97
N PHE K 83 11.03 -29.38 31.30
CA PHE K 83 12.15 -28.76 30.61
C PHE K 83 13.07 -29.83 30.08
N ARG K 84 13.70 -29.57 28.95
CA ARG K 84 14.67 -30.47 28.35
C ARG K 84 15.87 -29.64 27.92
N CYS K 85 17.02 -29.92 28.51
CA CYS K 85 18.24 -29.26 28.10
C CYS K 85 18.84 -30.02 26.93
N SER K 86 19.08 -29.33 25.82
CA SER K 86 19.87 -29.89 24.75
C SER K 86 21.33 -29.61 25.07
N HIS K 87 22.10 -30.67 25.37
CA HIS K 87 23.28 -30.49 26.21
C HIS K 87 24.46 -29.91 25.44
N GLY K 88 24.73 -30.41 24.25
CA GLY K 88 25.86 -29.91 23.50
C GLY K 88 25.62 -28.53 22.93
N TYR K 89 24.37 -28.15 22.77
CA TYR K 89 24.02 -26.95 22.02
C TYR K 89 23.56 -25.81 22.91
N ASN K 90 23.53 -26.03 24.23
CA ASN K 90 23.29 -24.99 25.24
C ASN K 90 21.94 -24.32 25.06
N GLU K 91 20.89 -25.12 24.89
CA GLU K 91 19.54 -24.61 24.71
C GLU K 91 18.62 -25.34 25.66
N ILE K 92 17.71 -24.59 26.28
CA ILE K 92 16.71 -25.16 27.17
C ILE K 92 15.40 -25.18 26.41
N TYR K 93 14.78 -26.35 26.33
CA TYR K 93 13.50 -26.51 25.66
C TYR K 93 12.44 -26.75 26.72
N LYS K 94 11.38 -25.95 26.69
CA LYS K 94 10.29 -26.14 27.62
C LYS K 94 9.12 -26.82 26.91
N TYR K 95 8.50 -27.78 27.60
CA TYR K 95 7.38 -28.51 27.02
C TYR K 95 6.17 -27.62 26.86
N SER K 96 5.54 -27.70 25.71
CA SER K 96 4.30 -27.01 25.49
C SER K 96 3.20 -28.03 25.33
N PRO K 97 2.00 -27.80 25.86
CA PRO K 97 0.97 -28.84 25.80
C PRO K 97 0.06 -28.75 24.60
N ASP K 98 0.02 -27.61 23.89
CA ASP K 98 -0.92 -27.45 22.79
C ASP K 98 -0.55 -28.34 21.62
N HIS K 99 0.59 -28.10 21.02
CA HIS K 99 1.27 -29.08 20.21
C HIS K 99 2.07 -29.97 21.13
N GLU K 100 2.31 -31.20 20.72
CA GLU K 100 2.77 -32.22 21.65
C GLU K 100 4.26 -32.19 21.89
N ALA K 101 4.91 -31.05 21.63
CA ALA K 101 6.34 -31.00 21.44
C ALA K 101 6.98 -30.00 22.41
N TYR K 102 8.30 -29.94 22.37
CA TYR K 102 9.06 -28.99 23.16
C TYR K 102 9.31 -27.75 22.30
N LEU K 103 9.34 -26.59 22.93
CA LEU K 103 9.72 -25.41 22.19
C LEU K 103 10.91 -24.75 22.84
N PHE K 104 11.59 -23.89 22.10
CA PHE K 104 12.79 -23.25 22.60
C PHE K 104 12.44 -22.24 23.68
N TYR K 105 12.99 -22.43 24.87
CA TYR K 105 12.73 -21.51 25.98
C TYR K 105 13.84 -20.46 26.12
N CYS K 106 15.06 -20.90 26.39
CA CYS K 106 16.17 -19.97 26.57
C CYS K 106 17.46 -20.72 26.31
N LYS K 107 18.58 -20.00 26.40
CA LYS K 107 19.88 -20.62 26.32
C LYS K 107 20.32 -21.03 27.72
N GLY K 108 21.40 -21.77 27.81
CA GLY K 108 21.94 -22.19 29.09
C GLY K 108 22.09 -23.68 29.19
N GLY K 109 22.80 -24.11 30.22
CA GLY K 109 23.14 -25.51 30.35
C GLY K 109 22.48 -26.16 31.54
N GLN K 110 23.25 -26.94 32.30
CA GLN K 110 22.70 -27.68 33.41
C GLN K 110 22.33 -26.79 34.57
N GLY K 111 23.08 -25.71 34.79
CA GLY K 111 22.78 -24.81 35.88
C GLY K 111 21.50 -24.04 35.66
N GLN K 112 21.30 -23.51 34.45
CA GLN K 112 20.06 -22.83 34.12
C GLN K 112 18.89 -23.81 34.10
N LEU K 113 19.14 -25.07 33.71
CA LEU K 113 18.10 -26.09 33.74
C LEU K 113 17.67 -26.38 35.17
N ASN K 114 18.65 -26.56 36.07
CA ASN K 114 18.34 -26.85 37.46
C ASN K 114 17.69 -25.67 38.14
N LYS K 115 18.08 -24.45 37.77
CA LYS K 115 17.48 -23.27 38.34
C LYS K 115 16.05 -23.10 37.87
N LEU K 116 15.79 -23.45 36.60
CA LEU K 116 14.43 -23.39 36.09
C LEU K 116 13.56 -24.50 36.68
N ILE K 117 14.16 -25.65 36.97
CA ILE K 117 13.44 -26.73 37.66
C ILE K 117 13.10 -26.30 39.08
N ALA K 118 14.00 -25.60 39.74
CA ALA K 118 13.73 -25.13 41.10
C ALA K 118 12.66 -24.06 41.10
N GLU K 119 12.64 -23.19 40.08
CA GLU K 119 11.61 -22.15 40.02
C GLU K 119 10.25 -22.70 39.62
N ASN K 120 10.16 -23.45 38.53
CA ASN K 120 8.87 -23.85 37.98
C ASN K 120 8.43 -25.24 38.38
N GLY K 121 9.34 -26.09 38.84
CA GLY K 121 8.98 -27.46 39.12
C GLY K 121 8.93 -28.30 37.85
N ARG K 122 9.52 -29.49 37.91
CA ARG K 122 9.50 -30.32 36.72
C ARG K 122 8.22 -31.14 36.70
N PHE K 123 8.14 -32.03 35.71
CA PHE K 123 7.03 -32.96 35.51
C PHE K 123 5.69 -32.24 35.35
N MET K 124 5.71 -31.12 34.65
CA MET K 124 4.54 -30.31 34.30
C MET K 124 3.70 -29.87 35.50
#